data_2O1T
#
_entry.id   2O1T
#
_cell.length_a   131.300
_cell.length_b   129.540
_cell.length_c   184.780
_cell.angle_alpha   90.00
_cell.angle_beta   99.91
_cell.angle_gamma   90.00
#
_symmetry.space_group_name_H-M   'P 1 21 1'
#
_entity_poly.entity_id   1
_entity_poly.type   'polypeptide(L)'
_entity_poly.pdbx_seq_one_letter_code
;MGSSHHHHHHSSGLVPRGSHMNDIKPIWQRPSKEVEDDEYKAFYKSFSKESDDPMAYIHFTAEGEVTFKSILFVPTSAPR
GLFDEYGSKKSDYIKLYVRRVFITDDFHDMMPKYLNFVKGVVDSDDLPLNVSRETLQQHKLLKVIRKKLVRKTLDMIKKI
ADEKYNDTFWKEFGTNIKLGVIEDHSNRTRLAKLLRFQSSHHPSDITSLDQYVERMKEKQDKIYFMAGSSRKEAESSPFV
ERLLKKGYEVIYLTEPVDEYCIQALPEFDGKRFQNVAKEGVKFDESEKTKESREAIEKEFEPLLNWMKDKALKDKIEKAV
VSQRLTESPCALVASQYGWSGNMERIMKAQAYQTGKDISTNYYASQKKTFEINPRHPLIKDMLRRVKEDEDDKTVSDLAV
VLFETATLRSGYLLPDTKAYGDRIERMLRLSLNIDPDAKVEEEPEEEPEE
;
_entity_poly.pdbx_strand_id   A,B,C,D,E,F,G,H,I,J
#
# COMPACT_ATOMS: atom_id res chain seq x y z
N LYS A 25 -57.17 -38.81 18.99
CA LYS A 25 -56.32 -39.79 18.26
C LYS A 25 -55.26 -39.08 17.41
N PRO A 26 -53.98 -39.14 17.86
CA PRO A 26 -52.80 -38.50 17.24
C PRO A 26 -52.66 -38.73 15.73
N ILE A 27 -51.98 -37.79 15.07
CA ILE A 27 -51.75 -37.82 13.63
C ILE A 27 -51.00 -39.08 13.13
N TRP A 28 -50.05 -39.56 13.93
CA TRP A 28 -49.23 -40.73 13.57
C TRP A 28 -49.86 -42.11 13.87
N GLN A 29 -51.03 -42.13 14.49
CA GLN A 29 -51.68 -43.40 14.83
C GLN A 29 -52.74 -43.85 13.84
N ARG A 30 -53.17 -42.92 12.98
CA ARG A 30 -54.19 -43.17 11.96
C ARG A 30 -53.57 -43.85 10.74
N PRO A 31 -54.37 -44.59 9.93
CA PRO A 31 -53.84 -45.25 8.73
C PRO A 31 -53.26 -44.26 7.73
N SER A 32 -52.24 -44.70 6.99
CA SER A 32 -51.56 -43.86 6.01
C SER A 32 -52.49 -43.30 4.93
N LYS A 33 -53.41 -44.14 4.48
CA LYS A 33 -54.33 -43.80 3.41
C LYS A 33 -55.43 -42.81 3.83
N GLU A 34 -55.73 -42.74 5.12
CA GLU A 34 -56.81 -41.88 5.61
C GLU A 34 -56.41 -40.44 5.94
N VAL A 35 -55.12 -40.16 6.06
CA VAL A 35 -54.66 -38.82 6.42
C VAL A 35 -54.47 -37.91 5.20
N GLU A 36 -55.05 -36.72 5.26
CA GLU A 36 -54.96 -35.70 4.21
C GLU A 36 -53.54 -35.18 4.04
N ASP A 37 -53.21 -34.80 2.82
CA ASP A 37 -51.90 -34.24 2.49
C ASP A 37 -51.66 -32.92 3.23
N ASP A 38 -52.73 -32.14 3.36
CA ASP A 38 -52.69 -30.85 4.03
C ASP A 38 -52.34 -30.99 5.51
N GLU A 39 -52.96 -31.98 6.17
CA GLU A 39 -52.78 -32.24 7.59
C GLU A 39 -51.36 -32.64 7.97
N TYR A 40 -50.66 -33.29 7.05
CA TYR A 40 -49.26 -33.65 7.26
C TYR A 40 -48.44 -32.36 7.25
N LYS A 41 -48.71 -31.52 6.24
CA LYS A 41 -48.02 -30.25 6.08
C LYS A 41 -48.30 -29.30 7.24
N ALA A 42 -49.48 -29.45 7.83
CA ALA A 42 -49.87 -28.66 8.99
C ALA A 42 -49.14 -29.17 10.23
N PHE A 43 -48.97 -30.48 10.31
CA PHE A 43 -48.32 -31.15 11.45
C PHE A 43 -46.84 -30.78 11.62
N TYR A 44 -46.18 -30.58 10.49
CA TYR A 44 -44.76 -30.24 10.48
C TYR A 44 -44.46 -28.88 11.13
N LYS A 45 -45.27 -27.88 10.79
CA LYS A 45 -45.07 -26.52 11.29
C LYS A 45 -45.41 -26.36 12.76
N SER A 46 -46.16 -27.30 13.32
CA SER A 46 -46.60 -27.24 14.72
C SER A 46 -45.47 -27.39 15.74
N PHE A 47 -44.40 -28.08 15.35
CA PHE A 47 -43.27 -28.26 16.28
C PHE A 47 -41.96 -27.60 15.81
N SER A 48 -42.05 -26.70 14.84
CA SER A 48 -40.86 -26.02 14.33
C SER A 48 -41.08 -24.60 13.77
N LYS A 49 -42.33 -24.10 13.82
CA LYS A 49 -42.72 -22.78 13.29
C LYS A 49 -42.24 -22.59 11.83
N GLU A 50 -41.66 -21.42 11.53
CA GLU A 50 -41.11 -21.06 10.18
C GLU A 50 -42.18 -20.77 9.12
N SER A 51 -43.39 -21.31 9.33
CA SER A 51 -44.56 -21.15 8.45
C SER A 51 -44.38 -21.57 6.97
N ASP A 52 -43.62 -22.64 6.73
CA ASP A 52 -43.41 -23.12 5.36
C ASP A 52 -43.38 -24.65 5.29
N ASP A 53 -43.78 -25.19 4.14
CA ASP A 53 -43.86 -26.64 3.89
C ASP A 53 -42.53 -27.42 3.94
N PRO A 54 -42.60 -28.72 4.33
CA PRO A 54 -41.42 -29.57 4.29
C PRO A 54 -41.18 -30.09 2.86
N MET A 55 -40.01 -30.65 2.61
CA MET A 55 -39.68 -31.13 1.27
C MET A 55 -40.30 -32.48 0.97
N ALA A 56 -40.34 -33.34 1.99
CA ALA A 56 -40.96 -34.67 1.87
C ALA A 56 -41.21 -35.30 3.24
N TYR A 57 -42.12 -36.28 3.25
CA TYR A 57 -42.48 -36.98 4.47
C TYR A 57 -42.96 -38.37 4.14
N ILE A 58 -42.84 -39.29 5.09
CA ILE A 58 -43.44 -40.62 4.96
C ILE A 58 -44.04 -41.05 6.29
N HIS A 59 -45.22 -41.64 6.22
CA HIS A 59 -45.89 -42.11 7.39
C HIS A 59 -45.87 -43.63 7.30
N PHE A 60 -45.25 -44.29 8.28
CA PHE A 60 -45.19 -45.74 8.24
C PHE A 60 -45.28 -46.35 9.62
N THR A 61 -45.72 -47.60 9.64
CA THR A 61 -45.82 -48.39 10.85
C THR A 61 -44.84 -49.54 10.68
N ALA A 62 -44.18 -49.96 11.76
CA ALA A 62 -43.20 -51.03 11.66
C ALA A 62 -43.72 -52.36 12.16
N GLU A 63 -43.37 -53.40 11.44
CA GLU A 63 -43.77 -54.76 11.79
C GLU A 63 -42.53 -55.63 12.04
N GLY A 64 -42.73 -56.72 12.78
CA GLY A 64 -41.66 -57.66 13.06
C GLY A 64 -41.16 -57.72 14.50
N GLU A 65 -39.84 -57.53 14.64
CA GLU A 65 -39.18 -57.62 15.94
C GLU A 65 -39.61 -56.49 16.88
N VAL A 66 -39.62 -55.27 16.35
CA VAL A 66 -40.07 -54.11 17.11
C VAL A 66 -41.19 -53.38 16.35
N THR A 67 -42.27 -53.09 17.07
CA THR A 67 -43.41 -52.39 16.48
C THR A 67 -43.46 -50.96 16.97
N PHE A 68 -43.66 -50.03 16.04
CA PHE A 68 -43.82 -48.61 16.34
C PHE A 68 -44.37 -47.87 15.14
N LYS A 69 -44.99 -46.73 15.39
CA LYS A 69 -45.50 -45.90 14.32
C LYS A 69 -44.61 -44.66 14.24
N SER A 70 -44.52 -44.06 13.05
CA SER A 70 -43.68 -42.87 12.89
C SER A 70 -43.91 -42.07 11.62
N ILE A 71 -43.67 -40.76 11.74
CA ILE A 71 -43.75 -39.84 10.60
C ILE A 71 -42.42 -39.14 10.62
N LEU A 72 -41.71 -39.19 9.50
CA LEU A 72 -40.41 -38.53 9.40
C LEU A 72 -40.48 -37.49 8.30
N PHE A 73 -39.85 -36.35 8.57
CA PHE A 73 -39.84 -35.23 7.64
C PHE A 73 -38.45 -34.83 7.19
N VAL A 74 -38.41 -34.25 6.00
CA VAL A 74 -37.20 -33.67 5.44
C VAL A 74 -37.53 -32.20 5.28
N PRO A 75 -36.84 -31.34 6.04
CA PRO A 75 -37.07 -29.89 5.99
C PRO A 75 -36.57 -29.32 4.67
N THR A 76 -36.91 -28.08 4.35
CA THR A 76 -36.45 -27.45 3.11
C THR A 76 -35.12 -26.70 3.27
N SER A 77 -34.61 -26.64 4.51
CA SER A 77 -33.32 -25.99 4.83
C SER A 77 -32.65 -26.64 6.04
N ALA A 78 -31.37 -26.39 6.23
CA ALA A 78 -30.66 -26.98 7.37
C ALA A 78 -30.50 -26.04 8.57
N PRO A 79 -29.99 -24.84 8.31
CA PRO A 79 -29.73 -23.78 9.30
C PRO A 79 -28.64 -24.13 10.32
N TYR A 93 -33.87 -33.27 17.43
CA TYR A 93 -35.28 -32.95 17.30
C TYR A 93 -36.15 -34.08 16.75
N ILE A 94 -36.20 -35.17 17.50
CA ILE A 94 -37.09 -36.28 17.21
C ILE A 94 -37.92 -36.63 18.46
N LYS A 95 -39.22 -36.43 18.34
CA LYS A 95 -40.16 -36.63 19.42
C LYS A 95 -40.30 -38.12 19.75
N LEU A 96 -39.95 -38.49 20.98
CA LEU A 96 -40.07 -39.87 21.43
C LEU A 96 -41.28 -40.10 22.35
N TYR A 97 -42.11 -41.07 21.97
CA TYR A 97 -43.28 -41.44 22.72
C TYR A 97 -43.23 -42.94 23.02
N VAL A 98 -43.51 -43.31 24.25
CA VAL A 98 -43.58 -44.72 24.63
C VAL A 98 -45.00 -45.00 25.10
N ARG A 99 -45.71 -45.81 24.31
CA ARG A 99 -47.13 -46.16 24.54
C ARG A 99 -47.98 -44.89 24.56
N ARG A 100 -47.75 -44.04 23.56
CA ARG A 100 -48.47 -42.77 23.35
C ARG A 100 -48.18 -41.67 24.38
N VAL A 101 -47.29 -41.95 25.33
CA VAL A 101 -46.94 -40.99 26.38
C VAL A 101 -45.67 -40.26 25.98
N PHE A 102 -45.74 -38.92 25.93
CA PHE A 102 -44.57 -38.11 25.58
C PHE A 102 -43.41 -38.36 26.55
N ILE A 103 -42.24 -38.62 26.00
CA ILE A 103 -41.06 -38.91 26.82
C ILE A 103 -39.98 -37.82 26.70
N THR A 104 -39.50 -37.56 25.48
CA THR A 104 -38.45 -36.57 25.31
C THR A 104 -38.11 -36.33 23.83
N ASP A 105 -37.26 -35.35 23.59
CA ASP A 105 -36.81 -34.98 22.24
C ASP A 105 -35.32 -34.64 22.29
N ASP A 106 -34.74 -34.85 23.47
CA ASP A 106 -33.32 -34.61 23.76
C ASP A 106 -32.39 -35.75 23.31
N PHE A 107 -32.99 -36.84 22.82
CA PHE A 107 -32.24 -38.01 22.33
C PHE A 107 -31.64 -37.72 20.97
N HIS A 108 -30.36 -37.34 21.01
CA HIS A 108 -29.65 -36.99 19.77
C HIS A 108 -29.01 -38.19 19.05
N ASP A 109 -28.97 -39.35 19.71
CA ASP A 109 -28.43 -40.57 19.12
C ASP A 109 -29.51 -41.44 18.43
N MET A 110 -30.66 -40.83 18.16
CA MET A 110 -31.77 -41.50 17.48
C MET A 110 -31.44 -41.72 16.02
N MET A 111 -30.82 -40.71 15.41
CA MET A 111 -30.44 -40.78 14.02
C MET A 111 -28.94 -40.77 13.95
N PRO A 112 -28.37 -41.34 12.88
CA PRO A 112 -26.94 -41.32 12.72
C PRO A 112 -26.52 -39.89 12.41
N LYS A 113 -25.25 -39.61 12.63
CA LYS A 113 -24.68 -38.28 12.43
C LYS A 113 -25.19 -37.55 11.18
N TYR A 114 -25.14 -38.20 10.03
CA TYR A 114 -25.52 -37.54 8.79
C TYR A 114 -27.00 -37.27 8.56
N LEU A 115 -27.85 -37.72 9.47
CA LEU A 115 -29.28 -37.53 9.31
C LEU A 115 -29.87 -36.70 10.43
N ASN A 116 -29.01 -35.87 11.03
CA ASN A 116 -29.40 -34.99 12.13
C ASN A 116 -30.41 -33.92 11.73
N PHE A 117 -30.71 -33.83 10.44
CA PHE A 117 -31.66 -32.85 9.92
C PHE A 117 -33.08 -33.40 9.87
N VAL A 118 -33.22 -34.72 10.04
CA VAL A 118 -34.53 -35.37 9.98
C VAL A 118 -35.34 -35.09 11.23
N LYS A 119 -36.49 -34.45 11.05
CA LYS A 119 -37.37 -34.13 12.16
C LYS A 119 -38.57 -35.07 12.13
N GLY A 120 -39.11 -35.41 13.29
CA GLY A 120 -40.27 -36.29 13.32
C GLY A 120 -40.67 -36.86 14.66
N VAL A 121 -41.61 -37.80 14.62
CA VAL A 121 -42.14 -38.45 15.82
C VAL A 121 -41.89 -39.96 15.77
N VAL A 122 -41.79 -40.56 16.96
CA VAL A 122 -41.59 -42.00 17.10
C VAL A 122 -42.45 -42.47 18.27
N ASP A 123 -43.40 -43.36 18.00
CA ASP A 123 -44.29 -43.87 19.04
C ASP A 123 -44.17 -45.39 19.17
N SER A 124 -43.27 -45.82 20.05
CA SER A 124 -43.07 -47.23 20.32
C SER A 124 -44.02 -47.71 21.40
N ASP A 125 -44.08 -49.02 21.59
CA ASP A 125 -44.91 -49.63 22.64
C ASP A 125 -44.23 -50.89 23.16
N ASP A 126 -42.94 -50.99 22.85
CA ASP A 126 -42.11 -52.12 23.24
C ASP A 126 -41.08 -51.70 24.28
N LEU A 127 -40.55 -50.50 24.12
CA LEU A 127 -39.53 -49.91 25.00
C LEU A 127 -39.94 -49.89 26.48
N PRO A 128 -38.94 -49.96 27.39
CA PRO A 128 -39.24 -49.87 28.83
C PRO A 128 -39.81 -48.48 29.15
N LEU A 129 -41.12 -48.42 29.37
CA LEU A 129 -41.78 -47.13 29.59
C LEU A 129 -41.17 -46.47 30.80
N ASN A 130 -41.25 -47.16 31.92
CA ASN A 130 -40.78 -46.62 33.15
C ASN A 130 -39.34 -47.12 33.38
N VAL A 131 -38.37 -46.34 32.96
CA VAL A 131 -37.00 -46.68 33.20
C VAL A 131 -36.35 -45.34 33.09
N SER A 132 -35.13 -45.23 33.60
CA SER A 132 -34.39 -43.97 33.49
C SER A 132 -33.99 -43.66 32.03
N ARG A 133 -33.63 -42.39 31.77
CA ARG A 133 -33.18 -41.95 30.44
C ARG A 133 -31.78 -42.46 30.09
N GLU A 134 -31.01 -42.83 31.12
CA GLU A 134 -29.68 -43.40 30.93
C GLU A 134 -29.84 -44.85 30.47
N THR A 135 -30.79 -45.55 31.13
CA THR A 135 -31.16 -46.94 30.84
C THR A 135 -31.77 -47.11 29.42
N LEU A 136 -32.88 -46.40 29.20
CA LEU A 136 -33.62 -46.41 27.92
C LEU A 136 -32.77 -46.05 26.67
N GLN A 137 -31.74 -45.24 26.85
CA GLN A 137 -30.87 -44.81 25.75
C GLN A 137 -29.83 -45.89 25.40
N GLN A 138 -29.58 -46.76 26.37
CA GLN A 138 -28.62 -47.85 26.21
C GLN A 138 -29.22 -49.26 26.01
N HIS A 139 -30.54 -49.32 25.79
CA HIS A 139 -31.26 -50.60 25.62
C HIS A 139 -30.96 -51.36 24.30
N LYS A 140 -31.29 -52.65 24.31
CA LYS A 140 -31.10 -53.57 23.19
C LYS A 140 -31.86 -53.15 21.91
N LEU A 141 -33.18 -53.00 22.07
CA LEU A 141 -34.10 -52.64 20.98
C LEU A 141 -33.85 -51.26 20.41
N LEU A 142 -33.10 -50.43 21.13
CA LEU A 142 -32.86 -49.06 20.71
C LEU A 142 -32.03 -49.03 19.45
N LYS A 143 -31.03 -49.91 19.38
CA LYS A 143 -30.15 -49.95 18.20
C LYS A 143 -30.92 -50.45 16.99
N VAL A 144 -31.90 -51.32 17.23
CA VAL A 144 -32.73 -51.90 16.18
C VAL A 144 -33.66 -50.87 15.55
N ILE A 145 -34.34 -50.09 16.37
CA ILE A 145 -35.26 -49.05 15.89
C ILE A 145 -34.50 -48.04 15.05
N ARG A 146 -33.31 -47.69 15.51
CA ARG A 146 -32.46 -46.74 14.81
C ARG A 146 -32.23 -47.15 13.34
N LYS A 147 -31.94 -48.43 13.11
CA LYS A 147 -31.71 -48.90 11.75
C LYS A 147 -32.95 -48.87 10.88
N LYS A 148 -34.12 -49.15 11.47
CA LYS A 148 -35.36 -49.11 10.71
C LYS A 148 -35.73 -47.69 10.30
N LEU A 149 -35.44 -46.72 11.18
CA LEU A 149 -35.73 -45.32 10.89
C LEU A 149 -34.89 -44.83 9.74
N VAL A 150 -33.63 -45.24 9.71
CA VAL A 150 -32.72 -44.85 8.65
C VAL A 150 -33.16 -45.44 7.31
N ARG A 151 -33.37 -46.76 7.28
CA ARG A 151 -33.77 -47.46 6.07
C ARG A 151 -35.03 -46.87 5.47
N LYS A 152 -35.90 -46.30 6.31
CA LYS A 152 -37.12 -45.68 5.82
C LYS A 152 -36.85 -44.26 5.33
N THR A 153 -35.90 -43.58 5.97
CA THR A 153 -35.55 -42.21 5.60
C THR A 153 -35.04 -42.21 4.18
N LEU A 154 -34.25 -43.23 3.85
CA LEU A 154 -33.67 -43.33 2.54
C LEU A 154 -34.68 -43.74 1.49
N ASP A 155 -35.78 -44.37 1.92
CA ASP A 155 -36.85 -44.75 1.00
C ASP A 155 -37.62 -43.50 0.64
N MET A 156 -37.71 -42.59 1.60
CA MET A 156 -38.39 -41.32 1.40
C MET A 156 -37.62 -40.50 0.37
N ILE A 157 -36.33 -40.37 0.60
CA ILE A 157 -35.44 -39.63 -0.27
C ILE A 157 -35.35 -40.24 -1.68
N LYS A 158 -35.44 -41.57 -1.77
CA LYS A 158 -35.39 -42.23 -3.07
C LYS A 158 -36.57 -41.77 -3.91
N LYS A 159 -37.67 -41.42 -3.25
CA LYS A 159 -38.91 -41.02 -3.92
C LYS A 159 -39.14 -39.51 -4.05
N ILE A 160 -38.06 -38.73 -4.16
CA ILE A 160 -38.23 -37.28 -4.31
C ILE A 160 -38.26 -36.90 -5.78
N ALA A 161 -39.36 -37.22 -6.46
CA ALA A 161 -39.51 -36.90 -7.88
C ALA A 161 -38.23 -37.14 -8.67
N ASP A 162 -37.81 -36.14 -9.45
CA ASP A 162 -36.59 -36.21 -10.25
C ASP A 162 -35.98 -34.83 -10.44
N GLU A 163 -36.78 -33.93 -11.04
CA GLU A 163 -36.36 -32.55 -11.25
C GLU A 163 -36.15 -31.89 -9.89
N LYS A 164 -37.09 -32.16 -8.97
CA LYS A 164 -37.08 -31.61 -7.62
C LYS A 164 -35.91 -32.11 -6.76
N TYR A 165 -35.40 -33.30 -7.07
CA TYR A 165 -34.27 -33.89 -6.32
C TYR A 165 -32.99 -33.07 -6.48
N ASN A 166 -32.55 -32.88 -7.71
CA ASN A 166 -31.31 -32.14 -7.97
C ASN A 166 -31.40 -30.66 -7.67
N ASP A 167 -32.53 -30.06 -8.00
CA ASP A 167 -32.72 -28.63 -7.82
C ASP A 167 -32.90 -28.22 -6.37
N THR A 168 -33.54 -29.08 -5.57
CA THR A 168 -33.78 -28.73 -4.17
C THR A 168 -32.96 -29.57 -3.17
N PHE A 169 -33.36 -30.82 -2.97
CA PHE A 169 -32.70 -31.70 -1.99
C PHE A 169 -31.18 -31.76 -2.03
N TRP A 170 -30.62 -31.88 -3.23
CA TRP A 170 -29.18 -32.01 -3.36
C TRP A 170 -28.40 -30.80 -2.90
N LYS A 171 -28.78 -29.61 -3.35
CA LYS A 171 -28.06 -28.40 -2.95
C LYS A 171 -28.27 -28.06 -1.46
N GLU A 172 -29.10 -28.83 -0.78
CA GLU A 172 -29.36 -28.61 0.64
C GLU A 172 -28.70 -29.64 1.53
N PHE A 173 -28.92 -30.91 1.23
CA PHE A 173 -28.37 -31.99 2.05
C PHE A 173 -27.43 -32.92 1.30
N GLY A 174 -26.99 -32.49 0.12
CA GLY A 174 -26.08 -33.30 -0.70
C GLY A 174 -24.89 -33.80 0.09
N THR A 175 -24.37 -32.94 0.97
CA THR A 175 -23.26 -33.29 1.80
C THR A 175 -23.55 -34.48 2.74
N ASN A 176 -24.72 -34.47 3.37
CA ASN A 176 -25.09 -35.53 4.27
C ASN A 176 -25.07 -36.88 3.57
N ILE A 177 -25.53 -36.87 2.32
CA ILE A 177 -25.55 -38.08 1.53
C ILE A 177 -24.11 -38.56 1.39
N LYS A 178 -23.19 -37.66 1.10
CA LYS A 178 -21.79 -38.02 0.96
C LYS A 178 -21.17 -38.52 2.25
N LEU A 179 -21.56 -37.94 3.38
CA LEU A 179 -21.09 -38.39 4.70
C LEU A 179 -21.63 -39.78 5.03
N GLY A 180 -22.86 -40.03 4.58
CA GLY A 180 -23.52 -41.31 4.78
C GLY A 180 -22.79 -42.44 4.10
N VAL A 181 -22.29 -42.18 2.90
CA VAL A 181 -21.56 -43.16 2.11
C VAL A 181 -20.33 -43.57 2.89
N ILE A 182 -19.76 -42.63 3.62
CA ILE A 182 -18.60 -42.91 4.44
C ILE A 182 -18.98 -43.61 5.74
N GLU A 183 -19.91 -43.01 6.47
CA GLU A 183 -20.34 -43.55 7.76
C GLU A 183 -21.19 -44.80 7.70
N ASP A 184 -22.27 -44.75 6.91
CA ASP A 184 -23.24 -45.84 6.87
C ASP A 184 -22.99 -46.96 5.85
N HIS A 185 -22.10 -47.86 6.23
CA HIS A 185 -21.71 -49.07 5.51
C HIS A 185 -22.85 -49.89 4.94
N SER A 186 -23.85 -50.19 5.76
CA SER A 186 -24.93 -51.07 5.34
C SER A 186 -25.87 -50.47 4.31
N ASN A 187 -25.99 -49.16 4.31
CA ASN A 187 -26.86 -48.51 3.35
C ASN A 187 -26.07 -47.86 2.27
N ARG A 188 -24.81 -48.24 2.15
CA ARG A 188 -23.90 -47.61 1.20
C ARG A 188 -24.31 -47.68 -0.29
N THR A 189 -24.72 -48.86 -0.75
CA THR A 189 -25.13 -49.02 -2.15
C THR A 189 -26.47 -48.36 -2.44
N ARG A 190 -27.25 -48.11 -1.39
CA ARG A 190 -28.54 -47.45 -1.50
C ARG A 190 -28.25 -45.97 -1.64
N LEU A 191 -27.29 -45.49 -0.85
CA LEU A 191 -26.85 -44.09 -0.84
C LEU A 191 -26.05 -43.68 -2.05
N ALA A 192 -25.31 -44.63 -2.61
CA ALA A 192 -24.46 -44.38 -3.76
C ALA A 192 -25.30 -43.84 -4.91
N LYS A 193 -26.46 -44.44 -5.12
CA LYS A 193 -27.34 -44.03 -6.19
C LYS A 193 -27.81 -42.58 -6.01
N LEU A 194 -27.92 -42.15 -4.76
CA LEU A 194 -28.38 -40.81 -4.43
C LEU A 194 -27.34 -39.71 -4.67
N LEU A 195 -26.08 -40.11 -4.82
CA LEU A 195 -24.99 -39.16 -5.03
C LEU A 195 -25.13 -38.44 -6.35
N ARG A 196 -24.72 -37.17 -6.36
CA ARG A 196 -24.72 -36.31 -7.55
C ARG A 196 -23.42 -35.53 -7.63
N PHE A 197 -22.76 -35.55 -8.78
CA PHE A 197 -21.51 -34.82 -8.95
C PHE A 197 -21.49 -34.11 -10.28
N GLN A 198 -20.50 -33.27 -10.50
CA GLN A 198 -20.34 -32.62 -11.78
C GLN A 198 -19.46 -33.51 -12.64
N SER A 199 -19.54 -33.36 -13.95
CA SER A 199 -18.73 -34.16 -14.82
C SER A 199 -18.51 -33.43 -16.12
N SER A 200 -17.52 -33.91 -16.88
CA SER A 200 -17.12 -33.35 -18.17
C SER A 200 -18.18 -33.38 -19.24
N HIS A 201 -19.31 -34.00 -18.95
CA HIS A 201 -20.40 -34.09 -19.90
C HIS A 201 -21.06 -32.74 -20.13
N HIS A 202 -21.04 -31.90 -19.09
CA HIS A 202 -21.68 -30.59 -19.15
C HIS A 202 -21.04 -29.60 -18.18
N PRO A 203 -20.82 -28.35 -18.64
CA PRO A 203 -20.26 -27.21 -17.93
C PRO A 203 -20.67 -27.04 -16.46
N SER A 204 -21.95 -27.27 -16.14
CA SER A 204 -22.38 -27.12 -14.75
C SER A 204 -23.26 -28.24 -14.17
N ASP A 205 -24.22 -28.72 -14.96
CA ASP A 205 -25.17 -29.77 -14.54
C ASP A 205 -24.57 -30.91 -13.76
N ILE A 206 -25.22 -31.26 -12.66
CA ILE A 206 -24.78 -32.41 -11.87
C ILE A 206 -25.30 -33.69 -12.50
N THR A 207 -24.66 -34.81 -12.23
CA THR A 207 -25.06 -36.09 -12.80
C THR A 207 -25.13 -37.16 -11.73
N SER A 208 -25.97 -38.16 -11.93
CA SER A 208 -26.05 -39.26 -10.98
C SER A 208 -25.03 -40.27 -11.42
N LEU A 209 -24.70 -41.21 -10.56
CA LEU A 209 -23.74 -42.23 -10.95
C LEU A 209 -24.30 -43.16 -12.02
N ASP A 210 -25.60 -43.47 -11.94
CA ASP A 210 -26.26 -44.30 -12.95
C ASP A 210 -26.19 -43.65 -14.33
N GLN A 211 -26.36 -42.33 -14.38
CA GLN A 211 -26.29 -41.59 -15.62
C GLN A 211 -24.92 -41.71 -16.25
N TYR A 212 -23.88 -41.65 -15.42
CA TYR A 212 -22.50 -41.78 -15.86
C TYR A 212 -22.29 -43.16 -16.46
N VAL A 213 -22.75 -44.19 -15.75
CA VAL A 213 -22.62 -45.58 -16.20
C VAL A 213 -23.27 -45.73 -17.58
N GLU A 214 -24.42 -45.09 -17.75
CA GLU A 214 -25.16 -45.14 -19.01
C GLU A 214 -24.35 -44.58 -20.19
N ARG A 215 -23.61 -43.50 -19.95
CA ARG A 215 -22.85 -42.86 -21.02
C ARG A 215 -21.55 -43.58 -21.36
N MET A 216 -21.08 -44.45 -20.47
CA MET A 216 -19.81 -45.17 -20.63
C MET A 216 -19.59 -45.85 -21.97
N LYS A 217 -18.33 -45.96 -22.37
CA LYS A 217 -17.98 -46.62 -23.62
C LYS A 217 -18.12 -48.14 -23.49
N GLU A 218 -17.93 -48.86 -24.61
CA GLU A 218 -18.11 -50.31 -24.61
C GLU A 218 -17.12 -51.09 -23.75
N LYS A 219 -15.84 -50.90 -24.01
CA LYS A 219 -14.80 -51.60 -23.27
C LYS A 219 -14.46 -50.91 -21.93
N GLN A 220 -14.94 -49.69 -21.73
CA GLN A 220 -14.69 -48.93 -20.50
C GLN A 220 -15.32 -49.66 -19.33
N ASP A 221 -14.61 -49.69 -18.21
CA ASP A 221 -15.07 -50.39 -17.01
C ASP A 221 -14.65 -49.67 -15.74
N LYS A 222 -14.29 -48.40 -15.88
CA LYS A 222 -13.86 -47.57 -14.77
C LYS A 222 -14.68 -46.29 -14.77
N ILE A 223 -14.89 -45.72 -13.59
CA ILE A 223 -15.57 -44.43 -13.46
C ILE A 223 -14.48 -43.42 -13.12
N TYR A 224 -14.05 -42.69 -14.15
CA TYR A 224 -12.96 -41.75 -14.03
C TYR A 224 -13.34 -40.45 -13.29
N PHE A 225 -12.54 -40.05 -12.30
CA PHE A 225 -12.81 -38.83 -11.57
C PHE A 225 -11.55 -38.07 -11.25
N MET A 226 -11.71 -36.77 -11.05
CA MET A 226 -10.62 -35.86 -10.73
C MET A 226 -11.02 -35.04 -9.52
N ALA A 227 -10.13 -35.00 -8.52
CA ALA A 227 -10.41 -34.27 -7.29
C ALA A 227 -9.67 -32.95 -7.25
N GLY A 228 -10.37 -31.88 -6.90
CA GLY A 228 -9.74 -30.55 -6.85
C GLY A 228 -10.35 -29.60 -5.82
N SER A 229 -10.03 -28.31 -5.95
CA SER A 229 -10.50 -27.27 -5.04
C SER A 229 -11.68 -26.56 -5.62
N SER A 230 -11.73 -26.55 -6.96
CA SER A 230 -12.81 -25.93 -7.71
C SER A 230 -12.94 -26.67 -9.03
N ARG A 231 -14.03 -26.42 -9.77
CA ARG A 231 -14.21 -27.15 -11.01
C ARG A 231 -13.19 -26.69 -12.00
N LYS A 232 -12.97 -25.38 -12.03
CA LYS A 232 -12.03 -24.79 -12.97
C LYS A 232 -10.65 -25.44 -12.80
N GLU A 233 -10.31 -25.77 -11.56
CA GLU A 233 -9.04 -26.40 -11.30
C GLU A 233 -8.99 -27.82 -11.82
N ALA A 234 -10.03 -28.59 -11.50
CA ALA A 234 -10.11 -30.00 -11.88
C ALA A 234 -10.13 -30.22 -13.39
N GLU A 235 -10.82 -29.34 -14.11
CA GLU A 235 -10.92 -29.43 -15.56
C GLU A 235 -9.64 -28.96 -16.27
N SER A 236 -8.90 -28.08 -15.62
CA SER A 236 -7.66 -27.57 -16.18
C SER A 236 -6.54 -28.58 -16.04
N SER A 237 -6.63 -29.39 -14.99
CA SER A 237 -5.66 -30.45 -14.67
C SER A 237 -5.13 -31.24 -15.87
N PRO A 238 -3.85 -31.63 -15.84
CA PRO A 238 -3.25 -32.36 -16.94
C PRO A 238 -3.73 -33.78 -17.05
N PHE A 239 -4.15 -34.35 -15.93
CA PHE A 239 -4.57 -35.75 -15.86
C PHE A 239 -5.75 -36.13 -16.72
N VAL A 240 -6.63 -35.16 -17.00
CA VAL A 240 -7.84 -35.43 -17.78
C VAL A 240 -7.64 -35.31 -19.26
N GLU A 241 -6.52 -34.71 -19.66
CA GLU A 241 -6.22 -34.41 -21.05
C GLU A 241 -6.60 -35.44 -22.10
N ARG A 242 -5.93 -36.59 -22.08
CA ARG A 242 -6.18 -37.58 -23.12
C ARG A 242 -7.51 -38.30 -22.99
N LEU A 243 -7.89 -38.66 -21.77
CA LEU A 243 -9.18 -39.32 -21.54
C LEU A 243 -10.30 -38.50 -22.17
N LEU A 244 -10.26 -37.18 -22.02
CA LEU A 244 -11.26 -36.32 -22.61
C LEU A 244 -11.19 -36.35 -24.13
N LYS A 245 -9.99 -36.16 -24.66
CA LYS A 245 -9.77 -36.21 -26.10
C LYS A 245 -10.22 -37.53 -26.70
N LYS A 246 -10.04 -38.60 -25.92
CA LYS A 246 -10.34 -39.94 -26.36
C LYS A 246 -11.84 -40.18 -26.34
N GLY A 247 -12.56 -39.28 -25.67
CA GLY A 247 -14.01 -39.39 -25.61
C GLY A 247 -14.60 -39.91 -24.31
N TYR A 248 -13.76 -40.15 -23.31
CA TYR A 248 -14.24 -40.64 -22.03
C TYR A 248 -14.79 -39.48 -21.19
N GLU A 249 -15.59 -39.82 -20.18
CA GLU A 249 -16.20 -38.85 -19.30
C GLU A 249 -15.47 -38.84 -17.97
N VAL A 250 -15.19 -37.67 -17.42
CA VAL A 250 -14.50 -37.57 -16.11
C VAL A 250 -15.34 -36.82 -15.08
N ILE A 251 -15.51 -37.40 -13.89
CA ILE A 251 -16.31 -36.77 -12.84
C ILE A 251 -15.41 -35.80 -12.12
N TYR A 252 -15.90 -34.60 -11.79
CA TYR A 252 -15.08 -33.66 -11.07
C TYR A 252 -15.56 -33.53 -9.64
N LEU A 253 -14.64 -33.74 -8.68
CA LEU A 253 -14.96 -33.60 -7.28
C LEU A 253 -14.39 -32.30 -6.79
N THR A 254 -15.25 -31.38 -6.38
CA THR A 254 -14.80 -30.06 -5.91
C THR A 254 -15.06 -29.78 -4.43
N GLU A 255 -15.58 -30.76 -3.73
CA GLU A 255 -15.82 -30.58 -2.32
C GLU A 255 -14.73 -31.28 -1.50
N PRO A 256 -14.50 -30.79 -0.28
CA PRO A 256 -13.50 -31.40 0.57
C PRO A 256 -13.83 -32.87 0.87
N VAL A 257 -15.09 -33.14 1.21
CA VAL A 257 -15.53 -34.48 1.55
C VAL A 257 -15.61 -35.42 0.33
N ASP A 258 -15.74 -34.85 -0.86
CA ASP A 258 -15.87 -35.66 -2.08
C ASP A 258 -14.94 -36.87 -2.30
N GLU A 259 -13.63 -36.66 -2.19
CA GLU A 259 -12.73 -37.76 -2.47
C GLU A 259 -12.81 -38.80 -1.39
N TYR A 260 -13.13 -38.39 -0.16
CA TYR A 260 -13.26 -39.33 0.96
C TYR A 260 -14.47 -40.21 0.77
N CYS A 261 -15.48 -39.61 0.14
CA CYS A 261 -16.70 -40.27 -0.20
C CYS A 261 -16.42 -41.38 -1.24
N ILE A 262 -16.04 -40.98 -2.45
CA ILE A 262 -15.70 -41.90 -3.56
C ILE A 262 -14.68 -42.97 -3.16
N GLN A 263 -13.80 -42.62 -2.24
CA GLN A 263 -12.82 -43.56 -1.78
C GLN A 263 -13.47 -44.68 -0.96
N ALA A 264 -14.47 -44.36 -0.15
CA ALA A 264 -15.15 -45.36 0.68
C ALA A 264 -16.20 -46.17 -0.08
N LEU A 265 -16.21 -46.05 -1.40
CA LEU A 265 -17.16 -46.74 -2.25
C LEU A 265 -16.37 -47.63 -3.23
N PRO A 266 -16.19 -48.92 -2.89
CA PRO A 266 -15.40 -49.90 -3.68
C PRO A 266 -15.86 -50.09 -5.12
N GLU A 267 -17.13 -50.45 -5.30
CA GLU A 267 -17.69 -50.66 -6.63
C GLU A 267 -18.98 -49.85 -6.79
N PHE A 268 -19.44 -49.76 -8.04
CA PHE A 268 -20.74 -49.20 -8.35
C PHE A 268 -21.23 -49.86 -9.65
N ASP A 269 -22.29 -50.66 -9.54
CA ASP A 269 -22.89 -51.34 -10.68
C ASP A 269 -21.80 -52.07 -11.44
N GLY A 270 -20.99 -52.81 -10.69
CA GLY A 270 -19.91 -53.61 -11.25
C GLY A 270 -18.77 -52.84 -11.91
N LYS A 271 -18.65 -51.55 -11.59
CA LYS A 271 -17.60 -50.73 -12.14
C LYS A 271 -16.77 -50.16 -10.98
N ARG A 272 -15.46 -50.34 -11.03
CA ARG A 272 -14.58 -49.79 -10.01
C ARG A 272 -14.24 -48.34 -10.39
N PHE A 273 -13.96 -47.50 -9.39
CA PHE A 273 -13.60 -46.09 -9.63
C PHE A 273 -12.12 -45.92 -9.92
N GLN A 274 -11.75 -44.83 -10.58
CA GLN A 274 -10.36 -44.59 -10.94
C GLN A 274 -10.05 -43.12 -10.92
N ASN A 275 -9.11 -42.74 -10.07
CA ASN A 275 -8.67 -41.34 -9.92
C ASN A 275 -7.69 -41.04 -11.03
N VAL A 276 -8.05 -40.12 -11.93
CA VAL A 276 -7.20 -39.83 -13.09
C VAL A 276 -5.81 -39.37 -12.69
N ALA A 277 -5.64 -38.98 -11.44
CA ALA A 277 -4.34 -38.51 -10.97
C ALA A 277 -3.48 -39.58 -10.31
N LYS A 278 -3.92 -40.84 -10.36
CA LYS A 278 -3.17 -41.94 -9.78
C LYS A 278 -2.91 -43.01 -10.82
N GLU A 279 -2.06 -43.98 -10.50
CA GLU A 279 -1.73 -45.03 -11.44
C GLU A 279 -2.94 -45.90 -11.61
N GLY A 280 -3.26 -46.24 -12.86
CA GLY A 280 -4.40 -47.12 -13.10
C GLY A 280 -5.12 -46.98 -14.41
N VAL A 281 -4.82 -45.90 -15.14
CA VAL A 281 -5.50 -45.69 -16.42
C VAL A 281 -4.97 -46.62 -17.54
N LYS A 282 -5.90 -47.23 -18.25
CA LYS A 282 -5.56 -48.10 -19.36
C LYS A 282 -6.22 -47.60 -20.63
N PHE A 283 -5.70 -48.06 -21.77
CA PHE A 283 -6.27 -47.74 -23.07
C PHE A 283 -6.16 -49.04 -23.85
N ASP A 284 -7.24 -49.82 -23.86
CA ASP A 284 -7.23 -51.16 -24.50
C ASP A 284 -6.54 -51.24 -25.88
N GLU A 285 -6.93 -50.38 -26.81
CA GLU A 285 -6.31 -50.32 -28.15
C GLU A 285 -6.25 -51.63 -28.93
N SER A 286 -5.14 -51.84 -29.66
CA SER A 286 -4.94 -53.05 -30.44
C SER A 286 -3.49 -53.55 -30.33
N GLU A 287 -3.08 -54.39 -31.27
CA GLU A 287 -1.73 -54.97 -31.26
C GLU A 287 -0.72 -54.03 -31.89
N LYS A 288 -1.07 -53.45 -33.04
CA LYS A 288 -0.19 -52.51 -33.74
C LYS A 288 -0.03 -51.22 -32.94
N THR A 289 -1.01 -50.93 -32.08
CA THR A 289 -0.96 -49.75 -31.22
C THR A 289 0.02 -50.06 -30.08
N LYS A 290 -0.12 -51.27 -29.53
CA LYS A 290 0.73 -51.73 -28.44
C LYS A 290 2.18 -51.75 -28.90
N GLU A 291 2.40 -52.25 -30.11
CA GLU A 291 3.74 -52.31 -30.71
C GLU A 291 4.42 -50.96 -30.71
N SER A 292 3.68 -49.92 -31.09
CA SER A 292 4.20 -48.55 -31.17
C SER A 292 4.63 -48.00 -29.82
N ARG A 293 3.69 -48.05 -28.87
CA ARG A 293 3.90 -47.53 -27.51
C ARG A 293 5.09 -48.21 -26.83
N GLU A 294 5.14 -49.54 -26.93
CA GLU A 294 6.22 -50.33 -26.36
C GLU A 294 7.55 -49.98 -27.02
N ALA A 295 7.50 -49.67 -28.32
CA ALA A 295 8.69 -49.29 -29.07
C ALA A 295 9.13 -47.88 -28.71
N ILE A 296 8.20 -47.08 -28.21
CA ILE A 296 8.50 -45.72 -27.77
C ILE A 296 9.18 -45.77 -26.39
N GLU A 297 8.71 -46.69 -25.54
CA GLU A 297 9.25 -46.89 -24.19
C GLU A 297 10.70 -47.37 -24.21
N LYS A 298 11.07 -48.07 -25.29
CA LYS A 298 12.45 -48.49 -25.48
C LYS A 298 13.29 -47.27 -25.87
N GLU A 299 12.68 -46.35 -26.62
CA GLU A 299 13.40 -45.17 -27.11
C GLU A 299 13.77 -44.16 -26.03
N PHE A 300 12.81 -43.88 -25.14
CA PHE A 300 13.02 -42.92 -24.05
C PHE A 300 13.70 -43.46 -22.79
N GLU A 301 13.95 -44.77 -22.74
CA GLU A 301 14.57 -45.40 -21.57
C GLU A 301 15.86 -44.75 -21.00
N PRO A 302 16.79 -44.26 -21.86
CA PRO A 302 17.96 -43.60 -21.27
C PRO A 302 17.66 -42.24 -20.65
N LEU A 303 16.55 -41.63 -21.03
CA LEU A 303 16.12 -40.34 -20.47
C LEU A 303 15.34 -40.56 -19.18
N LEU A 304 14.65 -41.70 -19.11
CA LEU A 304 13.89 -42.09 -17.93
C LEU A 304 14.81 -42.50 -16.80
N ASN A 305 15.91 -43.17 -17.16
CA ASN A 305 16.90 -43.58 -16.17
C ASN A 305 17.72 -42.37 -15.75
N TRP A 306 17.83 -41.40 -16.66
CA TRP A 306 18.58 -40.19 -16.40
C TRP A 306 17.90 -39.35 -15.34
N MET A 307 16.57 -39.29 -15.40
CA MET A 307 15.78 -38.56 -14.43
C MET A 307 15.80 -39.26 -13.08
N LYS A 308 15.62 -40.57 -13.11
CA LYS A 308 15.59 -41.39 -11.92
C LYS A 308 16.94 -41.46 -11.20
N ASP A 309 18.03 -41.59 -11.96
CA ASP A 309 19.35 -41.76 -11.36
C ASP A 309 20.17 -40.49 -11.16
N LYS A 310 19.83 -39.41 -11.84
CA LYS A 310 20.64 -38.19 -11.68
C LYS A 310 19.85 -36.90 -11.47
N ALA A 311 19.31 -36.33 -12.55
CA ALA A 311 18.56 -35.05 -12.53
C ALA A 311 17.52 -34.91 -11.42
N LEU A 312 16.78 -35.96 -11.14
CA LEU A 312 15.81 -35.93 -10.06
C LEU A 312 16.05 -37.08 -9.09
N LYS A 313 17.31 -37.38 -8.77
CA LYS A 313 17.59 -38.49 -7.85
C LYS A 313 17.09 -38.10 -6.46
N ASP A 314 16.39 -39.04 -5.82
CA ASP A 314 15.78 -38.87 -4.50
C ASP A 314 14.63 -37.87 -4.50
N LYS A 315 14.11 -37.54 -5.67
CA LYS A 315 13.01 -36.58 -5.82
C LYS A 315 11.76 -37.32 -6.28
N ILE A 316 11.93 -38.20 -7.26
CA ILE A 316 10.83 -38.99 -7.82
C ILE A 316 11.03 -40.45 -7.54
N GLU A 317 10.01 -41.26 -7.75
CA GLU A 317 10.16 -42.69 -7.52
C GLU A 317 10.66 -43.40 -8.78
N LYS A 318 10.06 -43.02 -9.91
CA LYS A 318 10.44 -43.51 -11.23
C LYS A 318 9.92 -42.56 -12.30
N ALA A 319 10.54 -42.63 -13.48
CA ALA A 319 10.11 -41.81 -14.61
C ALA A 319 9.57 -42.77 -15.66
N VAL A 320 8.35 -42.51 -16.14
CA VAL A 320 7.75 -43.37 -17.17
C VAL A 320 7.17 -42.55 -18.31
N VAL A 321 6.78 -43.24 -19.38
CA VAL A 321 6.16 -42.61 -20.55
C VAL A 321 4.66 -42.50 -20.30
N SER A 322 4.16 -41.27 -20.25
CA SER A 322 2.75 -41.02 -19.95
C SER A 322 1.80 -41.34 -21.09
N GLN A 323 0.65 -41.89 -20.71
CA GLN A 323 -0.37 -42.18 -21.68
C GLN A 323 -1.60 -41.34 -21.47
N ARG A 324 -1.60 -40.51 -20.43
CA ARG A 324 -2.77 -39.70 -20.13
C ARG A 324 -2.67 -38.26 -20.58
N LEU A 325 -1.51 -37.88 -21.11
CA LEU A 325 -1.26 -36.49 -21.50
C LEU A 325 -1.48 -36.13 -22.96
N THR A 326 -2.04 -34.93 -23.19
CA THR A 326 -2.27 -34.43 -24.52
C THR A 326 -1.28 -33.34 -24.77
N GLU A 327 -1.50 -32.16 -24.18
CA GLU A 327 -0.63 -31.02 -24.43
C GLU A 327 0.36 -30.67 -23.35
N SER A 328 0.24 -31.32 -22.20
CA SER A 328 1.16 -31.04 -21.12
C SER A 328 2.43 -31.84 -21.32
N PRO A 329 3.57 -31.27 -20.93
CA PRO A 329 4.87 -31.94 -21.03
C PRO A 329 5.02 -33.07 -20.03
N CYS A 330 4.65 -32.82 -18.78
CA CYS A 330 4.76 -33.84 -17.74
C CYS A 330 3.80 -33.64 -16.57
N ALA A 331 3.70 -34.64 -15.71
CA ALA A 331 2.85 -34.55 -14.52
C ALA A 331 3.24 -35.58 -13.45
N LEU A 332 2.95 -35.28 -12.18
CA LEU A 332 3.23 -36.22 -11.10
C LEU A 332 2.03 -37.10 -10.84
N VAL A 333 2.26 -38.41 -10.80
CA VAL A 333 1.19 -39.39 -10.61
C VAL A 333 1.40 -40.20 -9.35
N ALA A 334 0.40 -40.16 -8.46
CA ALA A 334 0.49 -40.87 -7.18
C ALA A 334 0.23 -42.34 -7.36
N SER A 335 0.68 -43.17 -6.40
CA SER A 335 0.42 -44.61 -6.48
C SER A 335 -1.08 -44.90 -6.30
N GLN A 336 -1.47 -46.14 -6.52
CA GLN A 336 -2.89 -46.50 -6.50
C GLN A 336 -3.63 -46.18 -5.24
N TYR A 337 -3.01 -46.47 -4.10
CA TYR A 337 -3.68 -46.18 -2.85
C TYR A 337 -2.91 -45.12 -2.07
N GLY A 338 -2.12 -44.33 -2.80
CA GLY A 338 -1.33 -43.25 -2.21
C GLY A 338 -2.15 -41.99 -2.15
N TRP A 339 -1.54 -40.90 -1.74
CA TRP A 339 -2.26 -39.64 -1.67
C TRP A 339 -2.18 -38.86 -2.96
N SER A 340 -3.34 -38.47 -3.46
CA SER A 340 -3.40 -37.64 -4.65
C SER A 340 -3.05 -36.21 -4.25
N GLY A 341 -2.88 -35.34 -5.23
CA GLY A 341 -2.57 -33.96 -4.89
C GLY A 341 -3.59 -33.36 -3.92
N ASN A 342 -4.87 -33.60 -4.24
CA ASN A 342 -5.98 -33.06 -3.46
C ASN A 342 -5.95 -33.61 -2.05
N MET A 343 -5.78 -34.91 -1.96
CA MET A 343 -5.63 -35.59 -0.68
C MET A 343 -4.52 -34.99 0.19
N GLU A 344 -3.38 -34.74 -0.43
CA GLU A 344 -2.28 -34.21 0.29
C GLU A 344 -2.70 -32.90 0.90
N ARG A 345 -3.30 -32.01 0.10
CA ARG A 345 -3.68 -30.68 0.59
C ARG A 345 -4.64 -30.72 1.77
N ILE A 346 -5.66 -31.55 1.63
CA ILE A 346 -6.68 -31.71 2.65
C ILE A 346 -6.10 -32.30 3.91
N MET A 347 -5.26 -33.31 3.76
CA MET A 347 -4.64 -33.95 4.90
C MET A 347 -3.73 -33.01 5.68
N LYS A 348 -2.85 -32.34 4.96
CA LYS A 348 -1.93 -31.38 5.55
C LYS A 348 -2.63 -30.25 6.28
N ALA A 349 -3.71 -29.75 5.69
CA ALA A 349 -4.47 -28.64 6.25
C ALA A 349 -5.08 -29.02 7.60
N GLN A 350 -5.80 -30.13 7.61
CA GLN A 350 -6.46 -30.65 8.80
C GLN A 350 -5.45 -31.06 9.87
N ALA A 351 -4.29 -31.51 9.43
CA ALA A 351 -3.22 -31.91 10.34
C ALA A 351 -2.52 -30.69 10.97
N TYR A 352 -2.74 -29.52 10.35
CA TYR A 352 -2.17 -28.27 10.83
C TYR A 352 -3.18 -27.56 11.72
N GLN A 353 -4.43 -27.49 11.25
CA GLN A 353 -5.48 -26.85 12.00
C GLN A 353 -5.79 -27.64 13.26
N THR A 354 -5.59 -28.95 13.23
CA THR A 354 -5.91 -29.79 14.40
C THR A 354 -4.79 -30.70 14.90
N GLY A 355 -4.37 -31.64 14.04
CA GLY A 355 -3.35 -32.63 14.36
C GLY A 355 -1.99 -32.15 14.82
N LYS A 356 -1.07 -33.09 15.02
CA LYS A 356 0.28 -32.76 15.48
C LYS A 356 1.38 -33.12 14.46
N ASP A 357 1.36 -32.43 13.33
CA ASP A 357 2.37 -32.57 12.28
C ASP A 357 2.68 -33.99 11.79
N ILE A 358 1.81 -34.49 10.91
CA ILE A 358 1.99 -35.77 10.26
C ILE A 358 2.99 -35.53 9.12
N SER A 359 4.23 -35.21 9.50
CA SER A 359 5.34 -34.95 8.58
C SER A 359 5.98 -36.28 8.20
N THR A 360 6.38 -37.02 9.24
CA THR A 360 6.93 -38.34 9.06
C THR A 360 5.78 -39.35 9.19
N ASN A 361 4.83 -39.29 8.25
CA ASN A 361 3.71 -40.22 8.20
C ASN A 361 4.16 -41.37 7.31
N TYR A 362 3.58 -41.50 6.11
CA TYR A 362 3.99 -42.58 5.22
C TYR A 362 3.85 -42.16 3.83
N TYR A 363 2.62 -42.31 3.37
CA TYR A 363 2.30 -41.85 2.02
C TYR A 363 1.93 -40.35 2.00
N ALA A 364 2.58 -39.64 2.91
CA ALA A 364 2.51 -38.20 3.06
C ALA A 364 3.79 -37.69 2.47
N SER A 365 4.87 -38.38 2.78
CA SER A 365 6.16 -37.98 2.28
C SER A 365 6.72 -39.02 1.32
N GLN A 366 5.86 -39.58 0.47
CA GLN A 366 6.33 -40.53 -0.54
C GLN A 366 6.52 -39.84 -1.91
N LYS A 367 7.56 -40.28 -2.62
CA LYS A 367 7.89 -39.71 -3.92
C LYS A 367 6.84 -40.14 -4.94
N LYS A 368 6.57 -39.30 -5.94
CA LYS A 368 5.54 -39.65 -6.90
C LYS A 368 6.17 -40.22 -8.17
N THR A 369 5.33 -40.70 -9.08
CA THR A 369 5.82 -41.23 -10.37
C THR A 369 5.80 -40.09 -11.36
N PHE A 370 6.94 -39.82 -11.99
CA PHE A 370 7.03 -38.70 -12.90
C PHE A 370 6.75 -39.17 -14.30
N GLU A 371 5.65 -38.70 -14.87
CA GLU A 371 5.25 -39.10 -16.21
C GLU A 371 5.50 -38.06 -17.28
N ILE A 372 6.21 -38.45 -18.33
CA ILE A 372 6.50 -37.52 -19.40
C ILE A 372 5.73 -37.82 -20.69
N ASN A 373 5.37 -36.76 -21.41
CA ASN A 373 4.66 -36.87 -22.67
C ASN A 373 5.72 -37.13 -23.75
N PRO A 374 5.67 -38.31 -24.39
CA PRO A 374 6.65 -38.74 -25.38
C PRO A 374 6.63 -37.90 -26.63
N ARG A 375 5.55 -37.15 -26.83
CA ARG A 375 5.40 -36.35 -28.01
C ARG A 375 5.36 -34.86 -27.68
N HIS A 376 6.24 -34.40 -26.80
CA HIS A 376 6.25 -32.99 -26.49
C HIS A 376 7.60 -32.47 -26.92
N PRO A 377 7.62 -31.35 -27.65
CA PRO A 377 8.83 -30.74 -28.19
C PRO A 377 9.93 -30.59 -27.16
N LEU A 378 9.54 -30.26 -25.94
CA LEU A 378 10.49 -30.08 -24.88
C LEU A 378 11.04 -31.42 -24.41
N ILE A 379 10.17 -32.42 -24.26
CA ILE A 379 10.62 -33.75 -23.86
C ILE A 379 11.52 -34.37 -24.94
N LYS A 380 11.13 -34.21 -26.20
CA LYS A 380 11.91 -34.75 -27.30
C LYS A 380 13.30 -34.15 -27.38
N ASP A 381 13.44 -32.86 -27.06
CA ASP A 381 14.78 -32.22 -27.04
C ASP A 381 15.60 -32.71 -25.88
N MET A 382 14.90 -33.07 -24.82
CA MET A 382 15.53 -33.52 -23.62
C MET A 382 16.13 -34.88 -23.88
N LEU A 383 15.39 -35.75 -24.56
CA LEU A 383 15.88 -37.09 -24.91
C LEU A 383 17.14 -37.00 -25.77
N ARG A 384 17.10 -36.15 -26.80
CA ARG A 384 18.21 -35.98 -27.71
C ARG A 384 19.42 -35.39 -27.01
N ARG A 385 19.19 -34.40 -26.16
CA ARG A 385 20.30 -33.71 -25.51
C ARG A 385 20.96 -34.59 -24.44
N VAL A 386 20.22 -35.57 -23.94
CA VAL A 386 20.75 -36.48 -22.93
C VAL A 386 21.59 -37.60 -23.56
N LYS A 387 21.16 -38.11 -24.71
CA LYS A 387 21.91 -39.16 -25.41
C LYS A 387 23.27 -38.67 -25.89
N GLU A 388 23.39 -37.35 -26.08
CA GLU A 388 24.64 -36.74 -26.49
C GLU A 388 25.46 -36.42 -25.23
N ASP A 389 25.13 -35.30 -24.60
CA ASP A 389 25.79 -34.87 -23.38
C ASP A 389 24.84 -35.17 -22.22
N GLU A 390 25.16 -36.21 -21.47
CA GLU A 390 24.36 -36.66 -20.34
C GLU A 390 24.58 -35.79 -19.09
N ASP A 391 25.70 -35.09 -19.06
CA ASP A 391 26.05 -34.24 -17.92
C ASP A 391 25.99 -32.77 -18.27
N ASP A 392 25.08 -32.44 -19.19
CA ASP A 392 24.86 -31.06 -19.58
C ASP A 392 24.01 -30.46 -18.45
N LYS A 393 24.64 -29.57 -17.68
CA LYS A 393 23.97 -28.95 -16.54
C LYS A 393 22.74 -28.15 -16.96
N THR A 394 22.76 -27.58 -18.15
CA THR A 394 21.63 -26.80 -18.66
C THR A 394 20.36 -27.67 -18.69
N VAL A 395 20.51 -28.91 -19.16
CA VAL A 395 19.39 -29.85 -19.23
C VAL A 395 19.03 -30.33 -17.84
N SER A 396 20.06 -30.62 -17.06
CA SER A 396 19.90 -31.08 -15.70
C SER A 396 19.10 -30.03 -14.88
N ASP A 397 19.47 -28.76 -15.01
CA ASP A 397 18.81 -27.65 -14.31
C ASP A 397 17.43 -27.37 -14.85
N LEU A 398 17.23 -27.59 -16.15
CA LEU A 398 15.92 -27.39 -16.75
C LEU A 398 14.95 -28.47 -16.27
N ALA A 399 15.40 -29.71 -16.22
CA ALA A 399 14.56 -30.82 -15.79
C ALA A 399 14.02 -30.65 -14.37
N VAL A 400 14.70 -29.85 -13.55
CA VAL A 400 14.24 -29.59 -12.19
C VAL A 400 13.15 -28.54 -12.20
N VAL A 401 13.36 -27.45 -12.93
CA VAL A 401 12.38 -26.38 -13.06
C VAL A 401 11.11 -26.95 -13.66
N LEU A 402 11.27 -27.87 -14.60
CA LEU A 402 10.14 -28.53 -15.25
C LEU A 402 9.42 -29.46 -14.28
N PHE A 403 10.20 -30.13 -13.45
CA PHE A 403 9.65 -31.04 -12.47
C PHE A 403 8.91 -30.29 -11.38
N GLU A 404 9.45 -29.16 -10.96
CA GLU A 404 8.82 -28.39 -9.92
C GLU A 404 7.56 -27.70 -10.40
N THR A 405 7.55 -27.25 -11.66
CA THR A 405 6.37 -26.64 -12.24
C THR A 405 5.26 -27.68 -12.37
N ALA A 406 5.67 -28.90 -12.70
CA ALA A 406 4.75 -30.00 -12.81
C ALA A 406 4.30 -30.41 -11.42
N THR A 407 5.12 -30.15 -10.40
CA THR A 407 4.72 -30.45 -9.03
C THR A 407 3.52 -29.59 -8.64
N LEU A 408 3.53 -28.32 -9.02
CA LEU A 408 2.41 -27.39 -8.78
C LEU A 408 1.24 -27.75 -9.67
N ARG A 409 1.49 -28.05 -10.93
CA ARG A 409 0.40 -28.38 -11.81
C ARG A 409 -0.30 -29.67 -11.41
N SER A 410 0.40 -30.57 -10.73
CA SER A 410 -0.22 -31.82 -10.31
C SER A 410 -1.01 -31.66 -9.05
N GLY A 411 -1.00 -30.48 -8.47
CA GLY A 411 -1.76 -30.24 -7.28
C GLY A 411 -1.01 -30.55 -6.01
N TYR A 412 0.29 -30.74 -6.10
CA TYR A 412 1.11 -31.03 -4.93
C TYR A 412 1.75 -29.79 -4.36
N LEU A 413 2.12 -29.85 -3.08
CA LEU A 413 2.75 -28.73 -2.41
C LEU A 413 4.19 -28.65 -2.77
N LEU A 414 4.65 -27.43 -2.97
CA LEU A 414 6.02 -27.22 -3.30
C LEU A 414 6.82 -27.13 -1.98
N PRO A 415 7.83 -28.03 -1.81
CA PRO A 415 8.69 -28.17 -0.62
C PRO A 415 9.44 -26.92 -0.17
N ASP A 416 10.11 -26.25 -1.12
CA ASP A 416 10.91 -25.07 -0.81
C ASP A 416 10.70 -23.98 -1.90
N THR A 417 9.72 -23.10 -1.68
CA THR A 417 9.41 -22.05 -2.65
C THR A 417 10.55 -21.05 -2.80
N LYS A 418 11.38 -20.91 -1.78
CA LYS A 418 12.55 -20.04 -1.81
C LYS A 418 13.52 -20.52 -2.89
N ALA A 419 13.72 -21.84 -2.94
CA ALA A 419 14.63 -22.45 -3.89
C ALA A 419 14.05 -22.34 -5.28
N TYR A 420 12.76 -22.64 -5.39
CA TYR A 420 12.08 -22.61 -6.66
C TYR A 420 12.12 -21.24 -7.31
N GLY A 421 11.84 -20.21 -6.53
CA GLY A 421 11.87 -18.85 -7.05
C GLY A 421 13.24 -18.50 -7.60
N ASP A 422 14.26 -18.96 -6.87
CA ASP A 422 15.64 -18.72 -7.25
C ASP A 422 15.98 -19.43 -8.56
N ARG A 423 15.43 -20.61 -8.78
CA ARG A 423 15.70 -21.31 -10.02
C ARG A 423 15.05 -20.63 -11.20
N ILE A 424 13.87 -20.07 -10.98
CA ILE A 424 13.20 -19.34 -12.04
C ILE A 424 14.02 -18.07 -12.32
N GLU A 425 14.40 -17.39 -11.26
CA GLU A 425 15.19 -16.19 -11.37
C GLU A 425 16.45 -16.47 -12.19
N ARG A 426 17.11 -17.59 -11.91
CA ARG A 426 18.37 -17.95 -12.58
C ARG A 426 18.12 -18.07 -14.07
N MET A 427 16.98 -18.63 -14.40
CA MET A 427 16.63 -18.87 -15.78
C MET A 427 16.09 -17.60 -16.44
N LEU A 428 15.39 -16.80 -15.66
CA LEU A 428 14.88 -15.54 -16.18
C LEU A 428 16.01 -14.64 -16.64
N ARG A 429 17.08 -14.61 -15.86
CA ARG A 429 18.21 -13.77 -16.14
C ARG A 429 19.01 -14.26 -17.35
N LEU A 430 18.76 -15.50 -17.80
CA LEU A 430 19.40 -16.01 -19.00
C LEU A 430 18.68 -15.40 -20.18
N SER A 431 17.36 -15.24 -20.04
CA SER A 431 16.51 -14.63 -21.07
C SER A 431 16.62 -13.10 -21.09
N LEU A 432 17.72 -12.59 -20.56
CA LEU A 432 18.01 -11.15 -20.56
C LEU A 432 19.51 -11.00 -20.87
N ASN A 433 20.32 -11.71 -20.08
CA ASN A 433 21.79 -11.79 -20.17
C ASN A 433 22.42 -11.86 -18.78
N ILE A 434 21.98 -10.98 -17.88
CA ILE A 434 22.46 -10.86 -16.48
C ILE A 434 23.11 -12.10 -15.86
N ASP A 435 24.43 -12.04 -15.72
CA ASP A 435 25.30 -13.10 -15.14
C ASP A 435 24.64 -13.78 -13.94
N PRO A 436 24.11 -15.01 -14.14
CA PRO A 436 23.41 -15.77 -13.09
C PRO A 436 24.12 -15.76 -11.72
N ASP A 437 25.13 -16.60 -11.53
CA ASP A 437 25.83 -16.68 -10.26
C ASP A 437 26.52 -15.38 -9.88
N ALA A 438 27.38 -14.89 -10.77
CA ALA A 438 28.18 -13.67 -10.53
C ALA A 438 27.52 -12.29 -10.73
N LYS A 439 26.21 -12.17 -10.41
CA LYS A 439 25.48 -10.88 -10.45
C LYS A 439 24.48 -10.76 -9.33
N VAL A 440 23.79 -11.86 -9.04
CA VAL A 440 22.81 -11.89 -7.95
C VAL A 440 23.54 -11.61 -6.64
N GLU A 441 24.86 -11.53 -6.72
CA GLU A 441 25.65 -11.19 -5.58
C GLU A 441 25.85 -9.69 -5.65
N GLU A 442 26.44 -9.22 -6.75
CA GLU A 442 26.87 -7.81 -6.97
C GLU A 442 26.02 -6.61 -6.55
N GLU A 443 24.98 -6.28 -7.33
CA GLU A 443 24.11 -5.15 -7.02
C GLU A 443 23.28 -5.38 -5.75
N PRO A 444 22.79 -6.64 -5.54
CA PRO A 444 22.09 -6.95 -4.31
C PRO A 444 23.00 -6.86 -3.07
N GLU A 445 24.27 -6.49 -3.28
CA GLU A 445 25.21 -6.29 -2.19
C GLU A 445 25.96 -4.98 -2.43
N GLU A 446 25.27 -4.03 -3.05
CA GLU A 446 25.83 -2.68 -3.23
C GLU A 446 25.15 -1.79 -2.19
N GLU A 447 24.35 -2.44 -1.35
CA GLU A 447 23.61 -1.83 -0.27
C GLU A 447 24.44 -1.24 0.88
N PRO A 448 25.65 -1.79 1.18
CA PRO A 448 26.48 -1.18 2.24
C PRO A 448 26.70 0.33 2.10
N GLU A 449 26.36 0.86 0.94
CA GLU A 449 26.46 2.30 0.68
C GLU A 449 25.31 3.04 1.38
N GLU A 450 24.13 2.42 1.36
CA GLU A 450 22.90 2.98 1.95
C GLU A 450 23.04 3.23 3.45
N LYS B 25 -72.98 46.97 -25.13
CA LYS B 25 -73.11 45.66 -24.46
C LYS B 25 -71.76 45.23 -23.88
N PRO B 26 -71.67 45.13 -22.54
CA PRO B 26 -70.42 44.76 -21.87
C PRO B 26 -69.88 43.43 -22.39
N ILE B 27 -68.55 43.31 -22.40
CA ILE B 27 -67.86 42.10 -22.88
C ILE B 27 -68.36 40.81 -22.20
N TRP B 28 -68.65 40.90 -20.90
CA TRP B 28 -69.10 39.74 -20.12
C TRP B 28 -70.58 39.35 -20.28
N GLN B 29 -71.38 40.20 -20.92
CA GLN B 29 -72.81 39.92 -21.08
C GLN B 29 -73.18 39.21 -22.38
N ARG B 30 -72.24 39.19 -23.33
CA ARG B 30 -72.42 38.53 -24.62
C ARG B 30 -72.16 37.04 -24.45
N PRO B 31 -72.73 36.20 -25.35
CA PRO B 31 -72.50 34.75 -25.30
C PRO B 31 -71.02 34.38 -25.43
N SER B 32 -70.63 33.29 -24.78
CA SER B 32 -69.24 32.81 -24.78
C SER B 32 -68.67 32.55 -26.17
N LYS B 33 -69.49 31.96 -27.03
CA LYS B 33 -69.10 31.59 -28.38
C LYS B 33 -69.04 32.75 -29.38
N GLU B 34 -69.60 33.91 -29.01
CA GLU B 34 -69.63 35.07 -29.91
C GLU B 34 -68.49 36.07 -29.73
N VAL B 35 -67.72 35.93 -28.66
CA VAL B 35 -66.63 36.88 -28.40
C VAL B 35 -65.31 36.40 -29.01
N GLU B 36 -64.64 37.32 -29.71
CA GLU B 36 -63.35 37.07 -30.34
C GLU B 36 -62.24 36.86 -29.31
N ASP B 37 -61.25 36.05 -29.67
CA ASP B 37 -60.10 35.79 -28.81
C ASP B 37 -59.30 37.07 -28.56
N ASP B 38 -59.26 37.93 -29.57
CA ASP B 38 -58.55 39.20 -29.51
C ASP B 38 -59.19 40.18 -28.54
N GLU B 39 -60.53 40.25 -28.54
CA GLU B 39 -61.28 41.16 -27.68
C GLU B 39 -61.12 40.86 -26.18
N TYR B 40 -60.95 39.59 -25.82
CA TYR B 40 -60.70 39.21 -24.44
C TYR B 40 -59.33 39.71 -24.04
N LYS B 41 -58.35 39.49 -24.91
CA LYS B 41 -56.96 39.93 -24.70
C LYS B 41 -56.84 41.45 -24.60
N ALA B 42 -57.71 42.16 -25.31
CA ALA B 42 -57.74 43.62 -25.28
C ALA B 42 -58.40 44.10 -24.00
N PHE B 43 -59.42 43.35 -23.54
CA PHE B 43 -60.17 43.66 -22.32
C PHE B 43 -59.32 43.56 -21.06
N TYR B 44 -58.42 42.58 -21.03
CA TYR B 44 -57.53 42.36 -19.90
C TYR B 44 -56.60 43.55 -19.64
N LYS B 45 -56.06 44.11 -20.72
CA LYS B 45 -55.13 45.23 -20.63
C LYS B 45 -55.79 46.55 -20.23
N SER B 46 -57.11 46.65 -20.44
CA SER B 46 -57.87 47.87 -20.16
C SER B 46 -57.90 48.29 -18.69
N PHE B 47 -57.86 47.33 -17.77
CA PHE B 47 -57.88 47.65 -16.33
C PHE B 47 -56.60 47.31 -15.56
N SER B 48 -55.51 47.11 -16.28
CA SER B 48 -54.23 46.77 -15.64
C SER B 48 -52.97 47.28 -16.36
N LYS B 49 -53.15 47.91 -17.53
CA LYS B 49 -52.05 48.41 -18.37
C LYS B 49 -51.03 47.31 -18.67
N GLU B 50 -49.72 47.59 -18.51
CA GLU B 50 -48.62 46.63 -18.74
C GLU B 50 -48.38 46.25 -20.21
N SER B 51 -49.41 46.44 -21.04
CA SER B 51 -49.41 46.17 -22.49
C SER B 51 -49.03 44.74 -22.94
N ASP B 52 -49.35 43.74 -22.12
CA ASP B 52 -49.06 42.34 -22.46
C ASP B 52 -50.19 41.35 -22.13
N ASP B 53 -50.25 40.26 -22.90
CA ASP B 53 -51.29 39.23 -22.79
C ASP B 53 -51.39 38.47 -21.47
N PRO B 54 -52.61 38.02 -21.11
CA PRO B 54 -52.79 37.18 -19.92
C PRO B 54 -52.41 35.73 -20.25
N MET B 55 -52.23 34.90 -19.25
CA MET B 55 -51.85 33.50 -19.48
C MET B 55 -53.05 32.68 -19.95
N ALA B 56 -54.23 32.99 -19.42
CA ALA B 56 -55.47 32.31 -19.78
C ALA B 56 -56.68 33.06 -19.26
N TYR B 57 -57.86 32.58 -19.65
CA TYR B 57 -59.12 33.19 -19.25
C TYR B 57 -60.29 32.26 -19.53
N ILE B 58 -61.37 32.44 -18.79
CA ILE B 58 -62.61 31.71 -19.04
C ILE B 58 -63.79 32.65 -18.87
N HIS B 59 -64.72 32.56 -19.81
CA HIS B 59 -65.93 33.36 -19.75
C HIS B 59 -67.08 32.40 -19.47
N PHE B 60 -67.74 32.58 -18.34
CA PHE B 60 -68.82 31.69 -17.97
C PHE B 60 -70.00 32.43 -17.37
N THR B 61 -71.15 31.77 -17.45
CA THR B 61 -72.39 32.26 -16.86
C THR B 61 -72.85 31.21 -15.86
N ALA B 62 -73.27 31.66 -14.68
CA ALA B 62 -73.68 30.74 -13.62
C ALA B 62 -75.18 30.55 -13.50
N GLU B 63 -75.58 29.31 -13.28
CA GLU B 63 -76.99 28.94 -13.13
C GLU B 63 -77.22 28.29 -11.78
N GLY B 64 -78.49 28.25 -11.36
CA GLY B 64 -78.88 27.61 -10.11
C GLY B 64 -79.40 28.53 -9.02
N GLU B 65 -78.73 28.46 -7.86
CA GLU B 65 -79.09 29.24 -6.68
C GLU B 65 -78.82 30.74 -6.90
N VAL B 66 -77.63 31.05 -7.40
CA VAL B 66 -77.23 32.43 -7.71
C VAL B 66 -76.86 32.52 -9.18
N THR B 67 -77.43 33.49 -9.88
CA THR B 67 -77.12 33.70 -11.29
C THR B 67 -76.21 34.91 -11.42
N PHE B 68 -75.22 34.80 -12.32
CA PHE B 68 -74.28 35.88 -12.60
C PHE B 68 -73.38 35.51 -13.78
N LYS B 69 -72.87 36.52 -14.48
CA LYS B 69 -71.93 36.30 -15.57
C LYS B 69 -70.55 36.76 -15.12
N SER B 70 -69.50 36.14 -15.65
CA SER B 70 -68.15 36.50 -15.24
C SER B 70 -67.07 36.16 -16.25
N ILE B 71 -65.95 36.87 -16.14
CA ILE B 71 -64.74 36.61 -16.92
C ILE B 71 -63.59 36.68 -15.94
N LEU B 72 -62.85 35.58 -15.80
CA LEU B 72 -61.72 35.53 -14.88
C LEU B 72 -60.42 35.34 -15.64
N PHE B 73 -59.38 36.04 -15.22
CA PHE B 73 -58.07 36.00 -15.89
C PHE B 73 -56.93 35.49 -15.03
N VAL B 74 -55.91 34.98 -15.72
CA VAL B 74 -54.68 34.54 -15.08
C VAL B 74 -53.58 35.35 -15.74
N PRO B 75 -52.96 36.28 -14.99
CA PRO B 75 -51.87 37.09 -15.51
C PRO B 75 -50.63 36.26 -15.75
N THR B 76 -49.57 36.87 -16.25
CA THR B 76 -48.33 36.13 -16.48
C THR B 76 -47.29 36.39 -15.38
N SER B 77 -47.61 37.29 -14.44
CA SER B 77 -46.72 37.66 -13.33
C SER B 77 -47.45 38.11 -12.05
N ALA B 78 -46.91 37.72 -10.90
CA ALA B 78 -47.50 38.09 -9.62
C ALA B 78 -47.25 39.56 -9.25
N PRO B 79 -45.97 39.96 -9.29
CA PRO B 79 -45.51 41.34 -8.97
C PRO B 79 -45.69 41.73 -7.50
N TYR B 93 -58.05 42.73 -6.79
CA TYR B 93 -58.41 43.37 -8.06
C TYR B 93 -59.51 42.69 -8.86
N ILE B 94 -60.71 42.65 -8.30
CA ILE B 94 -61.87 42.07 -8.97
C ILE B 94 -63.04 43.05 -8.99
N LYS B 95 -63.47 43.39 -10.21
CA LYS B 95 -64.54 44.35 -10.45
C LYS B 95 -65.91 43.71 -10.12
N LEU B 96 -66.66 44.35 -9.22
CA LEU B 96 -67.98 43.89 -8.83
C LEU B 96 -69.07 44.74 -9.45
N TYR B 97 -70.05 44.09 -10.07
CA TYR B 97 -71.19 44.76 -10.71
C TYR B 97 -72.51 44.14 -10.25
N VAL B 98 -73.40 44.96 -9.69
CA VAL B 98 -74.71 44.48 -9.24
C VAL B 98 -75.80 45.01 -10.18
N ARG B 99 -76.45 44.07 -10.87
CA ARG B 99 -77.47 44.39 -11.89
C ARG B 99 -76.90 45.36 -12.91
N ARG B 100 -75.67 45.09 -13.33
CA ARG B 100 -74.94 45.88 -14.32
C ARG B 100 -74.50 47.29 -13.87
N VAL B 101 -74.42 47.54 -12.57
CA VAL B 101 -73.99 48.86 -12.07
C VAL B 101 -72.68 48.71 -11.31
N PHE B 102 -71.66 49.49 -11.70
CA PHE B 102 -70.34 49.44 -11.05
C PHE B 102 -70.43 49.78 -9.56
N ILE B 103 -70.01 48.84 -8.72
CA ILE B 103 -70.06 49.03 -7.28
C ILE B 103 -68.71 49.38 -6.69
N THR B 104 -67.70 48.55 -6.94
CA THR B 104 -66.34 48.75 -6.41
C THR B 104 -65.37 47.69 -6.96
N ASP B 105 -64.23 47.54 -6.31
CA ASP B 105 -63.18 46.54 -6.64
C ASP B 105 -62.22 46.35 -5.46
N ASP B 106 -62.58 46.99 -4.34
CA ASP B 106 -61.83 46.96 -3.08
C ASP B 106 -62.10 45.71 -2.25
N PHE B 107 -63.16 44.98 -2.62
CA PHE B 107 -63.54 43.75 -1.95
C PHE B 107 -62.40 42.76 -2.10
N HIS B 108 -61.60 42.67 -1.05
CA HIS B 108 -60.46 41.75 -1.07
C HIS B 108 -60.82 40.32 -0.65
N ASP B 109 -62.02 40.15 -0.09
CA ASP B 109 -62.50 38.82 0.31
C ASP B 109 -63.32 38.14 -0.81
N MET B 110 -63.09 38.55 -2.04
CA MET B 110 -63.75 37.96 -3.21
C MET B 110 -63.15 36.61 -3.54
N MET B 111 -61.83 36.59 -3.58
CA MET B 111 -61.09 35.38 -3.84
C MET B 111 -60.43 35.00 -2.53
N PRO B 112 -60.21 33.70 -2.31
CA PRO B 112 -59.51 33.27 -1.11
C PRO B 112 -58.05 33.70 -1.17
N LYS B 113 -57.41 33.75 -0.01
CA LYS B 113 -56.02 34.15 0.12
C LYS B 113 -55.14 33.77 -1.08
N TYR B 114 -55.06 32.48 -1.38
CA TYR B 114 -54.18 31.97 -2.45
C TYR B 114 -54.58 32.32 -3.89
N LEU B 115 -55.76 32.88 -4.09
CA LEU B 115 -56.19 33.25 -5.44
C LEU B 115 -56.30 34.75 -5.60
N ASN B 116 -55.49 35.47 -4.82
CA ASN B 116 -55.46 36.92 -4.85
C ASN B 116 -54.87 37.50 -6.14
N PHE B 117 -54.32 36.63 -6.98
CA PHE B 117 -53.69 37.07 -8.24
C PHE B 117 -54.70 37.11 -9.38
N VAL B 118 -55.82 36.43 -9.20
CA VAL B 118 -56.86 36.35 -10.20
C VAL B 118 -57.55 37.70 -10.37
N LYS B 119 -57.53 38.20 -11.60
CA LYS B 119 -58.17 39.47 -11.97
C LYS B 119 -59.41 39.21 -12.82
N GLY B 120 -60.40 40.09 -12.74
CA GLY B 120 -61.60 39.91 -13.56
C GLY B 120 -62.84 40.68 -13.15
N VAL B 121 -63.96 40.34 -13.79
CA VAL B 121 -65.26 40.97 -13.55
C VAL B 121 -66.34 39.99 -13.11
N VAL B 122 -67.23 40.45 -12.24
CA VAL B 122 -68.34 39.65 -11.75
C VAL B 122 -69.59 40.51 -11.81
N ASP B 123 -70.60 40.04 -12.55
CA ASP B 123 -71.84 40.80 -12.72
C ASP B 123 -73.06 40.05 -12.19
N SER B 124 -73.33 40.23 -10.89
CA SER B 124 -74.46 39.61 -10.23
C SER B 124 -75.76 40.35 -10.55
N ASP B 125 -76.89 39.71 -10.25
CA ASP B 125 -78.20 40.33 -10.42
C ASP B 125 -79.15 39.83 -9.33
N ASP B 126 -78.54 39.36 -8.23
CA ASP B 126 -79.26 38.82 -7.09
C ASP B 126 -78.99 39.62 -5.81
N LEU B 127 -77.75 40.11 -5.67
CA LEU B 127 -77.30 40.90 -4.52
C LEU B 127 -78.13 42.17 -4.27
N PRO B 128 -78.24 42.60 -2.99
CA PRO B 128 -78.98 43.82 -2.67
C PRO B 128 -78.25 45.08 -3.16
N LEU B 129 -78.84 45.72 -4.17
CA LEU B 129 -78.29 46.92 -4.78
C LEU B 129 -78.33 48.14 -3.84
N ASN B 130 -79.49 48.36 -3.24
CA ASN B 130 -79.72 49.50 -2.37
C ASN B 130 -79.36 49.26 -0.91
N VAL B 131 -78.10 48.90 -0.66
CA VAL B 131 -77.62 48.64 0.71
C VAL B 131 -76.22 49.22 0.91
N SER B 132 -75.63 48.95 2.07
CA SER B 132 -74.28 49.43 2.39
C SER B 132 -73.20 48.44 1.92
N ARG B 133 -71.94 48.86 1.99
CA ARG B 133 -70.78 48.02 1.65
C ARG B 133 -70.38 47.03 2.75
N GLU B 134 -70.80 47.33 3.97
CA GLU B 134 -70.55 46.46 5.12
C GLU B 134 -71.57 45.32 5.10
N THR B 135 -72.83 45.68 4.80
CA THR B 135 -73.96 44.76 4.67
C THR B 135 -73.73 43.77 3.53
N LEU B 136 -73.40 44.32 2.36
CA LEU B 136 -73.16 43.56 1.12
C LEU B 136 -71.99 42.57 1.19
N GLN B 137 -70.94 42.93 1.94
CA GLN B 137 -69.77 42.06 2.08
C GLN B 137 -70.06 40.89 3.03
N GLN B 138 -71.04 41.09 3.91
CA GLN B 138 -71.46 40.08 4.90
C GLN B 138 -72.79 39.39 4.58
N HIS B 139 -73.19 39.38 3.31
CA HIS B 139 -74.46 38.77 2.90
C HIS B 139 -74.39 37.25 2.75
N LYS B 140 -75.55 36.60 2.78
CA LYS B 140 -75.68 35.14 2.67
C LYS B 140 -75.16 34.60 1.32
N LEU B 141 -75.55 35.28 0.25
CA LEU B 141 -75.15 34.89 -1.11
C LEU B 141 -73.69 35.17 -1.47
N LEU B 142 -73.00 35.96 -0.64
CA LEU B 142 -71.61 36.33 -0.89
C LEU B 142 -70.69 35.12 -0.79
N LYS B 143 -70.85 34.34 0.28
CA LYS B 143 -70.02 33.16 0.50
C LYS B 143 -70.26 32.13 -0.61
N VAL B 144 -71.48 32.13 -1.15
CA VAL B 144 -71.89 31.22 -2.22
C VAL B 144 -71.16 31.54 -3.53
N ILE B 145 -71.21 32.79 -3.96
CA ILE B 145 -70.54 33.25 -5.18
C ILE B 145 -69.03 33.01 -5.11
N ARG B 146 -68.47 33.23 -3.93
CA ARG B 146 -67.04 33.02 -3.71
C ARG B 146 -66.61 31.61 -4.10
N LYS B 147 -67.37 30.61 -3.66
CA LYS B 147 -67.04 29.21 -3.96
C LYS B 147 -67.15 28.86 -5.45
N LYS B 148 -68.17 29.40 -6.12
CA LYS B 148 -68.35 29.15 -7.55
C LYS B 148 -67.22 29.74 -8.38
N LEU B 149 -66.69 30.88 -7.96
CA LEU B 149 -65.59 31.52 -8.65
C LEU B 149 -64.32 30.68 -8.57
N VAL B 150 -64.06 30.13 -7.39
CA VAL B 150 -62.91 29.28 -7.16
C VAL B 150 -62.98 28.02 -8.03
N ARG B 151 -64.11 27.33 -7.97
CA ARG B 151 -64.32 26.10 -8.73
C ARG B 151 -64.18 26.29 -10.25
N LYS B 152 -64.39 27.51 -10.71
CA LYS B 152 -64.24 27.81 -12.13
C LYS B 152 -62.80 28.18 -12.43
N THR B 153 -62.19 28.95 -11.51
CA THR B 153 -60.80 29.36 -11.64
C THR B 153 -59.93 28.12 -11.82
N LEU B 154 -60.20 27.10 -11.02
CA LEU B 154 -59.47 25.85 -11.06
C LEU B 154 -59.73 25.04 -12.33
N ASP B 155 -60.90 25.22 -12.93
CA ASP B 155 -61.23 24.55 -14.18
C ASP B 155 -60.40 25.16 -15.30
N MET B 156 -60.24 26.49 -15.23
CA MET B 156 -59.46 27.23 -16.20
C MET B 156 -58.02 26.78 -16.14
N ILE B 157 -57.48 26.71 -14.93
CA ILE B 157 -56.10 26.27 -14.70
C ILE B 157 -55.89 24.82 -15.14
N LYS B 158 -56.90 23.97 -14.95
CA LYS B 158 -56.80 22.57 -15.34
C LYS B 158 -56.59 22.45 -16.85
N LYS B 159 -57.04 23.44 -17.60
CA LYS B 159 -56.95 23.44 -19.07
C LYS B 159 -55.79 24.23 -19.69
N ILE B 160 -54.76 24.54 -18.92
CA ILE B 160 -53.63 25.30 -19.47
C ILE B 160 -52.66 24.34 -20.17
N ALA B 161 -52.93 24.05 -21.45
CA ALA B 161 -52.09 23.15 -22.26
C ALA B 161 -51.43 22.02 -21.46
N ASP B 162 -50.11 21.89 -21.60
CA ASP B 162 -49.30 20.89 -20.89
C ASP B 162 -47.86 21.37 -20.78
N GLU B 163 -47.27 21.62 -21.94
CA GLU B 163 -45.90 22.12 -22.02
C GLU B 163 -45.86 23.53 -21.44
N LYS B 164 -46.94 24.26 -21.64
CA LYS B 164 -47.07 25.64 -21.15
C LYS B 164 -47.30 25.70 -19.62
N TYR B 165 -47.93 24.67 -19.05
CA TYR B 165 -48.23 24.65 -17.62
C TYR B 165 -46.97 24.64 -16.74
N ASN B 166 -46.10 23.67 -16.97
CA ASN B 166 -44.88 23.55 -16.19
C ASN B 166 -43.88 24.66 -16.46
N ASP B 167 -43.82 25.12 -17.70
CA ASP B 167 -42.88 26.16 -18.08
C ASP B 167 -43.31 27.56 -17.69
N THR B 168 -44.62 27.78 -17.58
CA THR B 168 -45.10 29.12 -17.26
C THR B 168 -45.85 29.19 -15.93
N PHE B 169 -47.08 28.67 -15.91
CA PHE B 169 -47.92 28.75 -14.72
C PHE B 169 -47.29 28.28 -13.43
N TRP B 170 -46.58 27.16 -13.47
CA TRP B 170 -46.02 26.63 -12.25
C TRP B 170 -44.92 27.49 -11.62
N LYS B 171 -43.94 27.92 -12.42
CA LYS B 171 -42.85 28.75 -11.87
C LYS B 171 -43.35 30.12 -11.38
N GLU B 172 -44.58 30.46 -11.73
CA GLU B 172 -45.20 31.72 -11.35
C GLU B 172 -46.12 31.61 -10.14
N PHE B 173 -47.10 30.72 -10.21
CA PHE B 173 -48.07 30.61 -9.13
C PHE B 173 -48.11 29.26 -8.44
N GLY B 174 -47.06 28.47 -8.63
CA GLY B 174 -46.98 27.15 -8.02
C GLY B 174 -47.13 27.19 -6.52
N THR B 175 -46.67 28.28 -5.91
CA THR B 175 -46.74 28.45 -4.47
C THR B 175 -48.20 28.56 -4.02
N ASN B 176 -48.99 29.25 -4.81
CA ASN B 176 -50.40 29.45 -4.51
C ASN B 176 -51.14 28.13 -4.51
N ILE B 177 -50.87 27.31 -5.52
CA ILE B 177 -51.49 26.01 -5.65
C ILE B 177 -51.21 25.26 -4.36
N LYS B 178 -49.96 25.37 -3.87
CA LYS B 178 -49.55 24.70 -2.64
C LYS B 178 -50.26 25.29 -1.40
N LEU B 179 -50.36 26.62 -1.35
CA LEU B 179 -51.09 27.27 -0.26
C LEU B 179 -52.53 26.83 -0.25
N GLY B 180 -53.09 26.65 -1.45
CA GLY B 180 -54.47 26.22 -1.63
C GLY B 180 -54.75 24.84 -1.05
N VAL B 181 -53.81 23.91 -1.23
CA VAL B 181 -53.95 22.56 -0.73
C VAL B 181 -54.16 22.61 0.79
N ILE B 182 -53.48 23.55 1.42
CA ILE B 182 -53.56 23.72 2.86
C ILE B 182 -54.86 24.38 3.29
N GLU B 183 -55.21 25.49 2.63
CA GLU B 183 -56.39 26.27 2.98
C GLU B 183 -57.72 25.75 2.43
N ASP B 184 -57.74 25.47 1.13
CA ASP B 184 -58.97 25.07 0.46
C ASP B 184 -59.25 23.56 0.50
N HIS B 185 -59.70 23.12 1.67
CA HIS B 185 -60.07 21.74 1.97
C HIS B 185 -61.00 21.08 0.94
N SER B 186 -61.97 21.82 0.42
CA SER B 186 -62.96 21.27 -0.51
C SER B 186 -62.47 21.04 -1.94
N ASN B 187 -61.46 21.79 -2.35
CA ASN B 187 -60.92 21.62 -3.69
C ASN B 187 -59.57 20.96 -3.63
N ARG B 188 -59.28 20.34 -2.49
CA ARG B 188 -57.99 19.73 -2.23
C ARG B 188 -57.57 18.70 -3.27
N THR B 189 -58.43 17.73 -3.55
CA THR B 189 -58.13 16.68 -4.53
C THR B 189 -58.00 17.24 -5.95
N ARG B 190 -58.71 18.34 -6.21
CA ARG B 190 -58.67 18.99 -7.52
C ARG B 190 -57.32 19.67 -7.67
N LEU B 191 -56.86 20.28 -6.58
CA LEU B 191 -55.58 20.98 -6.53
C LEU B 191 -54.39 20.03 -6.52
N ALA B 192 -54.57 18.87 -5.89
CA ALA B 192 -53.51 17.85 -5.78
C ALA B 192 -52.93 17.48 -7.13
N LYS B 193 -53.78 17.47 -8.16
CA LYS B 193 -53.37 17.15 -9.51
C LYS B 193 -52.54 18.26 -10.11
N LEU B 194 -52.78 19.49 -9.67
CA LEU B 194 -52.04 20.64 -10.16
C LEU B 194 -50.63 20.78 -9.58
N LEU B 195 -50.34 20.03 -8.52
CA LEU B 195 -49.03 20.05 -7.87
C LEU B 195 -47.94 19.51 -8.76
N ARG B 196 -46.78 20.17 -8.70
CA ARG B 196 -45.57 19.78 -9.44
C ARG B 196 -44.36 19.84 -8.51
N PHE B 197 -43.56 18.78 -8.50
CA PHE B 197 -42.38 18.76 -7.64
C PHE B 197 -41.16 18.19 -8.34
N GLN B 198 -40.01 18.29 -7.70
CA GLN B 198 -38.79 17.69 -8.21
C GLN B 198 -38.74 16.26 -7.68
N SER B 199 -38.12 15.37 -8.43
CA SER B 199 -38.02 13.99 -7.99
C SER B 199 -36.74 13.35 -8.46
N SER B 200 -36.43 12.20 -7.85
CA SER B 200 -35.23 11.43 -8.16
C SER B 200 -35.27 10.84 -9.57
N HIS B 201 -36.36 11.06 -10.28
CA HIS B 201 -36.50 10.55 -11.63
C HIS B 201 -35.61 11.33 -12.61
N HIS B 202 -35.39 12.60 -12.32
CA HIS B 202 -34.59 13.46 -13.19
C HIS B 202 -33.94 14.58 -12.38
N PRO B 203 -32.64 14.85 -12.62
CA PRO B 203 -31.85 15.88 -11.95
C PRO B 203 -32.50 17.26 -11.76
N SER B 204 -33.37 17.68 -12.68
CA SER B 204 -34.00 18.99 -12.57
C SER B 204 -35.51 19.05 -12.81
N ASP B 205 -35.97 18.45 -13.92
CA ASP B 205 -37.39 18.44 -14.33
C ASP B 205 -38.42 18.24 -13.22
N ILE B 206 -39.50 18.99 -13.29
CA ILE B 206 -40.57 18.84 -12.32
C ILE B 206 -41.52 17.74 -12.78
N THR B 207 -42.20 17.09 -11.83
CA THR B 207 -43.12 16.00 -12.14
C THR B 207 -44.47 16.19 -11.44
N SER B 208 -45.55 15.69 -12.04
CA SER B 208 -46.87 15.77 -11.43
C SER B 208 -47.04 14.56 -10.56
N LEU B 209 -48.02 14.61 -9.65
CA LEU B 209 -48.26 13.45 -8.81
C LEU B 209 -48.74 12.25 -9.62
N ASP B 210 -49.56 12.50 -10.63
CA ASP B 210 -50.06 11.45 -11.54
C ASP B 210 -48.92 10.70 -12.24
N GLN B 211 -47.87 11.45 -12.60
CA GLN B 211 -46.72 10.86 -13.28
C GLN B 211 -45.92 9.97 -12.35
N TYR B 212 -45.86 10.34 -11.07
CA TYR B 212 -45.15 9.55 -10.08
C TYR B 212 -45.85 8.21 -9.94
N VAL B 213 -47.16 8.26 -9.71
CA VAL B 213 -47.99 7.07 -9.56
C VAL B 213 -47.81 6.12 -10.74
N GLU B 214 -47.62 6.69 -11.92
CA GLU B 214 -47.43 5.93 -13.16
C GLU B 214 -46.11 5.15 -13.15
N ARG B 215 -45.06 5.72 -12.57
CA ARG B 215 -43.74 5.07 -12.53
C ARG B 215 -43.61 4.03 -11.41
N MET B 216 -44.44 4.14 -10.38
CA MET B 216 -44.40 3.28 -9.19
C MET B 216 -44.25 1.78 -9.45
N LYS B 217 -43.60 1.10 -8.52
CA LYS B 217 -43.41 -0.35 -8.59
C LYS B 217 -44.74 -1.04 -8.27
N GLU B 218 -44.80 -2.34 -8.56
CA GLU B 218 -46.03 -3.10 -8.36
C GLU B 218 -46.57 -3.15 -6.93
N LYS B 219 -45.74 -3.60 -6.00
CA LYS B 219 -46.19 -3.73 -4.62
C LYS B 219 -46.12 -2.40 -3.87
N GLN B 220 -45.42 -1.43 -4.44
CA GLN B 220 -45.29 -0.08 -3.85
C GLN B 220 -46.67 0.56 -3.74
N ASP B 221 -46.91 1.23 -2.62
CA ASP B 221 -48.20 1.87 -2.37
C ASP B 221 -48.02 3.16 -1.59
N LYS B 222 -46.77 3.62 -1.54
CA LYS B 222 -46.43 4.83 -0.82
C LYS B 222 -45.74 5.81 -1.75
N ILE B 223 -46.03 7.10 -1.57
CA ILE B 223 -45.38 8.13 -2.36
C ILE B 223 -44.27 8.68 -1.48
N TYR B 224 -43.04 8.20 -1.73
CA TYR B 224 -41.87 8.56 -0.94
C TYR B 224 -41.34 9.97 -1.21
N PHE B 225 -41.17 10.76 -0.16
CA PHE B 225 -40.65 12.11 -0.34
C PHE B 225 -39.66 12.50 0.73
N MET B 226 -38.80 13.46 0.38
CA MET B 226 -37.77 13.98 1.27
C MET B 226 -37.84 15.50 1.31
N ALA B 227 -37.90 16.05 2.51
CA ALA B 227 -37.96 17.51 2.67
C ALA B 227 -36.62 18.08 3.08
N GLY B 228 -36.25 19.23 2.51
CA GLY B 228 -34.98 19.89 2.82
C GLY B 228 -34.93 21.36 2.47
N SER B 229 -33.72 21.90 2.45
CA SER B 229 -33.49 23.32 2.18
C SER B 229 -33.15 23.57 0.72
N SER B 230 -32.66 22.54 0.05
CA SER B 230 -32.28 22.60 -1.35
C SER B 230 -32.34 21.19 -1.89
N ARG B 231 -32.32 21.06 -3.21
CA ARG B 231 -32.37 19.74 -3.80
C ARG B 231 -31.11 18.98 -3.39
N LYS B 232 -29.96 19.63 -3.55
CA LYS B 232 -28.67 19.04 -3.21
C LYS B 232 -28.64 18.46 -1.79
N GLU B 233 -29.29 19.14 -0.84
CA GLU B 233 -29.34 18.64 0.53
C GLU B 233 -30.18 17.38 0.61
N ALA B 234 -31.37 17.47 0.04
CA ALA B 234 -32.34 16.37 0.06
C ALA B 234 -31.84 15.08 -0.60
N GLU B 235 -31.18 15.20 -1.75
CA GLU B 235 -30.67 14.04 -2.48
C GLU B 235 -29.46 13.43 -1.79
N SER B 236 -28.66 14.26 -1.12
CA SER B 236 -27.48 13.81 -0.41
C SER B 236 -27.83 13.07 0.88
N SER B 237 -29.00 13.41 1.43
CA SER B 237 -29.51 12.82 2.66
C SER B 237 -29.38 11.30 2.74
N PRO B 238 -29.11 10.77 3.95
CA PRO B 238 -28.98 9.33 4.15
C PRO B 238 -30.26 8.55 3.94
N PHE B 239 -31.40 9.15 4.27
CA PHE B 239 -32.70 8.47 4.21
C PHE B 239 -33.13 7.89 2.86
N VAL B 240 -32.68 8.46 1.76
CA VAL B 240 -33.07 8.00 0.43
C VAL B 240 -32.20 6.89 -0.16
N GLU B 241 -31.03 6.68 0.44
CA GLU B 241 -30.03 5.71 -0.03
C GLU B 241 -30.53 4.38 -0.58
N ARG B 242 -31.18 3.59 0.26
CA ARG B 242 -31.64 2.26 -0.19
C ARG B 242 -32.80 2.35 -1.17
N LEU B 243 -33.81 3.15 -0.84
CA LEU B 243 -34.96 3.34 -1.72
C LEU B 243 -34.50 3.58 -3.15
N LEU B 244 -33.49 4.44 -3.31
CA LEU B 244 -32.95 4.73 -4.63
C LEU B 244 -32.28 3.51 -5.25
N LYS B 245 -31.38 2.90 -4.48
CA LYS B 245 -30.66 1.71 -4.96
C LYS B 245 -31.63 0.59 -5.33
N LYS B 246 -32.71 0.48 -4.58
CA LYS B 246 -33.70 -0.56 -4.78
C LYS B 246 -34.53 -0.27 -6.03
N GLY B 247 -34.50 0.98 -6.48
CA GLY B 247 -35.22 1.38 -7.68
C GLY B 247 -36.47 2.23 -7.49
N TYR B 248 -36.71 2.68 -6.25
CA TYR B 248 -37.88 3.52 -5.95
C TYR B 248 -37.63 4.97 -6.32
N GLU B 249 -38.72 5.73 -6.44
CA GLU B 249 -38.64 7.14 -6.79
C GLU B 249 -38.96 8.00 -5.56
N VAL B 250 -38.18 9.06 -5.35
CA VAL B 250 -38.40 9.95 -4.22
C VAL B 250 -38.62 11.38 -4.68
N ILE B 251 -39.65 12.00 -4.12
CA ILE B 251 -39.97 13.40 -4.41
C ILE B 251 -39.12 14.28 -3.49
N TYR B 252 -38.50 15.31 -4.05
CA TYR B 252 -37.71 16.23 -3.24
C TYR B 252 -38.47 17.52 -3.00
N LEU B 253 -38.67 17.84 -1.72
CA LEU B 253 -39.34 19.07 -1.34
C LEU B 253 -38.30 20.07 -0.90
N THR B 254 -38.13 21.12 -1.70
CA THR B 254 -37.11 22.11 -1.43
C THR B 254 -37.68 23.44 -0.94
N GLU B 255 -39.01 23.55 -0.92
CA GLU B 255 -39.62 24.80 -0.50
C GLU B 255 -40.04 24.72 0.97
N PRO B 256 -40.11 25.88 1.64
CA PRO B 256 -40.52 25.94 3.03
C PRO B 256 -41.95 25.50 3.25
N VAL B 257 -42.83 25.82 2.31
CA VAL B 257 -44.24 25.49 2.42
C VAL B 257 -44.53 24.03 2.02
N ASP B 258 -43.66 23.46 1.20
CA ASP B 258 -43.80 22.09 0.67
C ASP B 258 -44.20 20.98 1.62
N GLU B 259 -43.56 20.90 2.79
CA GLU B 259 -43.88 19.82 3.71
C GLU B 259 -45.25 20.00 4.35
N TYR B 260 -45.66 21.24 4.57
CA TYR B 260 -46.99 21.52 5.13
C TYR B 260 -48.07 21.12 4.14
N CYS B 261 -47.76 21.38 2.87
CA CYS B 261 -48.63 21.08 1.75
C CYS B 261 -48.91 19.59 1.69
N ILE B 262 -47.86 18.80 1.44
CA ILE B 262 -47.93 17.35 1.39
C ILE B 262 -48.54 16.77 2.67
N GLN B 263 -48.32 17.46 3.79
CA GLN B 263 -48.84 17.03 5.07
C GLN B 263 -50.36 17.16 5.14
N ALA B 264 -50.89 18.21 4.52
CA ALA B 264 -52.34 18.43 4.52
C ALA B 264 -53.06 17.60 3.47
N LEU B 265 -52.31 16.77 2.74
CA LEU B 265 -52.85 15.91 1.70
C LEU B 265 -52.76 14.47 2.21
N PRO B 266 -53.91 13.91 2.66
CA PRO B 266 -53.96 12.55 3.24
C PRO B 266 -53.60 11.44 2.25
N GLU B 267 -54.36 11.34 1.17
CA GLU B 267 -54.10 10.33 0.16
C GLU B 267 -54.05 10.97 -1.21
N PHE B 268 -53.58 10.21 -2.19
CA PHE B 268 -53.59 10.65 -3.58
C PHE B 268 -53.73 9.43 -4.44
N ASP B 269 -54.85 9.36 -5.16
CA ASP B 269 -55.16 8.24 -6.04
C ASP B 269 -54.97 6.93 -5.28
N GLY B 270 -55.51 6.91 -4.06
CA GLY B 270 -55.44 5.75 -3.18
C GLY B 270 -54.07 5.35 -2.67
N LYS B 271 -53.11 6.27 -2.75
CA LYS B 271 -51.76 6.00 -2.26
C LYS B 271 -51.49 6.99 -1.14
N ARG B 272 -50.93 6.51 -0.03
CA ARG B 272 -50.60 7.38 1.09
C ARG B 272 -49.16 7.91 0.96
N PHE B 273 -48.88 9.07 1.54
CA PHE B 273 -47.55 9.65 1.49
C PHE B 273 -46.65 9.08 2.58
N GLN B 274 -45.34 9.14 2.37
CA GLN B 274 -44.36 8.65 3.35
C GLN B 274 -43.07 9.45 3.33
N ASN B 275 -42.78 10.09 4.46
CA ASN B 275 -41.58 10.90 4.63
C ASN B 275 -40.42 9.97 4.95
N VAL B 276 -39.49 9.85 4.02
CA VAL B 276 -38.34 8.95 4.19
C VAL B 276 -37.54 9.18 5.48
N ALA B 277 -37.70 10.35 6.08
CA ALA B 277 -37.00 10.70 7.31
C ALA B 277 -37.78 10.33 8.56
N LYS B 278 -38.94 9.72 8.36
CA LYS B 278 -39.79 9.28 9.48
C LYS B 278 -40.03 7.76 9.39
N GLU B 279 -40.47 7.17 10.51
CA GLU B 279 -40.76 5.75 10.56
C GLU B 279 -41.95 5.41 9.66
N GLY B 280 -41.76 4.40 8.81
CA GLY B 280 -42.81 3.96 7.90
C GLY B 280 -42.36 3.22 6.66
N VAL B 281 -41.04 3.20 6.41
CA VAL B 281 -40.50 2.51 5.23
C VAL B 281 -40.53 0.98 5.34
N LYS B 282 -41.06 0.35 4.31
CA LYS B 282 -41.18 -1.10 4.27
C LYS B 282 -40.54 -1.62 3.00
N PHE B 283 -40.17 -2.89 3.02
CA PHE B 283 -39.60 -3.59 1.88
C PHE B 283 -40.20 -4.98 1.97
N ASP B 284 -41.23 -5.24 1.17
CA ASP B 284 -41.97 -6.53 1.24
C ASP B 284 -41.16 -7.84 1.18
N GLU B 285 -40.22 -7.94 0.24
CA GLU B 285 -39.31 -9.09 0.11
C GLU B 285 -39.95 -10.48 0.02
N SER B 286 -39.33 -11.45 0.70
CA SER B 286 -39.83 -12.83 0.74
C SER B 286 -39.68 -13.40 2.14
N GLU B 287 -39.76 -14.72 2.25
CA GLU B 287 -39.64 -15.39 3.55
C GLU B 287 -38.18 -15.53 3.95
N LYS B 288 -37.35 -16.02 3.04
CA LYS B 288 -35.91 -16.19 3.29
C LYS B 288 -35.20 -14.86 3.52
N THR B 289 -35.74 -13.79 2.97
CA THR B 289 -35.18 -12.46 3.17
C THR B 289 -35.52 -11.99 4.58
N LYS B 290 -36.77 -12.22 4.98
CA LYS B 290 -37.26 -11.88 6.31
C LYS B 290 -36.47 -12.65 7.38
N GLU B 291 -36.23 -13.93 7.12
CA GLU B 291 -35.46 -14.80 8.03
C GLU B 291 -34.09 -14.22 8.34
N SER B 292 -33.43 -13.67 7.32
CA SER B 292 -32.10 -13.09 7.45
C SER B 292 -32.08 -11.82 8.29
N ARG B 293 -32.94 -10.87 7.94
CA ARG B 293 -33.07 -9.58 8.62
C ARG B 293 -33.42 -9.75 10.10
N GLU B 294 -34.41 -10.60 10.37
CA GLU B 294 -34.83 -10.90 11.74
C GLU B 294 -33.70 -11.50 12.54
N ALA B 295 -32.87 -12.31 11.88
CA ALA B 295 -31.71 -12.95 12.50
C ALA B 295 -30.56 -11.96 12.77
N ILE B 296 -30.51 -10.90 11.97
CA ILE B 296 -29.50 -9.85 12.13
C ILE B 296 -29.85 -8.97 13.35
N GLU B 297 -31.14 -8.73 13.54
CA GLU B 297 -31.64 -7.94 14.67
C GLU B 297 -31.39 -8.62 16.02
N LYS B 298 -31.41 -9.96 16.03
CA LYS B 298 -31.08 -10.75 17.22
C LYS B 298 -29.60 -10.58 17.55
N GLU B 299 -28.77 -10.58 16.50
CA GLU B 299 -27.33 -10.46 16.64
C GLU B 299 -26.90 -9.11 17.21
N PHE B 300 -27.45 -8.02 16.66
CA PHE B 300 -27.10 -6.68 17.11
C PHE B 300 -27.81 -6.23 18.38
N GLU B 301 -28.72 -7.04 18.89
CA GLU B 301 -29.51 -6.69 20.07
C GLU B 301 -28.73 -6.17 21.31
N PRO B 302 -27.58 -6.80 21.67
CA PRO B 302 -26.82 -6.25 22.81
C PRO B 302 -26.19 -4.88 22.53
N LEU B 303 -25.90 -4.59 21.26
CA LEU B 303 -25.33 -3.30 20.86
C LEU B 303 -26.41 -2.22 20.88
N LEU B 304 -27.62 -2.59 20.46
CA LEU B 304 -28.77 -1.69 20.44
C LEU B 304 -29.20 -1.32 21.85
N ASN B 305 -29.09 -2.28 22.77
CA ASN B 305 -29.41 -2.05 24.18
C ASN B 305 -28.33 -1.24 24.87
N TRP B 306 -27.11 -1.36 24.34
CA TRP B 306 -25.96 -0.63 24.87
C TRP B 306 -26.11 0.87 24.62
N MET B 307 -26.59 1.22 23.42
CA MET B 307 -26.81 2.60 23.04
C MET B 307 -28.01 3.19 23.78
N LYS B 308 -29.08 2.39 23.87
CA LYS B 308 -30.30 2.78 24.55
C LYS B 308 -30.12 2.98 26.06
N ASP B 309 -29.39 2.06 26.70
CA ASP B 309 -29.21 2.10 28.16
C ASP B 309 -27.98 2.83 28.69
N LYS B 310 -26.91 2.90 27.92
CA LYS B 310 -25.70 3.55 28.45
C LYS B 310 -25.05 4.65 27.59
N ALA B 311 -24.49 4.27 26.44
CA ALA B 311 -23.76 5.20 25.54
C ALA B 311 -24.53 6.46 25.16
N LEU B 312 -25.82 6.30 24.88
CA LEU B 312 -26.67 7.43 24.53
C LEU B 312 -27.91 7.41 25.39
N LYS B 313 -27.77 7.19 26.69
CA LYS B 313 -28.94 7.17 27.57
C LYS B 313 -29.47 8.60 27.68
N ASP B 314 -30.79 8.73 27.54
CA ASP B 314 -31.49 10.01 27.58
C ASP B 314 -31.14 10.91 26.38
N LYS B 315 -30.70 10.28 25.30
CA LYS B 315 -30.29 10.98 24.08
C LYS B 315 -31.15 10.52 22.89
N ILE B 316 -31.49 9.23 22.87
CA ILE B 316 -32.34 8.63 21.83
C ILE B 316 -33.50 7.88 22.46
N GLU B 317 -34.55 7.61 21.68
CA GLU B 317 -35.67 6.88 22.24
C GLU B 317 -35.37 5.39 22.19
N LYS B 318 -34.87 4.92 21.04
CA LYS B 318 -34.50 3.52 20.86
C LYS B 318 -33.51 3.38 19.72
N ALA B 319 -32.82 2.26 19.69
CA ALA B 319 -31.87 1.97 18.64
C ALA B 319 -32.34 0.74 17.90
N VAL B 320 -32.37 0.81 16.57
CA VAL B 320 -32.79 -0.32 15.75
C VAL B 320 -31.88 -0.54 14.54
N VAL B 321 -32.09 -1.66 13.86
CA VAL B 321 -31.35 -2.02 12.65
C VAL B 321 -32.06 -1.33 11.48
N SER B 322 -31.33 -0.46 10.79
CA SER B 322 -31.90 0.32 9.69
C SER B 322 -32.10 -0.48 8.41
N GLN B 323 -33.18 -0.16 7.71
CA GLN B 323 -33.48 -0.79 6.43
C GLN B 323 -33.39 0.20 5.27
N ARG B 324 -33.16 1.47 5.56
CA ARG B 324 -33.12 2.50 4.51
C ARG B 324 -31.73 2.98 4.13
N LEU B 325 -30.69 2.43 4.77
CA LEU B 325 -29.31 2.89 4.56
C LEU B 325 -28.39 2.03 3.69
N THR B 326 -27.67 2.69 2.78
CA THR B 326 -26.72 2.02 1.89
C THR B 326 -25.29 2.14 2.42
N GLU B 327 -24.72 3.34 2.33
CA GLU B 327 -23.33 3.55 2.74
C GLU B 327 -23.13 4.37 4.01
N SER B 328 -24.21 5.02 4.46
CA SER B 328 -24.14 5.77 5.69
C SER B 328 -24.16 4.80 6.85
N PRO B 329 -23.37 5.08 7.89
CA PRO B 329 -23.33 4.23 9.07
C PRO B 329 -24.61 4.31 9.90
N CYS B 330 -25.21 5.48 10.01
CA CYS B 330 -26.40 5.64 10.81
C CYS B 330 -27.13 6.96 10.54
N ALA B 331 -28.39 7.03 10.97
CA ALA B 331 -29.23 8.21 10.79
C ALA B 331 -30.28 8.34 11.89
N LEU B 332 -30.76 9.57 12.11
CA LEU B 332 -31.81 9.86 13.08
C LEU B 332 -33.18 9.92 12.42
N VAL B 333 -34.09 9.07 12.86
CA VAL B 333 -35.42 8.98 12.27
C VAL B 333 -36.50 9.38 13.26
N ALA B 334 -37.38 10.29 12.86
CA ALA B 334 -38.47 10.76 13.72
C ALA B 334 -39.65 9.80 13.71
N SER B 335 -40.57 9.96 14.67
CA SER B 335 -41.75 9.10 14.71
C SER B 335 -42.68 9.50 13.59
N GLN B 336 -43.67 8.66 13.31
CA GLN B 336 -44.57 8.88 12.20
C GLN B 336 -45.29 10.23 12.19
N TYR B 337 -45.68 10.72 13.36
CA TYR B 337 -46.42 11.98 13.41
C TYR B 337 -45.60 13.10 14.08
N GLY B 338 -44.33 12.81 14.31
CA GLY B 338 -43.42 13.77 14.93
C GLY B 338 -42.83 14.75 13.92
N TRP B 339 -41.80 15.46 14.35
CA TRP B 339 -41.15 16.46 13.51
C TRP B 339 -39.90 15.92 12.84
N SER B 340 -39.82 16.13 11.53
CA SER B 340 -38.63 15.73 10.77
C SER B 340 -37.57 16.81 10.97
N GLY B 341 -36.38 16.57 10.41
CA GLY B 341 -35.28 17.52 10.51
C GLY B 341 -35.67 18.88 9.93
N ASN B 342 -36.28 18.82 8.75
CA ASN B 342 -36.75 20.01 8.06
C ASN B 342 -37.81 20.72 8.90
N MET B 343 -38.81 19.97 9.35
CA MET B 343 -39.86 20.53 10.21
C MET B 343 -39.28 21.27 11.40
N GLU B 344 -38.41 20.62 12.16
CA GLU B 344 -37.81 21.23 13.33
C GLU B 344 -37.18 22.58 12.98
N ARG B 345 -36.49 22.67 11.84
CA ARG B 345 -35.86 23.92 11.43
C ARG B 345 -36.87 25.01 11.10
N ILE B 346 -37.87 24.67 10.30
CA ILE B 346 -38.93 25.61 9.89
C ILE B 346 -39.72 26.15 11.09
N MET B 347 -40.03 25.27 12.03
CA MET B 347 -40.75 25.64 13.25
C MET B 347 -39.91 26.56 14.12
N LYS B 348 -38.70 26.10 14.50
CA LYS B 348 -37.78 26.90 15.30
C LYS B 348 -37.59 28.29 14.71
N ALA B 349 -37.31 28.34 13.41
CA ALA B 349 -37.08 29.59 12.69
C ALA B 349 -38.25 30.57 12.81
N GLN B 350 -39.45 30.06 12.58
CA GLN B 350 -40.68 30.87 12.64
C GLN B 350 -41.02 31.25 14.08
N ALA B 351 -40.73 30.33 15.02
CA ALA B 351 -41.00 30.55 16.44
C ALA B 351 -39.99 31.51 17.07
N TYR B 352 -38.84 31.66 16.42
CA TYR B 352 -37.78 32.55 16.88
C TYR B 352 -37.98 33.95 16.28
N GLN B 353 -38.36 33.99 15.02
CA GLN B 353 -38.62 35.23 14.33
C GLN B 353 -39.93 35.83 14.82
N THR B 354 -40.93 34.99 15.05
CA THR B 354 -42.26 35.49 15.46
C THR B 354 -42.76 35.06 16.85
N GLY B 355 -42.72 33.75 17.12
CA GLY B 355 -43.24 33.19 18.39
C GLY B 355 -42.50 33.54 19.67
N LYS B 356 -42.95 32.94 20.78
CA LYS B 356 -42.37 33.19 22.09
C LYS B 356 -41.73 31.95 22.70
N ASP B 357 -40.71 31.43 22.02
CA ASP B 357 -39.91 30.27 22.44
C ASP B 357 -40.68 28.99 22.74
N ILE B 358 -41.02 28.23 21.71
CA ILE B 358 -41.70 26.95 21.85
C ILE B 358 -40.63 25.89 22.12
N SER B 359 -39.90 26.07 23.21
CA SER B 359 -38.80 25.18 23.61
C SER B 359 -39.36 23.87 24.18
N THR B 360 -40.18 24.00 25.21
CA THR B 360 -40.85 22.86 25.80
C THR B 360 -42.23 22.80 25.14
N ASN B 361 -42.22 22.51 23.84
CA ASN B 361 -43.44 22.44 23.04
C ASN B 361 -44.10 21.08 23.18
N TYR B 362 -43.86 20.19 22.23
CA TYR B 362 -44.47 18.86 22.28
C TYR B 362 -43.51 17.85 21.66
N TYR B 363 -43.65 17.67 20.36
CA TYR B 363 -42.76 16.83 19.60
C TYR B 363 -41.72 17.73 18.91
N ALA B 364 -41.10 18.55 19.75
CA ALA B 364 -40.04 19.49 19.36
C ALA B 364 -38.75 19.05 20.05
N SER B 365 -38.89 18.69 21.32
CA SER B 365 -37.76 18.25 22.12
C SER B 365 -37.85 16.75 22.40
N GLN B 366 -38.43 15.99 21.46
CA GLN B 366 -38.53 14.54 21.63
C GLN B 366 -37.31 13.82 21.04
N LYS B 367 -36.94 12.72 21.67
CA LYS B 367 -35.80 11.92 21.23
C LYS B 367 -36.12 11.22 19.91
N LYS B 368 -35.09 10.99 19.11
CA LYS B 368 -35.27 10.33 17.81
C LYS B 368 -34.90 8.85 17.88
N THR B 369 -35.32 8.09 16.87
CA THR B 369 -34.99 6.68 16.77
C THR B 369 -33.67 6.60 16.02
N PHE B 370 -32.64 6.09 16.69
CA PHE B 370 -31.33 5.98 16.09
C PHE B 370 -31.20 4.68 15.32
N GLU B 371 -31.16 4.80 13.99
CA GLU B 371 -31.06 3.63 13.11
C GLU B 371 -29.62 3.42 12.66
N ILE B 372 -29.14 2.19 12.75
CA ILE B 372 -27.78 1.87 12.34
C ILE B 372 -27.73 0.88 11.16
N ASN B 373 -26.68 1.00 10.37
CA ASN B 373 -26.46 0.15 9.21
C ASN B 373 -25.67 -1.09 9.67
N PRO B 374 -26.31 -2.28 9.62
CA PRO B 374 -25.70 -3.53 10.09
C PRO B 374 -24.52 -3.96 9.26
N ARG B 375 -24.48 -3.52 8.01
CA ARG B 375 -23.41 -3.88 7.12
C ARG B 375 -22.41 -2.73 6.92
N HIS B 376 -22.02 -2.10 8.02
CA HIS B 376 -21.02 -1.03 7.96
C HIS B 376 -19.85 -1.40 8.88
N PRO B 377 -18.62 -1.37 8.33
CA PRO B 377 -17.39 -1.68 9.03
C PRO B 377 -17.32 -1.06 10.43
N LEU B 378 -17.78 0.17 10.56
CA LEU B 378 -17.75 0.87 11.83
C LEU B 378 -18.78 0.30 12.82
N ILE B 379 -19.98 0.02 12.33
CA ILE B 379 -21.03 -0.54 13.18
C ILE B 379 -20.69 -1.97 13.60
N LYS B 380 -20.06 -2.73 12.70
CA LYS B 380 -19.67 -4.10 13.00
C LYS B 380 -18.58 -4.20 14.09
N ASP B 381 -17.66 -3.24 14.11
CA ASP B 381 -16.60 -3.20 15.14
C ASP B 381 -17.18 -2.82 16.46
N MET B 382 -18.21 -1.99 16.38
CA MET B 382 -18.87 -1.46 17.53
C MET B 382 -19.61 -2.60 18.20
N LEU B 383 -20.25 -3.46 17.40
CA LEU B 383 -20.97 -4.62 17.91
C LEU B 383 -20.02 -5.57 18.64
N ARG B 384 -18.92 -5.90 17.97
CA ARG B 384 -17.93 -6.83 18.51
C ARG B 384 -17.22 -6.30 19.75
N ARG B 385 -16.78 -5.04 19.71
CA ARG B 385 -16.05 -4.46 20.84
C ARG B 385 -16.94 -4.26 22.06
N VAL B 386 -18.25 -4.15 21.86
CA VAL B 386 -19.20 -4.01 22.96
C VAL B 386 -19.43 -5.34 23.66
N LYS B 387 -19.59 -6.40 22.87
CA LYS B 387 -19.79 -7.74 23.42
C LYS B 387 -18.56 -8.21 24.20
N GLU B 388 -17.43 -7.54 23.96
CA GLU B 388 -16.19 -7.82 24.67
C GLU B 388 -16.08 -6.94 25.91
N ASP B 389 -15.73 -5.67 25.70
CA ASP B 389 -15.62 -4.71 26.78
C ASP B 389 -16.77 -3.72 26.63
N GLU B 390 -17.81 -3.91 27.45
CA GLU B 390 -18.98 -3.07 27.39
C GLU B 390 -18.72 -1.69 28.01
N ASP B 391 -17.74 -1.62 28.91
CA ASP B 391 -17.37 -0.37 29.57
C ASP B 391 -16.13 0.30 28.95
N ASP B 392 -15.94 0.06 27.66
CA ASP B 392 -14.83 0.64 26.92
C ASP B 392 -15.21 2.08 26.57
N LYS B 393 -14.59 3.02 27.27
CA LYS B 393 -14.87 4.45 27.09
C LYS B 393 -14.56 4.92 25.67
N THR B 394 -13.60 4.26 25.02
CA THR B 394 -13.23 4.60 23.65
C THR B 394 -14.41 4.41 22.70
N VAL B 395 -15.15 3.31 22.88
CA VAL B 395 -16.33 3.04 22.06
C VAL B 395 -17.44 3.99 22.47
N SER B 396 -17.61 4.13 23.79
CA SER B 396 -18.65 4.99 24.36
C SER B 396 -18.53 6.43 23.86
N ASP B 397 -17.33 6.97 23.86
CA ASP B 397 -17.08 8.33 23.40
C ASP B 397 -17.15 8.44 21.87
N LEU B 398 -16.92 7.32 21.20
CA LEU B 398 -17.00 7.27 19.73
C LEU B 398 -18.46 7.26 19.32
N ALA B 399 -19.26 6.48 20.04
CA ALA B 399 -20.68 6.36 19.77
C ALA B 399 -21.36 7.72 19.83
N VAL B 400 -20.89 8.58 20.74
CA VAL B 400 -21.44 9.91 20.88
C VAL B 400 -21.09 10.73 19.65
N VAL B 401 -19.80 10.83 19.33
CA VAL B 401 -19.34 11.58 18.17
C VAL B 401 -20.06 11.14 16.88
N LEU B 402 -20.28 9.85 16.76
CA LEU B 402 -20.96 9.29 15.60
C LEU B 402 -22.41 9.75 15.59
N PHE B 403 -23.03 9.72 16.76
CA PHE B 403 -24.43 10.11 16.93
C PHE B 403 -24.63 11.58 16.64
N GLU B 404 -23.72 12.39 17.14
CA GLU B 404 -23.79 13.82 16.94
C GLU B 404 -23.50 14.20 15.50
N THR B 405 -22.67 13.41 14.82
CA THR B 405 -22.39 13.65 13.41
C THR B 405 -23.65 13.25 12.63
N ALA B 406 -24.29 12.18 13.07
CA ALA B 406 -25.51 11.70 12.46
C ALA B 406 -26.63 12.71 12.72
N THR B 407 -26.55 13.43 13.84
CA THR B 407 -27.53 14.47 14.18
C THR B 407 -27.51 15.53 13.09
N LEU B 408 -26.31 16.00 12.75
CA LEU B 408 -26.15 16.99 11.69
C LEU B 408 -26.59 16.46 10.33
N ARG B 409 -26.20 15.23 10.02
CA ARG B 409 -26.56 14.61 8.75
C ARG B 409 -28.04 14.31 8.56
N SER B 410 -28.76 14.14 9.67
CA SER B 410 -30.17 13.84 9.60
C SER B 410 -31.01 15.11 9.42
N GLY B 411 -30.37 16.28 9.55
CA GLY B 411 -31.04 17.57 9.38
C GLY B 411 -31.48 18.27 10.64
N TYR B 412 -31.19 17.67 11.79
CA TYR B 412 -31.57 18.23 13.09
C TYR B 412 -30.52 19.19 13.60
N LEU B 413 -30.92 20.08 14.50
CA LEU B 413 -29.99 21.05 15.06
C LEU B 413 -29.15 20.42 16.13
N LEU B 414 -27.91 20.86 16.24
CA LEU B 414 -27.05 20.31 17.26
C LEU B 414 -27.21 21.14 18.53
N PRO B 415 -27.57 20.46 19.65
CA PRO B 415 -27.80 21.08 20.96
C PRO B 415 -26.67 21.96 21.46
N ASP B 416 -25.48 21.39 21.60
CA ASP B 416 -24.33 22.08 22.15
C ASP B 416 -23.10 21.95 21.23
N THR B 417 -22.91 22.92 20.35
CA THR B 417 -21.78 22.89 19.40
C THR B 417 -20.42 23.07 20.07
N LYS B 418 -20.44 23.53 21.32
CA LYS B 418 -19.22 23.71 22.10
C LYS B 418 -18.67 22.37 22.53
N ALA B 419 -19.55 21.52 23.04
CA ALA B 419 -19.17 20.19 23.54
C ALA B 419 -18.76 19.25 22.42
N TYR B 420 -19.51 19.29 21.33
CA TYR B 420 -19.24 18.46 20.16
C TYR B 420 -17.88 18.79 19.58
N GLY B 421 -17.58 20.07 19.47
CA GLY B 421 -16.29 20.50 18.93
C GLY B 421 -15.14 20.10 19.83
N ASP B 422 -15.42 19.94 21.11
CA ASP B 422 -14.42 19.50 22.07
C ASP B 422 -14.22 18.00 21.98
N ARG B 423 -15.28 17.27 21.66
CA ARG B 423 -15.13 15.82 21.48
C ARG B 423 -14.41 15.48 20.18
N ILE B 424 -14.53 16.33 19.18
CA ILE B 424 -13.81 16.15 17.93
C ILE B 424 -12.36 16.49 18.23
N GLU B 425 -12.15 17.54 19.01
CA GLU B 425 -10.81 17.99 19.40
C GLU B 425 -10.04 16.92 20.17
N ARG B 426 -10.71 16.30 21.14
CA ARG B 426 -10.11 15.24 21.96
C ARG B 426 -9.66 14.07 21.09
N MET B 427 -10.53 13.71 20.15
CA MET B 427 -10.25 12.63 19.21
C MET B 427 -9.20 13.03 18.17
N LEU B 428 -9.24 14.28 17.71
CA LEU B 428 -8.26 14.80 16.75
C LEU B 428 -6.86 14.69 17.29
N ARG B 429 -6.72 14.99 18.58
CA ARG B 429 -5.41 14.96 19.24
C ARG B 429 -4.85 13.55 19.46
N LEU B 430 -5.72 12.54 19.39
CA LEU B 430 -5.27 11.15 19.46
C LEU B 430 -4.57 10.83 18.15
N SER B 431 -5.20 11.25 17.04
CA SER B 431 -4.64 11.09 15.69
C SER B 431 -3.32 11.83 15.50
N LEU B 432 -2.84 12.47 16.56
CA LEU B 432 -1.57 13.18 16.54
C LEU B 432 -0.65 12.58 17.60
N ASN B 433 -1.12 12.58 18.85
CA ASN B 433 -0.42 12.05 20.04
C ASN B 433 -0.79 12.88 21.26
N ILE B 434 -0.72 14.20 21.09
CA ILE B 434 -1.02 15.19 22.13
C ILE B 434 -1.99 14.71 23.21
N ASP B 435 -1.47 14.61 24.43
CA ASP B 435 -2.22 14.18 25.62
C ASP B 435 -3.57 14.87 25.73
N PRO B 436 -4.67 14.12 25.52
CA PRO B 436 -6.04 14.66 25.51
C PRO B 436 -6.39 15.58 26.69
N ASP B 437 -6.54 15.02 27.87
CA ASP B 437 -6.93 15.81 29.04
C ASP B 437 -5.84 16.76 29.55
N ALA B 438 -4.67 16.23 29.91
CA ALA B 438 -3.59 17.05 30.50
C ALA B 438 -2.73 17.93 29.56
N LYS B 439 -3.29 18.36 28.43
CA LYS B 439 -2.60 19.29 27.50
C LYS B 439 -3.48 20.46 27.09
N VAL B 440 -4.79 20.19 26.88
CA VAL B 440 -5.78 21.23 26.51
C VAL B 440 -5.94 22.23 27.67
N GLU B 441 -5.18 21.96 28.72
CA GLU B 441 -5.10 22.78 29.90
C GLU B 441 -3.75 23.47 29.78
N GLU B 442 -2.72 22.64 29.65
CA GLU B 442 -1.30 23.05 29.59
C GLU B 442 -0.92 24.34 28.83
N GLU B 443 -0.76 24.23 27.51
CA GLU B 443 -0.39 25.40 26.70
C GLU B 443 -1.46 26.48 26.64
N PRO B 444 -2.75 26.09 26.57
CA PRO B 444 -3.83 27.08 26.63
C PRO B 444 -3.87 27.91 27.93
N GLU B 445 -3.01 27.59 28.89
CA GLU B 445 -2.91 28.34 30.13
C GLU B 445 -1.44 28.74 30.37
N GLU B 446 -0.72 28.97 29.26
CA GLU B 446 0.65 29.49 29.31
C GLU B 446 0.56 30.98 29.03
N GLU B 447 -0.68 31.42 28.80
CA GLU B 447 -1.06 32.80 28.50
C GLU B 447 -0.75 33.83 29.61
N PRO B 448 -0.77 33.44 30.92
CA PRO B 448 -0.42 34.41 31.97
C PRO B 448 0.93 35.12 31.80
N GLU B 449 1.73 34.65 30.84
CA GLU B 449 3.00 35.27 30.52
C GLU B 449 2.78 36.54 29.71
N GLU B 450 1.83 36.47 28.77
CA GLU B 450 1.46 37.58 27.90
C GLU B 450 1.04 38.80 28.71
N LYS C 25 -66.63 68.72 31.22
CA LYS C 25 -65.21 69.05 30.90
C LYS C 25 -64.35 67.78 30.94
N PRO C 26 -63.94 67.27 29.77
CA PRO C 26 -63.14 66.06 29.57
C PRO C 26 -61.90 65.96 30.46
N ILE C 27 -61.47 64.72 30.67
CA ILE C 27 -60.32 64.41 31.51
C ILE C 27 -59.01 65.05 31.00
N TRP C 28 -58.85 65.11 29.68
CA TRP C 28 -57.63 65.66 29.09
C TRP C 28 -57.57 67.18 28.95
N GLN C 29 -58.65 67.88 29.29
CA GLN C 29 -58.70 69.33 29.16
C GLN C 29 -58.38 70.10 30.45
N ARG C 30 -58.41 69.38 31.57
CA ARG C 30 -58.11 69.93 32.89
C ARG C 30 -56.59 70.01 33.12
N PRO C 31 -56.13 70.91 34.03
CA PRO C 31 -54.69 71.01 34.31
C PRO C 31 -54.11 69.72 34.87
N SER C 32 -52.82 69.48 34.59
CA SER C 32 -52.11 68.28 35.01
C SER C 32 -52.11 68.10 36.53
N LYS C 33 -51.91 69.21 37.23
CA LYS C 33 -51.80 69.22 38.69
C LYS C 33 -53.14 68.99 39.41
N GLU C 34 -54.24 69.27 38.74
CA GLU C 34 -55.57 69.14 39.37
C GLU C 34 -56.23 67.76 39.26
N VAL C 35 -55.73 66.92 38.36
CA VAL C 35 -56.35 65.59 38.17
C VAL C 35 -55.78 64.54 39.12
N GLU C 36 -56.68 63.81 39.78
CA GLU C 36 -56.33 62.75 40.72
C GLU C 36 -55.66 61.58 40.02
N ASP C 37 -54.79 60.87 40.74
CA ASP C 37 -54.08 59.68 40.23
C ASP C 37 -55.06 58.55 39.92
N ASP C 38 -56.09 58.43 40.74
CA ASP C 38 -57.12 57.41 40.60
C ASP C 38 -57.92 57.60 39.30
N GLU C 39 -58.26 58.85 39.00
CA GLU C 39 -59.07 59.20 37.83
C GLU C 39 -58.38 58.89 36.51
N TYR C 40 -57.05 58.95 36.50
CA TYR C 40 -56.27 58.61 35.30
C TYR C 40 -56.36 57.10 35.10
N LYS C 41 -56.18 56.35 36.18
CA LYS C 41 -56.25 54.89 36.16
C LYS C 41 -57.66 54.41 35.81
N ALA C 42 -58.65 55.22 36.17
CA ALA C 42 -60.04 54.92 35.86
C ALA C 42 -60.30 55.18 34.38
N PHE C 43 -59.71 56.24 33.87
CA PHE C 43 -59.87 56.65 32.46
C PHE C 43 -59.32 55.65 31.46
N TYR C 44 -58.25 54.96 31.84
CA TYR C 44 -57.62 53.96 30.97
C TYR C 44 -58.50 52.75 30.70
N LYS C 45 -59.14 52.24 31.74
CA LYS C 45 -59.99 51.06 31.62
C LYS C 45 -61.28 51.31 30.86
N SER C 46 -61.68 52.58 30.75
CA SER C 46 -62.94 52.96 30.10
C SER C 46 -62.98 52.67 28.60
N PHE C 47 -61.83 52.69 27.95
CA PHE C 47 -61.80 52.43 26.52
C PHE C 47 -61.06 51.15 26.13
N SER C 48 -60.80 50.29 27.10
CA SER C 48 -60.09 49.03 26.83
C SER C 48 -60.44 47.84 27.74
N LYS C 49 -61.36 48.05 28.68
CA LYS C 49 -61.79 47.03 29.66
C LYS C 49 -60.59 46.39 30.39
N GLU C 50 -60.58 45.06 30.50
CA GLU C 50 -59.49 44.29 31.15
C GLU C 50 -59.45 44.41 32.69
N SER C 51 -60.02 45.49 33.20
CA SER C 51 -60.11 45.80 34.65
C SER C 51 -58.78 45.83 35.43
N ASP C 52 -57.71 46.33 34.79
CA ASP C 52 -56.39 46.44 35.44
C ASP C 52 -55.62 47.71 35.05
N ASP C 53 -54.80 48.17 35.98
CA ASP C 53 -54.03 49.41 35.84
C ASP C 53 -52.99 49.42 34.71
N PRO C 54 -52.73 50.62 34.13
CA PRO C 54 -51.69 50.75 33.13
C PRO C 54 -50.33 50.87 33.81
N MET C 55 -49.25 50.74 33.04
CA MET C 55 -47.91 50.79 33.62
C MET C 55 -47.44 52.21 33.88
N ALA C 56 -47.82 53.14 32.99
CA ALA C 56 -47.48 54.55 33.15
C ALA C 56 -48.32 55.43 32.24
N TYR C 57 -48.37 56.71 32.57
CA TYR C 57 -49.10 57.69 31.79
C TYR C 57 -48.53 59.09 31.96
N ILE C 58 -48.71 59.94 30.96
CA ILE C 58 -48.37 61.34 31.11
C ILE C 58 -49.45 62.21 30.49
N HIS C 59 -49.79 63.28 31.18
CA HIS C 59 -50.78 64.23 30.70
C HIS C 59 -50.02 65.50 30.36
N PHE C 60 -50.11 65.93 29.10
CA PHE C 60 -49.39 67.12 28.70
C PHE C 60 -50.16 67.90 27.68
N THR C 61 -49.84 69.19 27.61
CA THR C 61 -50.42 70.07 26.62
C THR C 61 -49.24 70.56 25.77
N ALA C 62 -49.46 70.76 24.47
CA ALA C 62 -48.35 71.18 23.62
C ALA C 62 -48.40 72.64 23.25
N GLU C 63 -47.23 73.26 23.21
CA GLU C 63 -47.09 74.66 22.88
C GLU C 63 -46.24 74.82 21.64
N GLY C 64 -46.39 75.95 20.95
CA GLY C 64 -45.57 76.25 19.79
C GLY C 64 -46.28 76.30 18.46
N GLU C 65 -45.77 75.52 17.52
CA GLU C 65 -46.29 75.48 16.15
C GLU C 65 -47.69 74.87 16.11
N VAL C 66 -47.86 73.75 16.80
CA VAL C 66 -49.17 73.09 16.89
C VAL C 66 -49.54 72.88 18.37
N THR C 67 -50.76 73.30 18.73
CA THR C 67 -51.27 73.18 20.08
C THR C 67 -52.30 72.08 20.16
N PHE C 68 -52.17 71.24 21.18
CA PHE C 68 -53.11 70.17 21.44
C PHE C 68 -52.90 69.63 22.84
N LYS C 69 -53.91 68.97 23.40
CA LYS C 69 -53.79 68.34 24.72
C LYS C 69 -53.83 66.84 24.50
N SER C 70 -53.19 66.07 25.39
CA SER C 70 -53.16 64.62 25.21
C SER C 70 -52.75 63.85 26.45
N ILE C 71 -53.27 62.64 26.55
CA ILE C 71 -52.91 61.70 27.62
C ILE C 71 -52.50 60.42 26.93
N LEU C 72 -51.28 59.98 27.18
CA LEU C 72 -50.80 58.75 26.56
C LEU C 72 -50.52 57.72 27.64
N PHE C 73 -50.87 56.46 27.35
CA PHE C 73 -50.70 55.36 28.28
C PHE C 73 -49.80 54.27 27.77
N VAL C 74 -49.18 53.56 28.70
CA VAL C 74 -48.37 52.39 28.40
C VAL C 74 -49.07 51.26 29.12
N PRO C 75 -49.63 50.30 28.35
CA PRO C 75 -50.36 49.16 28.92
C PRO C 75 -49.40 48.22 29.63
N THR C 76 -49.93 47.29 30.43
CA THR C 76 -49.08 46.34 31.15
C THR C 76 -48.78 45.06 30.34
N SER C 77 -49.40 44.96 29.17
CA SER C 77 -49.23 43.82 28.26
C SER C 77 -49.43 44.25 26.80
N ALA C 78 -48.96 43.44 25.84
CA ALA C 78 -49.12 43.77 24.43
C ALA C 78 -50.31 43.07 23.75
N PRO C 79 -50.39 41.75 23.92
CA PRO C 79 -51.45 40.87 23.34
C PRO C 79 -51.41 40.83 21.82
N TYR C 93 -55.24 52.24 18.03
CA TYR C 93 -56.08 52.65 19.16
C TYR C 93 -55.70 53.98 19.82
N ILE C 94 -55.78 55.05 19.04
CA ILE C 94 -55.55 56.38 19.56
C ILE C 94 -56.71 57.27 19.15
N LYS C 95 -57.43 57.73 20.16
CA LYS C 95 -58.61 58.56 20.01
C LYS C 95 -58.27 59.97 19.48
N LEU C 96 -58.81 60.32 18.32
CA LEU C 96 -58.56 61.62 17.72
C LEU C 96 -59.76 62.54 17.84
N TYR C 97 -59.52 63.72 18.40
CA TYR C 97 -60.54 64.73 18.57
C TYR C 97 -60.06 66.03 17.94
N VAL C 98 -60.93 66.68 17.19
CA VAL C 98 -60.57 67.97 16.59
C VAL C 98 -61.54 68.99 17.17
N ARG C 99 -61.02 69.90 17.99
CA ARG C 99 -61.80 70.92 18.69
C ARG C 99 -62.87 70.29 19.58
N ARG C 100 -62.43 69.28 20.34
CA ARG C 100 -63.26 68.52 21.30
C ARG C 100 -64.34 67.62 20.69
N VAL C 101 -64.38 67.55 19.36
CA VAL C 101 -65.36 66.70 18.66
C VAL C 101 -64.70 65.38 18.28
N PHE C 102 -65.29 64.26 18.69
CA PHE C 102 -64.74 62.93 18.37
C PHE C 102 -64.69 62.72 16.87
N ILE C 103 -63.53 62.31 16.38
CA ILE C 103 -63.34 62.09 14.95
C ILE C 103 -63.16 60.62 14.59
N THR C 104 -62.16 59.96 15.15
CA THR C 104 -61.90 58.56 14.83
C THR C 104 -60.80 57.97 15.68
N ASP C 105 -60.56 56.66 15.53
CA ASP C 105 -59.51 55.93 16.24
C ASP C 105 -58.87 54.90 15.30
N ASP C 106 -59.30 54.98 14.03
CA ASP C 106 -58.84 54.11 12.93
C ASP C 106 -57.49 54.54 12.32
N PHE C 107 -57.01 55.71 12.75
CA PHE C 107 -55.74 56.28 12.30
C PHE C 107 -54.56 55.52 12.89
N HIS C 108 -54.07 54.56 12.11
CA HIS C 108 -52.96 53.72 12.57
C HIS C 108 -51.58 54.33 12.31
N ASP C 109 -51.54 55.43 11.54
CA ASP C 109 -50.27 56.11 11.25
C ASP C 109 -49.99 57.27 12.23
N MET C 110 -50.67 57.24 13.37
CA MET C 110 -50.49 58.24 14.41
C MET C 110 -49.17 58.06 15.12
N MET C 111 -48.85 56.80 15.41
CA MET C 111 -47.62 56.45 16.08
C MET C 111 -46.76 55.69 15.11
N PRO C 112 -45.43 55.75 15.31
CA PRO C 112 -44.53 55.00 14.45
C PRO C 112 -44.72 53.51 14.72
N LYS C 113 -44.29 52.68 13.78
CA LYS C 113 -44.43 51.23 13.89
C LYS C 113 -44.18 50.66 15.30
N TYR C 114 -43.04 51.01 15.90
CA TYR C 114 -42.65 50.46 17.19
C TYR C 114 -43.42 50.95 18.43
N LEU C 115 -44.33 51.89 18.25
CA LEU C 115 -45.09 52.39 19.39
C LEU C 115 -46.57 52.13 19.22
N ASN C 116 -46.90 51.13 18.41
CA ASN C 116 -48.29 50.76 18.17
C ASN C 116 -49.02 50.27 19.43
N PHE C 117 -48.30 50.13 20.53
CA PHE C 117 -48.88 49.68 21.79
C PHE C 117 -49.38 50.82 22.64
N VAL C 118 -49.00 52.04 22.28
CA VAL C 118 -49.39 53.22 23.05
C VAL C 118 -50.84 53.58 22.81
N LYS C 119 -51.63 53.58 23.88
CA LYS C 119 -53.05 53.91 23.81
C LYS C 119 -53.28 55.28 24.41
N GLY C 120 -54.26 56.03 23.89
CA GLY C 120 -54.52 57.36 24.43
C GLY C 120 -55.45 58.25 23.62
N VAL C 121 -55.51 59.52 24.01
CA VAL C 121 -56.35 60.53 23.35
C VAL C 121 -55.52 61.71 22.82
N VAL C 122 -56.02 62.33 21.76
CA VAL C 122 -55.38 63.49 21.16
C VAL C 122 -56.47 64.50 20.81
N ASP C 123 -56.39 65.69 21.40
CA ASP C 123 -57.37 66.75 21.15
C ASP C 123 -56.72 68.01 20.58
N SER C 124 -56.68 68.08 19.26
CA SER C 124 -56.12 69.24 18.56
C SER C 124 -57.22 70.25 18.31
N ASP C 125 -56.80 71.43 17.86
CA ASP C 125 -57.73 72.49 17.54
C ASP C 125 -57.16 73.32 16.37
N ASP C 126 -56.17 72.73 15.72
CA ASP C 126 -55.49 73.35 14.59
C ASP C 126 -55.87 72.65 13.29
N LEU C 127 -56.00 71.33 13.37
CA LEU C 127 -56.34 70.48 12.23
C LEU C 127 -57.63 70.89 11.49
N PRO C 128 -57.69 70.61 10.17
CA PRO C 128 -58.92 70.91 9.42
C PRO C 128 -60.05 70.04 9.97
N LEU C 129 -60.98 70.66 10.69
CA LEU C 129 -62.10 69.93 11.28
C LEU C 129 -62.95 69.28 10.21
N ASN C 130 -63.45 70.10 9.30
CA ASN C 130 -64.32 69.65 8.23
C ASN C 130 -63.52 69.38 6.98
N VAL C 131 -63.00 68.17 6.90
CA VAL C 131 -62.23 67.72 5.76
C VAL C 131 -62.38 66.22 5.75
N SER C 132 -62.10 65.60 4.60
CA SER C 132 -62.18 64.15 4.49
C SER C 132 -61.07 63.47 5.32
N ARG C 133 -61.24 62.17 5.59
CA ARG C 133 -60.24 61.37 6.33
C ARG C 133 -59.00 61.08 5.49
N GLU C 134 -59.15 61.15 4.16
CA GLU C 134 -58.05 60.96 3.23
C GLU C 134 -57.16 62.21 3.27
N THR C 135 -57.84 63.37 3.28
CA THR C 135 -57.20 64.69 3.34
C THR C 135 -56.47 64.91 4.66
N LEU C 136 -57.21 64.78 5.77
CA LEU C 136 -56.70 64.97 7.16
C LEU C 136 -55.52 64.08 7.55
N GLN C 137 -55.46 62.89 6.97
CA GLN C 137 -54.39 61.94 7.26
C GLN C 137 -53.08 62.31 6.53
N GLN C 138 -53.23 63.07 5.43
CA GLN C 138 -52.10 63.50 4.60
C GLN C 138 -51.69 64.98 4.79
N HIS C 139 -52.19 65.61 5.85
CA HIS C 139 -51.94 67.05 6.09
C HIS C 139 -50.52 67.36 6.58
N LYS C 140 -50.13 68.63 6.43
CA LYS C 140 -48.82 69.15 6.81
C LYS C 140 -48.53 69.02 8.31
N LEU C 141 -49.47 69.52 9.12
CA LEU C 141 -49.34 69.51 10.58
C LEU C 141 -49.42 68.11 11.19
N LEU C 142 -49.90 67.15 10.43
CA LEU C 142 -50.05 65.79 10.90
C LEU C 142 -48.70 65.16 11.22
N LYS C 143 -47.70 65.40 10.36
CA LYS C 143 -46.37 64.84 10.55
C LYS C 143 -45.70 65.44 11.79
N VAL C 144 -46.03 66.71 12.05
CA VAL C 144 -45.50 67.47 13.16
C VAL C 144 -46.02 66.95 14.51
N ILE C 145 -47.33 66.74 14.62
CA ILE C 145 -47.93 66.20 15.84
C ILE C 145 -47.36 64.83 16.17
N ARG C 146 -47.20 64.01 15.14
CA ARG C 146 -46.64 62.68 15.31
C ARG C 146 -45.32 62.72 16.04
N LYS C 147 -44.43 63.64 15.67
CA LYS C 147 -43.12 63.73 16.32
C LYS C 147 -43.18 64.17 17.77
N LYS C 148 -44.12 65.05 18.07
CA LYS C 148 -44.27 65.51 19.45
C LYS C 148 -44.82 64.41 20.34
N LEU C 149 -45.71 63.59 19.81
CA LEU C 149 -46.29 62.49 20.59
C LEU C 149 -45.23 61.47 20.94
N VAL C 150 -44.34 61.19 19.98
CA VAL C 150 -43.26 60.25 20.20
C VAL C 150 -42.31 60.79 21.25
N ARG C 151 -41.84 62.04 21.08
CA ARG C 151 -40.88 62.66 21.99
C ARG C 151 -41.38 62.67 23.43
N LYS C 152 -42.69 62.73 23.60
CA LYS C 152 -43.30 62.71 24.92
C LYS C 152 -43.43 61.29 25.45
N THR C 153 -43.71 60.33 24.56
CA THR C 153 -43.84 58.93 24.97
C THR C 153 -42.54 58.45 25.58
N LEU C 154 -41.43 58.84 24.97
CA LEU C 154 -40.12 58.47 25.46
C LEU C 154 -39.75 59.16 26.77
N ASP C 155 -40.37 60.30 27.03
CA ASP C 155 -40.15 61.04 28.28
C ASP C 155 -40.88 60.31 29.37
N MET C 156 -41.99 59.68 29.00
CA MET C 156 -42.79 58.91 29.94
C MET C 156 -42.01 57.67 30.36
N ILE C 157 -41.50 56.96 29.35
CA ILE C 157 -40.71 55.75 29.56
C ILE C 157 -39.40 56.02 30.31
N LYS C 158 -38.79 57.18 30.06
CA LYS C 158 -37.56 57.53 30.74
C LYS C 158 -37.81 57.59 32.23
N LYS C 159 -39.04 57.96 32.61
CA LYS C 159 -39.41 58.10 34.03
C LYS C 159 -40.10 56.89 34.68
N ILE C 160 -39.79 55.67 34.23
CA ILE C 160 -40.42 54.50 34.83
C ILE C 160 -39.56 53.94 35.96
N ALA C 161 -39.55 54.64 37.09
CA ALA C 161 -38.75 54.24 38.27
C ALA C 161 -37.36 53.70 37.89
N ASP C 162 -37.03 52.50 38.38
CA ASP C 162 -35.75 51.84 38.07
C ASP C 162 -35.94 50.34 38.15
N GLU C 163 -36.31 49.87 39.34
CA GLU C 163 -36.57 48.46 39.58
C GLU C 163 -37.71 48.01 38.69
N LYS C 164 -38.75 48.84 38.63
CA LYS C 164 -39.95 48.55 37.85
C LYS C 164 -39.69 48.55 36.35
N TYR C 165 -38.66 49.29 35.90
CA TYR C 165 -38.35 49.35 34.47
C TYR C 165 -37.92 47.99 33.91
N ASN C 166 -36.87 47.41 34.50
CA ASN C 166 -36.33 46.13 34.04
C ASN C 166 -37.25 44.94 34.30
N ASP C 167 -37.89 44.93 35.46
CA ASP C 167 -38.78 43.83 35.85
C ASP C 167 -40.09 43.80 35.08
N THR C 168 -40.62 44.96 34.71
CA THR C 168 -41.89 44.99 34.03
C THR C 168 -41.76 45.46 32.57
N PHE C 169 -41.54 46.75 32.36
CA PHE C 169 -41.49 47.34 31.01
C PHE C 169 -40.63 46.62 29.99
N TRP C 170 -39.42 46.26 30.40
CA TRP C 170 -38.49 45.66 29.46
C TRP C 170 -38.91 44.29 28.93
N LYS C 171 -39.31 43.38 29.81
CA LYS C 171 -39.73 42.06 29.37
C LYS C 171 -41.04 42.11 28.57
N GLU C 172 -41.65 43.28 28.48
CA GLU C 172 -42.89 43.44 27.74
C GLU C 172 -42.70 44.14 26.41
N PHE C 173 -42.04 45.30 26.43
CA PHE C 173 -41.88 46.06 25.21
C PHE C 173 -40.44 46.29 24.83
N GLY C 174 -39.52 45.58 25.48
CA GLY C 174 -38.09 45.71 25.19
C GLY C 174 -37.74 45.67 23.72
N THR C 175 -38.43 44.80 22.99
CA THR C 175 -38.25 44.65 21.55
C THR C 175 -38.58 45.95 20.80
N ASN C 176 -39.68 46.62 21.16
CA ASN C 176 -40.09 47.86 20.51
C ASN C 176 -39.00 48.92 20.62
N ILE C 177 -38.37 48.97 21.79
CA ILE C 177 -37.28 49.89 22.04
C ILE C 177 -36.17 49.56 21.05
N LYS C 178 -35.88 48.27 20.87
CA LYS C 178 -34.84 47.85 19.94
C LYS C 178 -35.20 48.18 18.50
N LEU C 179 -36.47 48.02 18.12
CA LEU C 179 -36.95 48.36 16.78
C LEU C 179 -36.85 49.85 16.58
N GLY C 180 -37.09 50.59 17.65
CA GLY C 180 -37.04 52.03 17.61
C GLY C 180 -35.66 52.54 17.29
N VAL C 181 -34.64 51.93 17.87
CA VAL C 181 -33.25 52.32 17.63
C VAL C 181 -32.95 52.23 16.12
N ILE C 182 -33.54 51.23 15.48
CA ILE C 182 -33.37 51.00 14.06
C ILE C 182 -34.20 51.99 13.24
N GLU C 183 -35.49 52.05 13.53
CA GLU C 183 -36.40 52.89 12.78
C GLU C 183 -36.29 54.39 13.05
N ASP C 184 -36.34 54.75 14.33
CA ASP C 184 -36.38 56.16 14.73
C ASP C 184 -35.04 56.86 14.99
N HIS C 185 -34.43 57.23 13.87
CA HIS C 185 -33.17 57.94 13.81
C HIS C 185 -33.00 59.13 14.74
N SER C 186 -33.99 60.02 14.77
CA SER C 186 -33.89 61.25 15.56
C SER C 186 -33.94 61.04 17.06
N ASN C 187 -34.59 59.97 17.50
CA ASN C 187 -34.65 59.69 18.93
C ASN C 187 -33.72 58.56 19.30
N ARG C 188 -32.79 58.25 18.41
CA ARG C 188 -31.88 57.14 18.60
C ARG C 188 -31.05 57.18 19.88
N THR C 189 -30.42 58.32 20.17
CA THR C 189 -29.58 58.44 21.38
C THR C 189 -30.39 58.52 22.67
N ARG C 190 -31.68 58.82 22.52
CA ARG C 190 -32.57 58.87 23.66
C ARG C 190 -32.97 57.44 23.96
N LEU C 191 -33.23 56.69 22.88
CA LEU C 191 -33.63 55.29 22.95
C LEU C 191 -32.51 54.37 23.36
N ALA C 192 -31.28 54.74 22.99
CA ALA C 192 -30.10 53.94 23.30
C ALA C 192 -29.97 53.70 24.79
N LYS C 193 -30.22 54.75 25.56
CA LYS C 193 -30.15 54.65 27.00
C LYS C 193 -31.16 53.66 27.56
N LEU C 194 -32.30 53.54 26.89
CA LEU C 194 -33.37 52.65 27.31
C LEU C 194 -33.12 51.15 27.07
N LEU C 195 -32.12 50.86 26.24
CA LEU C 195 -31.76 49.49 25.88
C LEU C 195 -31.20 48.71 27.07
N ARG C 196 -31.57 47.43 27.14
CA ARG C 196 -31.11 46.52 28.17
C ARG C 196 -30.70 45.20 27.51
N PHE C 197 -29.54 44.67 27.90
CA PHE C 197 -29.06 43.39 27.38
C PHE C 197 -28.44 42.56 28.47
N GLN C 198 -28.09 41.33 28.13
CA GLN C 198 -27.39 40.48 29.08
C GLN C 198 -25.91 40.69 28.88
N SER C 199 -25.11 40.42 29.90
CA SER C 199 -23.66 40.56 29.75
C SER C 199 -22.93 39.63 30.69
N SER C 200 -21.65 39.45 30.40
CA SER C 200 -20.78 38.56 31.16
C SER C 200 -20.60 38.95 32.62
N HIS C 201 -21.15 40.08 33.00
CA HIS C 201 -21.03 40.55 34.37
C HIS C 201 -21.84 39.69 35.33
N HIS C 202 -22.94 39.14 34.82
CA HIS C 202 -23.83 38.33 35.64
C HIS C 202 -24.61 37.31 34.81
N PRO C 203 -24.69 36.05 35.30
CA PRO C 203 -25.40 34.91 34.71
C PRO C 203 -26.73 35.19 34.03
N SER C 204 -27.56 36.07 34.60
CA SER C 204 -28.86 36.36 34.00
C SER C 204 -29.23 37.84 33.90
N ASP C 205 -28.98 38.60 34.97
CA ASP C 205 -29.32 40.04 35.05
C ASP C 205 -29.05 40.85 33.79
N ILE C 206 -30.04 41.63 33.38
CA ILE C 206 -29.84 42.51 32.22
C ILE C 206 -29.13 43.76 32.70
N THR C 207 -28.47 44.44 31.78
CA THR C 207 -27.72 45.64 32.11
C THR C 207 -28.00 46.77 31.11
N SER C 208 -27.92 48.01 31.58
CA SER C 208 -28.14 49.14 30.70
C SER C 208 -26.82 49.45 30.04
N LEU C 209 -26.84 50.24 28.96
CA LEU C 209 -25.59 50.58 28.29
C LEU C 209 -24.74 51.46 29.18
N ASP C 210 -25.37 52.37 29.90
CA ASP C 210 -24.64 53.24 30.83
C ASP C 210 -23.90 52.44 31.89
N GLN C 211 -24.55 51.40 32.41
CA GLN C 211 -23.95 50.56 33.41
C GLN C 211 -22.72 49.88 32.85
N TYR C 212 -22.78 49.45 31.60
CA TYR C 212 -21.63 48.81 30.96
C TYR C 212 -20.47 49.79 30.89
N VAL C 213 -20.76 51.01 30.42
CA VAL C 213 -19.74 52.06 30.29
C VAL C 213 -19.05 52.33 31.62
N GLU C 214 -19.85 52.31 32.70
CA GLU C 214 -19.33 52.52 34.05
C GLU C 214 -18.30 51.45 34.46
N ARG C 215 -18.55 50.19 34.09
CA ARG C 215 -17.67 49.09 34.46
C ARG C 215 -16.40 48.99 33.61
N MET C 216 -16.39 49.65 32.46
CA MET C 216 -15.24 49.60 31.53
C MET C 216 -13.88 49.88 32.14
N LYS C 217 -12.85 49.29 31.54
CA LYS C 217 -11.47 49.50 31.97
C LYS C 217 -10.98 50.88 31.57
N GLU C 218 -9.77 51.22 31.97
CA GLU C 218 -9.24 52.57 31.69
C GLU C 218 -8.98 52.85 30.23
N LYS C 219 -8.17 52.00 29.61
CA LYS C 219 -7.79 52.21 28.22
C LYS C 219 -8.84 51.64 27.25
N GLN C 220 -9.79 50.87 27.78
CA GLN C 220 -10.86 50.31 26.96
C GLN C 220 -11.70 51.43 26.38
N ASP C 221 -12.13 51.25 25.13
CA ASP C 221 -12.92 52.27 24.42
C ASP C 221 -13.92 51.64 23.47
N LYS C 222 -14.15 50.35 23.67
CA LYS C 222 -15.06 49.61 22.83
C LYS C 222 -16.09 48.90 23.70
N ILE C 223 -17.30 48.73 23.18
CA ILE C 223 -18.33 47.99 23.90
C ILE C 223 -18.42 46.64 23.20
N TYR C 224 -17.79 45.64 23.82
CA TYR C 224 -17.70 44.32 23.25
C TYR C 224 -18.99 43.53 23.35
N PHE C 225 -19.44 42.96 22.24
CA PHE C 225 -20.65 42.16 22.25
C PHE C 225 -20.55 40.91 21.38
N MET C 226 -21.34 39.90 21.72
CA MET C 226 -21.39 38.66 20.98
C MET C 226 -22.84 38.34 20.63
N ALA C 227 -23.08 38.02 19.37
CA ALA C 227 -24.43 37.69 18.90
C ALA C 227 -24.65 36.18 18.71
N GLY C 228 -25.74 35.67 19.27
CA GLY C 228 -26.04 34.24 19.16
C GLY C 228 -27.51 33.89 19.11
N SER C 229 -27.83 32.62 19.33
CA SER C 229 -29.19 32.13 19.29
C SER C 229 -29.74 32.06 20.71
N SER C 230 -28.84 31.85 21.67
CA SER C 230 -29.19 31.74 23.07
C SER C 230 -28.01 32.26 23.85
N ARG C 231 -28.18 32.44 25.16
CA ARG C 231 -27.08 32.94 25.94
C ARG C 231 -26.00 31.87 26.06
N LYS C 232 -26.44 30.64 26.33
CA LYS C 232 -25.51 29.52 26.47
C LYS C 232 -24.61 29.42 25.25
N GLU C 233 -25.15 29.72 24.07
CA GLU C 233 -24.35 29.70 22.84
C GLU C 233 -23.31 30.80 22.80
N ALA C 234 -23.75 32.03 23.06
CA ALA C 234 -22.88 33.20 22.98
C ALA C 234 -21.75 33.20 24.00
N GLU C 235 -22.00 32.64 25.17
CA GLU C 235 -20.98 32.56 26.22
C GLU C 235 -19.99 31.43 25.97
N SER C 236 -20.44 30.38 25.27
CA SER C 236 -19.59 29.23 24.96
C SER C 236 -18.64 29.55 23.82
N SER C 237 -19.06 30.47 22.96
CA SER C 237 -18.29 30.91 21.80
C SER C 237 -16.80 31.14 22.06
N PRO C 238 -15.94 30.82 21.08
CA PRO C 238 -14.50 30.99 21.21
C PRO C 238 -14.05 32.44 21.22
N PHE C 239 -14.84 33.31 20.59
CA PHE C 239 -14.47 34.73 20.46
C PHE C 239 -14.35 35.50 21.77
N VAL C 240 -15.09 35.08 22.79
CA VAL C 240 -15.08 35.77 24.08
C VAL C 240 -13.95 35.34 25.01
N GLU C 241 -13.36 34.18 24.72
CA GLU C 241 -12.33 33.59 25.57
C GLU C 241 -11.32 34.49 26.24
N ARG C 242 -10.48 35.16 25.45
CA ARG C 242 -9.43 35.97 26.05
C ARG C 242 -9.93 37.26 26.66
N LEU C 243 -10.86 37.95 25.99
CA LEU C 243 -11.43 39.18 26.52
C LEU C 243 -11.95 38.98 27.93
N LEU C 244 -12.63 37.85 28.16
CA LEU C 244 -13.13 37.52 29.47
C LEU C 244 -11.99 37.27 30.44
N LYS C 245 -11.04 36.43 30.06
CA LYS C 245 -9.86 36.11 30.88
C LYS C 245 -9.08 37.38 31.23
N LYS C 246 -9.04 38.32 30.29
CA LYS C 246 -8.31 39.57 30.46
C LYS C 246 -9.04 40.52 31.41
N GLY C 247 -10.32 40.23 31.68
CA GLY C 247 -11.12 41.02 32.59
C GLY C 247 -12.14 41.94 31.93
N TYR C 248 -12.27 41.88 30.61
CA TYR C 248 -13.23 42.73 29.91
C TYR C 248 -14.64 42.16 30.03
N GLU C 249 -15.63 43.02 29.77
CA GLU C 249 -17.03 42.64 29.84
C GLU C 249 -17.60 42.49 28.42
N VAL C 250 -18.38 41.43 28.18
CA VAL C 250 -18.97 41.20 26.86
C VAL C 250 -20.49 41.11 26.94
N ILE C 251 -21.16 41.90 26.10
CA ILE C 251 -22.61 41.91 26.02
C ILE C 251 -23.07 40.75 25.14
N TYR C 252 -24.07 39.99 25.59
CA TYR C 252 -24.57 38.88 24.79
C TYR C 252 -25.92 39.23 24.18
N LEU C 253 -25.99 39.10 22.87
CA LEU C 253 -27.22 39.37 22.17
C LEU C 253 -27.88 38.05 21.79
N THR C 254 -29.04 37.77 22.34
CA THR C 254 -29.69 36.50 22.07
C THR C 254 -30.99 36.62 21.31
N GLU C 255 -31.29 37.82 20.85
CA GLU C 255 -32.52 38.04 20.11
C GLU C 255 -32.21 38.22 18.64
N PRO C 256 -33.18 37.90 17.76
CA PRO C 256 -32.97 38.03 16.33
C PRO C 256 -32.70 39.49 15.94
N VAL C 257 -33.50 40.39 16.50
CA VAL C 257 -33.37 41.81 16.19
C VAL C 257 -32.13 42.45 16.81
N ASP C 258 -31.60 41.85 17.87
CA ASP C 258 -30.46 42.42 18.61
C ASP C 258 -29.27 42.93 17.85
N GLU C 259 -28.73 42.14 16.94
CA GLU C 259 -27.55 42.58 16.21
C GLU C 259 -27.88 43.73 15.23
N TYR C 260 -29.08 43.72 14.67
CA TYR C 260 -29.52 44.77 13.75
C TYR C 260 -29.65 46.10 14.47
N CYS C 261 -30.02 45.98 15.75
CA CYS C 261 -30.19 47.11 16.66
C CYS C 261 -28.83 47.75 16.90
N ILE C 262 -27.94 47.03 17.56
CA ILE C 262 -26.58 47.48 17.88
C ILE C 262 -25.82 47.92 16.63
N GLN C 263 -26.18 47.35 15.51
CA GLN C 263 -25.54 47.72 14.27
C GLN C 263 -25.94 49.12 13.84
N ALA C 264 -27.22 49.46 14.04
CA ALA C 264 -27.73 50.79 13.65
C ALA C 264 -27.40 51.89 14.66
N LEU C 265 -26.51 51.60 15.60
CA LEU C 265 -26.12 52.51 16.68
C LEU C 265 -24.60 52.75 16.61
N PRO C 266 -24.18 53.82 15.90
CA PRO C 266 -22.76 54.15 15.63
C PRO C 266 -21.88 54.33 16.88
N GLU C 267 -22.29 55.21 17.77
CA GLU C 267 -21.56 55.44 19.01
C GLU C 267 -22.50 55.37 20.21
N PHE C 268 -21.93 55.33 21.40
CA PHE C 268 -22.68 55.46 22.63
C PHE C 268 -21.74 56.02 23.68
N ASP C 269 -22.04 57.25 24.13
CA ASP C 269 -21.27 57.98 25.13
C ASP C 269 -19.80 57.96 24.73
N GLY C 270 -19.57 58.28 23.46
CA GLY C 270 -18.22 58.35 22.88
C GLY C 270 -17.47 57.03 22.78
N LYS C 271 -18.20 55.92 22.81
CA LYS C 271 -17.60 54.60 22.70
C LYS C 271 -18.22 53.89 21.51
N ARG C 272 -17.38 53.37 20.62
CA ARG C 272 -17.88 52.61 19.46
C ARG C 272 -18.09 51.15 19.86
N PHE C 273 -19.01 50.45 19.19
CA PHE C 273 -19.27 49.05 19.49
C PHE C 273 -18.30 48.13 18.73
N GLN C 274 -18.14 46.90 19.21
CA GLN C 274 -17.23 45.95 18.59
C GLN C 274 -17.73 44.54 18.77
N ASN C 275 -17.96 43.87 17.64
CA ASN C 275 -18.44 42.50 17.63
C ASN C 275 -17.23 41.59 17.84
N VAL C 276 -17.18 40.87 18.96
CA VAL C 276 -16.04 39.99 19.24
C VAL C 276 -15.77 38.93 18.16
N ALA C 277 -16.73 38.72 17.26
CA ALA C 277 -16.60 37.74 16.20
C ALA C 277 -16.12 38.34 14.89
N LYS C 278 -15.78 39.63 14.90
CA LYS C 278 -15.29 40.29 13.69
C LYS C 278 -13.93 40.90 13.96
N GLU C 279 -13.25 41.31 12.90
CA GLU C 279 -11.95 41.94 13.02
C GLU C 279 -12.10 43.28 13.72
N GLY C 280 -11.26 43.52 14.71
CA GLY C 280 -11.31 44.80 15.41
C GLY C 280 -10.82 44.82 16.85
N VAL C 281 -10.64 43.65 17.46
CA VAL C 281 -10.20 43.61 18.85
C VAL C 281 -8.71 43.96 19.00
N LYS C 282 -8.44 44.83 19.97
CA LYS C 282 -7.08 45.27 20.26
C LYS C 282 -6.76 44.97 21.72
N PHE C 283 -5.47 44.94 22.02
CA PHE C 283 -4.99 44.74 23.37
C PHE C 283 -3.79 45.67 23.48
N ASP C 284 -3.99 46.88 24.01
CA ASP C 284 -2.95 47.92 24.09
C ASP C 284 -1.56 47.45 24.55
N GLU C 285 -1.50 46.75 25.68
CA GLU C 285 -0.26 46.17 26.20
C GLU C 285 0.91 47.14 26.36
N SER C 286 2.11 46.66 26.04
CA SER C 286 3.34 47.47 26.12
C SER C 286 4.27 47.19 24.94
N GLU C 287 5.54 47.59 25.08
CA GLU C 287 6.51 47.39 24.01
C GLU C 287 7.10 45.98 24.01
N LYS C 288 7.48 45.49 25.19
CA LYS C 288 8.04 44.15 25.34
C LYS C 288 6.99 43.08 25.02
N THR C 289 5.71 43.44 25.17
CA THR C 289 4.61 42.55 24.85
C THR C 289 4.46 42.51 23.33
N LYS C 290 4.50 43.70 22.73
CA LYS C 290 4.41 43.85 21.28
C LYS C 290 5.55 43.08 20.61
N GLU C 291 6.76 43.23 21.15
CA GLU C 291 7.94 42.52 20.65
C GLU C 291 7.71 41.01 20.56
N SER C 292 7.13 40.43 21.61
CA SER C 292 6.86 38.99 21.67
C SER C 292 5.88 38.52 20.61
N ARG C 293 4.70 39.15 20.57
CA ARG C 293 3.64 38.80 19.61
C ARG C 293 4.09 38.92 18.17
N GLU C 294 4.79 40.02 17.85
CA GLU C 294 5.33 40.25 16.50
C GLU C 294 6.38 39.20 16.16
N ALA C 295 7.12 38.74 17.16
CA ALA C 295 8.14 37.71 16.99
C ALA C 295 7.51 36.33 16.81
N ILE C 296 6.29 36.18 17.32
CA ILE C 296 5.56 34.93 17.17
C ILE C 296 4.96 34.86 15.76
N GLU C 297 4.48 36.01 15.26
CA GLU C 297 3.91 36.13 13.91
C GLU C 297 4.94 35.83 12.81
N LYS C 298 6.22 36.09 13.10
CA LYS C 298 7.32 35.74 12.21
C LYS C 298 7.51 34.21 12.22
N GLU C 299 7.30 33.60 13.38
CA GLU C 299 7.50 32.16 13.55
C GLU C 299 6.48 31.29 12.82
N PHE C 300 5.21 31.67 12.94
CA PHE C 300 4.12 30.91 12.31
C PHE C 300 3.85 31.20 10.83
N GLU C 301 4.53 32.22 10.28
CA GLU C 301 4.33 32.64 8.87
C GLU C 301 4.31 31.53 7.80
N PRO C 302 5.21 30.51 7.90
CA PRO C 302 5.13 29.45 6.88
C PRO C 302 3.92 28.54 7.02
N LEU C 303 3.32 28.51 8.21
CA LEU C 303 2.14 27.70 8.46
C LEU C 303 0.89 28.47 8.02
N LEU C 304 0.96 29.79 8.15
CA LEU C 304 -0.12 30.70 7.74
C LEU C 304 -0.24 30.77 6.23
N ASN C 305 0.92 30.77 5.55
CA ASN C 305 0.95 30.76 4.10
C ASN C 305 0.58 29.38 3.57
N TRP C 306 0.83 28.36 4.38
CA TRP C 306 0.52 26.98 4.02
C TRP C 306 -0.97 26.76 3.96
N MET C 307 -1.67 27.37 4.92
CA MET C 307 -3.12 27.27 4.97
C MET C 307 -3.76 28.08 3.85
N LYS C 308 -3.25 29.29 3.64
CA LYS C 308 -3.75 30.19 2.62
C LYS C 308 -3.49 29.70 1.19
N ASP C 309 -2.30 29.18 0.94
CA ASP C 309 -1.92 28.74 -0.42
C ASP C 309 -2.19 27.28 -0.76
N LYS C 310 -2.33 26.40 0.24
CA LYS C 310 -2.57 24.99 -0.08
C LYS C 310 -3.73 24.30 0.66
N ALA C 311 -3.49 23.91 1.91
CA ALA C 311 -4.49 23.18 2.73
C ALA C 311 -5.91 23.76 2.71
N LEU C 312 -6.04 25.08 2.71
CA LEU C 312 -7.36 25.69 2.64
C LEU C 312 -7.41 26.71 1.51
N LYS C 313 -6.83 26.39 0.36
CA LYS C 313 -6.85 27.34 -0.75
C LYS C 313 -8.29 27.48 -1.25
N ASP C 314 -8.69 28.74 -1.46
CA ASP C 314 -10.04 29.10 -1.92
C ASP C 314 -11.13 28.82 -0.89
N LYS C 315 -10.72 28.61 0.37
CA LYS C 315 -11.64 28.32 1.47
C LYS C 315 -11.66 29.50 2.44
N ILE C 316 -10.47 29.99 2.77
CA ILE C 316 -10.31 31.12 3.68
C ILE C 316 -9.73 32.31 2.94
N GLU C 317 -9.80 33.49 3.54
CA GLU C 317 -9.25 34.67 2.90
C GLU C 317 -7.79 34.82 3.27
N LYS C 318 -7.48 34.59 4.54
CA LYS C 318 -6.12 34.66 5.06
C LYS C 318 -6.06 33.94 6.39
N ALA C 319 -4.87 33.50 6.79
CA ALA C 319 -4.66 32.84 8.06
C ALA C 319 -3.79 33.76 8.91
N VAL C 320 -4.23 34.04 10.13
CA VAL C 320 -3.47 34.91 11.03
C VAL C 320 -3.33 34.32 12.44
N VAL C 321 -2.48 34.94 13.24
CA VAL C 321 -2.27 34.53 14.62
C VAL C 321 -3.31 35.23 15.49
N SER C 322 -4.17 34.43 16.11
CA SER C 322 -5.26 34.96 16.93
C SER C 322 -4.82 35.54 18.27
N GLN C 323 -5.46 36.63 18.65
CA GLN C 323 -5.21 37.27 19.93
C GLN C 323 -6.42 37.17 20.85
N ARG C 324 -7.53 36.66 20.35
CA ARG C 324 -8.73 36.59 21.14
C ARG C 324 -9.00 35.22 21.77
N LEU C 325 -8.16 34.23 21.45
CA LEU C 325 -8.35 32.86 21.91
C LEU C 325 -7.61 32.45 23.18
N THR C 326 -8.28 31.66 24.01
CA THR C 326 -7.68 31.13 25.23
C THR C 326 -7.43 29.64 25.05
N GLU C 327 -8.50 28.84 25.11
CA GLU C 327 -8.35 27.38 25.00
C GLU C 327 -8.76 26.76 23.67
N SER C 328 -9.35 27.54 22.79
CA SER C 328 -9.74 27.04 21.47
C SER C 328 -8.55 27.06 20.52
N PRO C 329 -8.45 26.05 19.65
CA PRO C 329 -7.39 25.99 18.68
C PRO C 329 -7.52 27.06 17.60
N CYS C 330 -8.72 27.24 17.06
CA CYS C 330 -8.94 28.20 15.99
C CYS C 330 -10.39 28.66 15.89
N ALA C 331 -10.62 29.71 15.09
CA ALA C 331 -11.96 30.27 14.87
C ALA C 331 -12.02 31.12 13.60
N LEU C 332 -13.19 31.19 12.98
CA LEU C 332 -13.39 32.02 11.79
C LEU C 332 -13.83 33.42 12.17
N VAL C 333 -13.13 34.41 11.65
CA VAL C 333 -13.45 35.81 11.96
C VAL C 333 -13.86 36.60 10.72
N ALA C 334 -15.05 37.18 10.76
CA ALA C 334 -15.57 37.95 9.63
C ALA C 334 -14.91 39.31 9.55
N SER C 335 -15.00 39.96 8.39
CA SER C 335 -14.43 41.30 8.25
C SER C 335 -15.24 42.29 9.08
N GLN C 336 -14.74 43.52 9.21
CA GLN C 336 -15.40 44.52 10.04
C GLN C 336 -16.87 44.82 9.73
N TYR C 337 -17.19 44.95 8.45
CA TYR C 337 -18.58 45.25 8.11
C TYR C 337 -19.18 44.09 7.34
N GLY C 338 -18.59 42.90 7.52
CA GLY C 338 -19.09 41.69 6.88
C GLY C 338 -20.16 41.02 7.73
N TRP C 339 -20.54 39.81 7.35
CA TRP C 339 -21.56 39.09 8.08
C TRP C 339 -20.96 38.17 9.13
N SER C 340 -21.39 38.35 10.37
CA SER C 340 -20.95 37.50 11.46
C SER C 340 -21.67 36.17 11.31
N GLY C 341 -21.31 35.18 12.12
CA GLY C 341 -21.98 33.90 12.06
C GLY C 341 -23.48 34.04 12.27
N ASN C 342 -23.84 34.86 13.27
CA ASN C 342 -25.23 35.07 13.62
C ASN C 342 -25.96 35.73 12.47
N MET C 343 -25.33 36.78 11.92
CA MET C 343 -25.89 37.48 10.78
C MET C 343 -26.18 36.57 9.62
N GLU C 344 -25.24 35.70 9.32
CA GLU C 344 -25.38 34.78 8.21
C GLU C 344 -26.64 33.94 8.41
N ARG C 345 -26.80 33.37 9.61
CA ARG C 345 -27.94 32.49 9.90
C ARG C 345 -29.27 33.20 9.74
N ILE C 346 -29.36 34.40 10.31
CA ILE C 346 -30.57 35.22 10.24
C ILE C 346 -30.91 35.60 8.81
N MET C 347 -29.90 36.06 8.08
CA MET C 347 -30.09 36.47 6.68
C MET C 347 -30.54 35.32 5.80
N LYS C 348 -29.86 34.18 5.91
CA LYS C 348 -30.21 32.99 5.14
C LYS C 348 -31.61 32.46 5.42
N ALA C 349 -32.01 32.51 6.70
CA ALA C 349 -33.33 32.04 7.12
C ALA C 349 -34.45 32.86 6.50
N GLN C 350 -34.35 34.17 6.68
CA GLN C 350 -35.32 35.13 6.16
C GLN C 350 -35.37 35.13 4.63
N ALA C 351 -34.21 34.89 4.02
CA ALA C 351 -34.09 34.83 2.56
C ALA C 351 -34.68 33.54 1.99
N TYR C 352 -34.88 32.56 2.87
CA TYR C 352 -35.45 31.28 2.49
C TYR C 352 -36.95 31.30 2.76
N GLN C 353 -37.32 31.81 3.93
CA GLN C 353 -38.72 31.90 4.32
C GLN C 353 -39.45 32.91 3.44
N THR C 354 -38.75 33.94 2.99
CA THR C 354 -39.37 34.99 2.17
C THR C 354 -38.69 35.26 0.83
N GLY C 355 -37.43 35.72 0.89
CA GLY C 355 -36.65 36.10 -0.30
C GLY C 355 -36.45 35.08 -1.41
N LYS C 356 -35.68 35.47 -2.43
CA LYS C 356 -35.43 34.60 -3.57
C LYS C 356 -33.96 34.21 -3.72
N ASP C 357 -33.46 33.44 -2.74
CA ASP C 357 -32.09 32.90 -2.72
C ASP C 357 -30.94 33.88 -2.95
N ILE C 358 -30.58 34.62 -1.90
CA ILE C 358 -29.44 35.52 -1.94
C ILE C 358 -28.18 34.68 -1.78
N SER C 359 -27.93 33.81 -2.77
CA SER C 359 -26.77 32.92 -2.78
C SER C 359 -25.58 33.68 -3.31
N THR C 360 -25.76 34.28 -4.49
CA THR C 360 -24.74 35.12 -5.10
C THR C 360 -25.01 36.57 -4.70
N ASN C 361 -24.89 36.84 -3.40
CA ASN C 361 -25.06 38.19 -2.87
C ASN C 361 -23.68 38.84 -2.88
N TYR C 362 -23.08 39.03 -1.70
CA TYR C 362 -21.78 39.66 -1.62
C TYR C 362 -21.01 39.12 -0.46
N TYR C 363 -21.26 39.75 0.69
CA TYR C 363 -20.65 39.30 1.92
C TYR C 363 -21.51 38.23 2.57
N ALA C 364 -22.13 37.44 1.69
CA ALA C 364 -22.93 36.28 2.04
C ALA C 364 -22.06 35.09 1.72
N SER C 365 -21.39 35.16 0.58
CA SER C 365 -20.49 34.11 0.15
C SER C 365 -19.04 34.58 0.16
N GLN C 366 -18.66 35.34 1.18
CA GLN C 366 -17.26 35.77 1.28
C GLN C 366 -16.51 34.88 2.26
N LYS C 367 -15.23 34.64 1.95
CA LYS C 367 -14.38 33.79 2.77
C LYS C 367 -14.05 34.53 4.07
N LYS C 368 -13.87 33.78 5.16
CA LYS C 368 -13.57 34.42 6.44
C LYS C 368 -12.07 34.38 6.73
N THR C 369 -11.65 35.11 7.77
CA THR C 369 -10.26 35.13 8.19
C THR C 369 -10.11 34.00 9.20
N PHE C 370 -9.18 33.10 8.94
CA PHE C 370 -8.96 31.95 9.80
C PHE C 370 -7.91 32.27 10.84
N GLU C 371 -8.32 32.32 12.10
CA GLU C 371 -7.42 32.66 13.19
C GLU C 371 -6.99 31.48 14.02
N ILE C 372 -5.68 31.32 14.18
CA ILE C 372 -5.15 30.21 14.97
C ILE C 372 -4.52 30.65 16.29
N ASN C 373 -4.68 29.81 17.31
CA ASN C 373 -4.13 30.04 18.63
C ASN C 373 -2.68 29.61 18.59
N PRO C 374 -1.75 30.57 18.74
CA PRO C 374 -0.30 30.30 18.65
C PRO C 374 0.20 29.39 19.77
N ARG C 375 -0.60 29.25 20.83
CA ARG C 375 -0.20 28.45 21.96
C ARG C 375 -1.11 27.25 22.17
N HIS C 376 -1.45 26.56 21.10
CA HIS C 376 -2.27 25.37 21.25
C HIS C 376 -1.44 24.20 20.77
N PRO C 377 -1.40 23.11 21.56
CA PRO C 377 -0.63 21.89 21.27
C PRO C 377 -0.82 21.39 19.85
N LEU C 378 -2.05 21.48 19.36
CA LEU C 378 -2.36 21.03 18.02
C LEU C 378 -1.80 22.00 16.96
N ILE C 379 -1.95 23.30 17.18
CA ILE C 379 -1.41 24.30 16.25
C ILE C 379 0.13 24.23 16.21
N LYS C 380 0.75 24.04 17.38
CA LYS C 380 2.21 23.95 17.47
C LYS C 380 2.79 22.73 16.73
N ASP C 381 2.08 21.60 16.77
CA ASP C 381 2.49 20.40 16.04
C ASP C 381 2.34 20.62 14.55
N MET C 382 1.33 21.41 14.21
CA MET C 382 1.02 21.70 12.83
C MET C 382 2.15 22.53 12.22
N LEU C 383 2.60 23.55 12.96
CA LEU C 383 3.71 24.39 12.53
C LEU C 383 4.97 23.56 12.30
N ARG C 384 5.29 22.70 13.27
CA ARG C 384 6.48 21.85 13.17
C ARG C 384 6.39 20.84 12.03
N ARG C 385 5.23 20.21 11.88
CA ARG C 385 5.07 19.19 10.86
C ARG C 385 5.06 19.77 9.45
N VAL C 386 4.68 21.05 9.34
CA VAL C 386 4.68 21.76 8.05
C VAL C 386 6.09 22.19 7.62
N LYS C 387 6.91 22.65 8.56
CA LYS C 387 8.29 23.07 8.26
C LYS C 387 9.17 21.90 7.80
N GLU C 388 8.78 20.68 8.18
CA GLU C 388 9.49 19.47 7.77
C GLU C 388 8.91 18.98 6.46
N ASP C 389 7.76 18.31 6.54
CA ASP C 389 7.05 17.81 5.37
C ASP C 389 5.85 18.72 5.13
N GLU C 390 5.96 19.56 4.11
CA GLU C 390 4.91 20.51 3.76
C GLU C 390 3.75 19.86 2.97
N ASP C 391 4.05 18.71 2.38
CA ASP C 391 3.06 17.97 1.58
C ASP C 391 2.63 16.68 2.26
N ASP C 392 2.63 16.71 3.59
CA ASP C 392 2.17 15.58 4.38
C ASP C 392 0.65 15.65 4.33
N LYS C 393 0.03 14.70 3.63
CA LYS C 393 -1.42 14.68 3.47
C LYS C 393 -2.18 14.55 4.79
N THR C 394 -1.56 13.88 5.76
CA THR C 394 -2.16 13.70 7.09
C THR C 394 -2.46 15.06 7.74
N VAL C 395 -1.49 15.97 7.66
CA VAL C 395 -1.63 17.32 8.22
C VAL C 395 -2.61 18.10 7.36
N SER C 396 -2.48 17.95 6.04
CA SER C 396 -3.33 18.64 5.08
C SER C 396 -4.81 18.27 5.31
N ASP C 397 -5.07 16.96 5.52
CA ASP C 397 -6.43 16.48 5.78
C ASP C 397 -6.93 16.85 7.16
N LEU C 398 -6.03 16.91 8.13
CA LEU C 398 -6.39 17.30 9.49
C LEU C 398 -6.80 18.76 9.54
N ALA C 399 -6.03 19.61 8.84
CA ALA C 399 -6.27 21.04 8.78
C ALA C 399 -7.64 21.38 8.22
N VAL C 400 -8.21 20.49 7.41
CA VAL C 400 -9.54 20.71 6.86
C VAL C 400 -10.60 20.34 7.89
N VAL C 401 -10.43 19.19 8.54
CA VAL C 401 -11.34 18.75 9.59
C VAL C 401 -11.39 19.79 10.71
N LEU C 402 -10.23 20.33 11.03
CA LEU C 402 -10.11 21.34 12.06
C LEU C 402 -10.82 22.63 11.62
N PHE C 403 -10.65 22.98 10.35
CA PHE C 403 -11.24 24.18 9.78
C PHE C 403 -12.74 24.09 9.74
N GLU C 404 -13.24 22.92 9.39
CA GLU C 404 -14.68 22.73 9.31
C GLU C 404 -15.32 22.67 10.68
N THR C 405 -14.61 22.13 11.66
CA THR C 405 -15.12 22.08 13.03
C THR C 405 -15.17 23.50 13.55
N ALA C 406 -14.17 24.29 13.19
CA ALA C 406 -14.12 25.69 13.58
C ALA C 406 -15.18 26.49 12.85
N THR C 407 -15.60 26.01 11.67
CA THR C 407 -16.65 26.67 10.90
C THR C 407 -17.95 26.57 11.69
N LEU C 408 -18.20 25.42 12.30
CA LEU C 408 -19.39 25.23 13.11
C LEU C 408 -19.28 25.99 14.41
N ARG C 409 -18.12 25.91 15.04
CA ARG C 409 -17.92 26.60 16.30
C ARG C 409 -18.04 28.11 16.19
N SER C 410 -17.72 28.65 15.02
CA SER C 410 -17.80 30.07 14.81
C SER C 410 -19.22 30.51 14.49
N GLY C 411 -20.13 29.55 14.38
CA GLY C 411 -21.52 29.87 14.12
C GLY C 411 -21.88 29.99 12.67
N TYR C 412 -20.97 29.56 11.79
CA TYR C 412 -21.23 29.60 10.34
C TYR C 412 -21.84 28.29 9.85
N LEU C 413 -22.55 28.37 8.73
CA LEU C 413 -23.16 27.19 8.16
C LEU C 413 -22.16 26.36 7.42
N LEU C 414 -22.31 25.05 7.57
CA LEU C 414 -21.41 24.12 6.92
C LEU C 414 -21.94 23.85 5.50
N PRO C 415 -21.12 24.15 4.48
CA PRO C 415 -21.41 24.04 3.06
C PRO C 415 -21.90 22.67 2.61
N ASP C 416 -21.15 21.62 2.98
CA ASP C 416 -21.46 20.28 2.54
C ASP C 416 -21.28 19.28 3.69
N THR C 417 -22.35 19.03 4.44
CA THR C 417 -22.31 18.14 5.60
C THR C 417 -22.04 16.67 5.21
N LYS C 418 -22.36 16.34 3.96
CA LYS C 418 -22.11 15.01 3.44
C LYS C 418 -20.60 14.79 3.40
N ALA C 419 -19.86 15.78 2.90
CA ALA C 419 -18.40 15.70 2.80
C ALA C 419 -17.77 15.69 4.18
N TYR C 420 -18.26 16.56 5.05
CA TYR C 420 -17.74 16.69 6.41
C TYR C 420 -17.87 15.40 7.20
N GLY C 421 -19.04 14.77 7.14
CA GLY C 421 -19.26 13.51 7.83
C GLY C 421 -18.30 12.44 7.35
N ASP C 422 -18.04 12.44 6.05
CA ASP C 422 -17.13 11.50 5.42
C ASP C 422 -15.69 11.72 5.90
N ARG C 423 -15.30 12.98 6.11
CA ARG C 423 -13.95 13.26 6.61
C ARG C 423 -13.78 12.83 8.05
N ILE C 424 -14.84 12.96 8.84
CA ILE C 424 -14.79 12.52 10.23
C ILE C 424 -14.71 11.00 10.20
N GLU C 425 -15.54 10.38 9.37
CA GLU C 425 -15.57 8.92 9.23
C GLU C 425 -14.18 8.38 8.87
N ARG C 426 -13.52 9.02 7.90
CA ARG C 426 -12.19 8.61 7.44
C ARG C 426 -11.20 8.63 8.58
N MET C 427 -11.31 9.64 9.44
CA MET C 427 -10.42 9.80 10.58
C MET C 427 -10.82 8.90 11.75
N LEU C 428 -12.12 8.66 11.91
CA LEU C 428 -12.62 7.76 12.95
C LEU C 428 -12.09 6.36 12.74
N ARG C 429 -12.05 5.95 11.47
CA ARG C 429 -11.59 4.62 11.11
C ARG C 429 -10.07 4.46 11.27
N LEU C 430 -9.36 5.57 11.43
CA LEU C 430 -7.93 5.51 11.70
C LEU C 430 -7.76 5.16 13.18
N SER C 431 -8.66 5.70 14.01
CA SER C 431 -8.67 5.46 15.45
C SER C 431 -9.26 4.09 15.81
N LEU C 432 -9.26 3.19 14.84
CA LEU C 432 -9.73 1.82 15.02
C LEU C 432 -8.78 0.89 14.25
N ASN C 433 -8.60 1.22 12.98
CA ASN C 433 -7.71 0.56 12.04
C ASN C 433 -8.36 0.55 10.65
N ILE C 434 -9.60 0.09 10.57
CA ILE C 434 -10.37 -0.02 9.30
C ILE C 434 -9.86 0.80 8.09
N ASP C 435 -9.27 0.10 7.12
CA ASP C 435 -8.71 0.67 5.85
C ASP C 435 -9.61 1.77 5.26
N PRO C 436 -9.20 3.05 5.40
CA PRO C 436 -9.98 4.20 4.95
C PRO C 436 -10.60 4.08 3.55
N ASP C 437 -9.81 4.29 2.50
CA ASP C 437 -10.30 4.23 1.13
C ASP C 437 -10.77 2.83 0.75
N ALA C 438 -9.89 1.84 0.97
CA ALA C 438 -10.18 0.46 0.57
C ALA C 438 -10.99 -0.43 1.54
N LYS C 439 -11.99 0.17 2.21
CA LYS C 439 -12.94 -0.57 3.08
C LYS C 439 -14.35 0.00 3.03
N VAL C 440 -14.44 1.33 2.99
CA VAL C 440 -15.74 2.03 2.90
C VAL C 440 -16.40 1.64 1.57
N GLU C 441 -15.65 0.89 0.77
CA GLU C 441 -16.18 0.37 -0.47
C GLU C 441 -16.68 -1.03 -0.17
N GLU C 442 -15.78 -1.86 0.34
CA GLU C 442 -16.02 -3.30 0.57
C GLU C 442 -17.33 -3.83 1.18
N GLU C 443 -17.48 -3.75 2.50
CA GLU C 443 -18.69 -4.23 3.18
C GLU C 443 -19.93 -3.44 2.81
N PRO C 444 -19.79 -2.10 2.65
CA PRO C 444 -20.92 -1.29 2.19
C PRO C 444 -21.34 -1.63 0.74
N GLU C 445 -20.66 -2.60 0.13
CA GLU C 445 -21.00 -3.07 -1.21
C GLU C 445 -21.01 -4.61 -1.20
N GLU C 446 -21.37 -5.18 -0.06
CA GLU C 446 -21.55 -6.63 0.06
C GLU C 446 -23.05 -6.89 0.04
N GLU C 447 -23.78 -5.80 -0.16
CA GLU C 447 -25.23 -5.80 -0.24
C GLU C 447 -25.85 -6.54 -1.44
N PRO C 448 -25.15 -6.62 -2.61
CA PRO C 448 -25.72 -7.39 -3.74
C PRO C 448 -26.18 -8.80 -3.39
N GLU C 449 -25.78 -9.28 -2.21
CA GLU C 449 -26.19 -10.59 -1.73
C GLU C 449 -27.63 -10.55 -1.23
N GLU C 450 -27.98 -9.44 -0.58
CA GLU C 450 -29.31 -9.22 0.00
C GLU C 450 -30.41 -9.26 -1.07
N LYS D 25 9.33 44.19 0.58
CA LYS D 25 10.75 44.49 0.26
C LYS D 25 11.55 43.19 0.15
N PRO D 26 12.05 42.89 -1.06
CA PRO D 26 12.82 41.65 -1.29
C PRO D 26 14.01 41.53 -0.34
N ILE D 27 14.34 40.28 0.01
CA ILE D 27 15.44 39.98 0.94
C ILE D 27 16.76 40.63 0.50
N TRP D 28 17.01 40.65 -0.80
CA TRP D 28 18.26 41.21 -1.34
C TRP D 28 18.34 42.75 -1.44
N GLN D 29 17.21 43.44 -1.25
CA GLN D 29 17.19 44.89 -1.37
C GLN D 29 17.42 45.65 -0.06
N ARG D 30 17.31 44.93 1.05
CA ARG D 30 17.52 45.48 2.39
C ARG D 30 19.03 45.54 2.67
N PRO D 31 19.46 46.44 3.59
CA PRO D 31 20.88 46.53 3.96
C PRO D 31 21.42 45.24 4.54
N SER D 32 22.71 45.00 4.30
CA SER D 32 23.39 43.78 4.74
C SER D 32 23.30 43.55 6.25
N LYS D 33 23.45 44.63 7.01
CA LYS D 33 23.47 44.58 8.48
C LYS D 33 22.09 44.44 9.12
N GLU D 34 21.03 44.63 8.34
CA GLU D 34 19.67 44.55 8.89
C GLU D 34 18.97 43.21 8.74
N VAL D 35 19.55 42.30 7.96
CA VAL D 35 18.92 40.99 7.73
C VAL D 35 19.40 39.94 8.73
N GLU D 36 18.44 39.22 9.31
CA GLU D 36 18.71 38.15 10.28
C GLU D 36 19.38 36.96 9.63
N ASP D 37 20.22 36.28 10.41
CA ASP D 37 20.92 35.08 9.96
C ASP D 37 19.92 33.98 9.59
N ASP D 38 18.80 33.94 10.32
CA ASP D 38 17.75 32.96 10.12
C ASP D 38 17.01 33.16 8.79
N GLU D 39 16.73 34.43 8.47
CA GLU D 39 16.01 34.79 7.25
C GLU D 39 16.75 34.43 5.97
N TYR D 40 18.08 34.50 5.99
CA TYR D 40 18.88 34.10 4.84
C TYR D 40 18.74 32.60 4.67
N LYS D 41 18.86 31.87 5.79
CA LYS D 41 18.76 30.41 5.81
C LYS D 41 17.38 29.92 5.35
N ALA D 42 16.36 30.72 5.63
CA ALA D 42 15.00 30.41 5.22
C ALA D 42 14.82 30.70 3.73
N PHE D 43 15.48 31.75 3.25
CA PHE D 43 15.43 32.18 1.86
C PHE D 43 16.04 31.16 0.90
N TYR D 44 17.11 30.51 1.33
CA TYR D 44 17.81 29.51 0.53
C TYR D 44 16.91 28.30 0.21
N LYS D 45 16.16 27.86 1.22
CA LYS D 45 15.30 26.69 1.08
C LYS D 45 14.07 26.96 0.19
N SER D 46 13.70 28.23 0.07
CA SER D 46 12.51 28.63 -0.69
C SER D 46 12.55 28.28 -2.18
N PHE D 47 13.74 28.28 -2.79
CA PHE D 47 13.85 27.99 -4.22
C PHE D 47 14.61 26.70 -4.54
N SER D 48 14.75 25.82 -3.56
CA SER D 48 15.46 24.58 -3.78
C SER D 48 14.98 23.39 -2.94
N LYS D 49 14.01 23.64 -2.05
CA LYS D 49 13.48 22.61 -1.12
C LYS D 49 14.62 21.93 -0.32
N GLU D 50 14.60 20.59 -0.22
CA GLU D 50 15.62 19.79 0.50
C GLU D 50 15.58 19.91 2.03
N SER D 51 15.00 21.01 2.51
CA SER D 51 14.81 21.34 3.94
C SER D 51 16.09 21.37 4.81
N ASP D 52 17.23 21.77 4.23
CA ASP D 52 18.50 21.86 4.98
C ASP D 52 19.33 23.12 4.66
N ASP D 53 20.11 23.56 5.64
CA ASP D 53 20.93 24.78 5.56
C ASP D 53 22.03 24.80 4.48
N PRO D 54 22.38 26.01 3.97
CA PRO D 54 23.48 26.15 3.03
C PRO D 54 24.80 26.20 3.80
N MET D 55 25.92 26.04 3.10
CA MET D 55 27.20 26.03 3.78
C MET D 55 27.66 27.45 4.13
N ALA D 56 27.31 28.40 3.27
CA ALA D 56 27.64 29.81 3.48
C ALA D 56 26.89 30.71 2.50
N TYR D 57 27.00 32.01 2.72
CA TYR D 57 26.34 32.99 1.87
C TYR D 57 26.93 34.37 2.10
N ILE D 58 26.81 35.22 1.10
CA ILE D 58 27.20 36.61 1.22
C ILE D 58 26.18 37.51 0.54
N HIS D 59 25.84 38.60 1.23
CA HIS D 59 24.91 39.57 0.68
C HIS D 59 25.70 40.83 0.39
N PHE D 60 25.75 41.21 -0.87
CA PHE D 60 26.52 42.38 -1.24
C PHE D 60 25.82 43.24 -2.27
N THR D 61 26.23 44.50 -2.32
CA THR D 61 25.73 45.45 -3.27
C THR D 61 26.94 45.93 -4.07
N ALA D 62 26.80 46.05 -5.39
CA ALA D 62 27.91 46.45 -6.24
C ALA D 62 27.86 47.90 -6.66
N GLU D 63 29.03 48.52 -6.65
CA GLU D 63 29.16 49.91 -7.03
C GLU D 63 30.12 50.04 -8.20
N GLY D 64 30.05 51.18 -8.88
CA GLY D 64 30.97 51.47 -9.98
C GLY D 64 30.37 51.59 -11.36
N GLU D 65 30.89 50.75 -12.26
CA GLU D 65 30.46 50.71 -13.66
C GLU D 65 29.04 50.16 -13.78
N VAL D 66 28.80 49.03 -13.11
CA VAL D 66 27.49 48.39 -13.06
C VAL D 66 27.03 48.28 -11.60
N THR D 67 25.81 48.72 -11.33
CA THR D 67 25.24 48.64 -9.99
C THR D 67 24.20 47.51 -9.95
N PHE D 68 24.22 46.75 -8.86
CA PHE D 68 23.27 45.66 -8.64
C PHE D 68 23.43 45.09 -7.25
N LYS D 69 22.35 44.51 -6.72
CA LYS D 69 22.41 43.87 -5.41
C LYS D 69 22.35 42.36 -5.63
N SER D 70 22.93 41.59 -4.71
CA SER D 70 22.94 40.13 -4.88
C SER D 70 23.15 39.36 -3.59
N ILE D 71 22.69 38.10 -3.61
CA ILE D 71 22.90 37.17 -2.52
C ILE D 71 23.34 35.87 -3.17
N LEU D 72 24.53 35.39 -2.84
CA LEU D 72 25.02 34.15 -3.43
C LEU D 72 25.19 33.09 -2.35
N PHE D 73 24.83 31.86 -2.67
CA PHE D 73 24.89 30.74 -1.72
C PHE D 73 25.81 29.61 -2.12
N VAL D 74 26.27 28.87 -1.11
CA VAL D 74 27.07 27.68 -1.30
C VAL D 74 26.30 26.56 -0.61
N PRO D 75 25.76 25.63 -1.39
CA PRO D 75 25.01 24.51 -0.85
C PRO D 75 25.94 23.55 -0.13
N THR D 76 25.39 22.47 0.43
CA THR D 76 26.23 21.49 1.11
C THR D 76 26.47 20.24 0.26
N SER D 77 25.86 20.18 -0.92
CA SER D 77 26.00 19.05 -1.84
C SER D 77 25.83 19.40 -3.32
N ALA D 78 26.64 18.79 -4.17
CA ALA D 78 26.56 19.03 -5.61
C ALA D 78 25.32 18.39 -6.27
N PRO D 79 25.13 17.07 -6.05
CA PRO D 79 24.02 16.27 -6.58
C PRO D 79 24.05 16.05 -8.10
N TYR D 93 21.27 27.52 -11.97
CA TYR D 93 20.25 27.96 -11.01
C TYR D 93 20.49 29.32 -10.34
N ILE D 94 20.48 30.37 -11.14
CA ILE D 94 20.62 31.74 -10.65
C ILE D 94 19.48 32.64 -11.16
N LYS D 95 18.73 33.17 -10.21
CA LYS D 95 17.59 34.03 -10.49
C LYS D 95 18.05 35.41 -10.96
N LEU D 96 17.58 35.83 -12.14
CA LEU D 96 17.91 37.14 -12.70
C LEU D 96 16.73 38.11 -12.60
N TYR D 97 17.01 39.30 -12.10
CA TYR D 97 16.00 40.35 -11.94
C TYR D 97 16.49 41.67 -12.52
N VAL D 98 15.74 42.24 -13.46
CA VAL D 98 16.12 43.52 -14.08
C VAL D 98 15.16 44.61 -13.59
N ARG D 99 15.72 45.57 -12.85
CA ARG D 99 14.95 46.66 -12.23
C ARG D 99 13.82 46.08 -11.39
N ARG D 100 14.16 45.05 -10.64
CA ARG D 100 13.24 44.35 -9.73
C ARG D 100 12.12 43.54 -10.42
N VAL D 101 12.31 43.16 -11.68
CA VAL D 101 11.29 42.36 -12.38
C VAL D 101 11.86 40.99 -12.74
N PHE D 102 11.20 39.91 -12.32
CA PHE D 102 11.67 38.55 -12.61
C PHE D 102 11.77 38.28 -14.11
N ILE D 103 12.97 37.93 -14.54
CA ILE D 103 13.22 37.67 -15.96
C ILE D 103 13.29 36.18 -16.28
N THR D 104 14.15 35.45 -15.58
CA THR D 104 14.33 34.02 -15.80
C THR D 104 15.32 33.44 -14.79
N ASP D 105 15.87 32.26 -15.11
CA ASP D 105 16.88 31.56 -14.29
C ASP D 105 17.57 30.46 -15.11
N ASP D 106 17.23 30.46 -16.41
CA ASP D 106 17.76 29.51 -17.41
C ASP D 106 19.15 29.90 -17.93
N PHE D 107 19.55 31.14 -17.65
CA PHE D 107 20.84 31.67 -18.05
C PHE D 107 21.91 30.82 -17.40
N HIS D 108 22.46 29.89 -18.18
CA HIS D 108 23.50 29.01 -17.64
C HIS D 108 24.92 29.61 -17.74
N ASP D 109 25.06 30.67 -18.52
CA ASP D 109 26.34 31.35 -18.66
C ASP D 109 26.51 32.49 -17.64
N MET D 110 25.79 32.38 -16.53
CA MET D 110 25.88 33.38 -15.46
C MET D 110 27.14 33.18 -14.65
N MET D 111 27.38 31.93 -14.29
CA MET D 111 28.57 31.56 -13.57
C MET D 111 29.42 30.79 -14.55
N PRO D 112 30.74 30.83 -14.37
CA PRO D 112 31.62 30.05 -15.23
C PRO D 112 31.44 28.56 -14.94
N LYS D 113 31.85 27.73 -15.88
CA LYS D 113 31.75 26.28 -15.76
C LYS D 113 31.90 25.75 -14.33
N TYR D 114 33.04 26.03 -13.69
CA TYR D 114 33.32 25.50 -12.37
C TYR D 114 32.50 26.04 -11.20
N LEU D 115 31.72 27.09 -11.44
CA LEU D 115 30.90 27.65 -10.37
C LEU D 115 29.42 27.44 -10.63
N ASN D 116 29.11 26.36 -11.33
CA ASN D 116 27.73 26.02 -11.68
C ASN D 116 26.91 25.53 -10.49
N PHE D 117 27.57 25.36 -9.34
CA PHE D 117 26.89 24.92 -8.13
C PHE D 117 26.34 26.08 -7.31
N VAL D 118 26.85 27.27 -7.58
CA VAL D 118 26.45 28.46 -6.86
C VAL D 118 25.03 28.84 -7.20
N LYS D 119 24.20 28.95 -6.17
CA LYS D 119 22.79 29.33 -6.30
C LYS D 119 22.57 30.73 -5.72
N GLY D 120 21.60 31.46 -6.26
CA GLY D 120 21.32 32.79 -5.75
C GLY D 120 20.51 33.72 -6.63
N VAL D 121 20.46 34.99 -6.20
CA VAL D 121 19.72 36.07 -6.90
C VAL D 121 20.59 37.24 -7.32
N VAL D 122 20.26 37.83 -8.47
CA VAL D 122 20.98 38.98 -9.00
C VAL D 122 19.94 40.00 -9.46
N ASP D 123 19.97 41.19 -8.87
CA ASP D 123 19.02 42.24 -9.20
C ASP D 123 19.69 43.48 -9.80
N SER D 124 19.85 43.46 -11.12
CA SER D 124 20.44 44.57 -11.87
C SER D 124 19.43 45.68 -12.06
N ASP D 125 19.93 46.85 -12.45
CA ASP D 125 19.08 48.00 -12.75
C ASP D 125 19.73 48.81 -13.86
N ASP D 126 20.58 48.14 -14.63
CA ASP D 126 21.32 48.74 -15.75
C ASP D 126 21.01 48.06 -17.07
N LEU D 127 20.78 46.75 -17.03
CA LEU D 127 20.46 45.94 -18.21
C LEU D 127 19.21 46.40 -18.97
N PRO D 128 19.16 46.15 -20.31
CA PRO D 128 17.99 46.54 -21.10
C PRO D 128 16.78 45.65 -20.77
N LEU D 129 15.78 46.26 -20.14
CA LEU D 129 14.54 45.58 -19.75
C LEU D 129 13.67 45.18 -20.95
N ASN D 130 13.46 46.13 -21.86
CA ASN D 130 12.61 45.91 -23.00
C ASN D 130 13.33 45.36 -24.23
N VAL D 131 13.95 44.20 -24.08
CA VAL D 131 14.67 43.54 -25.16
C VAL D 131 14.41 42.03 -25.17
N SER D 132 15.10 41.33 -26.05
CA SER D 132 14.99 39.87 -26.15
C SER D 132 15.97 39.14 -25.20
N ARG D 133 15.81 37.82 -25.08
CA ARG D 133 16.70 36.98 -24.25
C ARG D 133 18.02 36.62 -24.93
N GLU D 134 18.02 36.72 -26.26
CA GLU D 134 19.22 36.47 -27.06
C GLU D 134 20.12 37.70 -26.96
N THR D 135 19.49 38.88 -27.09
CA THR D 135 20.14 40.19 -27.01
C THR D 135 20.77 40.41 -25.62
N LEU D 136 19.95 40.18 -24.60
CA LEU D 136 20.33 40.36 -23.19
C LEU D 136 21.47 39.44 -22.74
N GLN D 137 21.53 38.23 -23.28
CA GLN D 137 22.58 37.29 -22.90
C GLN D 137 23.92 37.66 -23.56
N GLN D 138 23.82 38.38 -24.68
CA GLN D 138 24.98 38.82 -25.44
C GLN D 138 25.32 40.31 -25.27
N HIS D 139 24.90 40.91 -24.16
CA HIS D 139 25.14 42.35 -23.93
C HIS D 139 26.54 42.65 -23.37
N LYS D 140 26.97 43.90 -23.54
CA LYS D 140 28.28 44.38 -23.09
C LYS D 140 28.45 44.24 -21.58
N LEU D 141 27.44 44.66 -20.84
CA LEU D 141 27.47 44.63 -19.38
C LEU D 141 27.34 43.24 -18.76
N LEU D 142 26.95 42.25 -19.58
CA LEU D 142 26.78 40.88 -19.09
C LEU D 142 28.10 40.26 -18.65
N LYS D 143 29.12 40.37 -19.50
CA LYS D 143 30.44 39.82 -19.21
C LYS D 143 31.04 40.49 -17.97
N VAL D 144 30.67 41.75 -17.76
CA VAL D 144 31.13 42.54 -16.62
C VAL D 144 30.57 42.00 -15.30
N ILE D 145 29.25 41.85 -15.24
CA ILE D 145 28.58 41.34 -14.04
C ILE D 145 29.07 39.95 -13.69
N ARG D 146 29.31 39.13 -14.72
CA ARG D 146 29.82 37.78 -14.53
C ARG D 146 31.08 37.77 -13.70
N LYS D 147 32.04 38.64 -14.04
CA LYS D 147 33.30 38.69 -13.32
C LYS D 147 33.17 39.15 -11.88
N LYS D 148 32.30 40.13 -11.62
CA LYS D 148 32.09 40.60 -10.26
C LYS D 148 31.48 39.54 -9.37
N LEU D 149 30.62 38.71 -9.94
CA LEU D 149 30.00 37.63 -9.17
C LEU D 149 31.04 36.61 -8.73
N VAL D 150 31.94 36.27 -9.64
CA VAL D 150 33.01 35.32 -9.36
C VAL D 150 33.89 35.83 -8.23
N ARG D 151 34.39 37.06 -8.38
CA ARG D 151 35.29 37.69 -7.39
C ARG D 151 34.68 37.78 -5.99
N LYS D 152 33.35 37.79 -5.92
CA LYS D 152 32.68 37.82 -4.63
C LYS D 152 32.49 36.39 -4.10
N THR D 153 32.13 35.49 -5.01
CA THR D 153 31.93 34.09 -4.66
C THR D 153 33.17 33.58 -3.97
N LEU D 154 34.33 33.91 -4.54
CA LEU D 154 35.61 33.51 -4.02
C LEU D 154 35.96 34.18 -2.68
N ASP D 155 35.40 35.36 -2.43
CA ASP D 155 35.63 36.06 -1.17
C ASP D 155 34.85 35.33 -0.07
N MET D 156 33.66 34.86 -0.44
CA MET D 156 32.81 34.12 0.46
C MET D 156 33.50 32.85 0.88
N ILE D 157 34.00 32.12 -0.11
CA ILE D 157 34.70 30.86 0.11
C ILE D 157 35.96 31.06 0.95
N LYS D 158 36.66 32.19 0.74
CA LYS D 158 37.88 32.50 1.48
C LYS D 158 37.59 32.60 2.97
N LYS D 159 36.35 32.95 3.31
CA LYS D 159 35.93 33.11 4.71
C LYS D 159 35.19 31.93 5.37
N ILE D 160 35.32 30.72 4.82
CA ILE D 160 34.63 29.58 5.42
C ILE D 160 35.48 29.01 6.55
N ALA D 161 35.32 29.55 7.75
CA ALA D 161 36.06 29.09 8.94
C ALA D 161 37.48 28.59 8.63
N ASP D 162 37.78 27.36 9.09
CA ASP D 162 39.07 26.69 8.87
C ASP D 162 38.91 25.20 9.00
N GLU D 163 38.44 24.77 10.17
CA GLU D 163 38.17 23.36 10.45
C GLU D 163 37.03 22.89 9.55
N LYS D 164 36.08 23.80 9.30
CA LYS D 164 34.92 23.53 8.46
C LYS D 164 35.28 23.46 6.96
N TYR D 165 36.29 24.22 6.54
CA TYR D 165 36.69 24.24 5.14
C TYR D 165 37.16 22.89 4.63
N ASN D 166 38.15 22.32 5.30
CA ASN D 166 38.71 21.03 4.89
C ASN D 166 37.77 19.86 5.09
N ASP D 167 36.96 19.94 6.15
CA ASP D 167 36.02 18.87 6.48
C ASP D 167 34.75 18.91 5.64
N THR D 168 34.36 20.08 5.18
CA THR D 168 33.14 20.17 4.40
C THR D 168 33.35 20.62 2.96
N PHE D 169 33.62 21.91 2.77
CA PHE D 169 33.76 22.48 1.44
C PHE D 169 34.69 21.74 0.50
N TRP D 170 35.85 21.34 0.99
CA TRP D 170 36.80 20.70 0.11
C TRP D 170 36.35 19.34 -0.43
N LYS D 171 35.86 18.45 0.44
CA LYS D 171 35.44 17.14 -0.02
C LYS D 171 34.21 17.21 -0.94
N GLU D 172 33.58 18.37 -0.97
CA GLU D 172 32.41 18.60 -1.79
C GLU D 172 32.73 19.28 -3.12
N PHE D 173 33.38 20.43 -3.06
CA PHE D 173 33.65 21.19 -4.27
C PHE D 173 35.12 21.40 -4.60
N GLY D 174 35.99 20.65 -3.94
CA GLY D 174 37.42 20.78 -4.20
C GLY D 174 37.81 20.61 -5.65
N THR D 175 37.04 19.80 -6.38
CA THR D 175 37.31 19.55 -7.80
C THR D 175 37.09 20.84 -8.60
N ASN D 176 36.06 21.58 -8.23
CA ASN D 176 35.73 22.82 -8.90
C ASN D 176 36.84 23.85 -8.73
N ILE D 177 37.35 23.97 -7.52
CA ILE D 177 38.44 24.89 -7.23
C ILE D 177 39.57 24.55 -8.19
N LYS D 178 39.84 23.25 -8.35
CA LYS D 178 40.89 22.76 -9.24
C LYS D 178 40.59 23.08 -10.70
N LEU D 179 39.35 22.86 -11.13
CA LEU D 179 38.94 23.21 -12.48
C LEU D 179 39.12 24.70 -12.71
N GLY D 180 38.81 25.48 -11.68
CA GLY D 180 38.93 26.93 -11.74
C GLY D 180 40.34 27.40 -12.00
N VAL D 181 41.32 26.74 -11.38
CA VAL D 181 42.73 27.10 -11.54
C VAL D 181 43.10 27.00 -13.03
N ILE D 182 42.50 26.04 -13.69
CA ILE D 182 42.75 25.80 -15.09
C ILE D 182 42.04 26.84 -15.96
N GLU D 183 40.75 27.02 -15.71
CA GLU D 183 39.94 27.91 -16.53
C GLU D 183 40.05 29.39 -16.20
N ASP D 184 39.92 29.72 -14.92
CA ASP D 184 39.89 31.11 -14.48
C ASP D 184 41.27 31.72 -14.19
N HIS D 185 41.95 32.03 -15.28
CA HIS D 185 43.27 32.65 -15.31
C HIS D 185 43.44 33.88 -14.40
N SER D 186 42.42 34.74 -14.34
CA SER D 186 42.50 35.98 -13.58
C SER D 186 42.37 35.82 -12.06
N ASN D 187 41.70 34.76 -11.63
CA ASN D 187 41.56 34.51 -10.21
C ASN D 187 42.42 33.37 -9.76
N ARG D 188 43.39 33.02 -10.61
CA ARG D 188 44.25 31.89 -10.38
C ARG D 188 44.97 31.91 -9.04
N THR D 189 45.65 33.01 -8.74
CA THR D 189 46.39 33.14 -7.49
C THR D 189 45.47 33.16 -6.28
N ARG D 190 44.24 33.60 -6.49
CA ARG D 190 43.26 33.67 -5.42
C ARG D 190 42.80 32.26 -5.11
N LEU D 191 42.65 31.47 -6.17
CA LEU D 191 42.22 30.08 -6.10
C LEU D 191 43.30 29.17 -5.60
N ALA D 192 44.55 29.50 -5.94
CA ALA D 192 45.71 28.72 -5.53
C ALA D 192 45.72 28.46 -4.03
N LYS D 193 45.32 29.47 -3.27
CA LYS D 193 45.27 29.38 -1.81
C LYS D 193 44.18 28.43 -1.33
N LEU D 194 43.14 28.29 -2.13
CA LEU D 194 42.05 27.43 -1.75
C LEU D 194 42.34 25.95 -2.00
N LEU D 195 43.42 25.65 -2.72
CA LEU D 195 43.78 24.28 -3.03
C LEU D 195 44.19 23.52 -1.79
N ARG D 196 43.81 22.24 -1.75
CA ARG D 196 44.16 21.29 -0.67
C ARG D 196 44.58 19.96 -1.27
N PHE D 197 45.71 19.44 -0.84
CA PHE D 197 46.17 18.14 -1.34
C PHE D 197 46.71 17.22 -0.26
N GLN D 198 47.00 15.99 -0.63
CA GLN D 198 47.61 15.07 0.30
C GLN D 198 49.13 15.23 0.20
N SER D 199 49.84 14.96 1.29
CA SER D 199 51.27 15.12 1.26
C SER D 199 51.96 14.13 2.17
N SER D 200 53.26 13.98 1.95
CA SER D 200 54.11 13.08 2.72
C SER D 200 54.24 13.49 4.18
N HIS D 201 53.63 14.60 4.54
CA HIS D 201 53.69 15.09 5.90
C HIS D 201 52.83 14.26 6.84
N HIS D 202 51.75 13.70 6.29
CA HIS D 202 50.81 12.92 7.07
C HIS D 202 50.11 11.89 6.18
N PRO D 203 50.00 10.63 6.65
CA PRO D 203 49.36 9.52 5.94
C PRO D 203 48.01 9.81 5.27
N SER D 204 47.19 10.70 5.83
CA SER D 204 45.88 10.98 5.24
C SER D 204 45.50 12.45 5.11
N ASP D 205 45.66 13.22 6.19
CA ASP D 205 45.31 14.66 6.23
C ASP D 205 45.65 15.50 5.00
N ILE D 206 44.74 16.40 4.64
CA ILE D 206 45.00 17.29 3.51
C ILE D 206 45.74 18.53 3.99
N THR D 207 46.52 19.14 3.10
CA THR D 207 47.32 20.33 3.43
C THR D 207 47.13 21.42 2.40
N SER D 208 47.23 22.67 2.83
CA SER D 208 47.10 23.81 1.91
C SER D 208 48.47 24.11 1.36
N LEU D 209 48.53 24.85 0.27
CA LEU D 209 49.84 25.17 -0.29
C LEU D 209 50.65 26.04 0.66
N ASP D 210 49.97 26.97 1.34
CA ASP D 210 50.62 27.86 2.33
C ASP D 210 51.29 27.08 3.45
N GLN D 211 50.67 25.98 3.84
CA GLN D 211 51.19 25.13 4.90
C GLN D 211 52.44 24.38 4.44
N TYR D 212 52.48 24.03 3.16
CA TYR D 212 53.66 23.34 2.61
C TYR D 212 54.85 24.29 2.66
N VAL D 213 54.64 25.49 2.12
CA VAL D 213 55.66 26.52 2.07
C VAL D 213 56.26 26.76 3.46
N GLU D 214 55.39 26.68 4.48
CA GLU D 214 55.77 26.89 5.88
C GLU D 214 56.73 25.81 6.40
N ARG D 215 56.54 24.57 5.95
CA ARG D 215 57.37 23.46 6.39
C ARG D 215 58.69 23.35 5.64
N MET D 216 58.74 23.93 4.44
CA MET D 216 59.93 23.88 3.58
C MET D 216 61.29 24.14 4.26
N LYS D 217 62.32 23.51 3.70
CA LYS D 217 63.69 23.66 4.18
C LYS D 217 64.21 25.01 3.73
N GLU D 218 65.33 25.43 4.31
CA GLU D 218 65.91 26.75 4.02
C GLU D 218 66.28 27.02 2.58
N LYS D 219 67.14 26.17 2.02
CA LYS D 219 67.60 26.35 0.66
C LYS D 219 66.59 25.83 -0.36
N GLN D 220 65.60 25.04 0.09
CA GLN D 220 64.53 24.52 -0.77
C GLN D 220 63.73 25.67 -1.38
N ASP D 221 63.40 25.55 -2.66
CA ASP D 221 62.66 26.59 -3.37
C ASP D 221 61.70 25.99 -4.39
N LYS D 222 61.46 24.68 -4.25
CA LYS D 222 60.61 23.93 -5.16
C LYS D 222 59.53 23.22 -4.36
N ILE D 223 58.32 23.18 -4.92
CA ILE D 223 57.22 22.47 -4.27
C ILE D 223 57.16 21.14 -4.98
N TYR D 224 57.72 20.12 -4.35
CA TYR D 224 57.82 18.79 -4.90
C TYR D 224 56.51 18.00 -4.88
N PHE D 225 56.11 17.46 -6.02
CA PHE D 225 54.89 16.69 -6.07
C PHE D 225 55.02 15.44 -6.94
N MET D 226 54.15 14.46 -6.65
CA MET D 226 54.09 13.20 -7.37
C MET D 226 52.66 12.90 -7.79
N ALA D 227 52.47 12.60 -9.07
CA ALA D 227 51.15 12.32 -9.59
C ALA D 227 50.95 10.84 -9.83
N GLY D 228 49.77 10.33 -9.50
CA GLY D 228 49.46 8.91 -9.66
C GLY D 228 47.99 8.59 -9.68
N SER D 229 47.68 7.32 -9.49
CA SER D 229 46.31 6.83 -9.55
C SER D 229 45.67 6.72 -8.18
N SER D 230 46.52 6.59 -7.17
CA SER D 230 46.09 6.47 -5.78
C SER D 230 47.25 6.92 -4.94
N ARG D 231 47.00 7.19 -3.66
CA ARG D 231 48.06 7.64 -2.78
C ARG D 231 49.10 6.56 -2.67
N LYS D 232 48.63 5.32 -2.46
CA LYS D 232 49.49 4.14 -2.31
C LYS D 232 50.46 3.96 -3.48
N GLU D 233 50.03 4.29 -4.68
CA GLU D 233 50.89 4.21 -5.85
C GLU D 233 51.96 5.29 -5.82
N ALA D 234 51.52 6.52 -5.59
CA ALA D 234 52.40 7.67 -5.56
C ALA D 234 53.48 7.56 -4.48
N GLU D 235 53.12 7.15 -3.28
CA GLU D 235 54.08 7.06 -2.18
C GLU D 235 55.08 5.94 -2.38
N SER D 236 54.63 4.85 -3.02
CA SER D 236 55.48 3.69 -3.30
C SER D 236 56.48 3.97 -4.41
N SER D 237 56.13 4.90 -5.29
CA SER D 237 56.97 5.28 -6.42
C SER D 237 58.46 5.51 -6.07
N PRO D 238 59.36 5.13 -7.00
CA PRO D 238 60.79 5.30 -6.79
C PRO D 238 61.20 6.75 -6.71
N PHE D 239 60.51 7.63 -7.43
CA PHE D 239 60.93 9.04 -7.51
C PHE D 239 61.05 9.86 -6.21
N VAL D 240 60.25 9.50 -5.21
CA VAL D 240 60.24 10.23 -3.94
C VAL D 240 61.23 9.72 -2.90
N GLU D 241 61.84 8.58 -3.14
CA GLU D 241 62.77 7.94 -2.20
C GLU D 241 63.80 8.80 -1.48
N ARG D 242 64.66 9.48 -2.23
CA ARG D 242 65.68 10.26 -1.56
C ARG D 242 65.11 11.52 -0.94
N LEU D 243 64.31 12.25 -1.70
CA LEU D 243 63.67 13.47 -1.21
C LEU D 243 63.08 13.24 0.18
N LEU D 244 62.42 12.11 0.36
CA LEU D 244 61.84 11.78 1.65
C LEU D 244 62.89 11.51 2.68
N LYS D 245 63.87 10.66 2.34
CA LYS D 245 64.95 10.31 3.25
C LYS D 245 65.74 11.54 3.69
N LYS D 246 65.90 12.48 2.76
CA LYS D 246 66.66 13.71 2.98
C LYS D 246 65.85 14.68 3.86
N GLY D 247 64.54 14.43 3.98
CA GLY D 247 63.66 15.25 4.82
C GLY D 247 62.72 16.21 4.11
N TYR D 248 62.62 16.10 2.78
CA TYR D 248 61.75 16.99 2.02
C TYR D 248 60.32 16.52 2.08
N GLU D 249 59.39 17.40 1.72
CA GLU D 249 57.97 17.05 1.70
C GLU D 249 57.49 16.93 0.26
N VAL D 250 56.68 15.90 -0.01
CA VAL D 250 56.14 15.70 -1.35
C VAL D 250 54.62 15.68 -1.35
N ILE D 251 54.02 16.41 -2.28
CA ILE D 251 52.58 16.47 -2.39
C ILE D 251 52.15 15.30 -3.28
N TYR D 252 51.10 14.56 -2.87
CA TYR D 252 50.64 13.46 -3.70
C TYR D 252 49.38 13.86 -4.43
N LEU D 253 49.40 13.71 -5.75
CA LEU D 253 48.25 14.02 -6.58
C LEU D 253 47.62 12.71 -7.00
N THR D 254 46.42 12.45 -6.51
CA THR D 254 45.75 11.19 -6.78
C THR D 254 44.56 11.38 -7.68
N GLU D 255 44.26 12.61 -8.04
CA GLU D 255 43.10 12.81 -8.89
C GLU D 255 43.55 12.96 -10.33
N PRO D 256 42.64 12.67 -11.28
CA PRO D 256 42.92 12.80 -12.72
C PRO D 256 43.16 14.25 -13.15
N VAL D 257 42.41 15.17 -12.57
CA VAL D 257 42.53 16.57 -12.92
C VAL D 257 43.74 17.24 -12.26
N ASP D 258 44.17 16.70 -11.12
CA ASP D 258 45.28 17.23 -10.31
C ASP D 258 46.56 17.69 -11.00
N GLU D 259 47.09 16.89 -11.92
CA GLU D 259 48.33 17.27 -12.58
C GLU D 259 48.12 18.42 -13.56
N TYR D 260 46.94 18.50 -14.17
CA TYR D 260 46.62 19.61 -15.08
C TYR D 260 46.52 20.91 -14.31
N CYS D 261 45.96 20.79 -13.11
CA CYS D 261 45.76 21.88 -12.19
C CYS D 261 47.09 22.50 -11.85
N ILE D 262 47.93 21.75 -11.13
CA ILE D 262 49.28 22.15 -10.74
C ILE D 262 50.10 22.62 -11.93
N GLN D 263 49.82 22.05 -13.09
CA GLN D 263 50.53 22.41 -14.32
C GLN D 263 50.18 23.83 -14.77
N ALA D 264 48.92 24.21 -14.61
CA ALA D 264 48.47 25.53 -15.01
C ALA D 264 48.81 26.61 -13.99
N LEU D 265 49.49 26.21 -12.92
CA LEU D 265 49.89 27.09 -11.85
C LEU D 265 51.41 27.28 -11.94
N PRO D 266 51.86 28.42 -12.49
CA PRO D 266 53.28 28.65 -12.72
C PRO D 266 54.09 28.72 -11.42
N GLU D 267 53.77 29.69 -10.56
CA GLU D 267 54.46 29.83 -9.29
C GLU D 267 53.45 29.89 -8.16
N PHE D 268 53.94 29.78 -6.93
CA PHE D 268 53.11 29.97 -5.76
C PHE D 268 53.98 30.55 -4.68
N ASP D 269 53.66 31.77 -4.25
CA ASP D 269 54.38 32.50 -3.21
C ASP D 269 55.87 32.45 -3.57
N GLY D 270 56.16 32.74 -4.84
CA GLY D 270 57.53 32.78 -5.35
C GLY D 270 58.29 31.47 -5.38
N LYS D 271 57.56 30.35 -5.32
CA LYS D 271 58.17 29.04 -5.38
C LYS D 271 57.62 28.35 -6.62
N ARG D 272 58.49 27.73 -7.40
CA ARG D 272 58.07 27.01 -8.60
C ARG D 272 57.78 25.55 -8.25
N PHE D 273 56.92 24.90 -9.03
CA PHE D 273 56.58 23.51 -8.80
C PHE D 273 57.58 22.57 -9.48
N GLN D 274 57.69 21.34 -8.98
CA GLN D 274 58.61 20.35 -9.55
C GLN D 274 58.09 18.94 -9.42
N ASN D 275 57.87 18.31 -10.57
CA ASN D 275 57.35 16.94 -10.64
C ASN D 275 58.52 15.99 -10.43
N VAL D 276 58.50 15.28 -9.30
CA VAL D 276 59.60 14.36 -8.96
C VAL D 276 59.92 13.29 -10.02
N ALA D 277 58.97 13.07 -10.93
CA ALA D 277 59.12 12.09 -12.01
C ALA D 277 59.70 12.71 -13.30
N LYS D 278 60.02 14.00 -13.22
CA LYS D 278 60.61 14.70 -14.35
C LYS D 278 61.96 15.30 -13.94
N GLU D 279 62.77 15.65 -14.94
CA GLU D 279 64.08 16.25 -14.68
C GLU D 279 63.91 17.61 -14.05
N GLY D 280 64.64 17.82 -12.96
CA GLY D 280 64.60 19.09 -12.23
C GLY D 280 65.03 19.04 -10.78
N VAL D 281 65.18 17.83 -10.23
CA VAL D 281 65.59 17.69 -8.82
C VAL D 281 67.06 18.07 -8.55
N LYS D 282 67.25 18.92 -7.55
CA LYS D 282 68.57 19.37 -7.16
C LYS D 282 68.80 19.07 -5.69
N PHE D 283 70.07 19.03 -5.31
CA PHE D 283 70.48 18.84 -3.92
C PHE D 283 71.73 19.72 -3.79
N ASP D 284 71.55 20.92 -3.22
CA ASP D 284 72.66 21.90 -3.13
C ASP D 284 74.01 21.43 -2.54
N GLU D 285 73.97 20.71 -1.42
CA GLU D 285 75.17 20.13 -0.78
C GLU D 285 76.34 21.08 -0.50
N SER D 286 77.55 20.59 -0.75
CA SER D 286 78.77 21.37 -0.56
C SER D 286 79.76 21.11 -1.69
N GLU D 287 81.02 21.46 -1.47
CA GLU D 287 82.04 21.25 -2.48
C GLU D 287 82.55 19.81 -2.48
N LYS D 288 82.89 19.30 -1.30
CA LYS D 288 83.36 17.92 -1.16
C LYS D 288 82.30 16.89 -1.55
N THR D 289 81.03 17.28 -1.43
CA THR D 289 79.93 16.39 -1.81
C THR D 289 79.87 16.35 -3.34
N LYS D 290 79.97 17.53 -3.95
CA LYS D 290 79.97 17.66 -5.40
C LYS D 290 81.14 16.90 -6.01
N GLU D 291 82.31 17.01 -5.39
CA GLU D 291 83.53 16.32 -5.83
C GLU D 291 83.30 14.81 -5.94
N SER D 292 82.58 14.25 -4.98
CA SER D 292 82.30 12.82 -4.92
C SER D 292 81.37 12.35 -6.04
N ARG D 293 80.22 13.03 -6.15
CA ARG D 293 79.20 12.71 -7.15
C ARG D 293 79.74 12.82 -8.58
N GLU D 294 80.45 13.92 -8.85
CA GLU D 294 81.06 14.16 -10.15
C GLU D 294 82.06 13.05 -10.49
N ALA D 295 82.78 12.57 -9.47
CA ALA D 295 83.75 11.48 -9.62
C ALA D 295 83.07 10.12 -9.84
N ILE D 296 81.86 9.97 -9.33
CA ILE D 296 81.08 8.75 -9.51
C ILE D 296 80.58 8.66 -10.95
N GLU D 297 80.19 9.81 -11.50
CA GLU D 297 79.71 9.90 -12.89
C GLU D 297 80.80 9.56 -13.92
N LYS D 298 82.05 9.88 -13.60
CA LYS D 298 83.20 9.54 -14.43
C LYS D 298 83.38 8.02 -14.44
N GLU D 299 83.20 7.42 -13.26
CA GLU D 299 83.38 5.99 -13.07
C GLU D 299 82.34 5.16 -13.84
N PHE D 300 81.08 5.54 -13.73
CA PHE D 300 80.00 4.82 -14.42
C PHE D 300 79.84 5.15 -15.89
N GLU D 301 80.60 6.13 -16.38
CA GLU D 301 80.50 6.59 -17.78
C GLU D 301 80.50 5.49 -18.88
N PRO D 302 81.40 4.48 -18.80
CA PRO D 302 81.33 3.42 -19.82
C PRO D 302 80.05 2.56 -19.77
N LEU D 303 79.46 2.44 -18.58
CA LEU D 303 78.24 1.68 -18.40
C LEU D 303 77.05 2.45 -18.95
N LEU D 304 77.07 3.76 -18.73
CA LEU D 304 76.03 4.67 -19.21
C LEU D 304 76.02 4.74 -20.73
N ASN D 305 77.21 4.68 -21.33
CA ASN D 305 77.36 4.70 -22.78
C ASN D 305 77.00 3.34 -23.36
N TRP D 306 77.16 2.30 -22.55
CA TRP D 306 76.81 0.94 -22.96
C TRP D 306 75.30 0.78 -23.13
N MET D 307 74.55 1.38 -22.22
CA MET D 307 73.10 1.36 -22.27
C MET D 307 72.59 2.23 -23.39
N LYS D 308 73.15 3.42 -23.53
CA LYS D 308 72.78 4.38 -24.57
C LYS D 308 73.07 3.88 -25.99
N ASP D 309 74.24 3.29 -26.19
CA ASP D 309 74.66 2.83 -27.52
C ASP D 309 74.33 1.39 -27.90
N LYS D 310 74.22 0.48 -26.93
CA LYS D 310 73.98 -0.91 -27.29
C LYS D 310 72.81 -1.62 -26.62
N ALA D 311 72.93 -1.89 -25.31
CA ALA D 311 71.92 -2.62 -24.54
C ALA D 311 70.49 -2.10 -24.69
N LEU D 312 70.35 -0.78 -24.70
CA LEU D 312 69.05 -0.15 -24.87
C LEU D 312 69.09 0.91 -25.96
N LYS D 313 69.72 0.57 -27.09
CA LYS D 313 69.80 1.53 -28.18
C LYS D 313 68.40 1.70 -28.77
N ASP D 314 68.01 2.96 -28.98
CA ASP D 314 66.70 3.33 -29.51
C ASP D 314 65.56 3.01 -28.53
N LYS D 315 65.90 2.92 -27.26
CA LYS D 315 64.95 2.59 -26.20
C LYS D 315 64.87 3.74 -25.19
N ILE D 316 66.02 4.35 -24.90
CA ILE D 316 66.12 5.49 -23.98
C ILE D 316 66.83 6.65 -24.66
N GLU D 317 66.67 7.86 -24.13
CA GLU D 317 67.35 9.01 -24.72
C GLU D 317 68.79 9.06 -24.22
N LYS D 318 68.96 8.90 -22.91
CA LYS D 318 70.28 8.89 -22.29
C LYS D 318 70.23 8.19 -20.95
N ALA D 319 71.41 7.79 -20.48
CA ALA D 319 71.54 7.13 -19.19
C ALA D 319 72.40 8.00 -18.30
N VAL D 320 71.93 8.25 -17.07
CA VAL D 320 72.68 9.06 -16.10
C VAL D 320 72.70 8.45 -14.71
N VAL D 321 73.50 9.03 -13.83
CA VAL D 321 73.58 8.61 -12.45
C VAL D 321 72.47 9.34 -11.71
N SER D 322 71.55 8.57 -11.10
CA SER D 322 70.40 9.15 -10.39
C SER D 322 70.72 9.75 -9.04
N GLN D 323 70.02 10.84 -8.72
CA GLN D 323 70.21 11.50 -7.44
C GLN D 323 68.95 11.41 -6.59
N ARG D 324 67.88 10.87 -7.13
CA ARG D 324 66.63 10.80 -6.40
C ARG D 324 66.29 9.42 -5.81
N LEU D 325 67.16 8.44 -6.03
CA LEU D 325 66.91 7.03 -5.64
C LEU D 325 67.62 6.50 -4.38
N THR D 326 66.85 5.82 -3.53
CA THR D 326 67.36 5.23 -2.30
C THR D 326 67.61 3.75 -2.48
N GLU D 327 66.56 2.95 -2.54
CA GLU D 327 66.72 1.49 -2.67
C GLU D 327 66.37 0.87 -4.02
N SER D 328 65.70 1.64 -4.86
CA SER D 328 65.38 1.20 -6.19
C SER D 328 66.64 1.25 -7.03
N PRO D 329 66.84 0.25 -7.88
CA PRO D 329 67.98 0.19 -8.77
C PRO D 329 67.96 1.25 -9.87
N CYS D 330 66.78 1.54 -10.40
CA CYS D 330 66.67 2.50 -11.50
C CYS D 330 65.23 2.95 -11.73
N ALA D 331 65.08 4.06 -12.45
CA ALA D 331 63.78 4.61 -12.78
C ALA D 331 63.79 5.40 -14.10
N LEU D 332 62.63 5.51 -14.74
CA LEU D 332 62.48 6.28 -15.98
C LEU D 332 61.98 7.69 -15.69
N VAL D 333 62.77 8.68 -16.11
CA VAL D 333 62.45 10.08 -15.86
C VAL D 333 62.18 10.84 -17.15
N ALA D 334 61.07 11.55 -17.20
CA ALA D 334 60.70 12.32 -18.39
C ALA D 334 61.40 13.68 -18.40
N SER D 335 61.40 14.35 -19.56
CA SER D 335 62.00 15.68 -19.68
C SER D 335 61.12 16.69 -18.93
N GLN D 336 61.67 17.88 -18.73
CA GLN D 336 60.99 18.90 -17.94
C GLN D 336 59.58 19.28 -18.45
N TYR D 337 59.39 19.33 -19.76
CA TYR D 337 58.10 19.75 -20.30
C TYR D 337 57.39 18.59 -21.02
N GLY D 338 57.94 17.39 -20.86
CA GLY D 338 57.39 16.19 -21.47
C GLY D 338 56.30 15.55 -20.62
N TRP D 339 55.91 14.34 -20.97
CA TRP D 339 54.84 13.63 -20.28
C TRP D 339 55.37 12.69 -19.22
N SER D 340 54.80 12.79 -18.03
CA SER D 340 55.15 11.90 -16.94
C SER D 340 54.38 10.59 -17.14
N GLY D 341 54.63 9.61 -16.27
CA GLY D 341 53.95 8.33 -16.33
C GLY D 341 52.44 8.53 -16.21
N ASN D 342 52.05 9.34 -15.23
CA ASN D 342 50.64 9.65 -15.01
C ASN D 342 50.03 10.33 -16.23
N MET D 343 50.69 11.39 -16.71
CA MET D 343 50.25 12.11 -17.91
C MET D 343 49.96 11.18 -19.08
N GLU D 344 50.96 10.37 -19.43
CA GLU D 344 50.83 9.42 -20.53
C GLU D 344 49.55 8.59 -20.40
N ARG D 345 49.26 8.12 -19.18
CA ARG D 345 48.07 7.29 -18.95
C ARG D 345 46.78 8.05 -19.19
N ILE D 346 46.70 9.25 -18.60
CA ILE D 346 45.52 10.11 -18.69
C ILE D 346 45.24 10.53 -20.13
N MET D 347 46.31 10.83 -20.85
CA MET D 347 46.21 11.22 -22.24
C MET D 347 45.73 10.06 -23.10
N LYS D 348 46.47 8.94 -23.05
CA LYS D 348 46.12 7.73 -23.78
C LYS D 348 44.67 7.34 -23.53
N ALA D 349 44.29 7.29 -22.27
CA ALA D 349 42.94 6.91 -21.86
C ALA D 349 41.87 7.79 -22.51
N GLN D 350 42.08 9.11 -22.45
CA GLN D 350 41.13 10.08 -23.02
C GLN D 350 41.14 10.06 -24.56
N ALA D 351 42.31 9.81 -25.13
CA ALA D 351 42.48 9.76 -26.58
C ALA D 351 41.95 8.45 -27.18
N TYR D 352 41.78 7.45 -26.32
CA TYR D 352 41.27 6.15 -26.74
C TYR D 352 39.76 6.12 -26.57
N GLN D 353 39.29 6.71 -25.48
CA GLN D 353 37.86 6.80 -25.20
C GLN D 353 37.21 7.83 -26.13
N THR D 354 37.90 8.95 -26.37
CA THR D 354 37.35 10.04 -27.20
C THR D 354 38.08 10.36 -28.51
N GLY D 355 39.38 10.60 -28.43
CA GLY D 355 40.21 10.98 -29.60
C GLY D 355 40.37 9.97 -30.73
N LYS D 356 41.19 10.33 -31.71
CA LYS D 356 41.43 9.47 -32.86
C LYS D 356 42.89 9.02 -32.96
N ASP D 357 43.35 8.30 -31.94
CA ASP D 357 44.71 7.73 -31.85
C ASP D 357 45.88 8.70 -32.01
N ILE D 358 46.22 9.39 -30.91
CA ILE D 358 47.38 10.29 -30.89
C ILE D 358 48.61 9.44 -30.61
N SER D 359 48.90 8.49 -31.51
CA SER D 359 50.04 7.57 -31.39
C SER D 359 51.34 8.29 -31.74
N THR D 360 51.38 8.88 -32.93
CA THR D 360 52.51 9.68 -33.36
C THR D 360 52.14 11.13 -33.05
N ASN D 361 52.01 11.43 -31.76
CA ASN D 361 51.65 12.77 -31.29
C ASN D 361 52.86 13.67 -31.22
N TYR D 362 53.46 13.83 -30.05
CA TYR D 362 54.63 14.68 -29.88
C TYR D 362 55.55 14.10 -28.83
N TYR D 363 55.30 14.51 -27.60
CA TYR D 363 56.01 13.99 -26.46
C TYR D 363 55.15 12.92 -25.79
N ALA D 364 54.72 11.98 -26.64
CA ALA D 364 53.91 10.83 -26.25
C ALA D 364 54.74 9.58 -26.48
N SER D 365 55.43 9.56 -27.61
CA SER D 365 56.29 8.44 -27.99
C SER D 365 57.77 8.83 -27.91
N GLN D 366 58.10 9.71 -26.97
CA GLN D 366 59.49 10.11 -26.78
C GLN D 366 60.18 9.23 -25.75
N LYS D 367 61.48 9.00 -25.96
CA LYS D 367 62.29 8.16 -25.09
C LYS D 367 62.51 8.85 -23.75
N LYS D 368 62.64 8.07 -22.67
CA LYS D 368 62.84 8.65 -21.34
C LYS D 368 64.32 8.61 -20.95
N THR D 369 64.66 9.36 -19.90
CA THR D 369 66.01 9.39 -19.37
C THR D 369 66.11 8.30 -18.34
N PHE D 370 66.97 7.33 -18.59
CA PHE D 370 67.12 6.18 -17.69
C PHE D 370 68.14 6.48 -16.59
N GLU D 371 67.63 6.65 -15.38
CA GLU D 371 68.48 6.96 -14.23
C GLU D 371 68.77 5.73 -13.42
N ILE D 372 70.03 5.52 -13.09
CA ILE D 372 70.44 4.35 -12.29
C ILE D 372 71.02 4.76 -10.93
N ASN D 373 70.87 3.86 -9.97
CA ASN D 373 71.36 4.05 -8.62
C ASN D 373 72.79 3.52 -8.52
N PRO D 374 73.77 4.42 -8.33
CA PRO D 374 75.19 4.05 -8.33
C PRO D 374 75.57 3.15 -7.16
N ARG D 375 74.77 3.21 -6.09
CA ARG D 375 75.04 2.41 -4.92
C ARG D 375 74.04 1.24 -4.79
N HIS D 376 73.82 0.54 -5.89
CA HIS D 376 72.97 -0.63 -5.83
C HIS D 376 73.75 -1.83 -6.36
N PRO D 377 73.80 -2.90 -5.55
CA PRO D 377 74.51 -4.15 -5.82
C PRO D 377 74.37 -4.62 -7.26
N LEU D 378 73.18 -4.46 -7.81
CA LEU D 378 72.93 -4.90 -9.16
C LEU D 378 73.59 -3.97 -10.16
N ILE D 379 73.49 -2.66 -9.92
CA ILE D 379 74.09 -1.67 -10.82
C ILE D 379 75.61 -1.76 -10.81
N LYS D 380 76.17 -2.03 -9.62
CA LYS D 380 77.62 -2.13 -9.45
C LYS D 380 78.22 -3.34 -10.18
N ASP D 381 77.49 -4.45 -10.23
CA ASP D 381 77.93 -5.66 -10.94
C ASP D 381 77.84 -5.44 -12.42
N MET D 382 76.86 -4.63 -12.80
CA MET D 382 76.59 -4.32 -14.17
C MET D 382 77.73 -3.47 -14.69
N LEU D 383 78.20 -2.52 -13.88
CA LEU D 383 79.34 -1.67 -14.24
C LEU D 383 80.60 -2.49 -14.44
N ARG D 384 80.90 -3.35 -13.47
CA ARG D 384 82.09 -4.17 -13.51
C ARG D 384 82.08 -5.19 -14.65
N ARG D 385 80.96 -5.90 -14.83
CA ARG D 385 80.88 -6.94 -15.85
C ARG D 385 80.89 -6.36 -17.26
N VAL D 386 80.51 -5.09 -17.40
CA VAL D 386 80.53 -4.42 -18.70
C VAL D 386 81.96 -4.03 -19.08
N LYS D 387 82.69 -3.48 -18.10
CA LYS D 387 84.10 -3.08 -18.33
C LYS D 387 84.96 -4.29 -18.64
N GLU D 388 84.46 -5.48 -18.33
CA GLU D 388 85.14 -6.74 -18.61
C GLU D 388 84.69 -7.27 -19.97
N ASP D 389 83.50 -7.85 -20.00
CA ASP D 389 82.93 -8.38 -21.23
C ASP D 389 81.75 -7.47 -21.61
N GLU D 390 82.00 -6.58 -22.58
CA GLU D 390 81.00 -5.63 -23.04
C GLU D 390 79.92 -6.30 -23.91
N ASP D 391 80.28 -7.42 -24.54
CA ASP D 391 79.35 -8.18 -25.40
C ASP D 391 78.76 -9.40 -24.68
N ASP D 392 78.66 -9.30 -23.36
CA ASP D 392 78.08 -10.37 -22.55
C ASP D 392 76.56 -10.26 -22.69
N LYS D 393 75.99 -11.19 -23.45
CA LYS D 393 74.54 -11.21 -23.70
C LYS D 393 73.74 -11.36 -22.40
N THR D 394 74.32 -12.02 -21.40
CA THR D 394 73.67 -12.21 -20.10
C THR D 394 73.36 -10.86 -19.44
N VAL D 395 74.31 -9.93 -19.50
CA VAL D 395 74.13 -8.60 -18.94
C VAL D 395 73.16 -7.83 -19.84
N SER D 396 73.39 -7.94 -21.16
CA SER D 396 72.59 -7.26 -22.16
C SER D 396 71.11 -7.60 -22.03
N ASP D 397 70.81 -8.89 -21.88
CA ASP D 397 69.43 -9.34 -21.72
C ASP D 397 68.89 -9.02 -20.34
N LEU D 398 69.78 -8.85 -19.37
CA LEU D 398 69.37 -8.50 -18.01
C LEU D 398 68.98 -7.04 -17.98
N ALA D 399 69.83 -6.21 -18.59
CA ALA D 399 69.60 -4.77 -18.67
C ALA D 399 68.23 -4.45 -19.24
N VAL D 400 67.77 -5.28 -20.18
CA VAL D 400 66.48 -5.07 -20.80
C VAL D 400 65.40 -5.38 -19.78
N VAL D 401 65.47 -6.56 -19.17
CA VAL D 401 64.50 -6.96 -18.16
C VAL D 401 64.41 -5.95 -17.04
N LEU D 402 65.55 -5.40 -16.65
CA LEU D 402 65.58 -4.42 -15.59
C LEU D 402 64.90 -3.14 -16.06
N PHE D 403 65.19 -2.73 -17.29
CA PHE D 403 64.63 -1.53 -17.87
C PHE D 403 63.14 -1.62 -18.02
N GLU D 404 62.66 -2.78 -18.46
CA GLU D 404 61.25 -3.02 -18.65
C GLU D 404 60.50 -3.14 -17.33
N THR D 405 61.18 -3.61 -16.29
CA THR D 405 60.59 -3.65 -14.97
C THR D 405 60.52 -2.21 -14.46
N ALA D 406 61.56 -1.44 -14.76
CA ALA D 406 61.60 -0.04 -14.36
C ALA D 406 60.55 0.74 -15.14
N THR D 407 60.23 0.30 -16.36
CA THR D 407 59.20 0.94 -17.15
C THR D 407 57.88 0.87 -16.40
N LEU D 408 57.54 -0.31 -15.89
CA LEU D 408 56.31 -0.49 -15.13
C LEU D 408 56.34 0.27 -13.84
N ARG D 409 57.48 0.26 -13.15
CA ARG D 409 57.59 0.94 -11.87
C ARG D 409 57.58 2.46 -11.97
N SER D 410 57.94 2.99 -13.13
CA SER D 410 57.97 4.43 -13.33
C SER D 410 56.57 4.98 -13.71
N GLY D 411 55.63 4.09 -13.97
CA GLY D 411 54.27 4.49 -14.27
C GLY D 411 53.90 4.50 -15.75
N TYR D 412 54.86 4.19 -16.60
CA TYR D 412 54.63 4.16 -18.03
C TYR D 412 54.07 2.83 -18.52
N LEU D 413 53.42 2.85 -19.68
CA LEU D 413 52.84 1.63 -20.23
C LEU D 413 53.92 0.79 -20.88
N LEU D 414 53.77 -0.52 -20.78
CA LEU D 414 54.74 -1.42 -21.39
C LEU D 414 54.31 -1.70 -22.83
N PRO D 415 55.20 -1.41 -23.80
CA PRO D 415 54.97 -1.55 -25.23
C PRO D 415 54.47 -2.92 -25.69
N ASP D 416 55.23 -3.95 -25.36
CA ASP D 416 54.91 -5.29 -25.79
C ASP D 416 54.96 -6.26 -24.62
N THR D 417 53.81 -6.51 -23.99
CA THR D 417 53.75 -7.39 -22.83
C THR D 417 54.03 -8.85 -23.17
N LYS D 418 53.95 -9.19 -24.46
CA LYS D 418 54.21 -10.54 -24.94
C LYS D 418 55.71 -10.84 -24.87
N ALA D 419 56.52 -9.90 -25.36
CA ALA D 419 57.97 -10.05 -25.39
C ALA D 419 58.59 -10.03 -24.01
N TYR D 420 58.10 -9.12 -23.17
CA TYR D 420 58.58 -8.97 -21.81
C TYR D 420 58.34 -10.23 -21.02
N GLY D 421 57.15 -10.81 -21.18
CA GLY D 421 56.78 -12.03 -20.50
C GLY D 421 57.62 -13.22 -20.94
N ASP D 422 58.11 -13.15 -22.17
CA ASP D 422 58.98 -14.18 -22.71
C ASP D 422 60.39 -14.01 -22.18
N ARG D 423 60.81 -12.77 -21.95
CA ARG D 423 62.13 -12.54 -21.38
C ARG D 423 62.19 -12.92 -19.92
N ILE D 424 61.05 -12.82 -19.23
CA ILE D 424 60.98 -13.24 -17.84
C ILE D 424 60.99 -14.77 -17.86
N GLU D 425 60.29 -15.34 -18.82
CA GLU D 425 60.21 -16.79 -18.96
C GLU D 425 61.58 -17.41 -19.20
N ARG D 426 62.35 -16.83 -20.13
CA ARG D 426 63.68 -17.33 -20.47
C ARG D 426 64.57 -17.32 -19.26
N MET D 427 64.46 -16.25 -18.47
CA MET D 427 65.25 -16.10 -17.28
C MET D 427 64.74 -16.98 -16.14
N LEU D 428 63.43 -17.18 -16.08
CA LEU D 428 62.83 -18.04 -15.05
C LEU D 428 63.34 -19.44 -15.19
N ARG D 429 63.47 -19.88 -16.44
CA ARG D 429 63.91 -21.23 -16.74
C ARG D 429 65.38 -21.48 -16.41
N LEU D 430 66.18 -20.43 -16.38
CA LEU D 430 67.56 -20.59 -15.97
C LEU D 430 67.56 -20.94 -14.50
N SER D 431 66.71 -20.26 -13.73
CA SER D 431 66.58 -20.47 -12.28
C SER D 431 66.08 -21.87 -11.97
N LEU D 432 65.84 -22.65 -13.02
CA LEU D 432 65.40 -24.02 -12.84
C LEU D 432 66.44 -24.98 -13.46
N ASN D 433 66.74 -24.75 -14.73
CA ASN D 433 67.72 -25.52 -15.56
C ASN D 433 67.24 -25.57 -17.00
N ILE D 434 65.95 -25.89 -17.17
CA ILE D 434 65.27 -26.01 -18.46
C ILE D 434 65.87 -25.18 -19.60
N ASP D 435 66.40 -25.87 -20.60
CA ASP D 435 67.01 -25.27 -21.78
C ASP D 435 66.16 -24.14 -22.35
N PRO D 436 66.63 -22.89 -22.23
CA PRO D 436 65.92 -21.71 -22.69
C PRO D 436 65.36 -21.81 -24.10
N ASP D 437 66.21 -21.72 -25.11
CA ASP D 437 65.74 -21.76 -26.49
C ASP D 437 65.17 -23.10 -26.94
N ALA D 438 66.00 -24.15 -26.89
CA ALA D 438 65.60 -25.48 -27.39
C ALA D 438 64.64 -26.35 -26.53
N LYS D 439 63.81 -25.70 -25.71
CA LYS D 439 62.78 -26.39 -24.91
C LYS D 439 61.41 -25.73 -25.06
N VAL D 440 61.38 -24.40 -25.10
CA VAL D 440 60.12 -23.62 -25.24
C VAL D 440 59.50 -23.92 -26.63
N GLU D 441 60.19 -24.78 -27.36
CA GLU D 441 59.78 -25.25 -28.65
C GLU D 441 59.31 -26.66 -28.38
N GLU D 442 60.22 -27.43 -27.78
CA GLU D 442 60.06 -28.87 -27.50
C GLU D 442 58.69 -29.39 -27.03
N GLU D 443 58.43 -29.29 -25.74
CA GLU D 443 57.16 -29.76 -25.20
C GLU D 443 55.96 -28.98 -25.72
N PRO D 444 56.09 -27.65 -25.88
CA PRO D 444 54.99 -26.84 -26.43
C PRO D 444 54.61 -27.24 -27.84
N GLU D 445 55.35 -28.17 -28.43
CA GLU D 445 55.01 -28.66 -29.76
C GLU D 445 54.93 -30.19 -29.72
N GLU D 446 54.52 -30.71 -28.57
CA GLU D 446 54.26 -32.15 -28.42
C GLU D 446 52.76 -32.36 -28.57
N GLU D 447 52.07 -31.23 -28.75
CA GLU D 447 50.62 -31.14 -28.93
C GLU D 447 50.02 -31.88 -30.16
N PRO D 448 50.78 -32.01 -31.28
CA PRO D 448 50.24 -32.76 -32.44
C PRO D 448 49.75 -34.18 -32.13
N GLU D 449 50.04 -34.66 -30.93
CA GLU D 449 49.57 -35.96 -30.48
C GLU D 449 48.10 -35.89 -30.09
N GLU D 450 47.74 -34.79 -29.41
CA GLU D 450 46.37 -34.52 -28.95
C GLU D 450 45.39 -34.55 -30.11
N LYS E 25 4.97 24.22 -54.13
CA LYS E 25 4.84 22.82 -53.62
C LYS E 25 6.22 22.27 -53.20
N PRO E 26 6.45 22.15 -51.87
CA PRO E 26 7.69 21.69 -51.24
C PRO E 26 8.27 20.40 -51.82
N ILE E 27 9.58 20.25 -51.66
CA ILE E 27 10.33 19.10 -52.16
C ILE E 27 9.84 17.76 -51.58
N TRP E 28 9.45 17.77 -50.30
CA TRP E 28 8.99 16.54 -49.63
C TRP E 28 7.54 16.15 -49.85
N GLN E 29 6.77 16.98 -50.55
CA GLN E 29 5.36 16.71 -50.79
C GLN E 29 5.06 16.05 -52.14
N ARG E 30 6.04 16.09 -53.03
CA ARG E 30 5.93 15.50 -54.37
C ARG E 30 6.19 13.99 -54.32
N PRO E 31 5.69 13.22 -55.30
CA PRO E 31 5.93 11.77 -55.32
C PRO E 31 7.42 11.43 -55.43
N SER E 32 7.79 10.29 -54.87
CA SER E 32 9.19 9.83 -54.85
C SER E 32 9.79 9.66 -56.24
N LYS E 33 8.98 9.11 -57.15
CA LYS E 33 9.40 8.82 -58.51
C LYS E 33 9.57 10.06 -59.40
N GLU E 34 8.90 11.16 -59.05
CA GLU E 34 8.94 12.38 -59.86
C GLU E 34 10.07 13.36 -59.57
N VAL E 35 10.73 13.21 -58.41
CA VAL E 35 11.80 14.13 -58.03
C VAL E 35 13.17 13.69 -58.57
N GLU E 36 13.88 14.64 -59.18
CA GLU E 36 15.20 14.41 -59.75
C GLU E 36 16.24 14.15 -58.67
N ASP E 37 17.26 13.36 -59.02
CA ASP E 37 18.35 13.02 -58.11
C ASP E 37 19.16 14.28 -57.72
N ASP E 38 19.29 15.18 -58.69
CA ASP E 38 20.02 16.43 -58.52
C ASP E 38 19.34 17.34 -57.48
N GLU E 39 18.02 17.42 -57.57
CA GLU E 39 17.21 18.27 -56.69
C GLU E 39 17.26 17.86 -55.24
N TYR E 40 17.43 16.56 -54.98
CA TYR E 40 17.57 16.07 -53.63
C TYR E 40 18.93 16.55 -53.11
N LYS E 41 19.96 16.38 -53.92
CA LYS E 41 21.33 16.79 -53.56
C LYS E 41 21.43 18.30 -53.38
N ALA E 42 20.56 19.03 -54.08
CA ALA E 42 20.51 20.49 -53.99
C ALA E 42 19.80 20.88 -52.69
N PHE E 43 18.78 20.11 -52.33
CA PHE E 43 17.98 20.36 -51.12
C PHE E 43 18.77 20.20 -49.81
N TYR E 44 19.71 19.26 -49.79
CA TYR E 44 20.53 19.00 -48.61
C TYR E 44 21.43 20.18 -48.23
N LYS E 45 22.07 20.77 -49.23
CA LYS E 45 22.99 21.89 -49.01
C LYS E 45 22.29 23.20 -48.62
N SER E 46 20.99 23.29 -48.88
CA SER E 46 20.23 24.51 -48.58
C SER E 46 20.08 24.81 -47.09
N PHE E 47 20.09 23.77 -46.25
CA PHE E 47 19.96 23.99 -44.81
C PHE E 47 21.20 23.62 -43.99
N SER E 48 22.34 23.45 -44.65
CA SER E 48 23.59 23.09 -43.94
C SER E 48 24.89 23.57 -44.60
N LYS E 49 24.77 24.30 -45.72
CA LYS E 49 25.93 24.80 -46.50
C LYS E 49 26.96 23.70 -46.80
N GLU E 50 28.25 23.99 -46.59
CA GLU E 50 29.38 23.03 -46.83
C GLU E 50 29.69 22.75 -48.30
N SER E 51 28.71 22.98 -49.17
CA SER E 51 28.77 22.81 -50.63
C SER E 51 29.21 21.41 -51.12
N ASP E 52 28.77 20.35 -50.43
CA ASP E 52 29.10 18.98 -50.84
C ASP E 52 27.92 18.02 -50.64
N ASP E 53 27.90 16.97 -51.47
CA ASP E 53 26.83 15.97 -51.49
C ASP E 53 26.70 15.10 -50.22
N PRO E 54 25.47 14.66 -49.90
CA PRO E 54 25.25 13.76 -48.78
C PRO E 54 25.59 12.33 -49.21
N MET E 55 25.71 11.42 -48.23
CA MET E 55 26.08 10.03 -48.52
C MET E 55 24.90 9.21 -49.03
N ALA E 56 23.72 9.48 -48.49
CA ALA E 56 22.48 8.82 -48.90
C ALA E 56 21.24 9.53 -48.39
N TYR E 57 20.11 9.24 -49.02
CA TYR E 57 18.84 9.85 -48.65
C TYR E 57 17.70 8.96 -49.05
N ILE E 58 16.57 9.06 -48.35
CA ILE E 58 15.36 8.37 -48.76
C ILE E 58 14.17 9.28 -48.56
N HIS E 59 13.29 9.28 -49.55
CA HIS E 59 12.07 10.08 -49.52
C HIS E 59 10.92 9.11 -49.35
N PHE E 60 10.19 9.25 -48.26
CA PHE E 60 9.07 8.34 -48.01
C PHE E 60 7.91 9.05 -47.37
N THR E 61 6.74 8.45 -47.56
CA THR E 61 5.52 8.92 -46.95
C THR E 61 5.05 7.79 -46.02
N ALA E 62 4.44 8.15 -44.91
CA ALA E 62 4.00 7.13 -43.96
C ALA E 62 2.50 6.89 -44.00
N GLU E 63 2.15 5.62 -43.90
CA GLU E 63 0.76 5.16 -43.89
C GLU E 63 0.43 4.44 -42.58
N GLY E 64 -0.87 4.46 -42.24
CA GLY E 64 -1.36 3.76 -41.05
C GLY E 64 -1.89 4.63 -39.93
N GLU E 65 -1.33 4.42 -38.74
CA GLU E 65 -1.75 5.13 -37.53
C GLU E 65 -1.45 6.63 -37.61
N VAL E 66 -0.23 6.96 -38.04
CA VAL E 66 0.17 8.34 -38.20
C VAL E 66 0.67 8.55 -39.64
N THR E 67 0.17 9.59 -40.28
CA THR E 67 0.58 9.93 -41.64
C THR E 67 1.46 11.18 -41.65
N PHE E 68 2.57 11.10 -42.40
CA PHE E 68 3.48 12.22 -42.57
C PHE E 68 4.41 11.96 -43.72
N LYS E 69 4.99 13.01 -44.27
CA LYS E 69 5.97 12.87 -45.34
C LYS E 69 7.34 13.26 -44.79
N SER E 70 8.41 12.70 -45.35
CA SER E 70 9.74 13.01 -44.85
C SER E 70 10.89 12.62 -45.78
N ILE E 71 11.97 13.38 -45.67
CA ILE E 71 13.21 13.12 -46.39
C ILE E 71 14.28 13.12 -45.32
N LEU E 72 15.02 12.01 -45.22
CA LEU E 72 16.09 11.93 -44.25
C LEU E 72 17.42 11.77 -44.98
N PHE E 73 18.43 12.45 -44.46
CA PHE E 73 19.76 12.41 -45.06
C PHE E 73 20.84 11.86 -44.15
N VAL E 74 21.88 11.31 -44.77
CA VAL E 74 23.04 10.84 -44.06
C VAL E 74 24.17 11.70 -44.60
N PRO E 75 24.76 12.57 -43.74
CA PRO E 75 25.86 13.45 -44.14
C PRO E 75 27.13 12.65 -44.40
N THR E 76 28.12 13.25 -45.05
CA THR E 76 29.37 12.54 -45.33
C THR E 76 30.39 12.66 -44.19
N SER E 77 30.04 13.46 -43.17
CA SER E 77 30.90 13.67 -42.00
C SER E 77 30.07 13.96 -40.75
N ALA E 78 30.68 13.82 -39.58
CA ALA E 78 29.96 14.08 -38.32
C ALA E 78 30.22 15.48 -37.73
N PRO E 79 31.51 15.84 -37.58
CA PRO E 79 31.96 17.13 -37.01
C PRO E 79 31.61 17.32 -35.53
N TYR E 93 19.06 18.83 -35.43
CA TYR E 93 18.82 19.42 -36.75
C TYR E 93 17.82 18.66 -37.63
N ILE E 94 16.59 18.58 -37.16
CA ILE E 94 15.50 17.99 -37.93
C ILE E 94 14.33 18.96 -37.97
N LYS E 95 14.04 19.42 -39.20
CA LYS E 95 13.00 20.39 -39.46
C LYS E 95 11.62 19.78 -39.22
N LEU E 96 10.87 20.37 -38.31
CA LEU E 96 9.51 19.92 -38.00
C LEU E 96 8.43 20.85 -38.58
N TYR E 97 7.53 20.28 -39.36
CA TYR E 97 6.42 21.01 -39.97
C TYR E 97 5.12 20.33 -39.58
N VAL E 98 4.13 21.13 -39.18
CA VAL E 98 2.82 20.58 -38.86
C VAL E 98 1.83 21.20 -39.84
N ARG E 99 1.28 20.36 -40.72
CA ARG E 99 0.36 20.79 -41.79
C ARG E 99 1.03 21.83 -42.69
N ARG E 100 2.25 21.52 -43.11
CA ARG E 100 3.08 22.37 -43.99
C ARG E 100 3.56 23.71 -43.39
N VAL E 101 3.25 23.95 -42.12
CA VAL E 101 3.67 25.18 -41.44
C VAL E 101 4.93 24.92 -40.63
N PHE E 102 5.99 25.69 -40.87
CA PHE E 102 7.25 25.51 -40.14
C PHE E 102 7.04 25.73 -38.66
N ILE E 103 7.52 24.78 -37.86
CA ILE E 103 7.37 24.84 -36.41
C ILE E 103 8.70 25.04 -35.68
N THR E 104 9.65 24.13 -35.86
CA THR E 104 10.94 24.24 -35.17
C THR E 104 11.95 23.18 -35.63
N ASP E 105 13.19 23.29 -35.13
CA ASP E 105 14.27 22.37 -35.44
C ASP E 105 15.09 22.14 -34.17
N ASP E 106 14.58 22.71 -33.07
CA ASP E 106 15.17 22.61 -31.72
C ASP E 106 14.87 21.28 -31.00
N PHE E 107 13.97 20.48 -31.59
CA PHE E 107 13.55 19.19 -31.04
C PHE E 107 14.66 18.17 -31.20
N HIS E 108 15.45 18.02 -30.13
CA HIS E 108 16.58 17.07 -30.16
C HIS E 108 16.21 15.63 -29.80
N ASP E 109 14.98 15.43 -29.31
CA ASP E 109 14.48 14.09 -28.96
C ASP E 109 13.68 13.45 -30.11
N MET E 110 13.89 13.96 -31.32
CA MET E 110 13.25 13.41 -32.52
C MET E 110 13.88 12.08 -32.91
N MET E 111 15.20 12.02 -32.81
CA MET E 111 15.95 10.83 -33.13
C MET E 111 16.55 10.31 -31.85
N PRO E 112 16.81 8.99 -31.79
CA PRO E 112 17.46 8.43 -30.62
C PRO E 112 18.92 8.88 -30.57
N LYS E 113 19.52 8.83 -29.39
CA LYS E 113 20.89 9.27 -29.19
C LYS E 113 21.86 8.95 -30.35
N TYR E 114 21.90 7.68 -30.77
CA TYR E 114 22.87 7.27 -31.78
C TYR E 114 22.60 7.74 -33.20
N LEU E 115 21.49 8.42 -33.44
CA LEU E 115 21.17 8.87 -34.78
C LEU E 115 21.10 10.40 -34.87
N ASN E 116 21.77 11.05 -33.93
CA ASN E 116 21.81 12.49 -33.87
C ASN E 116 22.47 13.14 -35.10
N PHE E 117 23.01 12.33 -35.99
CA PHE E 117 23.69 12.84 -37.17
C PHE E 117 22.75 12.94 -38.35
N VAL E 118 21.57 12.35 -38.21
CA VAL E 118 20.59 12.36 -39.29
C VAL E 118 19.91 13.71 -39.44
N LYS E 119 20.08 14.32 -40.60
CA LYS E 119 19.48 15.62 -40.91
C LYS E 119 18.29 15.41 -41.84
N GLY E 120 17.26 16.24 -41.71
CA GLY E 120 16.10 16.10 -42.59
C GLY E 120 14.87 16.88 -42.20
N VAL E 121 13.77 16.60 -42.91
CA VAL E 121 12.49 17.27 -42.70
C VAL E 121 11.38 16.29 -42.31
N VAL E 122 10.40 16.77 -41.56
CA VAL E 122 9.27 15.95 -41.15
C VAL E 122 8.01 16.81 -41.24
N ASP E 123 7.09 16.39 -42.10
CA ASP E 123 5.83 17.13 -42.30
C ASP E 123 4.61 16.30 -41.93
N SER E 124 4.19 16.43 -40.68
CA SER E 124 3.02 15.72 -40.18
C SER E 124 1.77 16.56 -40.42
N ASP E 125 0.62 15.95 -40.18
CA ASP E 125 -0.68 16.63 -40.31
C ASP E 125 -1.67 16.05 -39.31
N ASP E 126 -1.11 15.33 -38.33
CA ASP E 126 -1.88 14.69 -37.28
C ASP E 126 -1.65 15.39 -35.95
N LEU E 127 -0.40 15.80 -35.72
CA LEU E 127 0.03 16.49 -34.50
C LEU E 127 -0.80 17.73 -34.15
N PRO E 128 -0.91 18.04 -32.83
CA PRO E 128 -1.63 19.25 -32.43
C PRO E 128 -0.88 20.47 -32.95
N LEU E 129 -1.43 21.12 -33.96
CA LEU E 129 -0.79 22.28 -34.57
C LEU E 129 -0.64 23.40 -33.56
N ASN E 130 -1.75 23.80 -32.98
CA ASN E 130 -1.77 24.89 -32.05
C ASN E 130 -1.71 24.36 -30.63
N VAL E 131 -0.50 24.19 -30.13
CA VAL E 131 -0.29 23.73 -28.79
C VAL E 131 1.10 24.22 -28.45
N SER E 132 1.44 24.21 -27.17
CA SER E 132 2.78 24.62 -26.74
C SER E 132 3.86 23.61 -27.15
N ARG E 133 5.13 24.05 -27.12
CA ARG E 133 6.28 23.19 -27.43
C ARG E 133 6.55 22.17 -26.33
N GLU E 134 6.08 22.47 -25.12
CA GLU E 134 6.21 21.57 -23.98
C GLU E 134 5.22 20.41 -24.16
N THR E 135 4.00 20.79 -24.55
CA THR E 135 2.89 19.85 -24.82
C THR E 135 3.21 18.92 -25.99
N LEU E 136 3.47 19.52 -27.15
CA LEU E 136 3.76 18.82 -28.42
C LEU E 136 4.94 17.85 -28.35
N GLN E 137 5.91 18.13 -27.49
CA GLN E 137 7.09 17.27 -27.33
C GLN E 137 6.80 16.02 -26.48
N GLN E 138 5.76 16.14 -25.64
CA GLN E 138 5.31 15.07 -24.74
C GLN E 138 4.03 14.33 -25.19
N HIS E 139 3.60 14.52 -26.44
CA HIS E 139 2.38 13.89 -26.96
C HIS E 139 2.51 12.38 -27.25
N LYS E 140 1.35 11.73 -27.33
CA LYS E 140 1.23 10.29 -27.58
C LYS E 140 1.85 9.84 -28.91
N LEU E 141 1.42 10.48 -30.00
CA LEU E 141 1.85 10.17 -31.36
C LEU E 141 3.31 10.51 -31.61
N LEU E 142 3.90 11.29 -30.73
CA LEU E 142 5.29 11.69 -30.89
C LEU E 142 6.24 10.50 -30.77
N LYS E 143 5.95 9.61 -29.82
CA LYS E 143 6.78 8.42 -29.62
C LYS E 143 6.67 7.48 -30.83
N VAL E 144 5.48 7.45 -31.43
CA VAL E 144 5.19 6.61 -32.59
C VAL E 144 5.97 7.05 -33.83
N ILE E 145 5.93 8.35 -34.14
CA ILE E 145 6.65 8.89 -35.29
C ILE E 145 8.14 8.61 -35.16
N ARG E 146 8.65 8.77 -33.96
CA ARG E 146 10.06 8.53 -33.69
C ARG E 146 10.49 7.13 -34.14
N LYS E 147 9.67 6.12 -33.84
CA LYS E 147 10.01 4.76 -34.22
C LYS E 147 9.98 4.54 -35.72
N LYS E 148 9.05 5.18 -36.40
CA LYS E 148 8.98 5.03 -37.85
C LYS E 148 10.15 5.68 -38.54
N LEU E 149 10.63 6.79 -38.00
CA LEU E 149 11.77 7.51 -38.59
C LEU E 149 13.04 6.68 -38.48
N VAL E 150 13.19 5.98 -37.36
CA VAL E 150 14.35 5.15 -37.13
C VAL E 150 14.33 3.95 -38.07
N ARG E 151 13.21 3.23 -38.09
CA ARG E 151 13.07 2.04 -38.94
C ARG E 151 13.33 2.34 -40.41
N LYS E 152 13.08 3.59 -40.83
CA LYS E 152 13.35 4.00 -42.21
C LYS E 152 14.81 4.40 -42.39
N THR E 153 15.40 4.99 -41.35
CA THR E 153 16.79 5.40 -41.40
C THR E 153 17.65 4.17 -41.64
N LEU E 154 17.29 3.08 -40.98
CA LEU E 154 18.04 1.85 -41.09
C LEU E 154 17.83 1.16 -42.43
N ASP E 155 16.72 1.45 -43.08
CA ASP E 155 16.44 0.89 -44.41
C ASP E 155 17.32 1.60 -45.42
N MET E 156 17.57 2.88 -45.16
CA MET E 156 18.39 3.70 -46.02
C MET E 156 19.80 3.17 -45.94
N ILE E 157 20.28 2.98 -44.72
CA ILE E 157 21.62 2.49 -44.46
C ILE E 157 21.82 1.08 -44.97
N LYS E 158 20.77 0.27 -44.95
CA LYS E 158 20.86 -1.10 -45.44
C LYS E 158 21.18 -1.09 -46.92
N LYS E 159 20.75 -0.03 -47.61
CA LYS E 159 20.94 0.09 -49.05
C LYS E 159 22.13 0.95 -49.50
N ILE E 160 23.20 1.01 -48.73
CA ILE E 160 24.34 1.82 -49.14
C ILE E 160 25.33 0.95 -49.92
N ALA E 161 24.97 0.61 -51.16
CA ALA E 161 25.83 -0.21 -52.02
C ALA E 161 26.51 -1.37 -51.25
N ASP E 162 27.83 -1.48 -51.39
CA ASP E 162 28.61 -2.50 -50.70
C ASP E 162 30.02 -1.99 -50.43
N GLU E 163 30.73 -1.68 -51.52
CA GLU E 163 32.09 -1.16 -51.46
C GLU E 163 32.06 0.18 -50.71
N LYS E 164 31.07 0.99 -51.06
CA LYS E 164 30.87 2.32 -50.47
C LYS E 164 30.50 2.26 -48.97
N TYR E 165 29.86 1.18 -48.54
CA TYR E 165 29.48 1.05 -47.14
C TYR E 165 30.70 1.02 -46.21
N ASN E 166 31.61 0.08 -46.45
CA ASN E 166 32.78 -0.08 -45.60
C ASN E 166 33.78 1.05 -45.72
N ASP E 167 33.99 1.51 -46.95
CA ASP E 167 34.97 2.55 -47.23
C ASP E 167 34.56 3.93 -46.74
N THR E 168 33.26 4.22 -46.76
CA THR E 168 32.79 5.54 -46.35
C THR E 168 31.98 5.52 -45.06
N PHE E 169 30.73 5.06 -45.14
CA PHE E 169 29.83 5.03 -43.97
C PHE E 169 30.37 4.48 -42.67
N TRP E 170 31.05 3.34 -42.74
CA TRP E 170 31.55 2.71 -41.53
C TRP E 170 32.61 3.51 -40.79
N LYS E 171 33.63 3.98 -41.49
CA LYS E 171 34.67 4.76 -40.82
C LYS E 171 34.16 6.14 -40.33
N GLU E 172 32.92 6.47 -40.64
CA GLU E 172 32.34 7.73 -40.20
C GLU E 172 31.35 7.55 -39.07
N PHE E 173 30.39 6.65 -39.24
CA PHE E 173 29.34 6.45 -38.24
C PHE E 173 29.31 5.06 -37.66
N GLY E 174 30.37 4.28 -37.89
CA GLY E 174 30.44 2.93 -37.38
C GLY E 174 30.11 2.84 -35.91
N THR E 175 30.58 3.83 -35.16
CA THR E 175 30.36 3.89 -33.73
C THR E 175 28.86 3.98 -33.38
N ASN E 176 28.13 4.83 -34.09
CA ASN E 176 26.72 4.99 -33.84
C ASN E 176 25.98 3.67 -34.00
N ILE E 177 26.41 2.89 -35.00
CA ILE E 177 25.82 1.60 -35.24
C ILE E 177 26.04 0.75 -33.99
N LYS E 178 27.26 0.81 -33.45
CA LYS E 178 27.60 0.03 -32.26
C LYS E 178 26.82 0.49 -31.03
N LEU E 179 26.59 1.79 -30.91
CA LEU E 179 25.81 2.34 -29.81
C LEU E 179 24.36 1.93 -29.95
N GLY E 180 23.92 1.82 -31.21
CA GLY E 180 22.57 1.42 -31.53
C GLY E 180 22.26 0.02 -31.06
N VAL E 181 23.21 -0.89 -31.28
CA VAL E 181 23.05 -2.26 -30.86
C VAL E 181 22.77 -2.32 -29.35
N ILE E 182 23.43 -1.43 -28.61
CA ILE E 182 23.26 -1.36 -27.17
C ILE E 182 21.95 -0.67 -26.78
N GLU E 183 21.73 0.51 -27.33
CA GLU E 183 20.55 1.30 -26.99
C GLU E 183 19.25 0.80 -27.58
N ASP E 184 19.24 0.57 -28.90
CA ASP E 184 18.01 0.23 -29.63
C ASP E 184 17.67 -1.26 -29.76
N HIS E 185 17.15 -1.80 -28.68
CA HIS E 185 16.69 -3.18 -28.54
C HIS E 185 15.83 -3.72 -29.69
N SER E 186 14.84 -2.97 -30.14
CA SER E 186 13.92 -3.47 -31.17
C SER E 186 14.51 -3.55 -32.56
N ASN E 187 15.54 -2.77 -32.82
CA ASN E 187 16.17 -2.81 -34.11
C ASN E 187 17.52 -3.50 -34.04
N ARG E 188 17.75 -4.21 -32.95
CA ARG E 188 19.05 -4.82 -32.69
C ARG E 188 19.56 -5.79 -33.77
N THR E 189 18.68 -6.71 -34.18
CA THR E 189 19.04 -7.71 -35.19
C THR E 189 19.17 -7.10 -36.58
N ARG E 190 18.57 -5.94 -36.78
CA ARG E 190 18.63 -5.24 -38.05
C ARG E 190 19.98 -4.59 -38.06
N LEU E 191 20.34 -4.02 -36.90
CA LEU E 191 21.60 -3.31 -36.71
C LEU E 191 22.81 -4.24 -36.67
N ALA E 192 22.58 -5.45 -36.17
CA ALA E 192 23.64 -6.43 -36.02
C ALA E 192 24.29 -6.70 -37.36
N LYS E 193 23.48 -6.76 -38.40
CA LYS E 193 23.99 -7.02 -39.73
C LYS E 193 24.89 -5.91 -40.23
N LEU E 194 24.64 -4.69 -39.77
CA LEU E 194 25.40 -3.51 -40.19
C LEU E 194 26.78 -3.39 -39.55
N LEU E 195 27.01 -4.13 -38.48
CA LEU E 195 28.27 -4.09 -37.76
C LEU E 195 29.37 -4.61 -38.61
N ARG E 196 30.56 -4.02 -38.41
CA ARG E 196 31.80 -4.41 -39.10
C ARG E 196 32.94 -4.42 -38.07
N PHE E 197 33.76 -5.46 -38.09
CA PHE E 197 34.91 -5.54 -37.19
C PHE E 197 36.11 -6.11 -37.89
N GLN E 198 37.25 -6.07 -37.22
CA GLN E 198 38.44 -6.69 -37.77
C GLN E 198 38.45 -8.14 -37.33
N SER E 199 39.15 -8.99 -38.09
CA SER E 199 39.24 -10.39 -37.71
C SER E 199 40.50 -11.00 -38.23
N SER E 200 40.81 -12.18 -37.70
CA SER E 200 42.02 -12.91 -38.03
C SER E 200 42.13 -13.39 -39.48
N HIS E 201 41.08 -13.15 -40.24
CA HIS E 201 41.03 -13.56 -41.62
C HIS E 201 41.97 -12.71 -42.48
N HIS E 202 42.16 -11.46 -42.06
CA HIS E 202 42.98 -10.54 -42.83
C HIS E 202 43.55 -9.44 -41.94
N PRO E 203 44.84 -9.12 -42.11
CA PRO E 203 45.63 -8.10 -41.42
C PRO E 203 44.94 -6.76 -41.12
N SER E 204 44.09 -6.27 -42.02
CA SER E 204 43.41 -5.01 -41.76
C SER E 204 41.93 -4.99 -42.09
N ASP E 205 41.55 -5.51 -43.27
CA ASP E 205 40.15 -5.55 -43.73
C ASP E 205 39.09 -5.82 -42.68
N ILE E 206 38.04 -5.01 -42.68
CA ILE E 206 36.93 -5.24 -41.75
C ILE E 206 36.00 -6.29 -42.36
N THR E 207 35.26 -6.97 -41.50
CA THR E 207 34.35 -8.01 -41.96
C THR E 207 32.98 -7.83 -41.35
N SER E 208 31.95 -8.31 -42.04
CA SER E 208 30.60 -8.22 -41.53
C SER E 208 30.37 -9.47 -40.72
N LEU E 209 29.35 -9.46 -39.86
CA LEU E 209 29.04 -10.67 -39.10
C LEU E 209 28.60 -11.84 -40.02
N ASP E 210 27.80 -11.55 -41.04
CA ASP E 210 27.38 -12.57 -42.01
C ASP E 210 28.58 -13.23 -42.70
N GLN E 211 29.59 -12.43 -43.04
CA GLN E 211 30.78 -12.96 -43.67
C GLN E 211 31.48 -13.92 -42.75
N TYR E 212 31.55 -13.60 -41.46
CA TYR E 212 32.20 -14.47 -40.49
C TYR E 212 31.46 -15.78 -40.42
N VAL E 213 30.13 -15.71 -40.32
CA VAL E 213 29.32 -16.93 -40.24
C VAL E 213 29.56 -17.83 -41.44
N GLU E 214 29.73 -17.21 -42.60
CA GLU E 214 29.99 -17.93 -43.84
C GLU E 214 31.30 -18.73 -43.78
N ARG E 215 32.34 -18.15 -43.20
CA ARG E 215 33.64 -18.81 -43.14
C ARG E 215 33.71 -19.92 -42.08
N MET E 216 32.81 -19.90 -41.11
CA MET E 216 32.79 -20.86 -39.98
C MET E 216 32.93 -22.32 -40.36
N LYS E 217 33.53 -23.08 -39.45
CA LYS E 217 33.72 -24.51 -39.65
C LYS E 217 32.40 -25.26 -39.50
N GLU E 218 32.41 -26.57 -39.78
CA GLU E 218 31.19 -27.37 -39.73
C GLU E 218 30.55 -27.52 -38.35
N LYS E 219 31.32 -28.02 -37.39
CA LYS E 219 30.80 -28.21 -36.05
C LYS E 219 30.86 -26.93 -35.19
N GLN E 220 31.57 -25.90 -35.68
CA GLN E 220 31.68 -24.63 -34.96
C GLN E 220 30.30 -24.01 -34.86
N ASP E 221 30.03 -23.40 -33.71
CA ASP E 221 28.73 -22.76 -33.42
C ASP E 221 28.89 -21.50 -32.57
N LYS E 222 30.12 -21.01 -32.44
CA LYS E 222 30.41 -19.83 -31.64
C LYS E 222 31.16 -18.82 -32.49
N ILE E 223 30.96 -17.54 -32.22
CA ILE E 223 31.66 -16.49 -32.94
C ILE E 223 32.69 -16.00 -31.97
N TYR E 224 33.92 -16.45 -32.16
CA TYR E 224 35.05 -16.15 -31.28
C TYR E 224 35.61 -14.74 -31.42
N PHE E 225 35.72 -14.00 -30.32
CA PHE E 225 36.26 -12.66 -30.40
C PHE E 225 37.23 -12.34 -29.28
N MET E 226 38.10 -11.38 -29.52
CA MET E 226 39.05 -10.96 -28.52
C MET E 226 39.00 -9.45 -28.37
N ALA E 227 38.83 -8.98 -27.14
CA ALA E 227 38.77 -7.55 -26.88
C ALA E 227 40.10 -6.97 -26.41
N GLY E 228 40.56 -5.88 -27.01
CA GLY E 228 41.83 -5.26 -26.62
C GLY E 228 41.88 -3.74 -26.77
N SER E 229 43.08 -3.17 -26.69
CA SER E 229 43.28 -1.73 -26.80
C SER E 229 43.66 -1.35 -28.21
N SER E 230 44.26 -2.32 -28.89
CA SER E 230 44.72 -2.17 -30.28
C SER E 230 44.67 -3.54 -30.93
N ARG E 231 44.85 -3.58 -32.26
CA ARG E 231 44.78 -4.86 -32.94
C ARG E 231 45.99 -5.67 -32.58
N LYS E 232 47.14 -5.00 -32.61
CA LYS E 232 48.40 -5.64 -32.30
C LYS E 232 48.32 -6.32 -30.94
N GLU E 233 47.62 -5.71 -30.00
CA GLU E 233 47.47 -6.30 -28.68
C GLU E 233 46.61 -7.55 -28.69
N ALA E 234 45.44 -7.44 -29.34
CA ALA E 234 44.48 -8.52 -29.38
C ALA E 234 44.97 -9.76 -30.11
N GLU E 235 45.76 -9.55 -31.16
CA GLU E 235 46.31 -10.67 -31.93
C GLU E 235 47.51 -11.33 -31.24
N SER E 236 48.23 -10.57 -30.42
CA SER E 236 49.37 -11.09 -29.67
C SER E 236 48.93 -11.91 -28.47
N SER E 237 47.75 -11.59 -27.95
CA SER E 237 47.17 -12.29 -26.81
C SER E 237 47.32 -13.82 -26.84
N PRO E 238 47.48 -14.44 -25.67
CA PRO E 238 47.63 -15.87 -25.56
C PRO E 238 46.36 -16.61 -25.86
N PHE E 239 45.21 -16.00 -25.60
CA PHE E 239 43.92 -16.67 -25.73
C PHE E 239 43.55 -17.13 -27.13
N VAL E 240 44.09 -16.46 -28.15
CA VAL E 240 43.79 -16.81 -29.52
C VAL E 240 44.66 -17.94 -30.07
N GLU E 241 45.78 -18.21 -29.39
CA GLU E 241 46.77 -19.18 -29.84
C GLU E 241 46.29 -20.44 -30.51
N ARG E 242 45.59 -21.29 -29.77
CA ARG E 242 45.21 -22.56 -30.36
C ARG E 242 44.06 -22.47 -31.35
N LEU E 243 43.05 -21.66 -31.05
CA LEU E 243 41.93 -21.48 -31.96
C LEU E 243 42.45 -21.10 -33.33
N LEU E 244 43.46 -20.23 -33.38
CA LEU E 244 44.04 -19.82 -34.64
C LEU E 244 44.73 -20.99 -35.31
N LYS E 245 45.58 -21.69 -34.55
CA LYS E 245 46.31 -22.85 -35.05
C LYS E 245 45.38 -23.95 -35.56
N LYS E 246 44.24 -24.07 -34.89
CA LYS E 246 43.27 -25.10 -35.21
C LYS E 246 42.48 -24.74 -36.46
N GLY E 247 42.59 -23.48 -36.89
CA GLY E 247 41.93 -23.00 -38.09
C GLY E 247 40.70 -22.13 -37.89
N TYR E 248 40.36 -21.81 -36.65
CA TYR E 248 39.20 -20.99 -36.38
C TYR E 248 39.49 -19.50 -36.62
N GLU E 249 38.44 -18.71 -36.77
CA GLU E 249 38.56 -17.29 -37.04
C GLU E 249 38.20 -16.55 -35.77
N VAL E 250 38.99 -15.52 -35.42
CA VAL E 250 38.73 -14.71 -34.22
C VAL E 250 38.53 -13.22 -34.56
N ILE E 251 37.44 -12.63 -34.07
CA ILE E 251 37.14 -11.23 -34.28
C ILE E 251 37.91 -10.39 -33.27
N TYR E 252 38.53 -9.32 -33.73
CA TYR E 252 39.25 -8.46 -32.79
C TYR E 252 38.48 -7.18 -32.56
N LEU E 253 38.26 -6.87 -31.28
CA LEU E 253 37.57 -5.67 -30.92
C LEU E 253 38.58 -4.71 -30.36
N THR E 254 38.79 -3.58 -31.04
CA THR E 254 39.80 -2.63 -30.58
C THR E 254 39.25 -1.30 -30.14
N GLU E 255 37.94 -1.21 -30.09
CA GLU E 255 37.32 0.04 -29.66
C GLU E 255 36.80 -0.12 -28.22
N PRO E 256 36.68 1.00 -27.50
CA PRO E 256 36.17 0.96 -26.13
C PRO E 256 34.73 0.43 -26.06
N VAL E 257 33.89 0.92 -26.97
CA VAL E 257 32.50 0.52 -27.00
C VAL E 257 32.29 -0.93 -27.53
N ASP E 258 33.28 -1.45 -28.27
CA ASP E 258 33.16 -2.78 -28.89
C ASP E 258 32.71 -3.95 -28.05
N GLU E 259 33.31 -4.17 -26.90
CA GLU E 259 32.89 -5.32 -26.09
C GLU E 259 31.48 -5.12 -25.48
N TYR E 260 31.11 -3.87 -25.21
CA TYR E 260 29.80 -3.58 -24.65
C TYR E 260 28.72 -3.85 -25.69
N CYS E 261 29.11 -3.66 -26.95
CA CYS E 261 28.26 -3.87 -28.09
C CYS E 261 27.97 -5.35 -28.20
N ILE E 262 28.99 -6.14 -28.53
CA ILE E 262 28.90 -7.60 -28.67
C ILE E 262 28.29 -8.25 -27.46
N GLN E 263 28.48 -7.63 -26.31
CA GLN E 263 27.90 -8.15 -25.10
C GLN E 263 26.38 -8.01 -25.12
N ALA E 264 25.89 -6.90 -25.66
CA ALA E 264 24.43 -6.67 -25.71
C ALA E 264 23.71 -7.38 -26.85
N LEU E 265 24.43 -8.30 -27.50
CA LEU E 265 23.93 -9.04 -28.64
C LEU E 265 23.97 -10.55 -28.34
N PRO E 266 22.86 -11.12 -27.83
CA PRO E 266 22.74 -12.52 -27.40
C PRO E 266 23.07 -13.57 -28.45
N GLU E 267 22.37 -13.52 -29.58
CA GLU E 267 22.61 -14.44 -30.69
C GLU E 267 22.88 -13.68 -32.00
N PHE E 268 23.37 -14.39 -33.01
CA PHE E 268 23.47 -13.85 -34.35
C PHE E 268 23.40 -15.02 -35.31
N ASP E 269 22.33 -15.06 -36.10
CA ASP E 269 22.06 -16.12 -37.07
C ASP E 269 22.26 -17.46 -36.38
N GLY E 270 21.60 -17.62 -35.22
CA GLY E 270 21.65 -18.86 -34.44
C GLY E 270 23.00 -19.26 -33.89
N LYS E 271 23.92 -18.30 -33.78
CA LYS E 271 25.23 -18.57 -33.23
C LYS E 271 25.44 -17.63 -32.06
N ARG E 272 25.85 -18.18 -30.93
CA ARG E 272 26.13 -17.38 -29.73
C ARG E 272 27.58 -16.90 -29.84
N PHE E 273 27.91 -15.79 -29.18
CA PHE E 273 29.29 -15.26 -29.19
C PHE E 273 30.11 -15.88 -28.08
N GLN E 274 31.43 -15.76 -28.18
CA GLN E 274 32.32 -16.35 -27.19
C GLN E 274 33.62 -15.60 -27.12
N ASN E 275 33.90 -15.07 -25.93
CA ASN E 275 35.10 -14.27 -25.68
C ASN E 275 36.23 -15.21 -25.42
N VAL E 276 37.19 -15.27 -26.32
CA VAL E 276 38.34 -16.19 -26.14
C VAL E 276 39.11 -16.04 -24.81
N ALA E 277 38.87 -14.94 -24.11
CA ALA E 277 39.51 -14.70 -22.84
C ALA E 277 38.63 -15.11 -21.65
N LYS E 278 37.50 -15.76 -21.90
CA LYS E 278 36.65 -16.25 -20.82
C LYS E 278 36.39 -17.75 -20.95
N GLU E 279 35.85 -18.35 -19.90
CA GLU E 279 35.57 -19.77 -19.92
C GLU E 279 34.48 -20.02 -20.92
N GLY E 280 34.69 -21.02 -21.78
CA GLY E 280 33.65 -21.37 -22.73
C GLY E 280 34.09 -22.06 -24.00
N VAL E 281 35.39 -21.99 -24.29
CA VAL E 281 35.88 -22.60 -25.52
C VAL E 281 35.88 -24.13 -25.46
N LYS E 282 35.37 -24.74 -26.52
CA LYS E 282 35.33 -26.18 -26.63
C LYS E 282 36.08 -26.61 -27.89
N PHE E 283 36.41 -27.90 -27.95
CA PHE E 283 37.05 -28.50 -29.10
C PHE E 283 36.44 -29.88 -29.19
N ASP E 284 35.41 -30.03 -30.03
CA ASP E 284 34.66 -31.30 -30.14
C ASP E 284 35.49 -32.59 -30.18
N GLU E 285 36.48 -32.63 -31.09
CA GLU E 285 37.39 -33.77 -31.20
C GLU E 285 36.74 -35.17 -31.35
N SER E 286 37.34 -36.17 -30.71
CA SER E 286 36.81 -37.53 -30.75
C SER E 286 36.92 -38.20 -29.38
N GLU E 287 36.84 -39.52 -29.35
CA GLU E 287 36.90 -40.27 -28.10
C GLU E 287 38.33 -40.51 -27.66
N LYS E 288 39.18 -40.91 -28.60
CA LYS E 288 40.59 -41.17 -28.30
C LYS E 288 41.32 -39.88 -27.96
N THR E 289 40.77 -38.76 -28.43
CA THR E 289 41.32 -37.45 -28.12
C THR E 289 40.91 -37.10 -26.70
N LYS E 290 39.63 -37.33 -26.39
CA LYS E 290 39.08 -37.10 -25.06
C LYS E 290 39.85 -37.94 -24.04
N GLU E 291 40.06 -39.21 -24.35
CA GLU E 291 40.82 -40.08 -23.47
C GLU E 291 42.15 -39.47 -23.05
N SER E 292 42.89 -38.94 -24.02
CA SER E 292 44.22 -38.35 -23.78
C SER E 292 44.19 -37.15 -22.86
N ARG E 293 43.35 -36.17 -23.20
CA ARG E 293 43.21 -34.94 -22.44
C ARG E 293 42.81 -35.22 -21.00
N GLU E 294 41.81 -36.09 -20.82
CA GLU E 294 41.33 -36.48 -19.49
C GLU E 294 42.41 -37.20 -18.71
N ALA E 295 43.26 -37.94 -19.42
CA ALA E 295 44.38 -38.67 -18.80
C ALA E 295 45.51 -37.71 -18.44
N ILE E 296 45.55 -36.57 -19.11
CA ILE E 296 46.55 -35.53 -18.81
C ILE E 296 46.12 -34.75 -17.56
N GLU E 297 44.81 -34.50 -17.44
CA GLU E 297 44.23 -33.80 -16.30
C GLU E 297 44.41 -34.58 -14.97
N LYS E 298 44.49 -35.91 -15.06
CA LYS E 298 44.77 -36.75 -13.90
C LYS E 298 46.25 -36.58 -13.53
N GLU E 299 47.09 -36.39 -14.54
CA GLU E 299 48.53 -36.29 -14.32
C GLU E 299 48.94 -34.99 -13.62
N PHE E 300 48.38 -33.87 -14.05
CA PHE E 300 48.72 -32.57 -13.49
C PHE E 300 47.98 -32.20 -12.22
N GLU E 301 47.02 -33.02 -11.79
CA GLU E 301 46.21 -32.73 -10.59
C GLU E 301 46.97 -32.30 -9.31
N PRO E 302 48.11 -32.94 -8.97
CA PRO E 302 48.80 -32.48 -7.77
C PRO E 302 49.48 -31.11 -7.91
N LEU E 303 49.74 -30.69 -9.15
CA LEU E 303 50.34 -29.39 -9.42
C LEU E 303 49.24 -28.31 -9.43
N LEU E 304 48.04 -28.71 -9.85
CA LEU E 304 46.87 -27.83 -9.87
C LEU E 304 46.36 -27.54 -8.47
N ASN E 305 46.41 -28.54 -7.61
CA ASN E 305 46.01 -28.36 -6.22
C ASN E 305 47.09 -27.62 -5.48
N TRP E 306 48.33 -27.75 -5.96
CA TRP E 306 49.45 -27.08 -5.34
C TRP E 306 49.36 -25.59 -5.54
N MET E 307 48.92 -25.18 -6.73
CA MET E 307 48.76 -23.77 -7.04
C MET E 307 47.58 -23.18 -6.28
N LYS E 308 46.48 -23.92 -6.26
CA LYS E 308 45.25 -23.50 -5.60
C LYS E 308 45.38 -23.46 -4.08
N ASP E 309 46.06 -24.43 -3.50
CA ASP E 309 46.15 -24.51 -2.03
C ASP E 309 47.37 -23.88 -1.39
N LYS E 310 48.45 -23.68 -2.16
CA LYS E 310 49.64 -23.10 -1.56
C LYS E 310 50.26 -21.93 -2.32
N ALA E 311 51.05 -22.22 -3.36
CA ALA E 311 51.75 -21.21 -4.16
C ALA E 311 50.93 -19.97 -4.55
N LEU E 312 49.66 -20.15 -4.90
CA LEU E 312 48.83 -19.02 -5.24
C LEU E 312 47.54 -19.03 -4.43
N LYS E 313 47.63 -19.37 -3.14
CA LYS E 313 46.43 -19.42 -2.31
C LYS E 313 45.88 -18.00 -2.15
N ASP E 314 44.57 -17.87 -2.32
CA ASP E 314 43.87 -16.59 -2.23
C ASP E 314 44.19 -15.62 -3.38
N LYS E 315 44.84 -16.12 -4.42
CA LYS E 315 45.22 -15.31 -5.57
C LYS E 315 44.38 -15.70 -6.78
N ILE E 316 44.18 -17.01 -6.98
CA ILE E 316 43.42 -17.54 -8.10
C ILE E 316 42.22 -18.28 -7.58
N GLU E 317 41.27 -18.55 -8.46
CA GLU E 317 40.09 -19.27 -8.04
C GLU E 317 40.33 -20.77 -8.12
N LYS E 318 40.92 -21.20 -9.23
CA LYS E 318 41.27 -22.59 -9.47
C LYS E 318 42.31 -22.64 -10.56
N ALA E 319 43.06 -23.74 -10.58
CA ALA E 319 44.07 -23.98 -11.60
C ALA E 319 43.60 -25.15 -12.45
N VAL E 320 43.62 -24.95 -13.77
CA VAL E 320 43.18 -26.01 -14.69
C VAL E 320 44.16 -26.19 -15.84
N VAL E 321 43.97 -27.27 -16.60
CA VAL E 321 44.77 -27.58 -17.78
C VAL E 321 44.15 -26.86 -18.98
N SER E 322 44.90 -25.94 -19.55
CA SER E 322 44.42 -25.13 -20.65
C SER E 322 44.34 -25.85 -21.98
N GLN E 323 43.29 -25.54 -22.73
CA GLN E 323 43.11 -26.10 -24.04
C GLN E 323 43.22 -25.06 -25.13
N ARG E 324 43.38 -23.79 -24.74
CA ARG E 324 43.43 -22.69 -25.70
C ARG E 324 44.84 -22.21 -26.02
N LEU E 325 45.82 -22.74 -25.31
CA LEU E 325 47.20 -22.30 -25.48
C LEU E 325 48.07 -23.10 -26.45
N THR E 326 48.91 -22.40 -27.21
CA THR E 326 49.87 -23.04 -28.12
C THR E 326 51.25 -22.91 -27.50
N GLU E 327 51.84 -21.71 -27.60
CA GLU E 327 53.20 -21.49 -27.09
C GLU E 327 53.33 -20.77 -25.76
N SER E 328 52.24 -20.29 -25.23
CA SER E 328 52.31 -19.62 -23.94
C SER E 328 52.23 -20.64 -22.82
N PRO E 329 52.98 -20.40 -21.72
CA PRO E 329 52.96 -21.26 -20.56
C PRO E 329 51.63 -21.22 -19.82
N CYS E 330 51.12 -20.02 -19.55
CA CYS E 330 49.87 -19.88 -18.83
C CYS E 330 49.14 -18.56 -19.11
N ALA E 331 47.87 -18.47 -18.68
CA ALA E 331 47.02 -17.29 -18.85
C ALA E 331 45.86 -17.26 -17.85
N LEU E 332 45.39 -16.06 -17.54
CA LEU E 332 44.25 -15.85 -16.64
C LEU E 332 42.95 -15.80 -17.42
N VAL E 333 42.01 -16.67 -17.07
CA VAL E 333 40.75 -16.71 -17.77
C VAL E 333 39.62 -16.32 -16.84
N ALA E 334 38.83 -15.33 -17.27
CA ALA E 334 37.68 -14.84 -16.48
C ALA E 334 36.49 -15.77 -16.58
N SER E 335 35.57 -15.68 -15.62
CA SER E 335 34.36 -16.50 -15.72
C SER E 335 33.48 -16.05 -16.90
N GLN E 336 32.48 -16.84 -17.22
CA GLN E 336 31.62 -16.56 -18.36
C GLN E 336 31.00 -15.16 -18.41
N TYR E 337 30.44 -14.71 -17.30
CA TYR E 337 29.81 -13.41 -17.34
C TYR E 337 30.59 -12.44 -16.43
N GLY E 338 31.84 -12.79 -16.18
CA GLY E 338 32.72 -11.95 -15.35
C GLY E 338 33.40 -10.88 -16.19
N TRP E 339 34.37 -10.18 -15.61
CA TRP E 339 35.06 -9.14 -16.37
C TRP E 339 36.29 -9.67 -17.05
N SER E 340 36.39 -9.44 -18.34
CA SER E 340 37.60 -9.82 -19.06
C SER E 340 38.67 -8.80 -18.73
N GLY E 341 39.88 -9.03 -19.23
CA GLY E 341 40.97 -8.07 -19.01
C GLY E 341 40.64 -6.66 -19.51
N ASN E 342 40.09 -6.60 -20.71
CA ASN E 342 39.73 -5.37 -21.36
C ASN E 342 38.63 -4.68 -20.59
N MET E 343 37.59 -5.44 -20.25
CA MET E 343 36.51 -4.95 -19.42
C MET E 343 37.00 -4.33 -18.14
N GLU E 344 37.95 -4.98 -17.47
CA GLU E 344 38.45 -4.49 -16.20
C GLU E 344 39.07 -3.14 -16.40
N ARG E 345 39.86 -3.00 -17.47
CA ARG E 345 40.56 -1.73 -17.74
C ARG E 345 39.62 -0.57 -17.99
N ILE E 346 38.66 -0.80 -18.89
CA ILE E 346 37.63 0.19 -19.21
C ILE E 346 36.78 0.58 -18.00
N MET E 347 36.31 -0.40 -17.24
CA MET E 347 35.53 -0.14 -16.05
C MET E 347 36.30 0.68 -15.02
N LYS E 348 37.53 0.27 -14.71
CA LYS E 348 38.35 0.98 -13.73
C LYS E 348 38.65 2.42 -14.13
N ALA E 349 38.88 2.63 -15.42
CA ALA E 349 39.21 3.94 -15.97
C ALA E 349 38.05 4.91 -15.80
N GLN E 350 36.89 4.51 -16.29
CA GLN E 350 35.67 5.31 -16.21
C GLN E 350 35.22 5.54 -14.75
N ALA E 351 35.51 4.55 -13.90
CA ALA E 351 35.16 4.63 -12.48
C ALA E 351 36.09 5.60 -11.74
N TYR E 352 37.22 5.90 -12.37
CA TYR E 352 38.22 6.80 -11.81
C TYR E 352 38.02 8.20 -12.38
N GLN E 353 37.80 8.28 -13.69
CA GLN E 353 37.56 9.55 -14.35
C GLN E 353 36.23 10.13 -13.89
N THR E 354 35.26 9.27 -13.58
CA THR E 354 33.93 9.73 -13.15
C THR E 354 33.43 9.18 -11.81
N GLY E 355 33.24 7.86 -11.74
CA GLY E 355 32.70 7.16 -10.56
C GLY E 355 33.38 7.37 -9.21
N LYS E 356 32.88 6.66 -8.20
CA LYS E 356 33.43 6.78 -6.86
C LYS E 356 34.02 5.46 -6.35
N ASP E 357 35.10 5.06 -7.00
CA ASP E 357 35.89 3.87 -6.63
C ASP E 357 35.11 2.57 -6.42
N ILE E 358 34.79 1.90 -7.53
CA ILE E 358 34.13 0.60 -7.49
C ILE E 358 35.22 -0.42 -7.20
N SER E 359 35.79 -0.35 -5.99
CA SER E 359 36.86 -1.24 -5.53
C SER E 359 36.21 -2.49 -4.96
N THR E 360 35.30 -2.28 -4.01
CA THR E 360 34.53 -3.36 -3.44
C THR E 360 33.23 -3.49 -4.23
N ASN E 361 33.36 -3.87 -5.51
CA ASN E 361 32.22 -4.12 -6.40
C ASN E 361 31.90 -5.60 -6.29
N TYR E 362 32.07 -6.38 -7.35
CA TYR E 362 31.80 -7.82 -7.25
C TYR E 362 32.73 -8.56 -8.09
N TYR E 363 32.40 -8.54 -9.38
CA TYR E 363 33.26 -9.16 -10.34
C TYR E 363 34.29 -8.18 -10.86
N ALA E 364 34.65 -7.27 -9.96
CA ALA E 364 35.73 -6.29 -10.14
C ALA E 364 36.94 -6.83 -9.41
N SER E 365 36.69 -7.37 -8.22
CA SER E 365 37.74 -7.94 -7.42
C SER E 365 37.56 -9.45 -7.27
N GLN E 366 37.22 -10.14 -8.36
CA GLN E 366 37.10 -11.59 -8.29
C GLN E 366 38.36 -12.24 -8.85
N LYS E 367 38.74 -13.36 -8.24
CA LYS E 367 39.93 -14.10 -8.65
C LYS E 367 39.68 -14.75 -10.01
N LYS E 368 40.72 -14.94 -10.81
CA LYS E 368 40.53 -15.56 -12.13
C LYS E 368 40.87 -17.04 -12.09
N THR E 369 40.59 -17.75 -13.18
CA THR E 369 40.92 -19.15 -13.32
C THR E 369 42.28 -19.17 -13.97
N PHE E 370 43.24 -19.84 -13.33
CA PHE E 370 44.61 -19.90 -13.86
C PHE E 370 44.79 -21.13 -14.71
N GLU E 371 45.02 -20.91 -16.00
CA GLU E 371 45.15 -22.02 -16.95
C GLU E 371 46.56 -22.28 -17.39
N ILE E 372 47.03 -23.51 -17.22
CA ILE E 372 48.39 -23.86 -17.61
C ILE E 372 48.47 -24.77 -18.85
N ASN E 373 49.48 -24.53 -19.68
CA ASN E 373 49.72 -25.31 -20.88
C ASN E 373 50.42 -26.60 -20.47
N PRO E 374 49.74 -27.75 -20.64
CA PRO E 374 50.24 -29.05 -20.19
C PRO E 374 51.47 -29.47 -20.93
N ARG E 375 51.75 -28.81 -22.04
CA ARG E 375 52.90 -29.17 -22.81
C ARG E 375 53.89 -28.02 -22.90
N HIS E 376 54.21 -27.40 -21.79
CA HIS E 376 55.22 -26.36 -21.84
C HIS E 376 56.35 -26.86 -20.95
N PRO E 377 57.61 -26.77 -21.42
CA PRO E 377 58.82 -27.19 -20.71
C PRO E 377 58.86 -26.69 -19.27
N LEU E 378 58.40 -25.45 -19.06
CA LEU E 378 58.38 -24.82 -17.74
C LEU E 378 57.30 -25.44 -16.86
N ILE E 379 56.11 -25.66 -17.44
CA ILE E 379 55.01 -26.27 -16.70
C ILE E 379 55.36 -27.71 -16.36
N LYS E 380 55.96 -28.42 -17.31
CA LYS E 380 56.36 -29.81 -17.09
C LYS E 380 57.41 -29.99 -15.98
N ASP E 381 58.36 -29.06 -15.88
CA ASP E 381 59.36 -29.11 -14.81
C ASP E 381 58.72 -28.80 -13.49
N MET E 382 57.67 -27.98 -13.55
CA MET E 382 56.98 -27.53 -12.37
C MET E 382 56.26 -28.72 -11.76
N LEU E 383 55.62 -29.51 -12.63
CA LEU E 383 54.90 -30.69 -12.19
C LEU E 383 55.83 -31.68 -11.52
N ARG E 384 56.97 -31.93 -12.17
CA ARG E 384 57.97 -32.86 -11.65
C ARG E 384 58.56 -32.40 -10.34
N ARG E 385 58.90 -31.10 -10.26
CA ARG E 385 59.56 -30.55 -9.07
C ARG E 385 58.61 -30.50 -7.88
N VAL E 386 57.32 -30.46 -8.15
CA VAL E 386 56.32 -30.43 -7.09
C VAL E 386 56.04 -31.82 -6.52
N LYS E 387 56.02 -32.83 -7.38
CA LYS E 387 55.79 -34.21 -6.92
C LYS E 387 56.93 -34.72 -6.02
N GLU E 388 58.12 -34.13 -6.19
CA GLU E 388 59.29 -34.48 -5.37
C GLU E 388 59.26 -33.62 -4.12
N ASP E 389 59.71 -32.37 -4.25
CA ASP E 389 59.71 -31.42 -3.15
C ASP E 389 58.57 -30.46 -3.34
N GLU E 390 57.53 -30.62 -2.55
CA GLU E 390 56.34 -29.78 -2.66
C GLU E 390 56.53 -28.41 -1.98
N ASP E 391 57.52 -28.35 -1.10
CA ASP E 391 57.80 -27.14 -0.37
C ASP E 391 59.11 -26.49 -0.79
N ASP E 392 59.43 -26.66 -2.07
CA ASP E 392 60.61 -26.06 -2.66
C ASP E 392 60.26 -24.61 -2.91
N LYS E 393 60.86 -23.73 -2.11
CA LYS E 393 60.57 -22.29 -2.22
C LYS E 393 60.90 -21.73 -3.59
N THR E 394 61.93 -22.29 -4.24
CA THR E 394 62.34 -21.86 -5.56
C THR E 394 61.18 -21.98 -6.56
N VAL E 395 60.47 -23.10 -6.50
CA VAL E 395 59.34 -23.33 -7.38
C VAL E 395 58.19 -22.46 -6.94
N SER E 396 58.00 -22.39 -5.63
CA SER E 396 56.93 -21.60 -5.06
C SER E 396 57.07 -20.12 -5.49
N ASP E 397 58.28 -19.58 -5.40
CA ASP E 397 58.55 -18.20 -5.79
C ASP E 397 58.48 -17.99 -7.29
N LEU E 398 58.85 -19.01 -8.06
CA LEU E 398 58.79 -18.93 -9.50
C LEU E 398 57.33 -18.89 -9.97
N ALA E 399 56.50 -19.71 -9.35
CA ALA E 399 55.09 -19.78 -9.72
C ALA E 399 54.39 -18.47 -9.55
N VAL E 400 54.89 -17.61 -8.66
CA VAL E 400 54.27 -16.30 -8.45
C VAL E 400 54.72 -15.34 -9.54
N VAL E 401 56.01 -15.31 -9.83
CA VAL E 401 56.53 -14.47 -10.91
C VAL E 401 55.87 -14.82 -12.23
N LEU E 402 55.63 -16.11 -12.42
CA LEU E 402 55.00 -16.62 -13.63
C LEU E 402 53.54 -16.19 -13.64
N PHE E 403 52.92 -16.23 -12.47
CA PHE E 403 51.53 -15.87 -12.35
C PHE E 403 51.30 -14.41 -12.61
N GLU E 404 52.20 -13.59 -12.09
CA GLU E 404 52.07 -12.16 -12.25
C GLU E 404 52.36 -11.76 -13.67
N THR E 405 53.31 -12.42 -14.32
CA THR E 405 53.63 -12.08 -15.69
C THR E 405 52.44 -12.44 -16.55
N ALA E 406 51.78 -13.54 -16.18
CA ALA E 406 50.59 -13.98 -16.89
C ALA E 406 49.45 -13.02 -16.61
N THR E 407 49.49 -12.36 -15.45
CA THR E 407 48.46 -11.37 -15.09
C THR E 407 48.53 -10.21 -16.07
N LEU E 408 49.75 -9.77 -16.39
CA LEU E 408 49.94 -8.69 -17.36
C LEU E 408 49.61 -9.16 -18.76
N ARG E 409 50.06 -10.35 -19.13
CA ARG E 409 49.76 -10.91 -20.46
C ARG E 409 48.26 -11.13 -20.73
N SER E 410 47.50 -11.41 -19.70
CA SER E 410 46.10 -11.64 -19.89
C SER E 410 45.34 -10.32 -19.96
N GLY E 411 46.05 -9.21 -19.80
CA GLY E 411 45.42 -7.89 -19.88
C GLY E 411 44.81 -7.37 -18.60
N TYR E 412 45.14 -7.99 -17.48
CA TYR E 412 44.65 -7.56 -16.18
C TYR E 412 45.63 -6.61 -15.49
N LEU E 413 45.11 -5.83 -14.54
CA LEU E 413 45.97 -4.89 -13.86
C LEU E 413 46.75 -5.56 -12.78
N LEU E 414 48.00 -5.14 -12.63
CA LEU E 414 48.84 -5.69 -11.63
C LEU E 414 48.58 -4.92 -10.34
N PRO E 415 48.17 -5.65 -9.28
CA PRO E 415 47.84 -5.11 -7.94
C PRO E 415 48.93 -4.26 -7.27
N ASP E 416 50.16 -4.77 -7.19
CA ASP E 416 51.25 -4.08 -6.49
C ASP E 416 52.54 -4.18 -7.31
N THR E 417 52.78 -3.21 -8.19
CA THR E 417 53.97 -3.22 -9.05
C THR E 417 55.28 -3.09 -8.29
N LYS E 418 55.20 -2.58 -7.07
CA LYS E 418 56.36 -2.44 -6.21
C LYS E 418 56.84 -3.82 -5.84
N ALA E 419 55.90 -4.69 -5.46
CA ALA E 419 56.24 -6.06 -5.08
C ALA E 419 56.76 -6.86 -6.26
N TYR E 420 56.06 -6.74 -7.39
CA TYR E 420 56.40 -7.43 -8.62
C TYR E 420 57.80 -7.11 -9.07
N GLY E 421 58.17 -5.84 -9.08
CA GLY E 421 59.50 -5.43 -9.49
C GLY E 421 60.56 -6.04 -8.59
N ASP E 422 60.23 -6.13 -7.31
CA ASP E 422 61.13 -6.70 -6.32
C ASP E 422 61.33 -8.18 -6.53
N ARG E 423 60.29 -8.89 -6.95
CA ARG E 423 60.45 -10.31 -7.22
C ARG E 423 61.27 -10.57 -8.46
N ILE E 424 61.17 -9.72 -9.47
CA ILE E 424 61.98 -9.86 -10.68
C ILE E 424 63.42 -9.56 -10.26
N GLU E 425 63.59 -8.50 -9.49
CA GLU E 425 64.91 -8.10 -9.00
C GLU E 425 65.58 -9.25 -8.24
N ARG E 426 64.83 -9.92 -7.37
CA ARG E 426 65.36 -11.03 -6.57
C ARG E 426 65.85 -12.14 -7.48
N MET E 427 65.11 -12.39 -8.55
CA MET E 427 65.45 -13.44 -9.49
C MET E 427 66.56 -13.00 -10.44
N LEU E 428 66.55 -11.73 -10.82
CA LEU E 428 67.58 -11.18 -11.69
C LEU E 428 68.92 -11.36 -11.06
N ARG E 429 68.99 -11.13 -9.74
CA ARG E 429 70.23 -11.22 -8.99
C ARG E 429 70.75 -12.66 -8.80
N LEU E 430 69.89 -13.64 -9.05
CA LEU E 430 70.31 -15.02 -9.03
C LEU E 430 71.09 -15.28 -10.32
N SER E 431 70.57 -14.74 -11.44
CA SER E 431 71.20 -14.82 -12.77
C SER E 431 72.50 -13.97 -12.87
N LEU E 432 73.07 -13.63 -11.72
CA LEU E 432 74.27 -12.87 -11.66
C LEU E 432 75.12 -13.46 -10.54
N ASN E 433 74.49 -13.58 -9.37
CA ASN E 433 75.07 -14.13 -8.12
C ASN E 433 74.62 -13.34 -6.89
N ILE E 434 74.73 -12.02 -6.96
CA ILE E 434 74.37 -11.06 -5.89
C ILE E 434 73.35 -11.55 -4.88
N ASP E 435 73.82 -11.83 -3.67
CA ASP E 435 73.04 -12.34 -2.53
C ASP E 435 71.69 -11.64 -2.38
N PRO E 436 70.60 -12.33 -2.73
CA PRO E 436 69.23 -11.80 -2.73
C PRO E 436 68.83 -10.97 -1.50
N ASP E 437 68.47 -11.64 -0.41
CA ASP E 437 68.04 -10.94 0.79
C ASP E 437 69.18 -10.13 1.39
N ALA E 438 70.31 -10.80 1.58
CA ALA E 438 71.47 -10.20 2.22
C ALA E 438 72.42 -9.33 1.36
N LYS E 439 71.86 -8.56 0.42
CA LYS E 439 72.63 -7.59 -0.41
C LYS E 439 71.82 -6.36 -0.76
N VAL E 440 70.53 -6.58 -1.06
CA VAL E 440 69.62 -5.48 -1.39
C VAL E 440 69.52 -4.56 -0.15
N GLU E 441 70.12 -4.99 0.94
CA GLU E 441 70.17 -4.19 2.13
C GLU E 441 71.47 -3.41 2.09
N GLU E 442 72.60 -4.13 2.00
CA GLU E 442 74.00 -3.59 2.07
C GLU E 442 74.42 -2.29 1.38
N GLU E 443 74.68 -2.37 0.08
CA GLU E 443 75.09 -1.19 -0.68
C GLU E 443 73.98 -0.13 -0.78
N PRO E 444 72.69 -0.56 -0.91
CA PRO E 444 71.59 0.40 -0.88
C PRO E 444 71.43 1.07 0.48
N GLU E 445 72.30 0.71 1.43
CA GLU E 445 72.32 1.33 2.75
C GLU E 445 73.77 1.68 3.10
N GLU E 446 74.55 2.01 2.07
CA GLU E 446 75.91 2.51 2.27
C GLU E 446 75.87 4.02 2.07
N GLU E 447 74.65 4.50 1.87
CA GLU E 447 74.34 5.92 1.66
C GLU E 447 74.59 6.86 2.87
N PRO E 448 74.48 6.37 4.13
CA PRO E 448 74.79 7.23 5.28
C PRO E 448 76.13 7.95 5.19
N GLU E 449 76.97 7.51 4.27
CA GLU E 449 78.26 8.13 4.02
C GLU E 449 78.09 9.45 3.28
N GLU E 450 77.17 9.45 2.31
CA GLU E 450 76.87 10.62 1.48
C GLU E 450 76.40 11.81 2.29
N LYS F 25 42.39 -18.65 -69.31
CA LYS F 25 41.89 -18.51 -67.89
C LYS F 25 40.39 -18.49 -67.87
N PRO F 26 39.79 -19.52 -67.24
CA PRO F 26 38.34 -19.61 -67.20
C PRO F 26 37.76 -18.38 -66.56
N ILE F 27 36.57 -17.99 -67.00
CA ILE F 27 35.87 -16.80 -66.49
C ILE F 27 35.75 -16.81 -64.97
N TRP F 28 35.53 -17.98 -64.39
CA TRP F 28 35.34 -18.10 -62.95
C TRP F 28 36.60 -18.10 -62.11
N GLN F 29 37.76 -18.19 -62.73
CA GLN F 29 38.99 -18.24 -61.96
C GLN F 29 39.68 -16.90 -61.76
N ARG F 30 39.25 -15.91 -62.54
CA ARG F 30 39.77 -14.55 -62.47
C ARG F 30 39.11 -13.83 -61.27
N PRO F 31 39.77 -12.78 -60.73
CA PRO F 31 39.21 -12.00 -59.62
C PRO F 31 37.86 -11.34 -59.97
N SER F 32 37.01 -11.21 -58.97
CA SER F 32 35.68 -10.66 -59.15
C SER F 32 35.67 -9.26 -59.76
N LYS F 33 36.58 -8.43 -59.27
CA LYS F 33 36.68 -7.04 -59.69
C LYS F 33 37.32 -6.83 -61.09
N GLU F 34 37.91 -7.89 -61.65
CA GLU F 34 38.57 -7.75 -62.95
C GLU F 34 37.74 -8.16 -64.16
N VAL F 35 36.58 -8.78 -63.91
CA VAL F 35 35.74 -9.24 -65.01
C VAL F 35 34.69 -8.19 -65.42
N GLU F 36 34.60 -7.96 -66.73
CA GLU F 36 33.65 -7.02 -67.31
C GLU F 36 32.23 -7.52 -67.17
N ASP F 37 31.29 -6.58 -67.05
CA ASP F 37 29.86 -6.86 -66.94
C ASP F 37 29.36 -7.55 -68.20
N ASP F 38 29.93 -7.17 -69.34
CA ASP F 38 29.59 -7.72 -70.64
C ASP F 38 30.01 -9.19 -70.78
N GLU F 39 31.19 -9.51 -70.28
CA GLU F 39 31.73 -10.87 -70.35
C GLU F 39 30.92 -11.91 -69.59
N TYR F 40 30.35 -11.51 -68.45
CA TYR F 40 29.48 -12.39 -67.67
C TYR F 40 28.22 -12.66 -68.48
N LYS F 41 27.66 -11.59 -69.05
CA LYS F 41 26.44 -11.69 -69.87
C LYS F 41 26.65 -12.55 -71.12
N ALA F 42 27.87 -12.54 -71.64
CA ALA F 42 28.22 -13.34 -72.81
C ALA F 42 28.40 -14.80 -72.39
N PHE F 43 28.95 -15.00 -71.19
CA PHE F 43 29.20 -16.34 -70.64
C PHE F 43 27.92 -17.13 -70.38
N TYR F 44 26.88 -16.42 -69.94
CA TYR F 44 25.60 -17.04 -69.64
C TYR F 44 24.98 -17.66 -70.89
N LYS F 45 25.05 -16.94 -72.00
CA LYS F 45 24.44 -17.39 -73.24
C LYS F 45 25.17 -18.58 -73.87
N SER F 46 26.45 -18.75 -73.49
CA SER F 46 27.30 -19.80 -74.06
C SER F 46 26.84 -21.24 -73.80
N PHE F 47 26.21 -21.46 -72.65
CA PHE F 47 25.75 -22.80 -72.33
C PHE F 47 24.24 -22.95 -72.26
N SER F 48 23.50 -22.01 -72.84
CA SER F 48 22.03 -22.07 -72.82
C SER F 48 21.31 -21.49 -74.05
N LYS F 49 22.08 -20.94 -75.00
CA LYS F 49 21.55 -20.24 -76.21
C LYS F 49 20.48 -19.19 -75.81
N GLU F 50 19.36 -19.15 -76.53
CA GLU F 50 18.22 -18.20 -76.25
C GLU F 50 18.50 -16.74 -76.64
N SER F 51 19.79 -16.40 -76.74
CA SER F 51 20.31 -15.07 -77.11
C SER F 51 19.82 -13.86 -76.28
N ASP F 52 19.55 -14.08 -74.99
CA ASP F 52 19.09 -12.99 -74.11
C ASP F 52 19.74 -13.00 -72.70
N ASP F 53 19.83 -11.81 -72.10
CA ASP F 53 20.49 -11.59 -70.81
C ASP F 53 19.87 -12.29 -69.60
N PRO F 54 20.70 -12.60 -68.59
CA PRO F 54 20.18 -13.18 -67.34
C PRO F 54 19.64 -12.06 -66.46
N MET F 55 18.88 -12.40 -65.43
CA MET F 55 18.31 -11.39 -64.54
C MET F 55 19.34 -10.86 -63.55
N ALA F 56 20.26 -11.72 -63.10
CA ALA F 56 21.36 -11.35 -62.19
C ALA F 56 22.40 -12.45 -62.10
N TYR F 57 23.49 -12.16 -61.41
CA TYR F 57 24.59 -13.11 -61.25
C TYR F 57 25.51 -12.67 -60.15
N ILE F 58 26.21 -13.62 -59.54
CA ILE F 58 27.24 -13.27 -58.56
C ILE F 58 28.43 -14.17 -58.77
N HIS F 59 29.61 -13.57 -58.69
CA HIS F 59 30.84 -14.32 -58.84
C HIS F 59 31.51 -14.31 -57.49
N PHE F 60 31.65 -15.49 -56.90
CA PHE F 60 32.28 -15.56 -55.60
C PHE F 60 33.26 -16.72 -55.47
N THR F 61 34.15 -16.57 -54.50
CA THR F 61 35.14 -17.58 -54.15
C THR F 61 34.88 -17.95 -52.69
N ALA F 62 34.89 -19.25 -52.39
CA ALA F 62 34.62 -19.73 -51.03
C ALA F 62 35.87 -20.06 -50.24
N GLU F 63 35.85 -19.66 -48.97
CA GLU F 63 36.95 -19.88 -48.05
C GLU F 63 36.47 -20.71 -46.86
N GLY F 64 37.43 -21.31 -46.15
CA GLY F 64 37.14 -22.10 -44.94
C GLY F 64 37.38 -23.59 -45.02
N GLU F 65 36.30 -24.35 -44.76
CA GLU F 65 36.32 -25.82 -44.77
C GLU F 65 36.53 -26.38 -46.19
N VAL F 66 35.70 -25.89 -47.12
CA VAL F 66 35.81 -26.24 -48.54
C VAL F 66 36.09 -24.99 -49.38
N THR F 67 37.12 -25.07 -50.22
CA THR F 67 37.45 -23.95 -51.08
C THR F 67 36.94 -24.27 -52.48
N PHE F 68 36.39 -23.26 -53.15
CA PHE F 68 35.94 -23.38 -54.55
C PHE F 68 35.52 -22.03 -55.11
N LYS F 69 35.63 -21.87 -56.42
CA LYS F 69 35.20 -20.65 -57.08
C LYS F 69 33.86 -20.93 -57.78
N SER F 70 32.99 -19.92 -57.90
CA SER F 70 31.72 -20.15 -58.57
C SER F 70 31.07 -18.90 -59.17
N ILE F 71 30.24 -19.11 -60.19
CA ILE F 71 29.44 -18.06 -60.80
C ILE F 71 28.04 -18.64 -60.92
N LEU F 72 27.07 -18.03 -60.26
CA LEU F 72 25.69 -18.50 -60.33
C LEU F 72 24.81 -17.47 -61.01
N PHE F 73 23.86 -17.94 -61.81
CA PHE F 73 22.98 -17.07 -62.58
C PHE F 73 21.51 -17.23 -62.28
N VAL F 74 20.74 -16.18 -62.55
CA VAL F 74 19.30 -16.21 -62.41
C VAL F 74 18.76 -15.83 -63.77
N PRO F 75 18.16 -16.79 -64.48
CA PRO F 75 17.61 -16.54 -65.81
C PRO F 75 16.41 -15.61 -65.74
N THR F 76 15.79 -15.31 -66.88
CA THR F 76 14.62 -14.46 -66.88
C THR F 76 13.31 -15.25 -67.06
N SER F 77 13.44 -16.56 -67.25
CA SER F 77 12.29 -17.46 -67.45
C SER F 77 12.53 -18.91 -67.02
N ALA F 78 11.52 -19.51 -66.38
CA ALA F 78 11.62 -20.91 -65.95
C ALA F 78 11.61 -21.92 -67.10
N PRO F 79 10.58 -21.82 -67.96
CA PRO F 79 10.36 -22.71 -69.14
C PRO F 79 10.01 -24.17 -68.81
N TYR F 93 20.88 -28.04 -64.31
CA TYR F 93 21.85 -27.39 -65.18
C TYR F 93 23.01 -26.62 -64.51
N ILE F 94 23.85 -27.34 -63.78
CA ILE F 94 25.03 -26.77 -63.13
C ILE F 94 26.31 -27.53 -63.47
N LYS F 95 27.25 -26.82 -64.06
CA LYS F 95 28.52 -27.39 -64.51
C LYS F 95 29.44 -27.63 -63.32
N LEU F 96 29.91 -28.87 -63.17
CA LEU F 96 30.82 -29.24 -62.09
C LEU F 96 32.23 -29.46 -62.61
N TYR F 97 33.20 -28.83 -61.94
CA TYR F 97 34.60 -28.93 -62.31
C TYR F 97 35.46 -29.27 -61.09
N VAL F 98 36.21 -30.37 -61.16
CA VAL F 98 37.07 -30.75 -60.03
C VAL F 98 38.53 -30.52 -60.40
N ARG F 99 39.17 -29.62 -59.66
CA ARG F 99 40.55 -29.18 -59.90
C ARG F 99 40.69 -28.75 -61.33
N ARG F 100 39.67 -28.03 -61.77
CA ARG F 100 39.64 -27.49 -63.07
C ARG F 100 39.43 -28.53 -64.23
N VAL F 101 38.82 -29.68 -63.94
CA VAL F 101 38.58 -30.64 -65.02
C VAL F 101 37.08 -30.89 -65.16
N PHE F 102 36.53 -30.72 -66.36
CA PHE F 102 35.10 -30.92 -66.60
C PHE F 102 34.66 -32.32 -66.21
N ILE F 103 33.72 -32.40 -65.27
CA ILE F 103 33.22 -33.68 -64.79
C ILE F 103 31.86 -34.04 -65.39
N THR F 104 30.90 -33.14 -65.26
CA THR F 104 29.57 -33.41 -65.77
C THR F 104 28.69 -32.17 -65.52
N ASP F 105 27.36 -32.36 -65.51
CA ASP F 105 26.33 -31.32 -65.25
C ASP F 105 24.96 -31.98 -64.99
N ASP F 106 24.98 -33.33 -64.94
CA ASP F 106 23.80 -34.19 -64.70
C ASP F 106 23.39 -34.27 -63.21
N PHE F 107 24.28 -33.79 -62.35
CA PHE F 107 24.10 -33.78 -60.91
C PHE F 107 22.93 -32.91 -60.65
N HIS F 108 21.77 -33.54 -60.45
CA HIS F 108 20.55 -32.78 -60.18
C HIS F 108 20.36 -32.45 -58.70
N ASP F 109 21.15 -33.06 -57.84
CA ASP F 109 21.09 -32.80 -56.41
C ASP F 109 22.08 -31.70 -55.99
N MET F 110 22.45 -30.86 -56.94
CA MET F 110 23.39 -29.76 -56.66
C MET F 110 22.69 -28.67 -55.96
N MET F 111 21.54 -28.32 -56.49
CA MET F 111 20.71 -27.32 -55.89
C MET F 111 19.53 -28.03 -55.30
N PRO F 112 18.93 -27.47 -54.26
CA PRO F 112 17.72 -28.08 -53.70
C PRO F 112 16.56 -27.91 -54.65
N LYS F 113 15.53 -28.73 -54.47
CA LYS F 113 14.33 -28.73 -55.30
C LYS F 113 13.94 -27.33 -55.84
N TYR F 114 13.69 -26.39 -54.94
CA TYR F 114 13.23 -25.06 -55.33
C TYR F 114 14.24 -24.16 -56.02
N LEU F 115 15.49 -24.58 -56.10
CA LEU F 115 16.47 -23.75 -56.78
C LEU F 115 17.00 -24.43 -58.04
N ASN F 116 16.15 -25.28 -58.62
CA ASN F 116 16.50 -26.01 -59.83
C ASN F 116 16.59 -25.12 -61.06
N PHE F 117 16.26 -23.84 -60.92
CA PHE F 117 16.31 -22.90 -62.04
C PHE F 117 17.66 -22.21 -62.15
N VAL F 118 18.43 -22.27 -61.07
CA VAL F 118 19.73 -21.62 -61.00
C VAL F 118 20.75 -22.34 -61.87
N LYS F 119 21.33 -21.60 -62.82
CA LYS F 119 22.33 -22.13 -63.76
C LYS F 119 23.69 -21.58 -63.40
N GLY F 120 24.75 -22.32 -63.70
CA GLY F 120 26.11 -21.84 -63.41
C GLY F 120 27.22 -22.87 -63.32
N VAL F 121 28.39 -22.41 -62.85
CA VAL F 121 29.59 -23.24 -62.75
C VAL F 121 30.14 -23.34 -61.34
N VAL F 122 30.70 -24.50 -61.02
CA VAL F 122 31.28 -24.72 -59.69
C VAL F 122 32.61 -25.41 -59.92
N ASP F 123 33.69 -24.80 -59.43
CA ASP F 123 35.03 -25.34 -59.62
C ASP F 123 35.71 -25.66 -58.30
N SER F 124 35.45 -26.85 -57.79
CA SER F 124 36.06 -27.33 -56.54
C SER F 124 37.50 -27.74 -56.75
N ASP F 125 38.22 -27.90 -55.64
CA ASP F 125 39.60 -28.37 -55.67
C ASP F 125 39.89 -29.22 -54.45
N ASP F 126 38.80 -29.75 -53.89
CA ASP F 126 38.87 -30.57 -52.69
C ASP F 126 38.32 -31.98 -52.94
N LEU F 127 37.30 -32.08 -53.79
CA LEU F 127 36.63 -33.34 -54.13
C LEU F 127 37.57 -34.40 -54.71
N PRO F 128 37.26 -35.69 -54.50
CA PRO F 128 38.08 -36.77 -55.06
C PRO F 128 37.92 -36.87 -56.58
N LEU F 129 38.99 -36.52 -57.28
CA LEU F 129 39.03 -36.54 -58.74
C LEU F 129 39.00 -37.95 -59.33
N ASN F 130 39.83 -38.82 -58.77
CA ASN F 130 39.94 -40.18 -59.27
C ASN F 130 38.99 -41.17 -58.61
N VAL F 131 37.69 -40.89 -58.72
CA VAL F 131 36.66 -41.76 -58.13
C VAL F 131 35.48 -41.93 -59.09
N SER F 132 34.44 -42.61 -58.62
CA SER F 132 33.23 -42.83 -59.42
C SER F 132 32.22 -41.67 -59.26
N ARG F 133 31.17 -41.67 -60.07
CA ARG F 133 30.09 -40.66 -60.00
C ARG F 133 29.08 -40.94 -58.89
N GLU F 134 29.02 -42.20 -58.47
CA GLU F 134 28.13 -42.63 -57.39
C GLU F 134 28.77 -42.21 -56.07
N THR F 135 30.08 -42.47 -55.97
CA THR F 135 30.91 -42.13 -54.81
C THR F 135 30.90 -40.62 -54.57
N LEU F 136 31.21 -39.88 -55.64
CA LEU F 136 31.33 -38.42 -55.64
C LEU F 136 30.05 -37.69 -55.28
N GLN F 137 28.91 -38.26 -55.66
CA GLN F 137 27.61 -37.62 -55.36
C GLN F 137 27.22 -37.85 -53.90
N GLN F 138 27.77 -38.92 -53.32
CA GLN F 138 27.51 -39.29 -51.92
C GLN F 138 28.64 -38.93 -50.96
N HIS F 139 29.49 -37.97 -51.32
CA HIS F 139 30.64 -37.63 -50.48
C HIS F 139 30.28 -36.68 -49.32
N LYS F 140 31.15 -36.64 -48.30
CA LYS F 140 30.99 -35.81 -47.11
C LYS F 140 30.93 -34.32 -47.45
N LEU F 141 31.87 -33.88 -48.29
CA LEU F 141 31.97 -32.47 -48.69
C LEU F 141 30.90 -32.02 -49.68
N LEU F 142 30.13 -32.94 -50.24
CA LEU F 142 29.09 -32.59 -51.20
C LEU F 142 27.93 -31.83 -50.54
N LYS F 143 27.45 -32.34 -49.41
CA LYS F 143 26.37 -31.69 -48.69
C LYS F 143 26.79 -30.31 -48.20
N VAL F 144 28.07 -30.15 -47.93
CA VAL F 144 28.63 -28.88 -47.47
C VAL F 144 28.56 -27.82 -48.57
N ILE F 145 29.11 -28.15 -49.74
CA ILE F 145 29.11 -27.23 -50.88
C ILE F 145 27.70 -26.82 -51.27
N ARG F 146 26.77 -27.76 -51.16
CA ARG F 146 25.38 -27.51 -51.49
C ARG F 146 24.83 -26.34 -50.70
N LYS F 147 25.08 -26.34 -49.38
CA LYS F 147 24.56 -25.28 -48.52
C LYS F 147 25.16 -23.93 -48.81
N LYS F 148 26.45 -23.90 -49.09
CA LYS F 148 27.12 -22.63 -49.38
C LYS F 148 26.56 -22.01 -50.65
N LEU F 149 26.20 -22.85 -51.62
CA LEU F 149 25.67 -22.35 -52.87
C LEU F 149 24.33 -21.69 -52.66
N VAL F 150 23.51 -22.31 -51.82
CA VAL F 150 22.19 -21.78 -51.54
C VAL F 150 22.30 -20.44 -50.85
N ARG F 151 23.11 -20.36 -49.80
CA ARG F 151 23.30 -19.12 -49.01
C ARG F 151 23.79 -17.96 -49.87
N LYS F 152 24.48 -18.26 -50.97
CA LYS F 152 24.98 -17.23 -51.87
C LYS F 152 23.91 -16.88 -52.87
N THR F 153 23.21 -17.90 -53.35
CA THR F 153 22.13 -17.68 -54.31
C THR F 153 21.15 -16.68 -53.75
N LEU F 154 20.84 -16.85 -52.46
CA LEU F 154 19.90 -16.00 -51.76
C LEU F 154 20.44 -14.61 -51.50
N ASP F 155 21.76 -14.48 -51.45
CA ASP F 155 22.36 -13.17 -51.27
C ASP F 155 22.21 -12.39 -52.56
N MET F 156 22.34 -13.11 -53.67
CA MET F 156 22.23 -12.54 -54.99
C MET F 156 20.83 -12.00 -55.17
N ILE F 157 19.86 -12.83 -54.85
CA ILE F 157 18.45 -12.46 -54.95
C ILE F 157 18.09 -11.29 -54.03
N LYS F 158 18.70 -11.23 -52.85
CA LYS F 158 18.45 -10.15 -51.90
C LYS F 158 18.81 -8.80 -52.52
N LYS F 159 19.78 -8.81 -53.46
CA LYS F 159 20.28 -7.59 -54.08
C LYS F 159 19.68 -7.23 -55.45
N ILE F 160 18.54 -7.81 -55.83
CA ILE F 160 17.93 -7.50 -57.12
C ILE F 160 17.14 -6.19 -57.06
N ALA F 161 17.81 -5.05 -57.23
CA ALA F 161 17.16 -3.74 -57.19
C ALA F 161 16.00 -3.64 -56.18
N ASP F 162 14.85 -3.18 -56.66
CA ASP F 162 13.63 -3.05 -55.85
C ASP F 162 12.42 -3.06 -56.77
N GLU F 163 12.41 -2.10 -57.69
CA GLU F 163 11.35 -1.98 -58.68
C GLU F 163 11.40 -3.20 -59.60
N LYS F 164 12.64 -3.67 -59.84
CA LYS F 164 12.87 -4.82 -60.71
C LYS F 164 12.48 -6.15 -60.05
N TYR F 165 12.58 -6.21 -58.72
CA TYR F 165 12.26 -7.44 -58.00
C TYR F 165 10.81 -7.86 -58.13
N ASN F 166 9.89 -6.94 -57.83
CA ASN F 166 8.46 -7.24 -57.88
C ASN F 166 7.95 -7.40 -59.30
N ASP F 167 8.52 -6.61 -60.21
CA ASP F 167 8.09 -6.64 -61.59
C ASP F 167 8.64 -7.80 -62.39
N THR F 168 9.80 -8.30 -62.01
CA THR F 168 10.40 -9.38 -62.76
C THR F 168 10.54 -10.67 -61.95
N PHE F 169 11.55 -10.73 -61.08
CA PHE F 169 11.82 -11.93 -60.31
C PHE F 169 10.62 -12.56 -59.63
N TRP F 170 9.75 -11.77 -59.02
CA TRP F 170 8.65 -12.37 -58.31
C TRP F 170 7.64 -13.05 -59.20
N LYS F 171 7.21 -12.40 -60.27
CA LYS F 171 6.23 -13.05 -61.13
C LYS F 171 6.79 -14.29 -61.85
N GLU F 172 8.10 -14.46 -61.79
CA GLU F 172 8.76 -15.60 -62.41
C GLU F 172 9.07 -16.75 -61.44
N PHE F 173 9.73 -16.44 -60.33
CA PHE F 173 10.17 -17.49 -59.42
C PHE F 173 9.61 -17.36 -58.02
N GLY F 174 8.58 -16.55 -57.87
CA GLY F 174 7.98 -16.34 -56.56
C GLY F 174 7.50 -17.63 -55.92
N THR F 175 7.13 -18.59 -56.74
CA THR F 175 6.64 -19.86 -56.26
C THR F 175 7.75 -20.60 -55.57
N ASN F 176 8.93 -20.53 -56.16
CA ASN F 176 10.10 -21.21 -55.62
C ASN F 176 10.48 -20.68 -54.23
N ILE F 177 10.44 -19.35 -54.10
CA ILE F 177 10.70 -18.71 -52.83
C ILE F 177 9.73 -19.29 -51.82
N LYS F 178 8.49 -19.50 -52.23
CA LYS F 178 7.47 -20.06 -51.36
C LYS F 178 7.80 -21.50 -51.04
N LEU F 179 8.09 -22.29 -52.05
CA LEU F 179 8.47 -23.68 -51.80
C LEU F 179 9.66 -23.75 -50.86
N GLY F 180 10.58 -22.79 -51.00
CA GLY F 180 11.77 -22.75 -50.18
C GLY F 180 11.48 -22.55 -48.72
N VAL F 181 10.46 -21.76 -48.43
CA VAL F 181 10.06 -21.47 -47.05
C VAL F 181 9.65 -22.78 -46.35
N ILE F 182 9.02 -23.63 -47.13
CA ILE F 182 8.57 -24.92 -46.66
C ILE F 182 9.72 -25.92 -46.50
N GLU F 183 10.57 -26.04 -47.52
CA GLU F 183 11.67 -27.01 -47.54
C GLU F 183 12.92 -26.59 -46.79
N ASP F 184 13.41 -25.39 -47.08
CA ASP F 184 14.67 -24.88 -46.53
C ASP F 184 14.55 -24.20 -45.16
N HIS F 185 14.34 -25.03 -44.15
CA HIS F 185 14.24 -24.61 -42.76
C HIS F 185 15.33 -23.64 -42.29
N SER F 186 16.57 -23.84 -42.74
CA SER F 186 17.68 -23.01 -42.25
C SER F 186 17.75 -21.63 -42.86
N ASN F 187 17.21 -21.46 -44.05
CA ASN F 187 17.23 -20.17 -44.67
C ASN F 187 15.84 -19.55 -44.64
N ARG F 188 15.02 -20.07 -43.74
CA ARG F 188 13.64 -19.66 -43.68
C ARG F 188 13.43 -18.18 -43.42
N THR F 189 14.10 -17.63 -42.42
CA THR F 189 13.93 -16.22 -42.12
C THR F 189 14.51 -15.33 -43.23
N ARG F 190 15.49 -15.85 -43.96
CA ARG F 190 16.14 -15.09 -45.02
C ARG F 190 15.17 -15.01 -46.17
N LEU F 191 14.47 -16.12 -46.40
CA LEU F 191 13.47 -16.27 -47.45
C LEU F 191 12.19 -15.48 -47.16
N ALA F 192 11.80 -15.47 -45.88
CA ALA F 192 10.60 -14.76 -45.43
C ALA F 192 10.55 -13.32 -45.96
N LYS F 193 11.72 -12.68 -46.00
CA LYS F 193 11.83 -11.31 -46.48
C LYS F 193 11.58 -11.23 -47.98
N LEU F 194 11.89 -12.30 -48.67
CA LEU F 194 11.72 -12.31 -50.10
C LEU F 194 10.26 -12.53 -50.56
N LEU F 195 9.42 -12.95 -49.62
CA LEU F 195 8.02 -13.22 -49.93
C LEU F 195 7.30 -11.96 -50.31
N ARG F 196 6.38 -12.08 -51.29
CA ARG F 196 5.52 -10.98 -51.74
C ARG F 196 4.07 -11.47 -51.87
N PHE F 197 3.09 -10.74 -51.34
CA PHE F 197 1.71 -11.18 -51.47
C PHE F 197 0.77 -10.04 -51.81
N GLN F 198 -0.49 -10.37 -52.09
CA GLN F 198 -1.50 -9.36 -52.28
C GLN F 198 -2.13 -9.01 -50.93
N SER F 199 -2.57 -7.77 -50.76
CA SER F 199 -3.16 -7.38 -49.47
C SER F 199 -4.25 -6.37 -49.64
N SER F 200 -5.04 -6.18 -48.60
CA SER F 200 -6.15 -5.25 -48.57
C SER F 200 -5.69 -3.81 -48.66
N HIS F 201 -4.39 -3.60 -48.73
CA HIS F 201 -3.84 -2.26 -48.80
C HIS F 201 -4.06 -1.65 -50.18
N HIS F 202 -4.10 -2.50 -51.19
CA HIS F 202 -4.25 -2.04 -52.56
C HIS F 202 -4.85 -3.16 -53.40
N PRO F 203 -5.85 -2.82 -54.24
CA PRO F 203 -6.58 -3.73 -55.14
C PRO F 203 -5.75 -4.73 -55.94
N SER F 204 -4.51 -4.40 -56.30
CA SER F 204 -3.71 -5.35 -57.06
C SER F 204 -2.26 -5.50 -56.60
N ASP F 205 -1.55 -4.38 -56.41
CA ASP F 205 -0.13 -4.38 -55.99
C ASP F 205 0.29 -5.40 -54.96
N ILE F 206 1.47 -5.99 -55.14
CA ILE F 206 2.01 -6.95 -54.17
C ILE F 206 2.78 -6.21 -53.07
N THR F 207 2.85 -6.80 -51.88
CA THR F 207 3.51 -6.17 -50.74
C THR F 207 4.48 -7.13 -50.06
N SER F 208 5.56 -6.62 -49.48
CA SER F 208 6.46 -7.49 -48.76
C SER F 208 5.98 -7.59 -47.34
N LEU F 209 6.46 -8.59 -46.61
CA LEU F 209 6.09 -8.73 -45.21
C LEU F 209 6.59 -7.55 -44.37
N ASP F 210 7.79 -7.05 -44.66
CA ASP F 210 8.33 -5.87 -43.96
C ASP F 210 7.44 -4.63 -44.11
N GLN F 211 6.81 -4.50 -45.29
CA GLN F 211 5.93 -3.39 -45.58
C GLN F 211 4.64 -3.49 -44.79
N TYR F 212 4.16 -4.71 -44.60
CA TYR F 212 2.95 -4.95 -43.83
C TYR F 212 3.22 -4.51 -42.39
N VAL F 213 4.28 -5.05 -41.79
CA VAL F 213 4.67 -4.71 -40.43
C VAL F 213 4.74 -3.19 -40.23
N GLU F 214 5.21 -2.49 -41.25
CA GLU F 214 5.34 -1.05 -41.23
C GLU F 214 3.99 -0.34 -41.12
N ARG F 215 2.96 -0.87 -41.77
CA ARG F 215 1.63 -0.25 -41.73
C ARG F 215 0.81 -0.58 -40.49
N MET F 216 1.15 -1.68 -39.84
CA MET F 216 0.43 -2.17 -38.66
C MET F 216 0.07 -1.13 -37.60
N LYS F 217 -1.04 -1.38 -36.91
CA LYS F 217 -1.50 -0.53 -35.84
C LYS F 217 -0.62 -0.73 -34.61
N GLU F 218 -0.75 0.17 -33.63
CA GLU F 218 0.07 0.13 -32.42
C GLU F 218 -0.03 -1.12 -31.57
N LYS F 219 -1.25 -1.46 -31.14
CA LYS F 219 -1.45 -2.64 -30.29
C LYS F 219 -1.48 -3.94 -31.09
N GLN F 220 -1.63 -3.83 -32.42
CA GLN F 220 -1.66 -4.98 -33.32
C GLN F 220 -0.33 -5.71 -33.24
N ASP F 221 -0.40 -7.03 -33.23
CA ASP F 221 0.79 -7.89 -33.13
C ASP F 221 0.63 -9.15 -33.93
N LYS F 222 -0.40 -9.17 -34.78
CA LYS F 222 -0.72 -10.34 -35.62
C LYS F 222 -0.73 -9.94 -37.10
N ILE F 223 -0.21 -10.81 -37.96
CA ILE F 223 -0.23 -10.55 -39.40
C ILE F 223 -1.44 -11.31 -39.92
N TYR F 224 -2.54 -10.59 -40.11
CA TYR F 224 -3.80 -11.19 -40.53
C TYR F 224 -3.83 -11.57 -42.01
N PHE F 225 -4.21 -12.81 -42.29
CA PHE F 225 -4.30 -13.24 -43.67
C PHE F 225 -5.53 -14.09 -43.95
N MET F 226 -5.90 -14.11 -45.22
CA MET F 226 -7.05 -14.89 -45.72
C MET F 226 -6.66 -15.71 -46.94
N ALA F 227 -6.94 -17.00 -46.89
CA ALA F 227 -6.60 -17.93 -47.97
C ALA F 227 -7.81 -18.29 -48.80
N GLY F 228 -7.64 -18.30 -50.12
CA GLY F 228 -8.75 -18.62 -51.01
C GLY F 228 -8.31 -19.09 -52.37
N SER F 229 -9.27 -19.08 -53.30
CA SER F 229 -9.02 -19.56 -54.65
C SER F 229 -8.68 -18.43 -55.60
N SER F 230 -9.10 -17.22 -55.24
CA SER F 230 -8.85 -16.03 -56.04
C SER F 230 -8.93 -14.86 -55.11
N ARG F 231 -8.46 -13.70 -55.56
CA ARG F 231 -8.49 -12.54 -54.70
C ARG F 231 -9.92 -12.18 -54.41
N LYS F 232 -10.72 -12.15 -55.47
CA LYS F 232 -12.14 -11.82 -55.38
C LYS F 232 -12.89 -12.66 -54.33
N GLU F 233 -12.54 -13.94 -54.20
CA GLU F 233 -13.14 -14.81 -53.20
C GLU F 233 -12.74 -14.41 -51.80
N ALA F 234 -11.43 -14.25 -51.61
CA ALA F 234 -10.85 -13.91 -50.33
C ALA F 234 -11.35 -12.58 -49.78
N GLU F 235 -11.41 -11.55 -50.63
CA GLU F 235 -11.85 -10.24 -50.17
C GLU F 235 -13.36 -10.21 -49.89
N SER F 236 -14.12 -11.01 -50.60
CA SER F 236 -15.55 -11.07 -50.40
C SER F 236 -15.89 -11.82 -49.13
N SER F 237 -15.00 -12.69 -48.70
CA SER F 237 -15.20 -13.52 -47.51
C SER F 237 -15.69 -12.75 -46.28
N PRO F 238 -16.54 -13.38 -45.44
CA PRO F 238 -17.08 -12.77 -44.25
C PRO F 238 -16.06 -12.49 -43.20
N PHE F 239 -15.04 -13.34 -43.12
CA PHE F 239 -14.02 -13.23 -42.06
C PHE F 239 -13.25 -11.92 -41.96
N VAL F 240 -13.09 -11.21 -43.08
CA VAL F 240 -12.31 -9.98 -43.08
C VAL F 240 -13.12 -8.72 -42.77
N GLU F 241 -14.44 -8.84 -42.81
CA GLU F 241 -15.35 -7.70 -42.61
C GLU F 241 -15.00 -6.68 -41.55
N ARG F 242 -14.92 -7.10 -40.29
CA ARG F 242 -14.65 -6.12 -39.23
C ARG F 242 -13.23 -5.64 -39.25
N LEU F 243 -12.29 -6.56 -39.36
CA LEU F 243 -10.88 -6.20 -39.40
C LEU F 243 -10.66 -5.07 -40.38
N LEU F 244 -11.31 -5.14 -41.54
CA LEU F 244 -11.17 -4.11 -42.55
C LEU F 244 -11.81 -2.82 -42.09
N LYS F 245 -13.06 -2.89 -41.62
CA LYS F 245 -13.78 -1.71 -41.15
C LYS F 245 -13.05 -1.02 -40.00
N LYS F 246 -12.42 -1.81 -39.14
CA LYS F 246 -11.70 -1.30 -37.98
C LYS F 246 -10.39 -0.65 -38.41
N GLY F 247 -9.94 -0.93 -39.63
CA GLY F 247 -8.73 -0.34 -40.17
C GLY F 247 -7.51 -1.25 -40.29
N TYR F 248 -7.67 -2.54 -40.03
CA TYR F 248 -6.55 -3.46 -40.11
C TYR F 248 -6.26 -3.88 -41.54
N GLU F 249 -5.07 -4.43 -41.77
CA GLU F 249 -4.70 -4.89 -43.10
C GLU F 249 -4.70 -6.43 -43.18
N VAL F 250 -5.25 -6.97 -44.26
CA VAL F 250 -5.29 -8.42 -44.41
C VAL F 250 -4.57 -8.84 -45.69
N ILE F 251 -3.73 -9.86 -45.58
CA ILE F 251 -3.00 -10.39 -46.72
C ILE F 251 -3.90 -11.41 -47.42
N TYR F 252 -3.98 -11.38 -48.74
CA TYR F 252 -4.79 -12.38 -49.42
C TYR F 252 -3.92 -13.41 -50.08
N LEU F 253 -4.15 -14.67 -49.73
CA LEU F 253 -3.40 -15.77 -50.31
C LEU F 253 -4.27 -16.43 -51.37
N THR F 254 -3.86 -16.29 -52.63
CA THR F 254 -4.64 -16.82 -53.74
C THR F 254 -4.03 -18.03 -54.42
N GLU F 255 -2.85 -18.42 -53.97
CA GLU F 255 -2.20 -19.57 -54.57
C GLU F 255 -2.43 -20.82 -53.71
N PRO F 256 -2.36 -21.99 -54.34
CA PRO F 256 -2.53 -23.26 -53.64
C PRO F 256 -1.44 -23.51 -52.58
N VAL F 257 -0.20 -23.12 -52.88
CA VAL F 257 0.93 -23.35 -52.00
C VAL F 257 1.00 -22.33 -50.85
N ASP F 258 0.43 -21.15 -51.11
CA ASP F 258 0.43 -20.06 -50.15
C ASP F 258 0.15 -20.35 -48.70
N GLU F 259 -0.91 -21.09 -48.38
CA GLU F 259 -1.25 -21.36 -46.99
C GLU F 259 -0.25 -22.31 -46.32
N TYR F 260 0.36 -23.19 -47.11
CA TYR F 260 1.34 -24.11 -46.55
C TYR F 260 2.59 -23.35 -46.22
N CYS F 261 2.87 -22.36 -47.05
CA CYS F 261 4.01 -21.49 -46.93
C CYS F 261 3.94 -20.73 -45.61
N ILE F 262 2.94 -19.86 -45.49
CA ILE F 262 2.67 -19.07 -44.29
C ILE F 262 2.57 -19.96 -43.05
N GLN F 263 2.08 -21.17 -43.26
CA GLN F 263 1.94 -22.10 -42.19
C GLN F 263 3.29 -22.52 -41.62
N ALA F 264 4.26 -22.70 -42.52
CA ALA F 264 5.60 -23.14 -42.14
C ALA F 264 6.47 -22.03 -41.56
N LEU F 265 5.90 -20.82 -41.53
CA LEU F 265 6.57 -19.65 -41.04
C LEU F 265 5.95 -19.31 -39.67
N PRO F 266 6.69 -19.61 -38.59
CA PRO F 266 6.17 -19.41 -37.26
C PRO F 266 5.98 -17.94 -36.93
N GLU F 267 7.06 -17.17 -36.96
CA GLU F 267 6.98 -15.75 -36.63
C GLU F 267 7.63 -14.97 -37.75
N PHE F 268 7.42 -13.65 -37.73
CA PHE F 268 8.08 -12.75 -38.64
C PHE F 268 8.29 -11.43 -37.96
N ASP F 269 9.55 -11.06 -37.72
CA ASP F 269 9.90 -9.81 -37.05
C ASP F 269 9.09 -9.71 -35.77
N GLY F 270 9.09 -10.82 -35.01
CA GLY F 270 8.42 -10.89 -33.72
C GLY F 270 6.91 -10.79 -33.73
N LYS F 271 6.32 -10.99 -34.90
CA LYS F 271 4.87 -10.96 -35.05
C LYS F 271 4.41 -12.34 -35.50
N ARG F 272 3.35 -12.87 -34.88
CA ARG F 272 2.82 -14.18 -35.25
C ARG F 272 1.75 -14.00 -36.33
N PHE F 273 1.51 -15.03 -37.14
CA PHE F 273 0.49 -14.98 -38.17
C PHE F 273 -0.87 -15.39 -37.64
N GLN F 274 -1.93 -14.93 -38.29
CA GLN F 274 -3.29 -15.28 -37.85
C GLN F 274 -4.24 -15.40 -39.00
N ASN F 275 -4.80 -16.58 -39.17
CA ASN F 275 -5.73 -16.85 -40.25
C ASN F 275 -7.08 -16.36 -39.82
N VAL F 276 -7.59 -15.34 -40.52
CA VAL F 276 -8.88 -14.75 -40.17
C VAL F 276 -10.06 -15.72 -40.12
N ALA F 277 -9.89 -16.88 -40.77
CA ALA F 277 -10.92 -17.92 -40.84
C ALA F 277 -10.80 -18.92 -39.70
N LYS F 278 -9.83 -18.70 -38.81
CA LYS F 278 -9.63 -19.56 -37.65
C LYS F 278 -9.76 -18.77 -36.36
N GLU F 279 -9.95 -19.47 -35.24
CA GLU F 279 -10.05 -18.82 -33.96
C GLU F 279 -8.72 -18.17 -33.60
N GLY F 280 -8.78 -16.89 -33.23
CA GLY F 280 -7.59 -16.16 -32.84
C GLY F 280 -7.66 -14.65 -32.93
N VAL F 281 -8.74 -14.14 -33.53
CA VAL F 281 -8.91 -12.68 -33.64
C VAL F 281 -9.30 -11.98 -32.34
N LYS F 282 -8.56 -10.92 -32.03
CA LYS F 282 -8.77 -10.14 -30.81
C LYS F 282 -8.98 -8.68 -31.19
N PHE F 283 -9.58 -7.95 -30.25
CA PHE F 283 -9.81 -6.52 -30.39
C PHE F 283 -9.65 -5.99 -28.97
N ASP F 284 -8.48 -5.43 -28.66
CA ASP F 284 -8.17 -4.98 -27.29
C ASP F 284 -9.17 -4.05 -26.58
N GLU F 285 -9.63 -3.01 -27.29
CA GLU F 285 -10.67 -2.10 -26.75
C GLU F 285 -10.41 -1.43 -25.39
N SER F 286 -11.46 -1.36 -24.56
CA SER F 286 -11.36 -0.77 -23.23
C SER F 286 -12.17 -1.59 -22.24
N GLU F 287 -12.48 -0.99 -21.09
CA GLU F 287 -13.24 -1.67 -20.07
C GLU F 287 -14.71 -1.60 -20.36
N LYS F 288 -15.21 -0.40 -20.68
CA LYS F 288 -16.63 -0.20 -20.99
C LYS F 288 -17.04 -0.93 -22.28
N THR F 289 -16.08 -1.17 -23.16
CA THR F 289 -16.34 -1.90 -24.39
C THR F 289 -16.51 -3.38 -24.05
N LYS F 290 -15.61 -3.88 -23.21
CA LYS F 290 -15.63 -5.26 -22.75
C LYS F 290 -16.93 -5.56 -22.00
N GLU F 291 -17.34 -4.61 -21.15
CA GLU F 291 -18.58 -4.72 -20.36
C GLU F 291 -19.78 -4.96 -21.26
N SER F 292 -19.80 -4.27 -22.41
CA SER F 292 -20.91 -4.37 -23.36
C SER F 292 -20.97 -5.73 -24.05
N ARG F 293 -19.84 -6.12 -24.64
CA ARG F 293 -19.71 -7.40 -25.35
C ARG F 293 -20.03 -8.60 -24.46
N GLU F 294 -19.45 -8.60 -23.26
CA GLU F 294 -19.68 -9.66 -22.27
C GLU F 294 -21.15 -9.75 -21.89
N ALA F 295 -21.82 -8.59 -21.84
CA ALA F 295 -23.25 -8.50 -21.53
C ALA F 295 -24.12 -8.99 -22.69
N ILE F 296 -23.60 -8.87 -23.91
CA ILE F 296 -24.31 -9.34 -25.11
C ILE F 296 -24.29 -10.86 -25.17
N GLU F 297 -23.16 -11.44 -24.77
CA GLU F 297 -22.98 -12.89 -24.74
C GLU F 297 -23.93 -13.58 -23.73
N LYS F 298 -24.21 -12.88 -22.63
CA LYS F 298 -25.16 -13.36 -21.62
C LYS F 298 -26.55 -13.39 -22.23
N GLU F 299 -26.85 -12.35 -23.00
CA GLU F 299 -28.17 -12.20 -23.62
C GLU F 299 -28.46 -13.27 -24.67
N PHE F 300 -27.49 -13.53 -25.53
CA PHE F 300 -27.66 -14.53 -26.59
C PHE F 300 -27.44 -15.97 -26.15
N GLU F 301 -27.00 -16.16 -24.91
CA GLU F 301 -26.72 -17.49 -24.39
C GLU F 301 -27.78 -18.60 -24.63
N PRO F 302 -29.09 -18.31 -24.40
CA PRO F 302 -30.07 -19.36 -24.69
C PRO F 302 -30.20 -19.71 -26.18
N LEU F 303 -29.89 -18.77 -27.05
CA LEU F 303 -29.95 -18.99 -28.50
C LEU F 303 -28.75 -19.82 -28.94
N LEU F 304 -27.60 -19.54 -28.33
CA LEU F 304 -26.35 -20.27 -28.60
C LEU F 304 -26.46 -21.71 -28.16
N ASN F 305 -27.13 -21.93 -27.03
CA ASN F 305 -27.33 -23.27 -26.51
C ASN F 305 -28.38 -24.01 -27.33
N TRP F 306 -29.28 -23.24 -27.94
CA TRP F 306 -30.34 -23.80 -28.78
C TRP F 306 -29.76 -24.41 -30.04
N MET F 307 -28.79 -23.73 -30.62
CA MET F 307 -28.12 -24.19 -31.82
C MET F 307 -27.22 -25.40 -31.51
N LYS F 308 -26.50 -25.31 -30.40
CA LYS F 308 -25.59 -26.35 -29.94
C LYS F 308 -26.30 -27.65 -29.54
N ASP F 309 -27.41 -27.52 -28.82
CA ASP F 309 -28.14 -28.70 -28.33
C ASP F 309 -29.28 -29.24 -29.20
N LYS F 310 -29.91 -28.39 -30.02
CA LYS F 310 -31.05 -28.88 -30.81
C LYS F 310 -31.03 -28.60 -32.33
N ALA F 311 -31.14 -27.32 -32.71
CA ALA F 311 -31.19 -26.92 -34.13
C ALA F 311 -30.05 -27.44 -34.98
N LEU F 312 -28.85 -27.41 -34.45
CA LEU F 312 -27.70 -27.92 -35.18
C LEU F 312 -26.93 -28.90 -34.31
N LYS F 313 -27.63 -29.82 -33.64
CA LYS F 313 -26.94 -30.81 -32.81
C LYS F 313 -26.19 -31.76 -33.72
N ASP F 314 -24.93 -32.01 -33.36
CA ASP F 314 -24.02 -32.89 -34.12
C ASP F 314 -23.67 -32.30 -35.47
N LYS F 315 -23.74 -30.98 -35.58
CA LYS F 315 -23.45 -30.27 -36.82
C LYS F 315 -22.31 -29.27 -36.60
N ILE F 316 -22.30 -28.64 -35.43
CA ILE F 316 -21.28 -27.67 -35.03
C ILE F 316 -20.69 -28.07 -33.68
N GLU F 317 -19.51 -27.54 -33.35
CA GLU F 317 -18.93 -27.84 -32.05
C GLU F 317 -19.52 -26.95 -30.98
N LYS F 318 -19.62 -25.65 -31.30
CA LYS F 318 -20.20 -24.66 -30.40
C LYS F 318 -20.64 -23.42 -31.17
N ALA F 319 -21.51 -22.65 -30.52
CA ALA F 319 -22.03 -21.42 -31.09
C ALA F 319 -21.58 -20.27 -30.20
N VAL F 320 -21.02 -19.23 -30.80
CA VAL F 320 -20.59 -18.06 -30.05
C VAL F 320 -20.97 -16.73 -30.74
N VAL F 321 -20.80 -15.64 -30.01
CA VAL F 321 -21.05 -14.31 -30.54
C VAL F 321 -19.81 -13.88 -31.29
N SER F 322 -19.96 -13.62 -32.58
CA SER F 322 -18.82 -13.25 -33.43
C SER F 322 -18.32 -11.82 -33.21
N GLN F 323 -17.00 -11.66 -33.34
CA GLN F 323 -16.37 -10.35 -33.25
C GLN F 323 -15.77 -9.88 -34.56
N ARG F 324 -15.78 -10.74 -35.57
CA ARG F 324 -15.17 -10.42 -36.85
C ARG F 324 -16.16 -10.04 -37.96
N LEU F 325 -17.46 -10.03 -37.66
CA LEU F 325 -18.49 -9.80 -38.68
C LEU F 325 -19.15 -8.42 -38.73
N THR F 326 -19.27 -7.86 -39.93
CA THR F 326 -19.91 -6.57 -40.14
C THR F 326 -21.34 -6.74 -40.61
N GLU F 327 -21.54 -7.17 -41.86
CA GLU F 327 -22.89 -7.31 -42.39
C GLU F 327 -23.37 -8.73 -42.62
N SER F 328 -22.45 -9.67 -42.53
CA SER F 328 -22.80 -11.07 -42.65
C SER F 328 -23.47 -11.51 -41.37
N PRO F 329 -24.54 -12.32 -41.49
CA PRO F 329 -25.24 -12.84 -40.33
C PRO F 329 -24.42 -13.85 -39.53
N CYS F 330 -23.66 -14.70 -40.21
CA CYS F 330 -22.89 -15.72 -39.53
C CYS F 330 -21.84 -16.34 -40.43
N ALA F 331 -20.85 -17.01 -39.81
CA ALA F 331 -19.75 -17.68 -40.52
C ALA F 331 -19.20 -18.88 -39.76
N LEU F 332 -18.61 -19.83 -40.47
CA LEU F 332 -18.02 -21.03 -39.85
C LEU F 332 -16.53 -20.83 -39.61
N VAL F 333 -16.11 -20.95 -38.36
CA VAL F 333 -14.71 -20.72 -38.01
C VAL F 333 -14.05 -21.99 -37.49
N ALA F 334 -12.89 -22.32 -38.05
CA ALA F 334 -12.15 -23.53 -37.66
C ALA F 334 -11.34 -23.29 -36.40
N SER F 335 -10.87 -24.37 -35.75
CA SER F 335 -10.04 -24.23 -34.56
C SER F 335 -8.67 -23.72 -34.96
N GLN F 336 -7.86 -23.33 -33.98
CA GLN F 336 -6.55 -22.74 -34.26
C GLN F 336 -5.60 -23.58 -35.12
N TYR F 337 -5.61 -24.89 -34.90
CA TYR F 337 -4.67 -25.74 -35.62
C TYR F 337 -5.39 -26.69 -36.55
N GLY F 338 -6.69 -26.46 -36.73
CA GLY F 338 -7.52 -27.28 -37.61
C GLY F 338 -7.43 -26.82 -39.06
N TRP F 339 -8.34 -27.31 -39.89
CA TRP F 339 -8.36 -26.97 -41.32
C TRP F 339 -9.31 -25.86 -41.65
N SER F 340 -8.81 -24.88 -42.40
CA SER F 340 -9.63 -23.77 -42.87
C SER F 340 -10.40 -24.24 -44.07
N GLY F 341 -11.30 -23.40 -44.57
CA GLY F 341 -12.09 -23.75 -45.75
C GLY F 341 -11.20 -24.07 -46.93
N ASN F 342 -10.21 -23.20 -47.17
CA ASN F 342 -9.23 -23.38 -48.23
C ASN F 342 -8.43 -24.66 -48.03
N MET F 343 -7.89 -24.88 -46.82
CA MET F 343 -7.19 -26.13 -46.52
C MET F 343 -7.97 -27.38 -46.89
N GLU F 344 -9.20 -27.47 -46.38
CA GLU F 344 -10.08 -28.61 -46.63
C GLU F 344 -10.20 -28.86 -48.12
N ARG F 345 -10.32 -27.80 -48.93
CA ARG F 345 -10.44 -27.99 -50.37
C ARG F 345 -9.16 -28.55 -51.00
N ILE F 346 -8.03 -27.94 -50.65
CA ILE F 346 -6.71 -28.34 -51.16
C ILE F 346 -6.38 -29.77 -50.78
N MET F 347 -6.68 -30.14 -49.53
CA MET F 347 -6.45 -31.49 -49.05
C MET F 347 -7.32 -32.51 -49.80
N LYS F 348 -8.64 -32.31 -49.76
CA LYS F 348 -9.61 -33.17 -50.46
C LYS F 348 -9.21 -33.38 -51.91
N ALA F 349 -8.91 -32.29 -52.61
CA ALA F 349 -8.53 -32.32 -54.02
C ALA F 349 -7.31 -33.20 -54.28
N GLN F 350 -6.27 -32.99 -53.47
CA GLN F 350 -5.04 -33.76 -53.59
C GLN F 350 -5.22 -35.21 -53.18
N ALA F 351 -6.06 -35.42 -52.17
CA ALA F 351 -6.35 -36.76 -51.65
C ALA F 351 -7.28 -37.55 -52.58
N TYR F 352 -7.96 -36.85 -53.45
CA TYR F 352 -8.87 -37.47 -54.39
C TYR F 352 -8.13 -37.74 -55.69
N GLN F 353 -7.29 -36.81 -56.08
CA GLN F 353 -6.50 -36.97 -57.29
C GLN F 353 -5.39 -37.99 -57.05
N THR F 354 -4.76 -37.94 -55.87
CA THR F 354 -3.64 -38.85 -55.54
C THR F 354 -3.86 -39.89 -54.43
N GLY F 355 -4.26 -39.42 -53.24
CA GLY F 355 -4.47 -40.29 -52.07
C GLY F 355 -5.55 -41.36 -52.13
N LYS F 356 -5.74 -42.04 -51.01
CA LYS F 356 -6.72 -43.11 -50.91
C LYS F 356 -7.83 -42.80 -49.90
N ASP F 357 -8.57 -41.73 -50.17
CA ASP F 357 -9.72 -41.30 -49.35
C ASP F 357 -9.47 -41.05 -47.86
N ILE F 358 -8.93 -39.87 -47.54
CA ILE F 358 -8.71 -39.45 -46.17
C ILE F 358 -10.01 -38.86 -45.64
N SER F 359 -11.07 -39.69 -45.63
CA SER F 359 -12.41 -39.30 -45.17
C SER F 359 -12.44 -39.22 -43.65
N THR F 360 -12.11 -40.32 -42.99
CA THR F 360 -12.02 -40.35 -41.54
C THR F 360 -10.54 -40.08 -41.21
N ASN F 361 -10.10 -38.86 -41.54
CA ASN F 361 -8.72 -38.43 -41.32
C ASN F 361 -8.51 -37.98 -39.88
N TYR F 362 -8.56 -36.67 -39.64
CA TYR F 362 -8.35 -36.17 -38.29
C TYR F 362 -9.19 -34.92 -38.10
N TYR F 363 -8.57 -33.81 -38.45
CA TYR F 363 -9.25 -32.53 -38.44
C TYR F 363 -9.68 -32.21 -39.88
N ALA F 364 -10.36 -33.19 -40.45
CA ALA F 364 -10.94 -33.12 -41.80
C ALA F 364 -12.46 -33.19 -41.65
N SER F 365 -12.91 -34.07 -40.77
CA SER F 365 -14.33 -34.22 -40.51
C SER F 365 -14.70 -33.68 -39.13
N GLN F 366 -14.01 -32.63 -38.69
CA GLN F 366 -14.33 -32.03 -37.40
C GLN F 366 -15.30 -30.87 -37.56
N LYS F 367 -16.18 -30.73 -36.56
CA LYS F 367 -17.19 -29.69 -36.52
C LYS F 367 -16.56 -28.29 -36.37
N LYS F 368 -17.19 -27.29 -36.96
CA LYS F 368 -16.65 -25.93 -36.87
C LYS F 368 -17.36 -25.12 -35.79
N THR F 369 -16.79 -23.97 -35.46
CA THR F 369 -17.39 -23.06 -34.48
C THR F 369 -18.29 -22.11 -35.23
N PHE F 370 -19.58 -22.14 -34.92
CA PHE F 370 -20.56 -21.31 -35.61
C PHE F 370 -20.66 -19.96 -34.92
N GLU F 371 -20.15 -18.93 -35.58
CA GLU F 371 -20.17 -17.59 -35.03
C GLU F 371 -21.31 -16.80 -35.63
N ILE F 372 -22.07 -16.11 -34.80
CA ILE F 372 -23.17 -15.29 -35.28
C ILE F 372 -22.97 -13.80 -34.98
N ASN F 373 -23.53 -12.97 -35.83
CA ASN F 373 -23.48 -11.52 -35.68
C ASN F 373 -24.67 -11.06 -34.81
N PRO F 374 -24.37 -10.54 -33.60
CA PRO F 374 -25.38 -10.13 -32.62
C PRO F 374 -26.20 -8.95 -33.09
N ARG F 375 -25.62 -8.15 -33.99
CA ARG F 375 -26.30 -6.99 -34.51
C ARG F 375 -26.81 -7.25 -35.92
N HIS F 376 -27.49 -8.37 -36.12
CA HIS F 376 -28.10 -8.65 -37.43
C HIS F 376 -29.57 -8.95 -37.24
N PRO F 377 -30.43 -8.23 -37.97
CA PRO F 377 -31.87 -8.36 -37.93
C PRO F 377 -32.35 -9.81 -37.86
N LEU F 378 -31.70 -10.68 -38.62
CA LEU F 378 -32.08 -12.09 -38.67
C LEU F 378 -31.71 -12.81 -37.39
N ILE F 379 -30.52 -12.52 -36.89
CA ILE F 379 -30.05 -13.15 -35.66
C ILE F 379 -30.87 -12.68 -34.46
N LYS F 380 -31.24 -11.41 -34.46
CA LYS F 380 -32.03 -10.85 -33.36
C LYS F 380 -33.43 -11.42 -33.27
N ASP F 381 -34.03 -11.75 -34.42
CA ASP F 381 -35.37 -12.35 -34.43
C ASP F 381 -35.30 -13.78 -33.99
N MET F 382 -34.15 -14.38 -34.28
CA MET F 382 -33.90 -15.75 -33.99
C MET F 382 -33.76 -15.88 -32.49
N LEU F 383 -33.12 -14.89 -31.87
CA LEU F 383 -32.96 -14.86 -30.41
C LEU F 383 -34.31 -14.75 -29.71
N ARG F 384 -35.10 -13.78 -30.16
CA ARG F 384 -36.40 -13.51 -29.56
C ARG F 384 -37.39 -14.65 -29.78
N ARG F 385 -37.47 -15.18 -31.00
CA ARG F 385 -38.44 -16.23 -31.32
C ARG F 385 -38.11 -17.55 -30.61
N VAL F 386 -36.83 -17.74 -30.27
CA VAL F 386 -36.39 -18.93 -29.55
C VAL F 386 -36.79 -18.85 -28.07
N LYS F 387 -36.57 -17.68 -27.46
CA LYS F 387 -36.93 -17.46 -26.05
C LYS F 387 -38.45 -17.57 -25.84
N GLU F 388 -39.20 -17.48 -26.94
CA GLU F 388 -40.65 -17.61 -26.92
C GLU F 388 -41.04 -19.08 -27.18
N ASP F 389 -40.94 -19.49 -28.44
CA ASP F 389 -41.24 -20.87 -28.83
C ASP F 389 -39.93 -21.52 -29.25
N GLU F 390 -39.38 -22.34 -28.35
CA GLU F 390 -38.11 -23.01 -28.57
C GLU F 390 -38.27 -24.19 -29.55
N ASP F 391 -39.49 -24.73 -29.62
CA ASP F 391 -39.78 -25.85 -30.51
C ASP F 391 -40.48 -25.39 -31.80
N ASP F 392 -40.19 -24.17 -32.22
CA ASP F 392 -40.73 -23.61 -33.45
C ASP F 392 -39.91 -24.17 -34.61
N LYS F 393 -40.50 -25.12 -35.34
CA LYS F 393 -39.84 -25.78 -36.47
C LYS F 393 -39.46 -24.79 -37.57
N THR F 394 -40.20 -23.69 -37.69
CA THR F 394 -39.93 -22.65 -38.68
C THR F 394 -38.54 -22.05 -38.43
N VAL F 395 -38.22 -21.80 -37.17
CA VAL F 395 -36.93 -21.24 -36.81
C VAL F 395 -35.86 -22.34 -36.98
N SER F 396 -36.20 -23.52 -36.48
CA SER F 396 -35.31 -24.68 -36.54
C SER F 396 -34.86 -25.01 -37.97
N ASP F 397 -35.81 -25.03 -38.91
CA ASP F 397 -35.51 -25.34 -40.29
C ASP F 397 -34.85 -24.16 -40.96
N LEU F 398 -35.03 -22.95 -40.41
CA LEU F 398 -34.39 -21.75 -40.95
C LEU F 398 -32.94 -21.75 -40.54
N ALA F 399 -32.71 -22.06 -39.26
CA ALA F 399 -31.36 -22.12 -38.70
C ALA F 399 -30.46 -23.04 -39.51
N VAL F 400 -31.02 -24.14 -40.01
CA VAL F 400 -30.29 -25.07 -40.84
C VAL F 400 -29.93 -24.43 -42.18
N VAL F 401 -30.92 -23.87 -42.86
CA VAL F 401 -30.70 -23.23 -44.16
C VAL F 401 -29.65 -22.13 -44.06
N LEU F 402 -29.70 -21.38 -42.96
CA LEU F 402 -28.77 -20.30 -42.71
C LEU F 402 -27.35 -20.86 -42.51
N PHE F 403 -27.26 -21.93 -41.72
CA PHE F 403 -26.01 -22.61 -41.43
C PHE F 403 -25.39 -23.19 -42.68
N GLU F 404 -26.21 -23.83 -43.49
CA GLU F 404 -25.73 -24.44 -44.71
C GLU F 404 -25.32 -23.40 -45.74
N THR F 405 -25.95 -22.22 -45.68
CA THR F 405 -25.59 -21.13 -46.58
C THR F 405 -24.27 -20.59 -46.07
N ALA F 406 -24.15 -20.51 -44.76
CA ALA F 406 -22.91 -20.06 -44.15
C ALA F 406 -21.80 -21.07 -44.42
N THR F 407 -22.14 -22.35 -44.56
CA THR F 407 -21.16 -23.36 -44.88
C THR F 407 -20.51 -23.05 -46.21
N LEU F 408 -21.33 -22.71 -47.20
CA LEU F 408 -20.81 -22.36 -48.52
C LEU F 408 -20.00 -21.08 -48.48
N ARG F 409 -20.51 -20.08 -47.75
CA ARG F 409 -19.82 -18.79 -47.64
C ARG F 409 -18.49 -18.84 -46.86
N SER F 410 -18.36 -19.81 -45.98
CA SER F 410 -17.15 -19.92 -45.19
C SER F 410 -16.05 -20.65 -45.96
N GLY F 411 -16.39 -21.19 -47.13
CA GLY F 411 -15.43 -21.89 -47.99
C GLY F 411 -15.36 -23.41 -47.87
N TYR F 412 -16.19 -23.97 -46.99
CA TYR F 412 -16.22 -25.40 -46.78
C TYR F 412 -17.16 -26.07 -47.78
N LEU F 413 -16.95 -27.37 -48.00
CA LEU F 413 -17.78 -28.13 -48.92
C LEU F 413 -19.09 -28.49 -48.27
N LEU F 414 -20.15 -28.51 -49.06
CA LEU F 414 -21.44 -28.84 -48.55
C LEU F 414 -21.58 -30.36 -48.63
N PRO F 415 -21.89 -31.01 -47.48
CA PRO F 415 -22.05 -32.46 -47.35
C PRO F 415 -23.07 -33.08 -48.32
N ASP F 416 -24.30 -32.61 -48.28
CA ASP F 416 -25.36 -33.17 -49.09
C ASP F 416 -26.10 -32.08 -49.85
N THR F 417 -25.68 -31.81 -51.08
CA THR F 417 -26.33 -30.77 -51.91
C THR F 417 -27.77 -31.11 -52.32
N LYS F 418 -28.13 -32.38 -52.20
CA LYS F 418 -29.48 -32.83 -52.51
C LYS F 418 -30.46 -32.35 -51.46
N ALA F 419 -30.07 -32.52 -50.20
CA ALA F 419 -30.92 -32.15 -49.06
C ALA F 419 -31.07 -30.66 -48.93
N TYR F 420 -29.95 -29.96 -49.11
CA TYR F 420 -29.93 -28.51 -49.02
C TYR F 420 -30.85 -27.91 -50.07
N GLY F 421 -30.75 -28.41 -51.30
CA GLY F 421 -31.57 -27.93 -52.40
C GLY F 421 -33.04 -28.14 -52.13
N ASP F 422 -33.34 -29.19 -51.39
CA ASP F 422 -34.71 -29.51 -51.02
C ASP F 422 -35.19 -28.58 -49.91
N ARG F 423 -34.29 -28.17 -49.03
CA ARG F 423 -34.68 -27.23 -47.97
C ARG F 423 -34.88 -25.83 -48.51
N ILE F 424 -34.21 -25.51 -49.60
CA ILE F 424 -34.40 -24.22 -50.26
C ILE F 424 -35.74 -24.32 -50.98
N GLU F 425 -35.97 -25.46 -51.62
CA GLU F 425 -37.20 -25.70 -52.36
C GLU F 425 -38.42 -25.58 -51.47
N ARG F 426 -38.37 -26.19 -50.29
CA ARG F 426 -39.48 -26.18 -49.34
C ARG F 426 -39.82 -24.76 -48.93
N MET F 427 -38.78 -23.97 -48.68
CA MET F 427 -38.93 -22.58 -48.28
C MET F 427 -39.34 -21.68 -49.46
N LEU F 428 -38.82 -21.99 -50.65
CA LEU F 428 -39.18 -21.25 -51.85
C LEU F 428 -40.67 -21.33 -52.10
N ARG F 429 -41.23 -22.51 -51.88
CA ARG F 429 -42.64 -22.75 -52.11
C ARG F 429 -43.55 -22.04 -51.09
N LEU F 430 -42.98 -21.66 -49.95
CA LEU F 430 -43.74 -20.89 -48.96
C LEU F 430 -43.93 -19.48 -49.53
N SER F 431 -42.84 -18.96 -50.10
CA SER F 431 -42.83 -17.65 -50.74
C SER F 431 -43.78 -17.57 -51.96
N LEU F 432 -44.45 -18.68 -52.24
CA LEU F 432 -45.39 -18.73 -53.34
C LEU F 432 -46.76 -19.08 -52.76
N ASN F 433 -46.84 -20.20 -52.06
CA ASN F 433 -48.05 -20.73 -51.40
C ASN F 433 -48.00 -22.25 -51.42
N ILE F 434 -47.67 -22.79 -52.60
CA ILE F 434 -47.61 -24.23 -52.86
C ILE F 434 -47.31 -25.08 -51.63
N ASP F 435 -48.28 -25.92 -51.26
CA ASP F 435 -48.21 -26.85 -50.12
C ASP F 435 -46.87 -27.61 -50.10
N PRO F 436 -46.00 -27.28 -49.13
CA PRO F 436 -44.66 -27.86 -49.03
C PRO F 436 -44.62 -29.38 -49.17
N ASP F 437 -45.08 -30.09 -48.14
CA ASP F 437 -45.02 -31.56 -48.16
C ASP F 437 -45.95 -32.22 -49.17
N ALA F 438 -47.25 -31.98 -49.04
CA ALA F 438 -48.25 -32.65 -49.89
C ALA F 438 -48.43 -32.15 -51.35
N LYS F 439 -47.38 -31.59 -51.94
CA LYS F 439 -47.40 -31.17 -53.35
C LYS F 439 -46.17 -31.66 -54.12
N VAL F 440 -45.00 -31.63 -53.47
CA VAL F 440 -43.75 -32.09 -54.08
C VAL F 440 -43.85 -33.60 -54.36
N GLU F 441 -45.00 -34.15 -53.99
CA GLU F 441 -45.32 -35.52 -54.21
C GLU F 441 -46.30 -35.48 -55.36
N GLU F 442 -47.37 -34.71 -55.17
CA GLU F 442 -48.52 -34.58 -56.08
C GLU F 442 -48.26 -34.54 -57.60
N GLU F 443 -47.90 -33.37 -58.13
CA GLU F 443 -47.64 -33.25 -59.56
C GLU F 443 -46.39 -34.03 -60.02
N PRO F 444 -45.31 -34.06 -59.20
CA PRO F 444 -44.13 -34.85 -59.57
C PRO F 444 -44.40 -36.36 -59.69
N GLU F 445 -45.63 -36.77 -59.38
CA GLU F 445 -46.06 -38.16 -59.53
C GLU F 445 -47.36 -38.24 -60.35
N GLU F 446 -47.50 -37.29 -61.28
CA GLU F 446 -48.60 -37.29 -62.24
C GLU F 446 -48.04 -37.86 -63.53
N GLU F 447 -46.75 -38.19 -63.48
CA GLU F 447 -45.99 -38.76 -64.59
C GLU F 447 -46.44 -40.15 -65.11
N PRO F 448 -47.04 -41.01 -64.24
CA PRO F 448 -47.56 -42.31 -64.73
C PRO F 448 -48.53 -42.23 -65.93
N GLU F 449 -48.97 -41.02 -66.26
CA GLU F 449 -49.83 -40.80 -67.41
C GLU F 449 -49.00 -40.84 -68.69
N GLU F 450 -47.81 -40.25 -68.63
CA GLU F 450 -46.86 -40.20 -69.75
C GLU F 450 -46.52 -41.61 -70.22
N LYS G 25 19.84 -73.57 -71.37
CA LYS G 25 18.71 -73.14 -72.24
C LYS G 25 17.67 -72.35 -71.43
N PRO G 26 17.62 -71.02 -71.62
CA PRO G 26 16.73 -70.07 -70.93
C PRO G 26 15.27 -70.49 -70.88
N ILE G 27 14.57 -69.96 -69.87
CA ILE G 27 13.15 -70.25 -69.62
C ILE G 27 12.24 -69.85 -70.81
N TRP G 28 12.57 -68.74 -71.48
CA TRP G 28 11.75 -68.24 -72.60
C TRP G 28 12.02 -68.86 -73.97
N GLN G 29 13.02 -69.72 -74.05
CA GLN G 29 13.39 -70.37 -75.33
C GLN G 29 12.78 -71.76 -75.54
N ARG G 30 12.29 -72.35 -74.46
CA ARG G 30 11.66 -73.67 -74.48
C ARG G 30 10.20 -73.56 -74.95
N PRO G 31 9.62 -74.66 -75.49
CA PRO G 31 8.22 -74.64 -75.93
C PRO G 31 7.24 -74.31 -74.80
N SER G 32 6.12 -73.67 -75.13
CA SER G 32 5.09 -73.27 -74.15
C SER G 32 4.50 -74.45 -73.37
N LYS G 33 4.28 -75.56 -74.08
CA LYS G 33 3.69 -76.77 -73.52
C LYS G 33 4.62 -77.56 -72.58
N GLU G 34 5.93 -77.40 -72.74
CA GLU G 34 6.90 -78.15 -71.93
C GLU G 34 7.30 -77.52 -70.59
N VAL G 35 7.01 -76.24 -70.39
CA VAL G 35 7.39 -75.55 -69.16
C VAL G 35 6.34 -75.69 -68.06
N GLU G 36 6.81 -76.08 -66.87
CA GLU G 36 5.96 -76.25 -65.69
C GLU G 36 5.37 -74.94 -65.21
N ASP G 37 4.18 -75.00 -64.61
CA ASP G 37 3.50 -73.84 -64.05
C ASP G 37 4.32 -73.23 -62.91
N ASP G 38 4.96 -74.09 -62.13
CA ASP G 38 5.77 -73.71 -60.99
C ASP G 38 7.00 -72.91 -61.39
N GLU G 39 7.63 -73.33 -62.49
CA GLU G 39 8.85 -72.70 -63.00
C GLU G 39 8.62 -71.29 -63.52
N TYR G 40 7.42 -71.02 -64.02
CA TYR G 40 7.08 -69.68 -64.46
C TYR G 40 6.97 -68.78 -63.23
N LYS G 41 6.27 -69.27 -62.21
CA LYS G 41 6.08 -68.54 -60.95
C LYS G 41 7.39 -68.33 -60.22
N ALA G 42 8.34 -69.24 -60.43
CA ALA G 42 9.66 -69.14 -59.85
C ALA G 42 10.47 -68.08 -60.60
N PHE G 43 10.28 -68.04 -61.92
CA PHE G 43 11.00 -67.10 -62.80
C PHE G 43 10.68 -65.63 -62.55
N TYR G 44 9.44 -65.37 -62.17
CA TYR G 44 8.97 -64.01 -61.89
C TYR G 44 9.67 -63.37 -60.69
N LYS G 45 9.81 -64.15 -59.61
CA LYS G 45 10.41 -63.66 -58.37
C LYS G 45 11.92 -63.45 -58.45
N SER G 46 12.56 -64.07 -59.45
CA SER G 46 14.01 -63.98 -59.64
C SER G 46 14.52 -62.58 -60.01
N PHE G 47 13.68 -61.78 -60.67
CA PHE G 47 14.10 -60.44 -61.06
C PHE G 47 13.33 -59.31 -60.37
N SER G 48 12.59 -59.63 -59.32
CA SER G 48 11.80 -58.61 -58.59
C SER G 48 11.58 -58.89 -57.09
N LYS G 49 12.15 -59.98 -56.58
CA LYS G 49 12.00 -60.40 -55.17
C LYS G 49 10.52 -60.43 -54.73
N GLU G 50 10.23 -59.86 -53.55
CA GLU G 50 8.86 -59.79 -52.98
C GLU G 50 8.30 -61.11 -52.46
N SER G 51 8.84 -62.22 -52.98
CA SER G 51 8.48 -63.60 -52.61
C SER G 51 7.00 -63.97 -52.76
N ASP G 52 6.33 -63.44 -53.79
CA ASP G 52 4.93 -63.77 -54.03
C ASP G 52 4.60 -63.92 -55.52
N ASP G 53 3.60 -64.74 -55.82
CA ASP G 53 3.16 -65.07 -57.18
C ASP G 53 2.60 -63.90 -58.00
N PRO G 54 2.78 -63.95 -59.35
CA PRO G 54 2.20 -62.92 -60.22
C PRO G 54 0.72 -63.24 -60.47
N MET G 55 -0.02 -62.30 -61.03
CA MET G 55 -1.44 -62.50 -61.27
C MET G 55 -1.71 -63.34 -62.52
N ALA G 56 -0.89 -63.13 -63.55
CA ALA G 56 -0.99 -63.88 -64.80
C ALA G 56 0.25 -63.72 -65.65
N TYR G 57 0.42 -64.65 -66.59
CA TYR G 57 1.55 -64.65 -67.50
C TYR G 57 1.21 -65.39 -68.79
N ILE G 58 1.88 -65.02 -69.87
CA ILE G 58 1.77 -65.75 -71.13
C ILE G 58 3.13 -65.88 -71.78
N HIS G 59 3.41 -67.08 -72.27
CA HIS G 59 4.65 -67.37 -72.95
C HIS G 59 4.30 -67.56 -74.41
N PHE G 60 4.88 -66.72 -75.26
CA PHE G 60 4.60 -66.80 -76.68
C PHE G 60 5.82 -66.49 -77.52
N THR G 61 5.80 -67.01 -78.74
CA THR G 61 6.82 -66.76 -79.74
C THR G 61 6.13 -66.04 -80.89
N ALA G 62 6.81 -65.08 -81.50
CA ALA G 62 6.20 -64.32 -82.59
C ALA G 62 6.65 -64.77 -83.97
N GLU G 63 5.70 -64.79 -84.89
CA GLU G 63 5.94 -65.18 -86.28
C GLU G 63 5.58 -64.03 -87.22
N GLY G 64 6.18 -64.05 -88.41
CA GLY G 64 5.90 -63.04 -89.42
C GLY G 64 7.03 -62.10 -89.77
N GLU G 65 6.74 -60.80 -89.67
CA GLU G 65 7.70 -59.75 -90.01
C GLU G 65 8.89 -59.72 -89.06
N VAL G 66 8.60 -59.79 -87.76
CA VAL G 66 9.63 -59.82 -86.73
C VAL G 66 9.46 -61.06 -85.84
N THR G 67 10.54 -61.80 -85.65
CA THR G 67 10.52 -63.00 -84.82
C THR G 67 11.23 -62.76 -83.49
N PHE G 68 10.59 -63.18 -82.40
CA PHE G 68 11.14 -63.07 -81.06
C PHE G 68 10.34 -63.92 -80.09
N LYS G 69 10.97 -64.28 -78.98
CA LYS G 69 10.29 -65.03 -77.93
C LYS G 69 10.11 -64.11 -76.72
N SER G 70 9.08 -64.36 -75.92
CA SER G 70 8.83 -63.50 -74.77
C SER G 70 7.88 -64.07 -73.74
N ILE G 71 8.09 -63.66 -72.50
CA ILE G 71 7.22 -64.00 -71.39
C ILE G 71 6.86 -62.69 -70.74
N LEU G 72 5.56 -62.41 -70.64
CA LEU G 72 5.11 -61.17 -70.02
C LEU G 72 4.30 -61.49 -68.77
N PHE G 73 4.51 -60.70 -67.72
CA PHE G 73 3.83 -60.89 -66.45
C PHE G 73 2.96 -59.71 -66.04
N VAL G 74 1.96 -60.03 -65.24
CA VAL G 74 1.11 -59.04 -64.63
C VAL G 74 1.32 -59.24 -63.14
N PRO G 75 1.92 -58.25 -62.46
CA PRO G 75 2.18 -58.33 -61.02
C PRO G 75 0.87 -58.24 -60.25
N THR G 76 0.90 -58.55 -58.96
CA THR G 76 -0.31 -58.48 -58.15
C THR G 76 -0.51 -57.10 -57.50
N SER G 77 0.46 -56.21 -57.70
CA SER G 77 0.42 -54.84 -57.16
C SER G 77 1.19 -53.87 -58.07
N ALA G 78 0.92 -52.56 -57.93
CA ALA G 78 1.62 -51.56 -58.73
C ALA G 78 2.83 -50.93 -58.02
N PRO G 79 2.60 -50.41 -56.81
CA PRO G 79 3.61 -49.74 -55.96
C PRO G 79 4.12 -48.40 -56.54
N TYR G 93 11.00 -51.77 -66.59
CA TYR G 93 11.46 -53.10 -66.18
C TYR G 93 11.14 -54.24 -67.14
N ILE G 94 11.68 -54.12 -68.35
CA ILE G 94 11.53 -55.18 -69.35
C ILE G 94 12.91 -55.54 -69.89
N LYS G 95 13.29 -56.78 -69.64
CA LYS G 95 14.59 -57.33 -70.02
C LYS G 95 14.69 -57.50 -71.54
N LEU G 96 15.66 -56.81 -72.13
CA LEU G 96 15.87 -56.89 -73.57
C LEU G 96 17.11 -57.72 -73.91
N TYR G 97 16.90 -58.73 -74.74
CA TYR G 97 17.98 -59.63 -75.20
C TYR G 97 18.00 -59.63 -76.72
N VAL G 98 19.18 -59.50 -77.30
CA VAL G 98 19.31 -59.56 -78.75
C VAL G 98 20.20 -60.76 -79.07
N ARG G 99 19.58 -61.79 -79.68
CA ARG G 99 20.24 -63.05 -80.02
C ARG G 99 20.78 -63.73 -78.75
N ARG G 100 19.91 -63.79 -77.73
CA ARG G 100 20.21 -64.39 -76.42
C ARG G 100 21.24 -63.66 -75.54
N VAL G 101 21.74 -62.52 -76.02
CA VAL G 101 22.72 -61.73 -75.28
C VAL G 101 22.01 -60.60 -74.53
N PHE G 102 22.20 -60.53 -73.21
CA PHE G 102 21.58 -59.48 -72.39
C PHE G 102 22.04 -58.10 -72.85
N ILE G 103 21.08 -57.23 -73.09
CA ILE G 103 21.36 -55.88 -73.56
C ILE G 103 21.05 -54.80 -72.52
N THR G 104 19.79 -54.71 -72.08
CA THR G 104 19.40 -53.70 -71.11
C THR G 104 17.97 -53.88 -70.60
N ASP G 105 17.59 -53.06 -69.62
CA ASP G 105 16.25 -53.05 -69.02
C ASP G 105 15.82 -51.60 -68.75
N ASP G 106 16.66 -50.67 -69.22
CA ASP G 106 16.46 -49.23 -69.08
C ASP G 106 15.52 -48.63 -70.15
N PHE G 107 15.14 -49.46 -71.11
CA PHE G 107 14.26 -49.07 -72.21
C PHE G 107 12.83 -48.93 -71.69
N HIS G 108 12.46 -47.68 -71.37
CA HIS G 108 11.13 -47.41 -70.84
C HIS G 108 10.05 -47.18 -71.91
N ASP G 109 10.48 -47.07 -73.18
CA ASP G 109 9.55 -46.90 -74.30
C ASP G 109 9.20 -48.23 -74.99
N MET G 110 9.41 -49.33 -74.27
CA MET G 110 9.07 -50.67 -74.75
C MET G 110 7.57 -50.89 -74.73
N MET G 111 6.93 -50.42 -73.65
CA MET G 111 5.48 -50.52 -73.45
C MET G 111 4.88 -49.13 -73.50
N PRO G 112 3.60 -49.03 -73.90
CA PRO G 112 2.94 -47.74 -73.89
C PRO G 112 2.72 -47.29 -72.46
N LYS G 113 2.54 -45.99 -72.28
CA LYS G 113 2.38 -45.40 -70.97
C LYS G 113 1.55 -46.24 -69.99
N TYR G 114 0.37 -46.67 -70.43
CA TYR G 114 -0.56 -47.38 -69.54
C TYR G 114 -0.19 -48.82 -69.20
N LEU G 115 0.87 -49.35 -69.78
CA LEU G 115 1.27 -50.72 -69.49
C LEU G 115 2.64 -50.78 -68.84
N ASN G 116 3.03 -49.68 -68.19
CA ASN G 116 4.32 -49.60 -67.52
C ASN G 116 4.48 -50.59 -66.36
N PHE G 117 3.39 -51.27 -66.01
CA PHE G 117 3.41 -52.23 -64.91
C PHE G 117 3.78 -53.64 -65.37
N VAL G 118 3.77 -53.85 -66.67
CA VAL G 118 4.08 -55.16 -67.25
C VAL G 118 5.56 -55.44 -67.17
N LYS G 119 5.91 -56.52 -66.46
CA LYS G 119 7.30 -56.95 -66.31
C LYS G 119 7.53 -58.19 -67.17
N GLY G 120 8.74 -58.33 -67.71
CA GLY G 120 9.03 -59.50 -68.53
C GLY G 120 10.31 -59.46 -69.32
N VAL G 121 10.47 -60.45 -70.20
CA VAL G 121 11.67 -60.59 -71.05
C VAL G 121 11.33 -60.56 -72.53
N VAL G 122 12.26 -60.08 -73.34
CA VAL G 122 12.09 -60.01 -74.78
C VAL G 122 13.39 -60.44 -75.43
N ASP G 123 13.34 -61.52 -76.20
CA ASP G 123 14.53 -62.06 -76.87
C ASP G 123 14.38 -62.08 -78.39
N SER G 124 14.82 -60.99 -79.02
CA SER G 124 14.77 -60.85 -80.47
C SER G 124 16.03 -61.41 -81.08
N ASP G 125 16.03 -61.53 -82.41
CA ASP G 125 17.18 -62.00 -83.16
C ASP G 125 17.22 -61.31 -84.53
N ASP G 126 16.44 -60.23 -84.63
CA ASP G 126 16.33 -59.43 -85.85
C ASP G 126 17.00 -58.07 -85.67
N LEU G 127 16.85 -57.50 -84.47
CA LEU G 127 17.41 -56.20 -84.10
C LEU G 127 18.92 -56.08 -84.34
N PRO G 128 19.41 -54.85 -84.62
CA PRO G 128 20.85 -54.64 -84.78
C PRO G 128 21.54 -54.91 -83.44
N LEU G 129 22.22 -56.05 -83.35
CA LEU G 129 22.91 -56.44 -82.12
C LEU G 129 23.95 -55.40 -81.73
N ASN G 130 24.88 -55.16 -82.66
CA ASN G 130 25.97 -54.24 -82.42
C ASN G 130 25.64 -52.87 -82.98
N VAL G 131 24.98 -52.07 -82.16
CA VAL G 131 24.61 -50.72 -82.51
C VAL G 131 24.48 -49.99 -81.19
N SER G 132 24.48 -48.67 -81.23
CA SER G 132 24.33 -47.87 -80.01
C SER G 132 22.91 -47.97 -79.45
N ARG G 133 22.75 -47.59 -78.18
CA ARG G 133 21.43 -47.56 -77.51
C ARG G 133 20.52 -46.45 -78.03
N GLU G 134 21.13 -45.41 -78.60
CA GLU G 134 20.39 -44.30 -79.19
C GLU G 134 19.81 -44.76 -80.52
N THR G 135 20.63 -45.50 -81.28
CA THR G 135 20.26 -46.07 -82.58
C THR G 135 19.16 -47.13 -82.46
N LEU G 136 19.44 -48.16 -81.65
CA LEU G 136 18.54 -49.30 -81.41
C LEU G 136 17.14 -48.92 -80.88
N GLN G 137 17.07 -47.82 -80.13
CA GLN G 137 15.81 -47.34 -79.54
C GLN G 137 14.94 -46.62 -80.59
N GLN G 138 15.59 -46.14 -81.66
CA GLN G 138 14.90 -45.40 -82.73
C GLN G 138 14.75 -46.18 -84.04
N HIS G 139 14.98 -47.50 -84.01
CA HIS G 139 14.92 -48.34 -85.20
C HIS G 139 13.50 -48.60 -85.72
N LYS G 140 13.41 -49.01 -86.99
CA LYS G 140 12.15 -49.31 -87.68
C LYS G 140 11.34 -50.44 -87.04
N LEU G 141 11.99 -51.57 -86.83
CA LEU G 141 11.37 -52.77 -86.26
C LEU G 141 10.97 -52.62 -84.80
N LEU G 142 11.51 -51.59 -84.14
CA LEU G 142 11.23 -51.34 -82.73
C LEU G 142 9.75 -50.98 -82.49
N LYS G 143 9.19 -50.16 -83.38
CA LYS G 143 7.80 -49.75 -83.27
C LYS G 143 6.86 -50.95 -83.52
N VAL G 144 7.31 -51.86 -84.37
CA VAL G 144 6.56 -53.06 -84.72
C VAL G 144 6.45 -54.05 -83.54
N ILE G 145 7.58 -54.34 -82.90
CA ILE G 145 7.62 -55.25 -81.74
C ILE G 145 6.73 -54.73 -80.61
N ARG G 146 6.80 -53.42 -80.38
CA ARG G 146 5.99 -52.75 -79.37
C ARG G 146 4.50 -53.08 -79.52
N LYS G 147 3.98 -53.02 -80.75
CA LYS G 147 2.56 -53.33 -81.00
C LYS G 147 2.20 -54.79 -80.78
N LYS G 148 3.12 -55.69 -81.08
CA LYS G 148 2.88 -57.12 -80.85
C LYS G 148 2.86 -57.46 -79.37
N LEU G 149 3.71 -56.80 -78.60
CA LEU G 149 3.77 -57.02 -77.16
C LEU G 149 2.48 -56.58 -76.48
N VAL G 150 1.93 -55.45 -76.95
CA VAL G 150 0.69 -54.91 -76.40
C VAL G 150 -0.47 -55.84 -76.71
N ARG G 151 -0.61 -56.17 -78.00
CA ARG G 151 -1.69 -57.04 -78.46
C ARG G 151 -1.73 -58.38 -77.71
N LYS G 152 -0.56 -58.84 -77.26
CA LYS G 152 -0.48 -60.09 -76.50
C LYS G 152 -0.78 -59.86 -75.02
N THR G 153 -0.41 -58.70 -74.51
CA THR G 153 -0.66 -58.35 -73.11
C THR G 153 -2.16 -58.35 -72.88
N LEU G 154 -2.90 -57.82 -73.83
CA LEU G 154 -4.35 -57.73 -73.75
C LEU G 154 -5.03 -59.09 -73.92
N ASP G 155 -4.34 -60.03 -74.56
CA ASP G 155 -4.86 -61.38 -74.73
C ASP G 155 -4.73 -62.09 -73.40
N MET G 156 -3.66 -61.76 -72.67
CA MET G 156 -3.40 -62.33 -71.37
C MET G 156 -4.47 -61.88 -70.41
N ILE G 157 -4.73 -60.57 -70.41
CA ILE G 157 -5.74 -59.96 -69.53
C ILE G 157 -7.16 -60.42 -69.87
N LYS G 158 -7.41 -60.67 -71.15
CA LYS G 158 -8.72 -61.15 -71.57
C LYS G 158 -9.02 -62.49 -70.92
N LYS G 159 -7.96 -63.26 -70.65
CA LYS G 159 -8.11 -64.60 -70.06
C LYS G 159 -7.91 -64.69 -68.54
N ILE G 160 -8.24 -63.64 -67.80
CA ILE G 160 -8.07 -63.70 -66.34
C ILE G 160 -9.37 -64.18 -65.69
N ALA G 161 -9.66 -65.46 -65.83
CA ALA G 161 -10.86 -66.09 -65.26
C ALA G 161 -12.10 -65.20 -65.41
N ASP G 162 -12.80 -64.96 -64.30
CA ASP G 162 -13.98 -64.09 -64.27
C ASP G 162 -14.12 -63.44 -62.91
N GLU G 163 -14.27 -64.27 -61.88
CA GLU G 163 -14.39 -63.81 -60.52
C GLU G 163 -13.11 -63.10 -60.12
N LYS G 164 -11.98 -63.67 -60.52
CA LYS G 164 -10.66 -63.15 -60.22
C LYS G 164 -10.36 -61.82 -60.92
N TYR G 165 -11.00 -61.58 -62.07
CA TYR G 165 -10.80 -60.34 -62.81
C TYR G 165 -11.24 -59.10 -62.03
N ASN G 166 -12.51 -59.07 -61.63
CA ASN G 166 -13.09 -57.93 -60.90
C ASN G 166 -12.55 -57.76 -59.51
N ASP G 167 -12.37 -58.88 -58.81
CA ASP G 167 -11.89 -58.87 -57.45
C ASP G 167 -10.43 -58.49 -57.30
N THR G 168 -9.60 -58.89 -58.26
CA THR G 168 -8.18 -58.62 -58.16
C THR G 168 -7.70 -57.60 -59.20
N PHE G 169 -7.56 -58.03 -60.45
CA PHE G 169 -7.05 -57.17 -61.52
C PHE G 169 -7.62 -55.77 -61.63
N TRP G 170 -8.94 -55.66 -61.53
CA TRP G 170 -9.57 -54.37 -61.72
C TRP G 170 -9.23 -53.35 -60.64
N LYS G 171 -9.34 -53.74 -59.37
CA LYS G 171 -9.02 -52.81 -58.29
C LYS G 171 -7.53 -52.45 -58.22
N GLU G 172 -6.74 -53.06 -59.09
CA GLU G 172 -5.31 -52.79 -59.13
C GLU G 172 -4.88 -51.98 -60.34
N PHE G 173 -5.31 -52.43 -61.52
CA PHE G 173 -4.90 -51.76 -62.75
C PHE G 173 -6.04 -51.25 -63.58
N GLY G 174 -7.23 -51.24 -62.99
CA GLY G 174 -8.42 -50.74 -63.66
C GLY G 174 -8.20 -49.41 -64.35
N THR G 175 -7.45 -48.53 -63.67
CA THR G 175 -7.13 -47.19 -64.18
C THR G 175 -6.34 -47.26 -65.49
N ASN G 176 -5.35 -48.16 -65.56
CA ASN G 176 -4.54 -48.31 -66.75
C ASN G 176 -5.39 -48.68 -67.94
N ILE G 177 -6.38 -49.54 -67.70
CA ILE G 177 -7.31 -49.95 -68.76
C ILE G 177 -8.03 -48.72 -69.28
N LYS G 178 -8.45 -47.85 -68.35
CA LYS G 178 -9.14 -46.60 -68.70
C LYS G 178 -8.24 -45.63 -69.47
N LEU G 179 -6.97 -45.58 -69.10
CA LEU G 179 -6.00 -44.73 -69.78
C LEU G 179 -5.74 -45.27 -71.17
N GLY G 180 -5.76 -46.60 -71.27
CA GLY G 180 -5.56 -47.28 -72.54
C GLY G 180 -6.63 -46.93 -73.56
N VAL G 181 -7.88 -46.91 -73.13
CA VAL G 181 -9.00 -46.57 -74.00
C VAL G 181 -8.77 -45.20 -74.63
N ILE G 182 -8.19 -44.29 -73.86
CA ILE G 182 -7.89 -42.94 -74.32
C ILE G 182 -6.65 -42.93 -75.21
N GLU G 183 -5.55 -43.49 -74.73
CA GLU G 183 -4.29 -43.48 -75.45
C GLU G 183 -4.24 -44.41 -76.65
N ASP G 184 -4.58 -45.68 -76.42
CA ASP G 184 -4.44 -46.74 -77.43
C ASP G 184 -5.64 -46.99 -78.37
N HIS G 185 -5.76 -46.10 -79.33
CA HIS G 185 -6.74 -46.10 -80.41
C HIS G 185 -7.00 -47.46 -81.07
N SER G 186 -5.94 -48.16 -81.48
CA SER G 186 -6.09 -49.40 -82.23
C SER G 186 -6.62 -50.58 -81.41
N ASN G 187 -6.38 -50.55 -80.12
CA ASN G 187 -6.85 -51.62 -79.25
C ASN G 187 -8.04 -51.19 -78.45
N ARG G 188 -8.64 -50.07 -78.84
CA ARG G 188 -9.74 -49.47 -78.10
C ARG G 188 -10.95 -50.38 -77.86
N THR G 189 -11.43 -51.04 -78.92
CA THR G 189 -12.60 -51.93 -78.80
C THR G 189 -12.28 -53.22 -78.06
N ARG G 190 -11.00 -53.55 -77.97
CA ARG G 190 -10.57 -54.73 -77.26
C ARG G 190 -10.55 -54.36 -75.78
N LEU G 191 -10.08 -53.15 -75.51
CA LEU G 191 -9.98 -52.59 -74.17
C LEU G 191 -11.32 -52.21 -73.57
N ALA G 192 -12.26 -51.82 -74.43
CA ALA G 192 -13.60 -51.41 -74.01
C ALA G 192 -14.32 -52.51 -73.25
N LYS G 193 -14.15 -53.74 -73.71
CA LYS G 193 -14.77 -54.89 -73.07
C LYS G 193 -14.21 -55.11 -71.67
N LEU G 194 -12.95 -54.74 -71.46
CA LEU G 194 -12.26 -54.90 -70.18
C LEU G 194 -12.67 -53.90 -69.11
N LEU G 195 -13.32 -52.81 -69.53
CA LEU G 195 -13.77 -51.77 -68.59
C LEU G 195 -14.84 -52.26 -67.65
N ARG G 196 -14.77 -51.75 -66.42
CA ARG G 196 -15.75 -52.06 -65.37
C ARG G 196 -16.14 -50.77 -64.67
N PHE G 197 -17.44 -50.57 -64.45
CA PHE G 197 -17.90 -49.37 -63.76
C PHE G 197 -19.02 -49.72 -62.81
N GLN G 198 -19.43 -48.77 -61.99
CA GLN G 198 -20.57 -48.99 -61.12
C GLN G 198 -21.83 -48.61 -61.89
N SER G 199 -22.97 -49.13 -61.48
CA SER G 199 -24.21 -48.76 -62.13
C SER G 199 -25.38 -48.90 -61.17
N SER G 200 -26.49 -48.29 -61.56
CA SER G 200 -27.72 -48.28 -60.77
C SER G 200 -28.34 -49.64 -60.54
N HIS G 201 -27.77 -50.67 -61.17
CA HIS G 201 -28.26 -52.05 -61.04
C HIS G 201 -28.02 -52.61 -59.64
N HIS G 202 -26.93 -52.15 -59.03
CA HIS G 202 -26.53 -52.63 -57.72
C HIS G 202 -25.70 -51.60 -56.95
N PRO G 203 -26.02 -51.40 -55.65
CA PRO G 203 -25.39 -50.50 -54.69
C PRO G 203 -23.87 -50.36 -54.78
N SER G 204 -23.15 -51.46 -55.04
CA SER G 204 -21.69 -51.40 -55.10
C SER G 204 -21.03 -52.14 -56.27
N ASP G 205 -21.49 -53.36 -56.54
CA ASP G 205 -20.95 -54.21 -57.61
C ASP G 205 -20.59 -53.49 -58.89
N ILE G 206 -19.41 -53.78 -59.43
CA ILE G 206 -19.03 -53.20 -60.70
C ILE G 206 -19.61 -54.04 -61.81
N THR G 207 -19.78 -53.44 -62.98
CA THR G 207 -20.36 -54.15 -64.13
C THR G 207 -19.53 -53.95 -65.39
N SER G 208 -19.57 -54.91 -66.30
CA SER G 208 -18.86 -54.78 -67.55
C SER G 208 -19.78 -54.08 -68.50
N LEU G 209 -19.25 -53.58 -69.61
CA LEU G 209 -20.11 -52.92 -70.59
C LEU G 209 -21.06 -53.90 -71.30
N ASP G 210 -20.58 -55.12 -71.56
CA ASP G 210 -21.40 -56.17 -72.15
C ASP G 210 -22.60 -56.51 -71.26
N GLN G 211 -22.37 -56.55 -69.95
CA GLN G 211 -23.43 -56.83 -68.98
C GLN G 211 -24.50 -55.75 -69.05
N TYR G 212 -24.07 -54.49 -69.17
CA TYR G 212 -25.00 -53.39 -69.28
C TYR G 212 -25.86 -53.57 -70.53
N VAL G 213 -25.19 -53.85 -71.66
CA VAL G 213 -25.89 -54.04 -72.93
C VAL G 213 -26.94 -55.14 -72.82
N GLU G 214 -26.60 -56.18 -72.09
CA GLU G 214 -27.51 -57.30 -71.87
C GLU G 214 -28.79 -56.91 -71.14
N ARG G 215 -28.67 -56.04 -70.15
CA ARG G 215 -29.83 -55.61 -69.36
C ARG G 215 -30.72 -54.56 -70.04
N MET G 216 -30.20 -53.89 -71.07
CA MET G 216 -30.92 -52.84 -71.79
C MET G 216 -32.34 -53.19 -72.26
N LYS G 217 -33.18 -52.17 -72.32
CA LYS G 217 -34.56 -52.34 -72.77
C LYS G 217 -34.61 -52.57 -74.29
N GLU G 218 -35.80 -52.86 -74.80
CA GLU G 218 -35.96 -53.17 -76.21
C GLU G 218 -35.65 -52.01 -77.17
N LYS G 219 -36.32 -50.88 -76.97
CA LYS G 219 -36.13 -49.73 -77.85
C LYS G 219 -34.92 -48.87 -77.43
N GLN G 220 -34.38 -49.12 -76.23
CA GLN G 220 -33.21 -48.39 -75.74
C GLN G 220 -32.01 -48.66 -76.66
N ASP G 221 -31.24 -47.61 -76.93
CA ASP G 221 -30.07 -47.71 -77.82
C ASP G 221 -28.93 -46.83 -77.35
N LYS G 222 -29.02 -46.40 -76.09
CA LYS G 222 -28.03 -45.53 -75.50
C LYS G 222 -27.54 -46.13 -74.19
N ILE G 223 -26.28 -45.88 -73.85
CA ILE G 223 -25.71 -46.34 -72.59
C ILE G 223 -25.62 -45.09 -71.72
N TYR G 224 -26.59 -44.98 -70.81
CA TYR G 224 -26.73 -43.82 -69.93
C TYR G 224 -25.73 -43.80 -68.79
N PHE G 225 -25.03 -42.69 -68.64
CA PHE G 225 -24.05 -42.56 -67.57
C PHE G 225 -24.06 -41.17 -66.90
N MET G 226 -23.63 -41.15 -65.65
CA MET G 226 -23.57 -39.93 -64.87
C MET G 226 -22.18 -39.78 -64.26
N ALA G 227 -21.55 -38.63 -64.47
CA ALA G 227 -20.21 -38.40 -63.95
C ALA G 227 -20.22 -37.55 -62.68
N GLY G 228 -19.51 -37.98 -61.65
CA GLY G 228 -19.45 -37.24 -60.38
C GLY G 228 -18.14 -37.36 -59.62
N SER G 229 -18.17 -36.98 -58.35
CA SER G 229 -16.98 -37.02 -57.49
C SER G 229 -17.00 -38.28 -56.66
N SER G 230 -18.20 -38.79 -56.41
CA SER G 230 -18.42 -39.98 -55.62
C SER G 230 -19.70 -40.62 -56.09
N ARG G 231 -19.94 -41.86 -55.66
CA ARG G 231 -21.15 -42.53 -56.11
C ARG G 231 -22.35 -41.85 -55.51
N LYS G 232 -22.26 -41.55 -54.21
CA LYS G 232 -23.36 -40.91 -53.50
C LYS G 232 -23.80 -39.63 -54.21
N GLU G 233 -22.84 -38.91 -54.81
CA GLU G 233 -23.14 -37.70 -55.55
C GLU G 233 -23.86 -37.98 -56.88
N ALA G 234 -23.33 -38.93 -57.64
CA ALA G 234 -23.87 -39.28 -58.94
C ALA G 234 -25.27 -39.85 -58.87
N GLU G 235 -25.55 -40.63 -57.84
CA GLU G 235 -26.87 -41.22 -57.68
C GLU G 235 -27.90 -40.22 -57.13
N SER G 236 -27.43 -39.20 -56.41
CA SER G 236 -28.32 -38.17 -55.84
C SER G 236 -28.74 -37.16 -56.88
N SER G 237 -27.89 -37.01 -57.90
CA SER G 237 -28.10 -36.10 -59.02
C SER G 237 -29.54 -36.10 -59.60
N PRO G 238 -30.03 -34.92 -60.00
CA PRO G 238 -31.37 -34.82 -60.55
C PRO G 238 -31.49 -35.44 -61.93
N PHE G 239 -30.38 -35.54 -62.66
CA PHE G 239 -30.40 -36.05 -64.04
C PHE G 239 -30.86 -37.49 -64.21
N VAL G 240 -30.62 -38.32 -63.18
CA VAL G 240 -30.98 -39.73 -63.25
C VAL G 240 -32.42 -40.03 -62.88
N GLU G 241 -33.07 -39.08 -62.20
CA GLU G 241 -34.43 -39.25 -61.67
C GLU G 241 -35.42 -40.02 -62.51
N ARG G 242 -35.80 -39.49 -63.66
CA ARG G 242 -36.81 -40.17 -64.45
C ARG G 242 -36.31 -41.45 -65.12
N LEU G 243 -35.10 -41.42 -65.67
CA LEU G 243 -34.52 -42.62 -66.31
C LEU G 243 -34.60 -43.81 -65.38
N LEU G 244 -34.28 -43.57 -64.10
CA LEU G 244 -34.35 -44.62 -63.10
C LEU G 244 -35.77 -45.09 -62.87
N LYS G 245 -36.67 -44.14 -62.64
CA LYS G 245 -38.09 -44.42 -62.41
C LYS G 245 -38.69 -45.18 -63.59
N LYS G 246 -38.23 -44.84 -64.80
CA LYS G 246 -38.73 -45.42 -66.04
C LYS G 246 -38.23 -46.87 -66.20
N GLY G 247 -37.20 -47.21 -65.43
CA GLY G 247 -36.64 -48.55 -65.47
C GLY G 247 -35.31 -48.69 -66.19
N TYR G 248 -34.73 -47.57 -66.63
CA TYR G 248 -33.45 -47.62 -67.32
C TYR G 248 -32.30 -47.76 -66.33
N GLU G 249 -31.15 -48.20 -66.83
CA GLU G 249 -29.96 -48.38 -66.02
C GLU G 249 -28.96 -47.25 -66.30
N VAL G 250 -28.36 -46.70 -65.25
CA VAL G 250 -27.41 -45.60 -65.42
C VAL G 250 -26.03 -45.95 -64.82
N ILE G 251 -24.98 -45.77 -65.62
CA ILE G 251 -23.61 -46.03 -65.17
C ILE G 251 -23.10 -44.83 -64.37
N TYR G 252 -22.48 -45.06 -63.23
CA TYR G 252 -21.93 -43.97 -62.45
C TYR G 252 -20.43 -43.96 -62.58
N LEU G 253 -19.91 -42.82 -63.00
CA LEU G 253 -18.49 -42.62 -63.12
C LEU G 253 -18.01 -41.78 -61.93
N THR G 254 -17.19 -42.35 -61.06
CA THR G 254 -16.74 -41.63 -59.87
C THR G 254 -15.23 -41.34 -59.88
N GLU G 255 -14.56 -41.64 -60.99
CA GLU G 255 -13.13 -41.38 -61.08
C GLU G 255 -12.87 -40.16 -61.95
N PRO G 256 -11.73 -39.47 -61.71
CA PRO G 256 -11.39 -38.29 -62.50
C PRO G 256 -11.22 -38.63 -63.98
N VAL G 257 -10.56 -39.75 -64.25
CA VAL G 257 -10.29 -40.17 -65.63
C VAL G 257 -11.51 -40.79 -66.32
N ASP G 258 -12.51 -41.23 -65.55
CA ASP G 258 -13.71 -41.88 -66.09
C ASP G 258 -14.47 -41.22 -67.24
N GLU G 259 -14.77 -39.92 -67.12
CA GLU G 259 -15.50 -39.25 -68.19
C GLU G 259 -14.64 -39.06 -69.45
N TYR G 260 -13.33 -38.88 -69.27
CA TYR G 260 -12.42 -38.72 -70.41
C TYR G 260 -12.31 -40.01 -71.18
N CYS G 261 -12.45 -41.11 -70.43
CA CYS G 261 -12.44 -42.47 -70.96
C CYS G 261 -13.65 -42.67 -71.87
N ILE G 262 -14.83 -42.70 -71.26
CA ILE G 262 -16.11 -42.86 -71.96
C ILE G 262 -16.28 -41.89 -73.12
N GLN G 263 -15.66 -40.73 -72.99
CA GLN G 263 -15.73 -39.72 -74.03
C GLN G 263 -14.94 -40.17 -75.27
N ALA G 264 -13.78 -40.78 -75.04
CA ALA G 264 -12.94 -41.22 -76.15
C ALA G 264 -13.41 -42.55 -76.79
N LEU G 265 -14.61 -42.98 -76.44
CA LEU G 265 -15.20 -44.23 -76.89
C LEU G 265 -16.52 -43.94 -77.61
N PRO G 266 -16.47 -43.77 -78.95
CA PRO G 266 -17.63 -43.42 -79.82
C PRO G 266 -18.83 -44.35 -79.74
N GLU G 267 -18.61 -45.65 -79.99
CA GLU G 267 -19.66 -46.66 -79.93
C GLU G 267 -19.22 -47.85 -79.07
N PHE G 268 -20.18 -48.68 -78.71
CA PHE G 268 -19.92 -49.96 -78.04
C PHE G 268 -21.04 -50.92 -78.40
N ASP G 269 -20.68 -51.99 -79.13
CA ASP G 269 -21.63 -53.01 -79.57
C ASP G 269 -22.84 -52.32 -80.23
N GLY G 270 -22.55 -51.36 -81.11
CA GLY G 270 -23.58 -50.62 -81.84
C GLY G 270 -24.45 -49.71 -81.01
N LYS G 271 -23.98 -49.35 -79.81
CA LYS G 271 -24.73 -48.47 -78.92
C LYS G 271 -23.88 -47.24 -78.61
N ARG G 272 -24.43 -46.05 -78.81
CA ARG G 272 -23.71 -44.82 -78.51
C ARG G 272 -23.91 -44.51 -77.03
N PHE G 273 -22.98 -43.79 -76.42
CA PHE G 273 -23.09 -43.39 -75.01
C PHE G 273 -23.87 -42.09 -74.85
N GLN G 274 -24.40 -41.86 -73.65
CA GLN G 274 -25.19 -40.67 -73.41
C GLN G 274 -25.03 -40.22 -71.98
N ASN G 275 -24.56 -38.98 -71.81
CA ASN G 275 -24.37 -38.37 -70.51
C ASN G 275 -25.70 -37.83 -70.04
N VAL G 276 -26.24 -38.37 -68.95
CA VAL G 276 -27.55 -37.93 -68.44
C VAL G 276 -27.63 -36.46 -68.07
N ALA G 277 -26.47 -35.81 -67.97
CA ALA G 277 -26.39 -34.40 -67.64
C ALA G 277 -26.25 -33.47 -68.85
N LYS G 278 -26.39 -34.03 -70.05
CA LYS G 278 -26.32 -33.24 -71.29
C LYS G 278 -27.57 -33.46 -72.14
N GLU G 279 -27.73 -32.66 -73.19
CA GLU G 279 -28.87 -32.78 -74.08
C GLU G 279 -28.71 -34.04 -74.88
N GLY G 280 -29.80 -34.80 -75.01
CA GLY G 280 -29.76 -36.06 -75.79
C GLY G 280 -30.68 -37.19 -75.36
N VAL G 281 -31.27 -37.08 -74.17
CA VAL G 281 -32.17 -38.13 -73.66
C VAL G 281 -33.53 -38.10 -74.38
N LYS G 282 -33.96 -39.29 -74.81
CA LYS G 282 -35.23 -39.44 -75.52
C LYS G 282 -36.09 -40.45 -74.75
N PHE G 283 -37.39 -40.41 -75.04
CA PHE G 283 -38.35 -41.34 -74.47
C PHE G 283 -39.32 -41.60 -75.62
N ASP G 284 -39.08 -42.70 -76.34
CA ASP G 284 -39.88 -43.04 -77.55
C ASP G 284 -41.41 -42.87 -77.41
N GLU G 285 -41.99 -43.44 -76.36
CA GLU G 285 -43.43 -43.32 -76.05
C GLU G 285 -44.39 -43.66 -77.19
N SER G 286 -45.46 -42.89 -77.30
CA SER G 286 -46.44 -43.09 -78.35
C SER G 286 -46.92 -41.75 -78.92
N GLU G 287 -48.06 -41.78 -79.60
CA GLU G 287 -48.64 -40.57 -80.20
C GLU G 287 -49.43 -39.75 -79.20
N LYS G 288 -50.30 -40.41 -78.45
CA LYS G 288 -51.11 -39.75 -77.42
C LYS G 288 -50.23 -39.20 -76.31
N THR G 289 -49.04 -39.78 -76.13
CA THR G 289 -48.08 -39.32 -75.15
C THR G 289 -47.39 -38.08 -75.70
N LYS G 290 -47.03 -38.13 -76.98
CA LYS G 290 -46.39 -37.01 -77.66
C LYS G 290 -47.34 -35.81 -77.66
N GLU G 291 -48.63 -36.06 -77.95
CA GLU G 291 -49.67 -35.04 -77.95
C GLU G 291 -49.70 -34.25 -76.63
N SER G 292 -49.64 -34.97 -75.52
CA SER G 292 -49.67 -34.37 -74.18
C SER G 292 -48.49 -33.49 -73.90
N ARG G 293 -47.28 -34.02 -74.09
CA ARG G 293 -46.03 -33.29 -73.84
C ARG G 293 -45.92 -32.01 -74.67
N GLU G 294 -46.21 -32.13 -75.97
CA GLU G 294 -46.19 -31.00 -76.88
C GLU G 294 -47.23 -29.96 -76.48
N ALA G 295 -48.37 -30.42 -75.94
CA ALA G 295 -49.44 -29.53 -75.47
C ALA G 295 -49.04 -28.85 -74.16
N ILE G 296 -48.12 -29.47 -73.43
CA ILE G 296 -47.61 -28.91 -72.18
C ILE G 296 -46.59 -27.82 -72.54
N GLU G 297 -45.79 -28.08 -73.57
CA GLU G 297 -44.78 -27.11 -74.04
C GLU G 297 -45.38 -25.82 -74.59
N LYS G 298 -46.61 -25.90 -75.08
CA LYS G 298 -47.33 -24.72 -75.50
C LYS G 298 -47.78 -23.95 -74.27
N GLU G 299 -48.13 -24.67 -73.21
CA GLU G 299 -48.63 -24.06 -71.98
C GLU G 299 -47.60 -23.25 -71.21
N PHE G 300 -46.39 -23.80 -71.06
CA PHE G 300 -45.32 -23.15 -70.32
C PHE G 300 -44.49 -22.12 -71.11
N GLU G 301 -44.73 -22.02 -72.41
CA GLU G 301 -43.99 -21.08 -73.27
C GLU G 301 -43.81 -19.63 -72.77
N PRO G 302 -44.85 -18.99 -72.17
CA PRO G 302 -44.60 -17.63 -71.67
C PRO G 302 -43.70 -17.58 -70.43
N LEU G 303 -43.58 -18.70 -69.72
CA LEU G 303 -42.73 -18.78 -68.53
C LEU G 303 -41.29 -19.09 -68.97
N LEU G 304 -41.17 -19.81 -70.08
CA LEU G 304 -39.87 -20.14 -70.67
C LEU G 304 -39.22 -18.94 -71.32
N ASN G 305 -40.04 -18.10 -71.95
CA ASN G 305 -39.56 -16.87 -72.56
C ASN G 305 -39.29 -15.84 -71.49
N TRP G 306 -40.00 -15.95 -70.37
CA TRP G 306 -39.83 -15.04 -69.25
C TRP G 306 -38.48 -15.23 -68.58
N MET G 307 -38.06 -16.48 -68.47
CA MET G 307 -36.78 -16.80 -67.90
C MET G 307 -35.65 -16.41 -68.84
N LYS G 308 -35.82 -16.72 -70.11
CA LYS G 308 -34.82 -16.41 -71.13
C LYS G 308 -34.65 -14.91 -71.39
N ASP G 309 -35.75 -14.16 -71.44
CA ASP G 309 -35.69 -12.74 -71.76
C ASP G 309 -35.61 -11.78 -70.58
N LYS G 310 -35.97 -12.22 -69.38
CA LYS G 310 -35.92 -11.33 -68.24
C LYS G 310 -35.24 -11.84 -66.96
N ALA G 311 -35.97 -12.63 -66.16
CA ALA G 311 -35.46 -13.17 -64.88
C ALA G 311 -34.06 -13.76 -64.92
N LEU G 312 -33.71 -14.44 -66.00
CA LEU G 312 -32.38 -14.99 -66.13
C LEU G 312 -31.72 -14.55 -67.44
N LYS G 313 -31.90 -13.29 -67.83
CA LYS G 313 -31.32 -12.85 -69.10
C LYS G 313 -29.82 -12.82 -68.96
N ASP G 314 -29.13 -13.35 -69.97
CA ASP G 314 -27.67 -13.44 -70.02
C ASP G 314 -27.08 -14.42 -69.01
N LYS G 315 -27.92 -15.28 -68.44
CA LYS G 315 -27.50 -16.27 -67.45
C LYS G 315 -27.63 -17.69 -68.03
N ILE G 316 -28.74 -17.94 -68.73
CA ILE G 316 -29.00 -19.22 -69.35
C ILE G 316 -29.06 -19.07 -70.85
N GLU G 317 -29.00 -20.17 -71.57
CA GLU G 317 -29.06 -20.08 -73.01
C GLU G 317 -30.50 -20.14 -73.49
N LYS G 318 -31.29 -21.01 -72.86
CA LYS G 318 -32.70 -21.17 -73.15
C LYS G 318 -33.37 -21.93 -72.00
N ALA G 319 -34.68 -21.79 -71.90
CA ALA G 319 -35.42 -22.48 -70.86
C ALA G 319 -36.34 -23.45 -71.58
N VAL G 320 -36.30 -24.73 -71.16
CA VAL G 320 -37.15 -25.76 -71.77
C VAL G 320 -37.87 -26.62 -70.71
N VAL G 321 -38.85 -27.40 -71.18
CA VAL G 321 -39.60 -28.31 -70.34
C VAL G 321 -38.82 -29.61 -70.21
N SER G 322 -38.38 -29.91 -69.00
CA SER G 322 -37.59 -31.11 -68.75
C SER G 322 -38.34 -32.43 -68.83
N GLN G 323 -37.68 -33.43 -69.38
CA GLN G 323 -38.27 -34.75 -69.47
C GLN G 323 -37.52 -35.74 -68.62
N ARG G 324 -36.41 -35.30 -68.02
CA ARG G 324 -35.59 -36.20 -67.23
C ARG G 324 -35.81 -36.12 -65.72
N LEU G 325 -36.67 -35.20 -65.30
CA LEU G 325 -36.87 -34.98 -63.87
C LEU G 325 -38.07 -35.67 -63.24
N THR G 326 -37.90 -36.12 -62.00
CA THR G 326 -39.00 -36.73 -61.25
C THR G 326 -39.45 -35.77 -60.16
N GLU G 327 -38.65 -35.66 -59.09
CA GLU G 327 -39.02 -34.79 -57.97
C GLU G 327 -38.28 -33.47 -57.85
N SER G 328 -37.29 -33.25 -58.71
CA SER G 328 -36.55 -32.01 -58.70
C SER G 328 -37.30 -30.97 -59.51
N PRO G 329 -37.29 -29.71 -59.04
CA PRO G 329 -37.92 -28.61 -59.74
C PRO G 329 -37.22 -28.26 -61.06
N CYS G 330 -35.90 -28.15 -61.04
CA CYS G 330 -35.15 -27.78 -62.23
C CYS G 330 -33.68 -28.24 -62.19
N ALA G 331 -33.01 -28.16 -63.34
CA ALA G 331 -31.61 -28.54 -63.45
C ALA G 331 -30.97 -27.92 -64.69
N LEU G 332 -29.66 -27.72 -64.63
CA LEU G 332 -28.87 -27.16 -65.73
C LEU G 332 -28.36 -28.26 -66.62
N VAL G 333 -28.60 -28.15 -67.90
CA VAL G 333 -28.17 -29.17 -68.82
C VAL G 333 -27.19 -28.60 -69.86
N ALA G 334 -26.00 -29.21 -69.94
CA ALA G 334 -24.98 -28.76 -70.88
C ALA G 334 -25.30 -29.22 -72.28
N SER G 335 -24.67 -28.61 -73.28
CA SER G 335 -24.90 -29.03 -74.67
C SER G 335 -24.27 -30.41 -74.90
N GLN G 336 -24.61 -31.02 -76.04
CA GLN G 336 -24.12 -32.37 -76.34
C GLN G 336 -22.61 -32.57 -76.22
N TYR G 337 -21.83 -31.64 -76.77
CA TYR G 337 -20.38 -31.81 -76.72
C TYR G 337 -19.78 -30.69 -75.88
N GLY G 338 -20.60 -30.12 -75.00
CA GLY G 338 -20.14 -29.07 -74.08
C GLY G 338 -19.55 -29.69 -72.81
N TRP G 339 -19.30 -28.86 -71.80
CA TRP G 339 -18.75 -29.36 -70.55
C TRP G 339 -19.80 -29.62 -69.51
N SER G 340 -19.82 -30.85 -69.00
CA SER G 340 -20.76 -31.25 -67.97
C SER G 340 -20.30 -30.61 -66.70
N GLY G 341 -21.09 -30.75 -65.65
CA GLY G 341 -20.71 -30.20 -64.35
C GLY G 341 -19.37 -30.77 -63.87
N ASN G 342 -19.26 -32.10 -63.98
CA ASN G 342 -18.05 -32.83 -63.59
C ASN G 342 -16.84 -32.36 -64.42
N MET G 343 -17.01 -32.32 -65.73
CA MET G 343 -16.00 -31.83 -66.65
C MET G 343 -15.50 -30.48 -66.27
N GLU G 344 -16.44 -29.59 -65.94
CA GLU G 344 -16.10 -28.23 -65.58
C GLU G 344 -15.17 -28.23 -64.38
N ARG G 345 -15.54 -28.97 -63.33
CA ARG G 345 -14.74 -29.02 -62.11
C ARG G 345 -13.33 -29.54 -62.34
N ILE G 346 -13.23 -30.63 -63.09
CA ILE G 346 -11.94 -31.24 -63.39
C ILE G 346 -11.08 -30.32 -64.23
N MET G 347 -11.67 -29.71 -65.23
CA MET G 347 -10.94 -28.82 -66.12
C MET G 347 -10.41 -27.60 -65.37
N LYS G 348 -11.27 -26.98 -64.57
CA LYS G 348 -10.90 -25.80 -63.78
C LYS G 348 -9.80 -26.08 -62.76
N ALA G 349 -9.88 -27.25 -62.13
CA ALA G 349 -8.91 -27.65 -61.12
C ALA G 349 -7.52 -27.82 -61.71
N GLN G 350 -7.44 -28.58 -62.79
CA GLN G 350 -6.18 -28.85 -63.48
C GLN G 350 -5.60 -27.59 -64.11
N ALA G 351 -6.51 -26.71 -64.54
CA ALA G 351 -6.13 -25.44 -65.15
C ALA G 351 -5.60 -24.46 -64.10
N TYR G 352 -5.92 -24.74 -62.84
CA TYR G 352 -5.49 -23.92 -61.71
C TYR G 352 -4.20 -24.47 -61.11
N GLN G 353 -4.17 -25.79 -60.92
CA GLN G 353 -2.99 -26.46 -60.38
C GLN G 353 -1.84 -26.39 -61.38
N THR G 354 -2.15 -26.38 -62.67
CA THR G 354 -1.10 -26.36 -63.71
C THR G 354 -1.20 -25.22 -64.75
N GLY G 355 -2.29 -25.20 -65.52
CA GLY G 355 -2.54 -24.22 -66.59
C GLY G 355 -2.51 -22.74 -66.24
N LYS G 356 -2.78 -21.90 -67.24
CA LYS G 356 -2.77 -20.45 -67.05
C LYS G 356 -4.15 -19.80 -67.27
N ASP G 357 -5.07 -20.13 -66.37
CA ASP G 357 -6.44 -19.57 -66.36
C ASP G 357 -7.24 -19.61 -67.66
N ILE G 358 -7.81 -20.77 -67.96
CA ILE G 358 -8.67 -20.94 -69.12
C ILE G 358 -10.04 -20.39 -68.74
N SER G 359 -10.09 -19.06 -68.52
CA SER G 359 -11.30 -18.34 -68.14
C SER G 359 -12.08 -17.99 -69.41
N THR G 360 -11.38 -17.35 -70.35
CA THR G 360 -11.96 -17.03 -71.63
C THR G 360 -11.60 -18.16 -72.62
N ASN G 361 -12.12 -19.36 -72.35
CA ASN G 361 -11.91 -20.52 -73.22
C ASN G 361 -13.04 -20.52 -74.22
N TYR G 362 -13.97 -21.46 -74.11
CA TYR G 362 -15.07 -21.53 -75.06
C TYR G 362 -16.26 -22.10 -74.36
N TYR G 363 -16.32 -23.43 -74.33
CA TYR G 363 -17.39 -24.10 -73.63
C TYR G 363 -17.03 -24.31 -72.14
N ALA G 364 -16.27 -23.33 -71.65
CA ALA G 364 -15.88 -23.22 -70.26
C ALA G 364 -16.80 -22.17 -69.65
N SER G 365 -16.99 -21.09 -70.39
CA SER G 365 -17.86 -20.00 -69.97
C SER G 365 -19.11 -19.91 -70.84
N GLN G 366 -19.71 -21.05 -71.19
CA GLN G 366 -20.93 -21.04 -71.98
C GLN G 366 -22.13 -21.23 -71.04
N LYS G 367 -23.25 -20.62 -71.40
CA LYS G 367 -24.47 -20.70 -70.64
C LYS G 367 -25.12 -22.08 -70.84
N LYS G 368 -25.77 -22.59 -69.81
CA LYS G 368 -26.39 -23.91 -69.90
C LYS G 368 -27.87 -23.81 -70.27
N THR G 369 -28.48 -24.93 -70.59
CA THR G 369 -29.89 -24.95 -70.89
C THR G 369 -30.58 -25.20 -69.55
N PHE G 370 -31.53 -24.34 -69.21
CA PHE G 370 -32.25 -24.45 -67.95
C PHE G 370 -33.55 -25.27 -68.15
N GLU G 371 -33.60 -26.44 -67.53
CA GLU G 371 -34.73 -27.32 -67.66
C GLU G 371 -35.64 -27.33 -66.45
N ILE G 372 -36.92 -27.07 -66.66
CA ILE G 372 -37.88 -27.09 -65.57
C ILE G 372 -38.85 -28.29 -65.61
N ASN G 373 -39.22 -28.77 -64.44
CA ASN G 373 -40.15 -29.87 -64.29
C ASN G 373 -41.55 -29.30 -64.39
N PRO G 374 -42.29 -29.67 -65.45
CA PRO G 374 -43.62 -29.15 -65.73
C PRO G 374 -44.64 -29.51 -64.67
N ARG G 375 -44.29 -30.47 -63.84
CA ARG G 375 -45.20 -30.93 -62.83
C ARG G 375 -44.64 -30.71 -61.43
N HIS G 376 -44.10 -29.54 -61.18
CA HIS G 376 -43.64 -29.29 -59.83
C HIS G 376 -44.43 -28.12 -59.30
N PRO G 377 -44.96 -28.25 -58.07
CA PRO G 377 -45.79 -27.23 -57.42
C PRO G 377 -45.21 -25.83 -57.51
N LEU G 378 -43.89 -25.73 -57.41
CA LEU G 378 -43.20 -24.46 -57.47
C LEU G 378 -43.19 -23.94 -58.90
N ILE G 379 -42.90 -24.82 -59.86
CA ILE G 379 -42.87 -24.41 -61.26
C ILE G 379 -44.27 -24.00 -61.71
N LYS G 380 -45.28 -24.73 -61.26
CA LYS G 380 -46.67 -24.42 -61.63
C LYS G 380 -47.16 -23.07 -61.11
N ASP G 381 -46.72 -22.69 -59.90
CA ASP G 381 -47.08 -21.39 -59.33
C ASP G 381 -46.38 -20.31 -60.07
N MET G 382 -45.19 -20.65 -60.55
CA MET G 382 -44.35 -19.70 -61.27
C MET G 382 -45.03 -19.36 -62.59
N LEU G 383 -45.52 -20.39 -63.29
CA LEU G 383 -46.25 -20.19 -64.55
C LEU G 383 -47.48 -19.30 -64.36
N ARG G 384 -48.27 -19.61 -63.34
CA ARG G 384 -49.46 -18.84 -63.04
C ARG G 384 -49.16 -17.39 -62.65
N ARG G 385 -48.15 -17.21 -61.79
CA ARG G 385 -47.82 -15.87 -61.28
C ARG G 385 -47.21 -14.98 -62.35
N VAL G 386 -46.62 -15.61 -63.38
CA VAL G 386 -46.03 -14.88 -64.51
C VAL G 386 -47.08 -14.42 -65.53
N LYS G 387 -48.07 -15.27 -65.80
CA LYS G 387 -49.15 -14.90 -66.73
C LYS G 387 -50.03 -13.74 -66.22
N GLU G 388 -50.04 -13.55 -64.91
CA GLU G 388 -50.76 -12.45 -64.26
C GLU G 388 -49.83 -11.24 -64.20
N ASP G 389 -48.94 -11.23 -63.21
CA ASP G 389 -47.99 -10.15 -63.05
C ASP G 389 -46.65 -10.68 -63.53
N GLU G 390 -46.24 -10.21 -64.69
CA GLU G 390 -44.97 -10.62 -65.31
C GLU G 390 -43.76 -9.90 -64.70
N ASP G 391 -44.03 -8.77 -64.06
CA ASP G 391 -42.97 -8.00 -63.45
C ASP G 391 -43.06 -8.00 -61.92
N ASP G 392 -43.48 -9.13 -61.38
CA ASP G 392 -43.56 -9.31 -59.96
C ASP G 392 -42.13 -9.62 -59.55
N LYS G 393 -41.49 -8.69 -58.84
CA LYS G 393 -40.10 -8.89 -58.42
C LYS G 393 -39.90 -10.10 -57.50
N THR G 394 -40.93 -10.42 -56.72
CA THR G 394 -40.86 -11.57 -55.83
C THR G 394 -40.55 -12.85 -56.63
N VAL G 395 -41.27 -13.03 -57.74
CA VAL G 395 -41.07 -14.20 -58.60
C VAL G 395 -39.74 -14.09 -59.30
N SER G 396 -39.44 -12.89 -59.76
CA SER G 396 -38.22 -12.66 -60.48
C SER G 396 -37.05 -13.01 -59.58
N ASP G 397 -37.09 -12.58 -58.32
CA ASP G 397 -36.01 -12.83 -57.35
C ASP G 397 -35.95 -14.28 -56.92
N LEU G 398 -37.10 -14.93 -56.87
CA LEU G 398 -37.17 -16.33 -56.51
C LEU G 398 -36.55 -17.20 -57.60
N ALA G 399 -36.87 -16.89 -58.85
CA ALA G 399 -36.36 -17.64 -60.00
C ALA G 399 -34.85 -17.62 -60.10
N VAL G 400 -34.21 -16.63 -59.47
CA VAL G 400 -32.76 -16.56 -59.47
C VAL G 400 -32.23 -17.50 -58.37
N VAL G 401 -32.80 -17.42 -57.18
CA VAL G 401 -32.41 -18.29 -56.06
C VAL G 401 -32.58 -19.74 -56.46
N LEU G 402 -33.65 -20.01 -57.18
CA LEU G 402 -33.94 -21.33 -57.65
C LEU G 402 -32.92 -21.74 -58.70
N PHE G 403 -32.53 -20.80 -59.56
CA PHE G 403 -31.58 -21.08 -60.61
C PHE G 403 -30.21 -21.32 -60.05
N GLU G 404 -29.85 -20.56 -59.04
CA GLU G 404 -28.53 -20.72 -58.44
C GLU G 404 -28.43 -21.99 -57.64
N THR G 405 -29.53 -22.39 -56.99
CA THR G 405 -29.54 -23.62 -56.21
C THR G 405 -29.42 -24.78 -57.20
N ALA G 406 -30.09 -24.64 -58.34
CA ALA G 406 -30.01 -25.64 -59.40
C ALA G 406 -28.60 -25.66 -60.01
N THR G 407 -27.91 -24.52 -59.96
CA THR G 407 -26.54 -24.44 -60.46
C THR G 407 -25.65 -25.35 -59.63
N LEU G 408 -25.85 -25.34 -58.31
CA LEU G 408 -25.09 -26.21 -57.42
C LEU G 408 -25.52 -27.66 -57.61
N ARG G 409 -26.82 -27.90 -57.65
CA ARG G 409 -27.32 -29.26 -57.78
C ARG G 409 -26.88 -29.92 -59.05
N SER G 410 -26.66 -29.13 -60.09
CA SER G 410 -26.25 -29.69 -61.38
C SER G 410 -24.75 -29.94 -61.42
N GLY G 411 -24.08 -29.60 -60.34
CA GLY G 411 -22.65 -29.84 -60.25
C GLY G 411 -21.80 -28.77 -60.86
N TYR G 412 -22.38 -27.60 -61.14
CA TYR G 412 -21.62 -26.48 -61.68
C TYR G 412 -21.12 -25.57 -60.56
N LEU G 413 -20.07 -24.81 -60.87
CA LEU G 413 -19.51 -23.87 -59.91
C LEU G 413 -20.32 -22.62 -59.85
N LEU G 414 -20.50 -22.14 -58.63
CA LEU G 414 -21.26 -20.94 -58.40
C LEU G 414 -20.32 -19.75 -58.60
N PRO G 415 -20.67 -18.85 -59.55
CA PRO G 415 -19.90 -17.64 -59.93
C PRO G 415 -19.52 -16.69 -58.80
N ASP G 416 -20.52 -16.28 -58.01
CA ASP G 416 -20.33 -15.31 -56.94
C ASP G 416 -21.09 -15.76 -55.68
N THR G 417 -20.42 -16.52 -54.81
CA THR G 417 -21.05 -17.05 -53.61
C THR G 417 -21.43 -15.94 -52.62
N LYS G 418 -20.79 -14.79 -52.75
CA LYS G 418 -21.07 -13.64 -51.91
C LYS G 418 -22.49 -13.16 -52.20
N ALA G 419 -22.80 -13.06 -53.49
CA ALA G 419 -24.11 -12.61 -53.95
C ALA G 419 -25.20 -13.60 -53.56
N TYR G 420 -24.95 -14.87 -53.83
CA TYR G 420 -25.88 -15.96 -53.55
C TYR G 420 -26.26 -16.00 -52.08
N GLY G 421 -25.28 -15.89 -51.20
CA GLY G 421 -25.53 -15.92 -49.77
C GLY G 421 -26.42 -14.77 -49.37
N ASP G 422 -26.20 -13.63 -50.00
CA ASP G 422 -26.98 -12.44 -49.73
C ASP G 422 -28.41 -12.61 -50.18
N ARG G 423 -28.63 -13.32 -51.28
CA ARG G 423 -30.01 -13.55 -51.74
C ARG G 423 -30.74 -14.51 -50.83
N ILE G 424 -30.05 -15.52 -50.32
CA ILE G 424 -30.68 -16.45 -49.40
C ILE G 424 -30.99 -15.65 -48.16
N GLU G 425 -30.03 -14.83 -47.71
CA GLU G 425 -30.20 -13.99 -46.51
C GLU G 425 -31.43 -13.11 -46.65
N ARG G 426 -31.60 -12.52 -47.84
CA ARG G 426 -32.73 -11.62 -48.08
C ARG G 426 -34.06 -12.35 -47.93
N MET G 427 -34.09 -13.58 -48.42
CA MET G 427 -35.28 -14.39 -48.37
C MET G 427 -35.49 -14.99 -46.98
N LEU G 428 -34.41 -15.34 -46.31
CA LEU G 428 -34.48 -15.89 -44.95
C LEU G 428 -35.14 -14.88 -44.01
N ARG G 429 -34.80 -13.61 -44.21
CA ARG G 429 -35.34 -12.53 -43.38
C ARG G 429 -36.81 -12.23 -43.67
N LEU G 430 -37.33 -12.78 -44.76
CA LEU G 430 -38.76 -12.65 -45.05
C LEU G 430 -39.49 -13.68 -44.19
N SER G 431 -38.88 -14.86 -44.05
CA SER G 431 -39.42 -15.94 -43.23
C SER G 431 -39.22 -15.69 -41.73
N LEU G 432 -39.06 -14.43 -41.37
CA LEU G 432 -38.92 -14.02 -39.99
C LEU G 432 -39.69 -12.72 -39.86
N ASN G 433 -39.36 -11.77 -40.74
CA ASN G 433 -39.98 -10.44 -40.90
C ASN G 433 -38.93 -9.35 -41.20
N ILE G 434 -37.81 -9.39 -40.47
CA ILE G 434 -36.68 -8.44 -40.60
C ILE G 434 -36.56 -7.74 -41.96
N ASP G 435 -36.91 -6.44 -41.97
CA ASP G 435 -36.87 -5.55 -43.15
C ASP G 435 -35.62 -5.77 -44.04
N PRO G 436 -35.80 -6.45 -45.19
CA PRO G 436 -34.72 -6.82 -46.11
C PRO G 436 -33.65 -5.74 -46.38
N ASP G 437 -33.96 -4.79 -47.25
CA ASP G 437 -33.02 -3.73 -47.59
C ASP G 437 -32.70 -2.82 -46.40
N ALA G 438 -33.76 -2.31 -45.77
CA ALA G 438 -33.63 -1.34 -44.66
C ALA G 438 -33.38 -1.89 -43.23
N LYS G 439 -32.58 -2.96 -43.12
CA LYS G 439 -32.16 -3.52 -41.82
C LYS G 439 -30.74 -4.07 -41.87
N VAL G 440 -30.40 -4.74 -42.98
CA VAL G 440 -29.06 -5.31 -43.19
C VAL G 440 -28.06 -4.16 -43.18
N GLU G 441 -28.59 -2.94 -43.15
CA GLU G 441 -27.78 -1.77 -43.05
C GLU G 441 -27.67 -1.45 -41.56
N GLU G 442 -28.83 -1.24 -40.94
CA GLU G 442 -28.97 -0.76 -39.53
C GLU G 442 -28.06 -1.31 -38.39
N GLU G 443 -28.40 -2.49 -37.87
CA GLU G 443 -27.60 -3.06 -36.79
C GLU G 443 -26.19 -3.43 -37.23
N PRO G 444 -26.02 -3.94 -38.48
CA PRO G 444 -24.69 -4.20 -38.99
C PRO G 444 -23.83 -2.93 -39.13
N GLU G 445 -24.43 -1.77 -38.81
CA GLU G 445 -23.71 -0.51 -38.85
C GLU G 445 -23.99 0.25 -37.53
N GLU G 446 -24.18 -0.51 -36.45
CA GLU G 446 -24.32 0.07 -35.12
C GLU G 446 -22.97 -0.11 -34.42
N GLU G 447 -22.03 -0.65 -35.18
CA GLU G 447 -20.66 -0.91 -34.75
C GLU G 447 -19.81 0.32 -34.42
N PRO G 448 -20.05 1.50 -35.06
CA PRO G 448 -19.27 2.70 -34.69
C PRO G 448 -19.24 3.01 -33.19
N GLU G 449 -20.10 2.34 -32.44
CA GLU G 449 -20.14 2.49 -30.99
C GLU G 449 -18.98 1.75 -30.33
N GLU G 450 -18.69 0.56 -30.88
CA GLU G 450 -17.62 -0.32 -30.40
C GLU G 450 -16.25 0.34 -30.46
N LYS H 25 39.09 -15.79 33.70
CA LYS H 25 37.80 -15.33 33.13
C LYS H 25 36.96 -14.69 34.23
N PRO H 26 36.69 -13.38 34.11
CA PRO H 26 35.91 -12.64 35.09
C PRO H 26 34.54 -13.28 35.33
N ILE H 27 34.05 -13.17 36.56
CA ILE H 27 32.75 -13.75 36.96
C ILE H 27 31.60 -13.30 36.04
N TRP H 28 31.63 -12.04 35.62
CA TRP H 28 30.58 -11.49 34.76
C TRP H 28 30.63 -11.85 33.27
N GLN H 29 31.74 -12.44 32.83
CA GLN H 29 31.91 -12.79 31.41
C GLN H 29 31.48 -14.21 31.04
N ARG H 30 31.28 -15.05 32.05
CA ARG H 30 30.83 -16.42 31.89
C ARG H 30 29.30 -16.46 31.72
N PRO H 31 28.77 -17.50 31.06
CA PRO H 31 27.32 -17.63 30.88
C PRO H 31 26.56 -17.67 32.22
N SER H 32 25.33 -17.16 32.21
CA SER H 32 24.49 -17.08 33.39
C SER H 32 24.25 -18.42 34.07
N LYS H 33 24.00 -19.43 33.24
CA LYS H 33 23.68 -20.78 33.70
C LYS H 33 24.88 -21.57 34.21
N GLU H 34 26.09 -21.10 33.95
CA GLU H 34 27.30 -21.83 34.36
C GLU H 34 27.91 -21.40 35.69
N VAL H 35 27.43 -20.29 36.25
CA VAL H 35 28.00 -19.80 37.50
C VAL H 35 27.24 -20.32 38.72
N GLU H 36 28.00 -20.82 39.70
CA GLU H 36 27.45 -21.34 40.94
C GLU H 36 26.84 -20.24 41.78
N ASP H 37 25.83 -20.60 42.56
CA ASP H 37 25.15 -19.67 43.48
C ASP H 37 26.12 -19.16 44.55
N ASP H 38 27.04 -20.03 44.96
CA ASP H 38 28.03 -19.72 45.98
C ASP H 38 29.04 -18.69 45.50
N GLU H 39 29.48 -18.82 44.25
CA GLU H 39 30.47 -17.93 43.64
C GLU H 39 30.00 -16.48 43.51
N TYR H 40 28.70 -16.29 43.28
CA TYR H 40 28.11 -14.96 43.22
C TYR H 40 28.18 -14.36 44.61
N LYS H 41 27.77 -15.15 45.60
CA LYS H 41 27.77 -14.74 47.01
C LYS H 41 29.17 -14.40 47.52
N ALA H 42 30.17 -15.10 46.98
CA ALA H 42 31.56 -14.86 47.34
C ALA H 42 32.08 -13.60 46.66
N PHE H 43 31.61 -13.36 45.44
CA PHE H 43 31.99 -12.19 44.64
C PHE H 43 31.51 -10.87 45.24
N TYR H 44 30.33 -10.89 45.85
CA TYR H 44 29.73 -9.70 46.48
C TYR H 44 30.58 -9.18 47.65
N LYS H 45 31.06 -10.11 48.46
CA LYS H 45 31.86 -9.78 49.63
C LYS H 45 33.26 -9.25 49.28
N SER H 46 33.75 -9.60 48.10
CA SER H 46 35.09 -9.22 47.66
C SER H 46 35.34 -7.71 47.54
N PHE H 47 34.32 -6.94 47.21
CA PHE H 47 34.50 -5.50 47.06
C PHE H 47 33.73 -4.65 48.08
N SER H 48 33.31 -5.28 49.17
CA SER H 48 32.56 -4.57 50.20
C SER H 48 32.78 -5.06 51.64
N LYS H 49 33.55 -6.14 51.81
CA LYS H 49 33.79 -6.76 53.13
C LYS H 49 32.47 -7.11 53.84
N GLU H 50 32.36 -6.80 55.14
CA GLU H 50 31.15 -7.05 55.96
C GLU H 50 30.86 -8.52 56.30
N SER H 51 31.42 -9.42 55.47
CA SER H 51 31.33 -10.88 55.59
C SER H 51 29.90 -11.49 55.63
N ASP H 52 28.95 -10.86 54.93
CA ASP H 52 27.57 -11.38 54.89
C ASP H 52 26.93 -11.29 53.50
N ASP H 53 25.99 -12.21 53.24
CA ASP H 53 25.30 -12.36 51.96
C ASP H 53 24.44 -11.16 51.48
N PRO H 54 24.32 -11.00 50.14
CA PRO H 54 23.45 -9.96 49.60
C PRO H 54 22.00 -10.46 49.62
N MET H 55 21.04 -9.58 49.40
CA MET H 55 19.64 -9.97 49.42
C MET H 55 19.23 -10.68 48.13
N ALA H 56 19.82 -10.25 47.01
CA ALA H 56 19.57 -10.82 45.69
C ALA H 56 20.58 -10.33 44.68
N TYR H 57 20.50 -10.88 43.47
CA TYR H 57 21.39 -10.52 42.39
C TYR H 57 20.87 -11.05 41.07
N ILE H 58 21.26 -10.39 39.98
CA ILE H 58 20.95 -10.87 38.64
C ILE H 58 22.17 -10.69 37.74
N HIS H 59 22.45 -11.73 36.97
CA HIS H 59 23.55 -11.69 36.02
C HIS H 59 22.92 -11.67 34.64
N PHE H 60 23.17 -10.59 33.89
CA PHE H 60 22.59 -10.48 32.57
C PHE H 60 23.56 -9.92 31.56
N THR H 61 23.26 -10.20 30.30
CA THR H 61 24.02 -9.67 29.19
C THR H 61 23.03 -8.87 28.34
N ALA H 62 23.44 -7.70 27.87
CA ALA H 62 22.57 -6.83 27.08
C ALA H 62 22.82 -6.90 25.59
N GLU H 63 21.72 -6.89 24.84
CA GLU H 63 21.77 -6.94 23.40
C GLU H 63 21.09 -5.71 22.81
N GLY H 64 21.39 -5.45 21.54
CA GLY H 64 20.77 -4.34 20.80
C GLY H 64 21.66 -3.20 20.40
N GLU H 65 21.26 -2.01 20.83
CA GLU H 65 21.96 -0.77 20.54
C GLU H 65 23.34 -0.75 21.24
N VAL H 66 23.34 -1.05 22.53
CA VAL H 66 24.56 -1.13 23.32
C VAL H 66 24.71 -2.53 23.92
N THR H 67 25.88 -3.14 23.73
CA THR H 67 26.13 -4.47 24.28
C THR H 67 27.05 -4.35 25.49
N PHE H 68 26.75 -5.14 26.53
CA PHE H 68 27.56 -5.18 27.75
C PHE H 68 27.07 -6.28 28.67
N LYS H 69 27.97 -6.77 29.52
CA LYS H 69 27.60 -7.77 30.51
C LYS H 69 27.60 -7.12 31.88
N SER H 70 26.78 -7.63 32.81
CA SER H 70 26.69 -7.03 34.13
C SER H 70 26.16 -7.96 35.22
N ILE H 71 26.51 -7.63 36.46
CA ILE H 71 25.98 -8.33 37.64
C ILE H 71 25.63 -7.23 38.61
N LEU H 72 24.36 -7.17 39.01
CA LEU H 72 23.91 -6.14 39.95
C LEU H 72 23.43 -6.79 41.23
N PHE H 73 23.77 -6.17 42.37
CA PHE H 73 23.41 -6.71 43.69
C PHE H 73 22.52 -5.82 44.53
N VAL H 74 21.80 -6.45 45.44
CA VAL H 74 20.97 -5.76 46.40
C VAL H 74 21.49 -6.19 47.75
N PRO H 75 22.12 -5.27 48.49
CA PRO H 75 22.66 -5.56 49.82
C PRO H 75 21.53 -5.78 50.81
N THR H 76 21.87 -6.07 52.06
CA THR H 76 20.84 -6.26 53.09
C THR H 76 20.67 -5.04 54.00
N SER H 77 21.51 -4.02 53.79
CA SER H 77 21.46 -2.78 54.58
C SER H 77 21.96 -1.56 53.83
N ALA H 78 21.32 -0.41 54.07
CA ALA H 78 21.71 0.84 53.44
C ALA H 78 23.01 1.43 54.03
N PRO H 79 23.03 1.57 55.36
CA PRO H 79 24.17 2.13 56.13
C PRO H 79 24.44 3.61 55.87
N TYR H 93 28.86 3.20 44.28
CA TYR H 93 29.68 2.00 44.27
C TYR H 93 29.41 1.00 43.13
N ILE H 94 29.66 1.43 41.90
CA ILE H 94 29.52 0.57 40.73
C ILE H 94 30.79 0.57 39.88
N LYS H 95 31.37 -0.62 39.75
CA LYS H 95 32.61 -0.82 39.01
C LYS H 95 32.38 -0.74 37.50
N LEU H 96 33.10 0.15 36.84
CA LEU H 96 33.00 0.34 35.40
C LEU H 96 34.19 -0.27 34.67
N TYR H 97 33.90 -1.07 33.65
CA TYR H 97 34.92 -1.72 32.84
C TYR H 97 34.66 -1.49 31.34
N VAL H 98 35.63 -0.93 30.63
CA VAL H 98 35.50 -0.69 29.19
C VAL H 98 36.41 -1.65 28.44
N ARG H 99 35.79 -2.53 27.65
CA ARG H 99 36.49 -3.59 26.91
C ARG H 99 37.37 -4.40 27.86
N ARG H 100 36.79 -4.73 29.02
CA ARG H 100 37.44 -5.51 30.05
C ARG H 100 38.62 -4.83 30.78
N VAL H 101 38.68 -3.50 30.74
CA VAL H 101 39.77 -2.79 31.44
C VAL H 101 39.18 -1.90 32.54
N PHE H 102 39.65 -2.09 33.78
CA PHE H 102 39.16 -1.32 34.93
C PHE H 102 39.34 0.18 34.74
N ILE H 103 38.23 0.90 34.76
CA ILE H 103 38.27 2.35 34.58
C ILE H 103 38.18 3.13 35.90
N THR H 104 37.12 2.86 36.65
CA THR H 104 36.88 3.55 37.92
C THR H 104 35.67 2.95 38.64
N ASP H 105 35.13 3.70 39.60
CA ASP H 105 33.93 3.34 40.38
C ASP H 105 33.37 4.60 41.10
N ASP H 106 33.95 5.74 40.76
CA ASP H 106 33.57 7.06 41.29
C ASP H 106 32.37 7.68 40.58
N PHE H 107 32.00 7.09 39.44
CA PHE H 107 30.85 7.53 38.64
C PHE H 107 29.60 7.36 39.48
N HIS H 108 29.17 8.47 40.07
CA HIS H 108 27.98 8.44 40.91
C HIS H 108 26.67 8.62 40.14
N ASP H 109 26.78 9.02 38.86
CA ASP H 109 25.61 9.18 38.00
C ASP H 109 25.29 7.91 37.18
N MET H 110 25.76 6.76 37.68
CA MET H 110 25.52 5.48 37.04
C MET H 110 24.10 5.02 37.29
N MET H 111 23.72 5.11 38.55
CA MET H 111 22.38 4.77 38.97
C MET H 111 21.70 6.07 39.31
N PRO H 112 20.36 6.12 39.14
CA PRO H 112 19.62 7.31 39.53
C PRO H 112 19.60 7.46 41.05
N LYS H 113 19.35 8.68 41.51
CA LYS H 113 19.33 9.01 42.93
C LYS H 113 18.84 7.87 43.83
N TYR H 114 17.63 7.39 43.60
CA TYR H 114 17.03 6.36 44.44
C TYR H 114 17.62 4.95 44.35
N LEU H 115 18.50 4.72 43.38
CA LEU H 115 19.11 3.40 43.27
C LEU H 115 20.60 3.44 43.61
N ASN H 116 20.97 4.38 44.47
CA ASN H 116 22.36 4.54 44.89
C ASN H 116 22.86 3.43 45.79
N PHE H 117 21.98 2.53 46.20
CA PHE H 117 22.35 1.42 47.07
C PHE H 117 22.79 0.20 46.29
N VAL H 118 22.47 0.19 45.01
CA VAL H 118 22.80 -0.94 44.14
C VAL H 118 24.29 -0.99 43.87
N LYS H 119 24.89 -2.14 44.18
CA LYS H 119 26.32 -2.37 43.97
C LYS H 119 26.51 -3.39 42.86
N GLY H 120 27.62 -3.29 42.14
CA GLY H 120 27.89 -4.24 41.06
C GLY H 120 28.94 -3.85 40.02
N VAL H 121 29.00 -4.64 38.95
CA VAL H 121 29.94 -4.45 37.85
C VAL H 121 29.25 -4.25 36.50
N VAL H 122 29.87 -3.43 35.65
CA VAL H 122 29.37 -3.17 34.31
C VAL H 122 30.55 -3.24 33.34
N ASP H 123 30.47 -4.16 32.37
CA ASP H 123 31.55 -4.34 31.41
C ASP H 123 31.12 -4.03 29.98
N SER H 124 31.23 -2.77 29.60
CA SER H 124 30.90 -2.32 28.26
C SER H 124 32.01 -2.67 27.27
N ASP H 125 31.69 -2.57 25.98
CA ASP H 125 32.66 -2.79 24.92
C ASP H 125 32.34 -1.88 23.73
N ASP H 126 31.62 -0.80 24.03
CA ASP H 126 31.19 0.18 23.03
C ASP H 126 31.74 1.58 23.34
N LEU H 127 31.84 1.90 24.62
CA LEU H 127 32.33 3.20 25.10
C LEU H 127 33.74 3.54 24.61
N PRO H 128 34.04 4.85 24.45
CA PRO H 128 35.39 5.26 24.04
C PRO H 128 36.43 5.03 25.14
N LEU H 129 37.32 4.08 24.88
CA LEU H 129 38.38 3.68 25.83
C LEU H 129 39.45 4.76 25.99
N ASN H 130 39.91 5.27 24.86
CA ASN H 130 40.98 6.26 24.83
C ASN H 130 40.50 7.72 24.90
N VAL H 131 39.75 8.03 25.96
CA VAL H 131 39.22 9.38 26.17
C VAL H 131 39.35 9.80 27.63
N SER H 132 38.81 10.97 27.96
CA SER H 132 38.86 11.51 29.31
C SER H 132 37.66 11.01 30.15
N ARG H 133 37.68 11.28 31.45
CA ARG H 133 36.59 10.94 32.39
C ARG H 133 35.43 11.93 32.34
N GLU H 134 35.71 13.15 31.87
CA GLU H 134 34.68 14.18 31.70
C GLU H 134 33.89 13.87 30.43
N THR H 135 34.62 13.50 29.38
CA THR H 135 34.08 13.13 28.06
C THR H 135 33.18 11.88 28.17
N LEU H 136 33.74 10.84 28.80
CA LEU H 136 33.08 9.55 28.98
C LEU H 136 31.79 9.58 29.83
N GLN H 137 31.75 10.47 30.82
CA GLN H 137 30.57 10.61 31.68
C GLN H 137 29.44 11.35 30.95
N GLN H 138 29.83 12.16 29.96
CA GLN H 138 28.88 12.94 29.15
C GLN H 138 28.63 12.37 27.75
N HIS H 139 28.87 11.08 27.56
CA HIS H 139 28.72 10.48 26.23
C HIS H 139 27.25 10.12 25.92
N LYS H 140 26.96 9.97 24.62
CA LYS H 140 25.62 9.64 24.13
C LYS H 140 25.11 8.30 24.65
N LEU H 141 25.98 7.29 24.63
CA LEU H 141 25.63 5.93 25.07
C LEU H 141 25.53 5.78 26.59
N LEU H 142 25.99 6.77 27.33
CA LEU H 142 25.98 6.71 28.79
C LEU H 142 24.55 6.71 29.33
N LYS H 143 23.74 7.65 28.84
CA LYS H 143 22.35 7.78 29.28
C LYS H 143 21.54 6.53 28.91
N VAL H 144 21.96 5.86 27.83
CA VAL H 144 21.32 4.65 27.36
C VAL H 144 21.54 3.49 28.32
N ILE H 145 22.82 3.25 28.67
CA ILE H 145 23.20 2.16 29.59
C ILE H 145 22.53 2.35 30.94
N ARG H 146 22.47 3.61 31.38
CA ARG H 146 21.83 3.94 32.64
C ARG H 146 20.41 3.40 32.73
N LYS H 147 19.62 3.62 31.68
CA LYS H 147 18.22 3.16 31.66
C LYS H 147 18.08 1.63 31.66
N LYS H 148 18.95 0.94 30.93
CA LYS H 148 18.91 -0.52 30.89
C LYS H 148 19.23 -1.13 32.25
N LEU H 149 20.14 -0.52 32.99
CA LEU H 149 20.51 -0.99 34.31
C LEU H 149 19.35 -0.90 35.26
N VAL H 150 18.61 0.21 35.19
CA VAL H 150 17.45 0.44 36.03
C VAL H 150 16.36 -0.60 35.75
N ARG H 151 16.03 -0.76 34.47
CA ARG H 151 14.99 -1.71 34.05
C ARG H 151 15.28 -3.16 34.47
N LYS H 152 16.56 -3.47 34.65
CA LYS H 152 16.94 -4.81 35.08
C LYS H 152 16.92 -4.90 36.60
N THR H 153 17.37 -3.83 37.25
CA THR H 153 17.40 -3.76 38.71
C THR H 153 16.00 -4.02 39.23
N LEU H 154 15.02 -3.41 38.57
CA LEU H 154 13.62 -3.54 38.93
C LEU H 154 13.06 -4.91 38.64
N ASP H 155 13.64 -5.61 37.67
CA ASP H 155 13.22 -6.97 37.36
C ASP H 155 13.69 -7.88 38.47
N MET H 156 14.90 -7.61 38.95
CA MET H 156 15.49 -8.37 40.02
C MET H 156 14.63 -8.24 41.26
N ILE H 157 14.30 -7.01 41.62
CA ILE H 157 13.47 -6.72 42.78
C ILE H 157 12.07 -7.33 42.64
N LYS H 158 11.53 -7.35 41.43
CA LYS H 158 10.20 -7.94 41.21
C LYS H 158 10.18 -9.41 41.60
N LYS H 159 11.34 -10.07 41.52
CA LYS H 159 11.45 -11.50 41.80
C LYS H 159 11.94 -11.89 43.21
N ILE H 160 11.84 -10.98 44.17
CA ILE H 160 12.31 -11.30 45.53
C ILE H 160 11.22 -12.04 46.30
N ALA H 161 11.14 -13.35 46.13
CA ALA H 161 10.15 -14.19 46.81
C ALA H 161 8.79 -13.50 47.02
N ASP H 162 8.31 -13.51 48.26
CA ASP H 162 7.05 -12.85 48.64
C ASP H 162 7.08 -12.53 50.12
N GLU H 163 7.26 -13.58 50.93
CA GLU H 163 7.36 -13.44 52.38
C GLU H 163 8.63 -12.67 52.72
N LYS H 164 9.66 -12.87 51.90
CA LYS H 164 10.94 -12.21 52.08
C LYS H 164 10.90 -10.74 51.66
N TYR H 165 10.05 -10.40 50.70
CA TYR H 165 9.97 -9.03 50.22
C TYR H 165 9.53 -8.03 51.29
N ASN H 166 8.38 -8.31 51.91
CA ASN H 166 7.82 -7.44 52.93
C ASN H 166 8.64 -7.43 54.22
N ASP H 167 9.18 -8.58 54.57
CA ASP H 167 9.94 -8.70 55.80
C ASP H 167 11.36 -8.16 55.72
N THR H 168 11.93 -8.15 54.52
CA THR H 168 13.31 -7.69 54.39
C THR H 168 13.45 -6.45 53.49
N PHE H 169 13.31 -6.64 52.19
CA PHE H 169 13.50 -5.54 51.24
C PHE H 169 12.72 -4.27 51.52
N TRP H 170 11.46 -4.39 51.90
CA TRP H 170 10.66 -3.19 52.13
C TRP H 170 11.08 -2.35 53.33
N LYS H 171 11.32 -2.98 54.48
CA LYS H 171 11.73 -2.21 55.66
C LYS H 171 13.13 -1.59 55.49
N GLU H 172 13.84 -2.02 54.45
CA GLU H 172 15.17 -1.52 54.16
C GLU H 172 15.20 -0.44 53.10
N PHE H 173 14.65 -0.72 51.92
CA PHE H 173 14.71 0.21 50.82
C PHE H 173 13.37 0.70 50.32
N GLY H 174 12.32 0.50 51.12
CA GLY H 174 10.97 0.92 50.74
C GLY H 174 10.87 2.39 50.41
N THR H 175 11.70 3.20 51.08
CA THR H 175 11.73 4.63 50.86
C THR H 175 12.21 4.93 49.44
N ASN H 176 13.20 4.17 48.97
CA ASN H 176 13.77 4.35 47.65
C ASN H 176 12.73 4.08 46.57
N ILE H 177 11.95 3.01 46.77
CA ILE H 177 10.89 2.65 45.85
C ILE H 177 9.95 3.84 45.73
N LYS H 178 9.65 4.46 46.87
CA LYS H 178 8.78 5.63 46.92
C LYS H 178 9.40 6.83 46.22
N LEU H 179 10.67 7.08 46.48
CA LEU H 179 11.39 8.18 45.81
C LEU H 179 11.38 7.96 44.30
N GLY H 180 11.51 6.70 43.90
CA GLY H 180 11.53 6.31 42.51
C GLY H 180 10.24 6.65 41.78
N VAL H 181 9.11 6.44 42.47
CA VAL H 181 7.80 6.74 41.89
C VAL H 181 7.74 8.21 41.49
N ILE H 182 8.37 9.05 42.30
CA ILE H 182 8.41 10.48 42.09
C ILE H 182 9.36 10.86 40.96
N GLU H 183 10.59 10.35 41.03
CA GLU H 183 11.64 10.68 40.06
C GLU H 183 11.57 9.93 38.72
N ASP H 184 11.43 8.61 38.80
CA ASP H 184 11.47 7.75 37.62
C ASP H 184 10.11 7.55 36.94
N HIS H 185 9.70 8.59 36.24
CA HIS H 185 8.48 8.65 35.44
C HIS H 185 8.23 7.45 34.53
N SER H 186 9.27 6.94 33.88
CA SER H 186 9.12 5.85 32.91
C SER H 186 8.90 4.46 33.52
N ASN H 187 9.40 4.26 34.74
CA ASN H 187 9.22 2.98 35.41
C ASN H 187 8.21 3.10 36.52
N ARG H 188 7.40 4.14 36.45
CA ARG H 188 6.41 4.44 37.48
C ARG H 188 5.41 3.32 37.73
N THR H 189 4.78 2.82 36.67
CA THR H 189 3.82 1.74 36.83
C THR H 189 4.45 0.44 37.31
N ARG H 190 5.72 0.24 36.97
CA ARG H 190 6.45 -0.95 37.36
C ARG H 190 6.73 -0.85 38.85
N LEU H 191 7.08 0.35 39.29
CA LEU H 191 7.38 0.65 40.69
C LEU H 191 6.13 0.64 41.57
N ALA H 192 5.01 1.06 40.99
CA ALA H 192 3.73 1.14 41.69
C ALA H 192 3.37 -0.17 42.35
N LYS H 193 3.70 -1.26 41.68
CA LYS H 193 3.43 -2.60 42.18
C LYS H 193 4.31 -2.93 43.38
N LEU H 194 5.50 -2.35 43.42
CA LEU H 194 6.44 -2.62 44.50
C LEU H 194 6.10 -1.89 45.78
N LEU H 195 5.19 -0.91 45.70
CA LEU H 195 4.78 -0.13 46.87
C LEU H 195 4.05 -0.97 47.90
N ARG H 196 4.33 -0.69 49.18
CA ARG H 196 3.70 -1.35 50.33
C ARG H 196 3.32 -0.31 51.36
N PHE H 197 2.08 -0.37 51.84
CA PHE H 197 1.62 0.59 52.85
C PHE H 197 0.81 -0.05 53.96
N GLN H 198 0.51 0.73 54.99
CA GLN H 198 -0.36 0.26 56.04
C GLN H 198 -1.78 0.57 55.64
N SER H 199 -2.73 -0.23 56.09
CA SER H 199 -4.12 0.02 55.76
C SER H 199 -5.06 -0.41 56.87
N SER H 200 -6.30 0.06 56.75
CA SER H 200 -7.34 -0.22 57.73
C SER H 200 -7.75 -1.68 57.74
N HIS H 201 -7.14 -2.47 56.87
CA HIS H 201 -7.43 -3.89 56.80
C HIS H 201 -6.85 -4.65 57.98
N HIS H 202 -5.71 -4.17 58.48
CA HIS H 202 -5.03 -4.82 59.59
C HIS H 202 -4.24 -3.80 60.40
N PRO H 203 -4.32 -3.87 61.75
CA PRO H 203 -3.64 -2.98 62.70
C PRO H 203 -2.16 -2.68 62.42
N SER H 204 -1.42 -3.61 61.83
CA SER H 204 0.00 -3.37 61.58
C SER H 204 0.51 -3.76 60.18
N ASP H 205 0.18 -4.97 59.74
CA ASP H 205 0.63 -5.53 58.44
C ASP H 205 0.60 -4.57 57.25
N ILE H 206 1.63 -4.66 56.42
CA ILE H 206 1.69 -3.84 55.22
C ILE H 206 0.96 -4.55 54.08
N THR H 207 0.44 -3.77 53.14
CA THR H 207 -0.31 -4.31 52.01
C THR H 207 0.19 -3.74 50.69
N SER H 208 0.06 -4.50 49.60
CA SER H 208 0.46 -4.02 48.29
C SER H 208 -0.75 -3.35 47.68
N LEU H 209 -0.53 -2.56 46.63
CA LEU H 209 -1.66 -1.90 45.97
C LEU H 209 -2.57 -2.91 45.30
N ASP H 210 -1.99 -3.97 44.73
CA ASP H 210 -2.75 -5.04 44.09
C ASP H 210 -3.70 -5.73 45.06
N GLN H 211 -3.24 -5.88 46.30
CA GLN H 211 -4.04 -6.50 47.33
C GLN H 211 -5.23 -5.63 47.73
N TYR H 212 -5.02 -4.31 47.72
CA TYR H 212 -6.08 -3.37 48.04
C TYR H 212 -7.19 -3.51 47.01
N VAL H 213 -6.80 -3.42 45.73
CA VAL H 213 -7.72 -3.51 44.61
C VAL H 213 -8.55 -4.79 44.70
N GLU H 214 -7.92 -5.86 45.19
CA GLU H 214 -8.58 -7.15 45.33
C GLU H 214 -9.70 -7.13 46.37
N ARG H 215 -9.51 -6.36 47.44
CA ARG H 215 -10.51 -6.27 48.52
C ARG H 215 -11.65 -5.30 48.22
N MET H 216 -11.41 -4.35 47.32
CA MET H 216 -12.38 -3.32 46.96
C MET H 216 -13.81 -3.77 46.73
N LYS H 217 -14.76 -2.89 47.05
CA LYS H 217 -16.18 -3.14 46.85
C LYS H 217 -16.49 -3.05 45.36
N GLU H 218 -17.69 -3.51 44.98
CA GLU H 218 -18.10 -3.56 43.57
C GLU H 218 -18.15 -2.23 42.84
N LYS H 219 -18.90 -1.28 43.38
CA LYS H 219 -19.04 0.02 42.74
C LYS H 219 -17.88 0.95 43.05
N GLN H 220 -17.08 0.59 44.06
CA GLN H 220 -15.90 1.37 44.47
C GLN H 220 -14.91 1.44 43.31
N ASP H 221 -14.34 2.61 43.10
CA ASP H 221 -13.38 2.82 42.01
C ASP H 221 -12.27 3.78 42.42
N LYS H 222 -12.19 4.03 43.73
CA LYS H 222 -11.21 4.94 44.28
C LYS H 222 -10.36 4.23 45.33
N ILE H 223 -9.08 4.55 45.39
CA ILE H 223 -8.21 3.98 46.39
C ILE H 223 -8.10 5.04 47.46
N TYR H 224 -8.87 4.85 48.53
CA TYR H 224 -8.93 5.81 49.62
C TYR H 224 -7.71 5.80 50.57
N PHE H 225 -7.13 6.97 50.80
CA PHE H 225 -5.98 7.03 51.68
C PHE H 225 -6.00 8.25 52.60
N MET H 226 -5.30 8.12 53.72
CA MET H 226 -5.19 9.17 54.72
C MET H 226 -3.72 9.40 55.08
N ALA H 227 -3.29 10.65 55.01
CA ALA H 227 -1.91 11.01 55.30
C ALA H 227 -1.78 11.65 56.68
N GLY H 228 -0.74 11.28 57.41
CA GLY H 228 -0.51 11.81 58.75
C GLY H 228 0.91 11.70 59.24
N SER H 229 1.08 11.87 60.55
CA SER H 229 2.39 11.82 61.19
C SER H 229 2.69 10.45 61.77
N SER H 230 1.64 9.71 62.08
CA SER H 230 1.76 8.36 62.63
C SER H 230 0.49 7.62 62.28
N ARG H 231 0.51 6.30 62.43
CA ARG H 231 -0.69 5.55 62.11
C ARG H 231 -1.80 5.96 63.05
N LYS H 232 -1.49 6.04 64.34
CA LYS H 232 -2.47 6.42 65.37
C LYS H 232 -3.17 7.74 65.07
N GLU H 233 -2.46 8.70 64.49
CA GLU H 233 -3.06 9.98 64.11
C GLU H 233 -4.04 9.80 62.95
N ALA H 234 -3.56 9.13 61.92
CA ALA H 234 -4.33 8.88 60.71
C ALA H 234 -5.62 8.11 60.95
N GLU H 235 -5.55 7.05 61.76
CA GLU H 235 -6.74 6.23 62.03
C GLU H 235 -7.75 6.93 62.95
N SER H 236 -7.25 7.80 63.82
CA SER H 236 -8.12 8.55 64.72
C SER H 236 -8.84 9.67 64.00
N SER H 237 -8.26 10.14 62.91
CA SER H 237 -8.79 11.23 62.10
C SER H 237 -10.29 11.10 61.77
N PRO H 238 -11.00 12.24 61.73
CA PRO H 238 -12.43 12.25 61.44
C PRO H 238 -12.77 11.80 60.02
N PHE H 239 -11.89 12.09 59.07
CA PHE H 239 -12.16 11.81 57.65
C PHE H 239 -12.46 10.36 57.26
N VAL H 240 -11.95 9.40 58.03
CA VAL H 240 -12.14 7.99 57.71
C VAL H 240 -13.37 7.35 58.33
N GLU H 241 -13.97 8.04 59.30
CA GLU H 241 -15.12 7.51 60.04
C GLU H 241 -16.20 6.76 59.28
N ARG H 242 -16.85 7.41 58.33
CA ARG H 242 -17.94 6.73 57.62
C ARG H 242 -17.41 5.66 56.68
N LEU H 243 -16.38 5.99 55.89
CA LEU H 243 -15.79 5.04 54.95
C LEU H 243 -15.53 3.70 55.65
N LEU H 244 -15.00 3.77 56.87
CA LEU H 244 -14.74 2.57 57.64
C LEU H 244 -16.02 1.85 58.04
N LYS H 245 -16.95 2.60 58.64
CA LYS H 245 -18.24 2.05 59.06
C LYS H 245 -19.00 1.43 57.89
N LYS H 246 -18.87 2.04 56.72
CA LYS H 246 -19.56 1.59 55.52
C LYS H 246 -18.90 0.32 54.98
N GLY H 247 -17.67 0.07 55.41
CA GLY H 247 -16.93 -1.13 55.02
C GLY H 247 -15.79 -0.96 54.02
N TYR H 248 -15.44 0.29 53.74
CA TYR H 248 -14.36 0.57 52.80
C TYR H 248 -13.00 0.43 53.47
N GLU H 249 -11.95 0.30 52.66
CA GLU H 249 -10.59 0.18 53.17
C GLU H 249 -9.81 1.46 52.93
N VAL H 250 -9.05 1.92 53.93
CA VAL H 250 -8.27 3.14 53.80
C VAL H 250 -6.80 2.86 54.03
N ILE H 251 -5.96 3.40 53.14
CA ILE H 251 -4.51 3.25 53.26
C ILE H 251 -4.00 4.37 54.18
N TYR H 252 -3.14 4.03 55.13
CA TYR H 252 -2.59 5.05 56.00
C TYR H 252 -1.17 5.39 55.60
N LEU H 253 -0.94 6.67 55.31
CA LEU H 253 0.37 7.14 54.95
C LEU H 253 0.99 7.82 56.16
N THR H 254 2.03 7.20 56.71
CA THR H 254 2.66 7.71 57.91
C THR H 254 4.03 8.31 57.67
N GLU H 255 4.52 8.21 56.44
CA GLU H 255 5.83 8.76 56.11
C GLU H 255 5.72 10.14 55.50
N PRO H 256 6.77 10.96 55.65
CA PRO H 256 6.80 12.31 55.09
C PRO H 256 6.75 12.31 53.56
N VAL H 257 7.43 11.35 52.94
CA VAL H 257 7.49 11.26 51.48
C VAL H 257 6.22 10.64 50.88
N ASP H 258 5.52 9.83 51.68
CA ASP H 258 4.31 9.11 51.26
C ASP H 258 3.27 9.84 50.43
N GLU H 259 2.88 11.04 50.85
CA GLU H 259 1.84 11.76 50.12
C GLU H 259 2.32 12.28 48.77
N TYR H 260 3.61 12.62 48.68
CA TYR H 260 4.20 13.10 47.43
C TYR H 260 4.25 11.96 46.45
N CYS H 261 4.52 10.78 46.99
CA CYS H 261 4.60 9.54 46.23
C CYS H 261 3.26 9.24 45.57
N ILE H 262 2.24 8.99 46.40
CA ILE H 262 0.88 8.74 45.95
C ILE H 262 0.37 9.84 45.03
N GLN H 263 0.83 11.06 45.27
CA GLN H 263 0.44 12.20 44.47
C GLN H 263 0.99 12.11 43.04
N ALA H 264 2.20 11.61 42.89
CA ALA H 264 2.84 11.49 41.57
C ALA H 264 2.36 10.26 40.81
N LEU H 265 1.44 9.52 41.41
CA LEU H 265 0.89 8.31 40.82
C LEU H 265 -0.56 8.62 40.43
N PRO H 266 -0.79 8.87 39.13
CA PRO H 266 -2.11 9.25 38.65
C PRO H 266 -3.17 8.17 38.84
N GLU H 267 -2.96 7.00 38.23
CA GLU H 267 -3.88 5.89 38.35
C GLU H 267 -3.14 4.63 38.75
N PHE H 268 -3.89 3.61 39.13
CA PHE H 268 -3.33 2.30 39.42
C PHE H 268 -4.37 1.27 39.07
N ASP H 269 -4.04 0.42 38.09
CA ASP H 269 -4.92 -0.64 37.60
C ASP H 269 -6.31 -0.05 37.32
N GLY H 270 -6.32 1.10 36.65
CA GLY H 270 -7.54 1.80 36.28
C GLY H 270 -8.35 2.39 37.41
N LYS H 271 -7.74 2.56 38.57
CA LYS H 271 -8.42 3.14 39.72
C LYS H 271 -7.67 4.41 40.09
N ARG H 272 -8.40 5.48 40.35
CA ARG H 272 -7.79 6.75 40.74
C ARG H 272 -7.68 6.84 42.27
N PHE H 273 -6.71 7.61 42.77
CA PHE H 273 -6.54 7.76 44.20
C PHE H 273 -7.43 8.85 44.75
N GLN H 274 -7.75 8.77 46.05
CA GLN H 274 -8.60 9.77 46.70
C GLN H 274 -8.21 10.02 48.16
N ASN H 275 -7.80 11.25 48.44
CA ASN H 275 -7.40 11.66 49.79
C ASN H 275 -8.66 11.95 50.58
N VAL H 276 -8.94 11.12 51.59
CA VAL H 276 -10.14 11.27 52.42
C VAL H 276 -10.28 12.65 53.08
N ALA H 277 -9.17 13.39 53.15
CA ALA H 277 -9.17 14.73 53.74
C ALA H 277 -9.44 15.84 52.71
N LYS H 278 -9.68 15.44 51.46
CA LYS H 278 -9.99 16.38 50.38
C LYS H 278 -11.35 16.06 49.76
N GLU H 279 -11.89 17.03 49.03
CA GLU H 279 -13.18 16.84 48.36
C GLU H 279 -13.07 15.79 47.29
N GLY H 280 -14.00 14.84 47.30
CA GLY H 280 -14.00 13.78 46.30
C GLY H 280 -14.69 12.50 46.71
N VAL H 281 -15.07 12.39 47.98
CA VAL H 281 -15.75 11.19 48.47
C VAL H 281 -17.20 11.08 48.01
N LYS H 282 -17.55 9.92 47.48
CA LYS H 282 -18.89 9.65 46.98
C LYS H 282 -19.44 8.40 47.64
N PHE H 283 -20.76 8.28 47.63
CA PHE H 283 -21.47 7.12 48.15
C PHE H 283 -22.65 6.94 47.18
N ASP H 284 -22.51 6.02 46.24
CA ASP H 284 -23.53 5.82 45.19
C ASP H 284 -25.00 5.64 45.62
N GLU H 285 -25.25 4.80 46.62
CA GLU H 285 -26.59 4.61 47.20
C GLU H 285 -27.73 4.28 46.22
N SER H 286 -28.90 4.86 46.45
CA SER H 286 -30.07 4.66 45.60
C SER H 286 -30.80 5.99 45.40
N GLU H 287 -32.06 5.90 44.96
CA GLU H 287 -32.87 7.08 44.71
C GLU H 287 -33.46 7.63 46.00
N LYS H 288 -34.07 6.74 46.80
CA LYS H 288 -34.69 7.11 48.07
C LYS H 288 -33.64 7.60 49.09
N THR H 289 -32.40 7.16 48.93
CA THR H 289 -31.30 7.59 49.80
C THR H 289 -30.91 9.02 49.40
N LYS H 290 -30.80 9.25 48.09
CA LYS H 290 -30.47 10.55 47.55
C LYS H 290 -31.55 11.57 47.94
N GLU H 291 -32.82 11.16 47.85
CA GLU H 291 -33.97 12.00 48.23
C GLU H 291 -33.86 12.53 49.65
N SER H 292 -33.39 11.68 50.56
CA SER H 292 -33.24 12.01 51.97
C SER H 292 -32.12 13.04 52.21
N ARG H 293 -30.93 12.73 51.70
CA ARG H 293 -29.74 13.58 51.84
C ARG H 293 -29.96 14.98 51.26
N GLU H 294 -30.52 15.02 50.05
CA GLU H 294 -30.82 16.29 49.36
C GLU H 294 -31.82 17.11 50.17
N ALA H 295 -32.75 16.42 50.83
CA ALA H 295 -33.76 17.07 51.68
C ALA H 295 -33.16 17.59 52.99
N ILE H 296 -32.10 16.94 53.44
CA ILE H 296 -31.39 17.34 54.67
C ILE H 296 -30.60 18.64 54.40
N GLU H 297 -30.02 18.73 53.20
CA GLU H 297 -29.25 19.90 52.77
C GLU H 297 -30.11 21.16 52.64
N LYS H 298 -31.38 20.99 52.28
CA LYS H 298 -32.36 22.08 52.21
C LYS H 298 -32.65 22.59 53.62
N GLU H 299 -32.76 21.64 54.56
CA GLU H 299 -33.07 21.95 55.95
C GLU H 299 -31.97 22.73 56.66
N PHE H 300 -30.73 22.29 56.49
CA PHE H 300 -29.59 22.95 57.12
C PHE H 300 -29.08 24.19 56.40
N GLU H 301 -29.65 24.48 55.22
CA GLU H 301 -29.22 25.63 54.40
C GLU H 301 -29.08 27.00 55.12
N PRO H 302 -30.06 27.40 55.98
CA PRO H 302 -29.87 28.67 56.71
C PRO H 302 -28.71 28.65 57.71
N LEU H 303 -28.38 27.48 58.25
CA LEU H 303 -27.27 27.33 59.19
C LEU H 303 -25.93 27.37 58.46
N LEU H 304 -25.90 26.78 57.26
CA LEU H 304 -24.72 26.77 56.40
C LEU H 304 -24.39 28.18 55.91
N ASN H 305 -25.44 28.95 55.62
CA ASN H 305 -25.28 30.34 55.17
C ASN H 305 -24.91 31.24 56.35
N TRP H 306 -25.29 30.84 57.55
CA TRP H 306 -24.98 31.57 58.77
C TRP H 306 -23.49 31.52 59.08
N MET H 307 -22.90 30.34 58.88
CA MET H 307 -21.47 30.13 59.09
C MET H 307 -20.65 30.83 58.00
N LYS H 308 -21.10 30.68 56.76
CA LYS H 308 -20.46 31.30 55.59
C LYS H 308 -20.48 32.83 55.61
N ASP H 309 -21.63 33.41 55.96
CA ASP H 309 -21.79 34.86 55.95
C ASP H 309 -21.50 35.62 57.25
N LYS H 310 -21.67 34.98 58.40
CA LYS H 310 -21.45 35.70 59.65
C LYS H 310 -20.51 35.08 60.69
N ALA H 311 -20.93 33.95 61.29
CA ALA H 311 -20.15 33.27 62.35
C ALA H 311 -18.69 33.00 62.00
N LEU H 312 -18.44 32.58 60.77
CA LEU H 312 -17.09 32.30 60.30
C LEU H 312 -16.84 33.02 58.99
N LYS H 313 -17.22 34.29 58.89
CA LYS H 313 -17.00 35.03 57.66
C LYS H 313 -15.50 35.28 57.52
N ASP H 314 -14.98 35.02 56.32
CA ASP H 314 -13.56 35.17 55.99
C ASP H 314 -12.68 34.16 56.74
N LYS H 315 -13.30 33.04 57.13
CA LYS H 315 -12.61 31.97 57.87
C LYS H 315 -12.68 30.65 57.09
N ILE H 316 -13.80 30.41 56.43
CA ILE H 316 -14.01 29.21 55.61
C ILE H 316 -14.47 29.63 54.21
N GLU H 317 -14.34 28.73 53.24
CA GLU H 317 -14.79 29.05 51.89
C GLU H 317 -16.29 28.81 51.79
N LYS H 318 -16.74 27.68 52.30
CA LYS H 318 -18.16 27.32 52.30
C LYS H 318 -18.45 26.28 53.37
N ALA H 319 -19.72 26.18 53.73
CA ALA H 319 -20.17 25.19 54.71
C ALA H 319 -21.14 24.25 54.02
N VAL H 320 -20.92 22.95 54.21
CA VAL H 320 -21.78 21.93 53.60
C VAL H 320 -22.12 20.81 54.59
N VAL H 321 -23.06 19.96 54.17
CA VAL H 321 -23.45 18.79 54.95
C VAL H 321 -22.47 17.66 54.62
N SER H 322 -21.76 17.18 55.63
CA SER H 322 -20.76 16.14 55.46
C SER H 322 -21.33 14.76 55.23
N GLN H 323 -20.63 13.99 54.41
CA GLN H 323 -21.01 12.62 54.12
C GLN H 323 -19.99 11.62 54.63
N ARG H 324 -18.86 12.12 55.14
CA ARG H 324 -17.79 11.23 55.60
C ARG H 324 -17.70 11.07 57.12
N LEU H 325 -18.59 11.72 57.85
CA LEU H 325 -18.52 11.73 59.32
C LEU H 325 -19.50 10.83 60.08
N THR H 326 -18.97 10.12 61.08
CA THR H 326 -19.79 9.24 61.92
C THR H 326 -20.13 9.91 63.25
N GLU H 327 -19.15 10.05 64.13
CA GLU H 327 -19.39 10.63 65.46
C GLU H 327 -18.79 12.02 65.69
N SER H 328 -17.92 12.44 64.79
CA SER H 328 -17.33 13.77 64.87
C SER H 328 -18.38 14.78 64.42
N PRO H 329 -18.46 15.92 65.12
CA PRO H 329 -19.39 16.97 64.77
C PRO H 329 -19.07 17.67 63.44
N CYS H 330 -17.78 17.87 63.17
CA CYS H 330 -17.37 18.58 61.98
C CYS H 330 -15.88 18.43 61.67
N ALA H 331 -15.51 18.75 60.44
CA ALA H 331 -14.13 18.66 60.00
C ALA H 331 -13.82 19.64 58.86
N LEU H 332 -12.54 19.96 58.71
CA LEU H 332 -12.08 20.85 57.64
C LEU H 332 -11.54 20.06 56.46
N VAL H 333 -12.14 20.28 55.30
CA VAL H 333 -11.79 19.55 54.09
C VAL H 333 -11.20 20.48 53.03
N ALA H 334 -10.03 20.12 52.50
CA ALA H 334 -9.38 20.93 51.47
C ALA H 334 -9.96 20.66 50.09
N SER H 335 -9.66 21.52 49.12
CA SER H 335 -10.12 21.33 47.75
C SER H 335 -9.36 20.17 47.13
N GLN H 336 -9.86 19.68 46.00
CA GLN H 336 -9.27 18.51 45.34
C GLN H 336 -7.76 18.61 45.03
N TYR H 337 -7.29 19.79 44.63
CA TYR H 337 -5.89 19.93 44.25
C TYR H 337 -5.15 20.84 45.23
N GLY H 338 -5.81 21.17 46.34
CA GLY H 338 -5.22 22.02 47.37
C GLY H 338 -4.37 21.21 48.34
N TRP H 339 -4.01 21.85 49.46
CA TRP H 339 -3.18 21.23 50.48
C TRP H 339 -3.97 20.63 51.63
N SER H 340 -3.66 19.36 51.95
CA SER H 340 -4.30 18.68 53.06
C SER H 340 -3.61 19.15 54.35
N GLY H 341 -4.10 18.68 55.49
CA GLY H 341 -3.50 19.03 56.78
C GLY H 341 -2.04 18.60 56.85
N ASN H 342 -1.79 17.37 56.40
CA ASN H 342 -0.46 16.81 56.37
C ASN H 342 0.43 17.62 55.44
N MET H 343 -0.02 17.86 54.21
CA MET H 343 0.72 18.68 53.24
C MET H 343 1.16 20.01 53.82
N GLU H 344 0.18 20.76 54.37
CA GLU H 344 0.46 22.06 54.97
C GLU H 344 1.60 21.96 55.98
N ARG H 345 1.60 20.93 56.82
CA ARG H 345 2.64 20.77 57.83
C ARG H 345 4.02 20.51 57.19
N ILE H 346 4.07 19.57 56.25
CA ILE H 346 5.30 19.18 55.56
C ILE H 346 5.92 20.35 54.80
N MET H 347 5.06 21.12 54.13
CA MET H 347 5.48 22.29 53.38
C MET H 347 6.04 23.37 54.31
N LYS H 348 5.23 23.79 55.29
CA LYS H 348 5.63 24.79 56.28
C LYS H 348 6.96 24.43 56.93
N ALA H 349 7.07 23.19 57.38
CA ALA H 349 8.28 22.69 58.02
C ALA H 349 9.52 22.82 57.14
N GLN H 350 9.40 22.38 55.89
CA GLN H 350 10.50 22.44 54.94
C GLN H 350 10.81 23.88 54.52
N ALA H 351 9.76 24.71 54.41
CA ALA H 351 9.90 26.12 54.02
C ALA H 351 10.44 26.98 55.16
N TYR H 352 10.36 26.48 56.38
CA TYR H 352 10.85 27.17 57.56
C TYR H 352 12.30 26.76 57.84
N GLN H 353 12.58 25.47 57.65
CA GLN H 353 13.92 24.95 57.84
C GLN H 353 14.83 25.36 56.68
N THR H 354 14.29 25.36 55.46
CA THR H 354 15.08 25.70 54.27
C THR H 354 14.66 26.97 53.48
N GLY H 355 13.39 27.04 53.08
CA GLY H 355 12.86 28.16 52.28
C GLY H 355 12.85 29.55 52.90
N LYS H 356 12.28 30.51 52.16
CA LYS H 356 12.22 31.90 52.62
C LYS H 356 10.77 32.38 52.82
N ASP H 357 10.07 31.74 53.74
CA ASP H 357 8.69 32.08 54.13
C ASP H 357 7.65 32.13 53.01
N ILE H 358 7.14 30.96 52.63
CA ILE H 358 6.09 30.86 51.63
C ILE H 358 4.75 31.07 52.34
N SER H 359 4.60 32.25 52.94
CA SER H 359 3.39 32.64 53.68
C SER H 359 2.25 32.96 52.72
N THR H 360 2.50 33.92 51.83
CA THR H 360 1.54 34.27 50.78
C THR H 360 1.94 33.46 49.55
N ASN H 361 1.83 32.14 49.66
CA ASN H 361 2.17 31.21 48.58
C ASN H 361 1.04 31.09 47.57
N TYR H 362 0.23 30.05 47.69
CA TYR H 362 -0.86 29.86 46.76
C TYR H 362 -2.03 29.21 47.49
N TYR H 363 -2.02 27.88 47.47
CA TYR H 363 -3.00 27.09 48.21
C TYR H 363 -2.37 26.66 49.54
N ALA H 364 -1.85 27.67 50.24
CA ALA H 364 -1.22 27.53 51.55
C ALA H 364 -2.06 28.29 52.55
N SER H 365 -2.52 29.47 52.14
CA SER H 365 -3.35 30.31 52.98
C SER H 365 -4.78 30.36 52.45
N GLN H 366 -5.24 29.27 51.83
CA GLN H 366 -6.60 29.23 51.32
C GLN H 366 -7.57 28.66 52.36
N LYS H 367 -8.79 29.15 52.33
CA LYS H 367 -9.84 28.74 53.25
C LYS H 367 -10.27 27.31 52.95
N LYS H 368 -10.68 26.58 53.98
CA LYS H 368 -11.12 25.19 53.79
C LYS H 368 -12.65 25.09 53.76
N THR H 369 -13.14 23.95 53.30
CA THR H 369 -14.57 23.68 53.26
C THR H 369 -14.95 23.07 54.60
N PHE H 370 -15.82 23.77 55.32
CA PHE H 370 -16.24 23.31 56.63
C PHE H 370 -17.44 22.37 56.51
N GLU H 371 -17.20 21.10 56.77
CA GLU H 371 -18.24 20.09 56.68
C GLU H 371 -18.79 19.76 58.06
N ILE H 372 -20.11 19.73 58.18
CA ILE H 372 -20.75 19.41 59.45
C ILE H 372 -21.57 18.12 59.40
N ASN H 373 -21.67 17.47 60.54
CA ASN H 373 -22.42 16.24 60.68
C ASN H 373 -23.87 16.58 61.02
N PRO H 374 -24.80 16.29 60.08
CA PRO H 374 -26.22 16.64 60.24
C PRO H 374 -26.90 15.88 61.39
N ARG H 375 -26.35 14.74 61.73
CA ARG H 375 -26.90 13.93 62.79
C ARG H 375 -26.05 14.00 64.05
N HIS H 376 -25.70 15.22 64.46
CA HIS H 376 -24.95 15.38 65.70
C HIS H 376 -25.71 16.36 66.59
N PRO H 377 -25.99 15.95 67.84
CA PRO H 377 -26.72 16.72 68.85
C PRO H 377 -26.32 18.18 68.88
N LEU H 378 -25.03 18.44 68.77
CA LEU H 378 -24.52 19.80 68.81
C LEU H 378 -24.88 20.57 67.54
N ILE H 379 -24.74 19.93 66.38
CA ILE H 379 -25.08 20.57 65.10
C ILE H 379 -26.57 20.83 64.99
N LYS H 380 -27.38 19.90 65.51
CA LYS H 380 -28.83 20.05 65.46
C LYS H 380 -29.35 21.20 66.33
N ASP H 381 -28.70 21.45 67.47
CA ASP H 381 -29.08 22.57 68.35
C ASP H 381 -28.68 23.88 67.71
N MET H 382 -27.59 23.81 66.96
CA MET H 382 -27.01 24.95 66.30
C MET H 382 -27.95 25.38 65.17
N LEU H 383 -28.51 24.40 64.46
CA LEU H 383 -29.47 24.68 63.39
C LEU H 383 -30.72 25.35 63.94
N ARG H 384 -31.27 24.76 65.01
CA ARG H 384 -32.50 25.27 65.63
C ARG H 384 -32.34 26.64 66.28
N ARG H 385 -31.26 26.82 67.03
CA ARG H 385 -31.03 28.09 67.74
C ARG H 385 -30.71 29.24 66.78
N VAL H 386 -30.19 28.90 65.59
CA VAL H 386 -29.90 29.92 64.57
C VAL H 386 -31.19 30.39 63.89
N LYS H 387 -32.07 29.45 63.55
CA LYS H 387 -33.36 29.78 62.93
C LYS H 387 -34.26 30.61 63.87
N GLU H 388 -33.91 30.59 65.16
CA GLU H 388 -34.62 31.37 66.18
C GLU H 388 -33.93 32.72 66.35
N ASP H 389 -32.79 32.73 67.05
CA ASP H 389 -32.02 33.94 67.26
C ASP H 389 -30.72 33.81 66.46
N GLU H 390 -30.69 34.49 65.31
CA GLU H 390 -29.54 34.44 64.41
C GLU H 390 -28.36 35.27 64.94
N ASP H 391 -28.68 36.26 65.78
CA ASP H 391 -27.66 37.12 66.37
C ASP H 391 -27.31 36.73 67.81
N ASP H 392 -27.48 35.45 68.12
CA ASP H 392 -27.17 34.92 69.44
C ASP H 392 -25.65 34.75 69.50
N LYS H 393 -24.99 35.64 70.25
CA LYS H 393 -23.52 35.62 70.39
C LYS H 393 -23.02 34.32 71.02
N THR H 394 -23.85 33.68 71.85
CA THR H 394 -23.51 32.41 72.48
C THR H 394 -23.24 31.32 71.44
N VAL H 395 -24.09 31.26 70.40
CA VAL H 395 -23.93 30.30 69.32
C VAL H 395 -22.75 30.72 68.46
N SER H 396 -22.69 32.01 68.14
CA SER H 396 -21.64 32.59 67.32
C SER H 396 -20.24 32.32 67.89
N ASP H 397 -20.08 32.54 69.19
CA ASP H 397 -18.80 32.30 69.86
C ASP H 397 -18.53 30.80 70.04
N LEU H 398 -19.59 30.00 70.05
CA LEU H 398 -19.45 28.55 70.15
C LEU H 398 -18.99 28.00 68.82
N ALA H 399 -19.61 28.49 67.75
CA ALA H 399 -19.29 28.08 66.38
C ALA H 399 -17.81 28.27 66.08
N VAL H 400 -17.23 29.32 66.65
CA VAL H 400 -15.81 29.59 66.48
C VAL H 400 -14.98 28.54 67.21
N VAL H 401 -15.26 28.35 68.49
CA VAL H 401 -14.54 27.36 69.31
C VAL H 401 -14.60 25.97 68.69
N LEU H 402 -15.77 25.62 68.14
CA LEU H 402 -15.98 24.34 67.49
C LEU H 402 -15.13 24.24 66.22
N PHE H 403 -15.12 25.33 65.45
CA PHE H 403 -14.35 25.42 64.21
C PHE H 403 -12.87 25.32 64.47
N GLU H 404 -12.40 26.02 65.49
CA GLU H 404 -10.99 26.00 65.84
C GLU H 404 -10.56 24.67 66.42
N THR H 405 -11.47 23.97 67.09
CA THR H 405 -11.18 22.63 67.61
C THR H 405 -11.13 21.70 66.41
N ALA H 406 -12.03 21.92 65.45
CA ALA H 406 -12.05 21.14 64.23
C ALA H 406 -10.80 21.43 63.39
N THR H 407 -10.25 22.63 63.51
CA THR H 407 -9.02 22.99 62.80
C THR H 407 -7.90 22.08 63.27
N LEU H 408 -7.77 21.91 64.58
CA LEU H 408 -6.74 21.05 65.15
C LEU H 408 -6.98 19.60 64.78
N ARG H 409 -8.23 19.16 64.86
CA ARG H 409 -8.56 17.78 64.55
C ARG H 409 -8.42 17.41 63.07
N SER H 410 -8.49 18.40 62.19
CA SER H 410 -8.37 18.15 60.76
C SER H 410 -6.91 18.08 60.33
N GLY H 411 -5.99 18.41 61.25
CA GLY H 411 -4.55 18.34 60.98
C GLY H 411 -3.89 19.64 60.58
N TYR H 412 -4.67 20.72 60.52
CA TYR H 412 -4.15 22.01 60.13
C TYR H 412 -3.59 22.77 61.33
N LEU H 413 -2.71 23.74 61.06
CA LEU H 413 -2.13 24.55 62.12
C LEU H 413 -3.10 25.61 62.59
N LEU H 414 -3.06 25.91 63.89
CA LEU H 414 -3.94 26.92 64.43
C LEU H 414 -3.24 28.25 64.32
N PRO H 415 -3.89 29.23 63.65
CA PRO H 415 -3.38 30.57 63.40
C PRO H 415 -2.92 31.32 64.65
N ASP H 416 -3.81 31.48 65.62
CA ASP H 416 -3.52 32.23 66.82
C ASP H 416 -3.90 31.43 68.07
N THR H 417 -2.93 30.73 68.64
CA THR H 417 -3.17 29.91 69.83
C THR H 417 -3.47 30.75 71.09
N LYS H 418 -3.13 32.03 71.04
CA LYS H 418 -3.38 32.95 72.14
C LYS H 418 -4.88 33.23 72.24
N ALA H 419 -5.50 33.56 71.10
CA ALA H 419 -6.92 33.90 71.04
C ALA H 419 -7.82 32.69 71.33
N TYR H 420 -7.45 31.55 70.78
CA TYR H 420 -8.19 30.32 70.97
C TYR H 420 -8.20 29.92 72.45
N GLY H 421 -7.05 30.02 73.10
CA GLY H 421 -6.92 29.70 74.51
C GLY H 421 -7.76 30.63 75.36
N ASP H 422 -7.95 31.85 74.89
CA ASP H 422 -8.78 32.83 75.58
C ASP H 422 -10.26 32.54 75.37
N ARG H 423 -10.62 32.01 74.21
CA ARG H 423 -12.02 31.63 73.96
C ARG H 423 -12.41 30.39 74.74
N ILE H 424 -11.44 29.53 75.02
CA ILE H 424 -11.69 28.35 75.83
C ILE H 424 -11.82 28.84 77.26
N GLU H 425 -10.95 29.78 77.64
CA GLU H 425 -10.96 30.36 78.99
C GLU H 425 -12.29 31.03 79.32
N ARG H 426 -12.80 31.84 78.39
CA ARG H 426 -14.06 32.56 78.56
C ARG H 426 -15.20 31.59 78.79
N MET H 427 -15.19 30.50 78.01
CA MET H 427 -16.21 29.47 78.11
C MET H 427 -16.02 28.59 79.35
N LEU H 428 -14.77 28.33 79.71
CA LEU H 428 -14.46 27.55 80.91
C LEU H 428 -15.03 28.22 82.15
N ARG H 429 -14.91 29.54 82.19
CA ARG H 429 -15.38 30.31 83.33
C ARG H 429 -16.91 30.39 83.45
N LEU H 430 -17.61 30.10 82.35
CA LEU H 430 -19.06 30.03 82.41
C LEU H 430 -19.42 28.75 83.16
N SER H 431 -18.70 27.67 82.87
CA SER H 431 -18.89 26.38 83.52
C SER H 431 -18.55 26.43 85.02
N LEU H 432 -18.18 27.60 85.50
CA LEU H 432 -17.87 27.80 86.91
C LEU H 432 -18.82 28.86 87.47
N ASN H 433 -18.82 30.03 86.85
CA ASN H 433 -19.65 31.20 87.19
C ASN H 433 -18.86 32.47 86.88
N ILE H 434 -17.62 32.51 87.33
CA ILE H 434 -16.70 33.64 87.15
C ILE H 434 -17.00 34.54 85.95
N ASP H 435 -17.35 35.80 86.25
CA ASP H 435 -17.67 36.85 85.26
C ASP H 435 -16.64 36.89 84.14
N PRO H 436 -17.03 36.46 82.93
CA PRO H 436 -16.13 36.39 81.77
C PRO H 436 -15.29 37.64 81.53
N ASP H 437 -15.91 38.72 81.06
CA ASP H 437 -15.17 39.94 80.77
C ASP H 437 -14.62 40.68 81.98
N ALA H 438 -15.50 41.09 82.89
CA ALA H 438 -15.10 41.90 84.07
C ALA H 438 -14.42 41.19 85.26
N LYS H 439 -13.72 40.07 84.99
CA LYS H 439 -12.93 39.37 86.02
C LYS H 439 -11.52 39.03 85.54
N VAL H 440 -11.38 38.67 84.26
CA VAL H 440 -10.08 38.34 83.65
C VAL H 440 -9.21 39.61 83.62
N GLU H 441 -9.79 40.69 84.12
CA GLU H 441 -9.15 41.97 84.25
C GLU H 441 -8.86 42.08 85.74
N GLU H 442 -9.93 41.94 86.52
CA GLU H 442 -9.94 42.09 87.99
C GLU H 442 -8.74 41.55 88.81
N GLU H 443 -8.75 40.25 89.13
CA GLU H 443 -7.65 39.66 89.89
C GLU H 443 -6.30 39.65 89.17
N PRO H 444 -6.30 39.40 87.84
CA PRO H 444 -5.06 39.48 87.07
C PRO H 444 -4.40 40.86 87.08
N GLU H 445 -5.07 41.85 87.67
CA GLU H 445 -4.51 43.20 87.81
C GLU H 445 -4.56 43.63 89.28
N GLU H 446 -4.43 42.65 90.18
CA GLU H 446 -4.33 42.91 91.62
C GLU H 446 -2.85 42.83 91.97
N GLU H 447 -2.05 42.55 90.94
CA GLU H 447 -0.60 42.42 91.00
C GLU H 447 0.19 43.68 91.42
N PRO H 448 -0.32 44.90 91.11
CA PRO H 448 0.39 46.13 91.56
C PRO H 448 0.70 46.19 93.07
N GLU H 449 0.12 45.27 93.84
CA GLU H 449 0.38 45.18 95.27
C GLU H 449 1.73 44.52 95.51
N GLU H 450 2.02 43.49 94.72
CA GLU H 450 3.28 42.74 94.78
C GLU H 450 4.48 43.67 94.59
N LYS I 25 56.03 38.11 41.22
CA LYS I 25 55.86 38.05 42.69
C LYS I 25 54.38 38.12 43.05
N PRO I 26 53.80 36.97 43.49
CA PRO I 26 52.39 36.79 43.87
C PRO I 26 51.83 37.84 44.83
N ILE I 27 50.51 38.01 44.79
CA ILE I 27 49.78 38.99 45.61
C ILE I 27 49.96 38.75 47.12
N TRP I 28 50.01 37.48 47.53
CA TRP I 28 50.13 37.13 48.95
C TRP I 28 51.55 37.13 49.54
N GLN I 29 52.55 37.36 48.71
CA GLN I 29 53.94 37.37 49.16
C GLN I 29 54.50 38.75 49.48
N ARG I 30 53.80 39.78 49.01
CA ARG I 30 54.19 41.18 49.24
C ARG I 30 53.75 41.65 50.63
N PRO I 31 54.40 42.68 51.20
CA PRO I 31 54.01 43.20 52.52
C PRO I 31 52.57 43.72 52.54
N SER I 32 51.92 43.60 53.70
CA SER I 32 50.53 44.03 53.88
C SER I 32 50.30 45.51 53.58
N LYS I 33 51.25 46.34 53.98
CA LYS I 33 51.19 47.80 53.82
C LYS I 33 51.38 48.28 52.38
N GLU I 34 52.06 47.48 51.57
CA GLU I 34 52.36 47.87 50.18
C GLU I 34 51.30 47.54 49.13
N VAL I 35 50.36 46.65 49.46
CA VAL I 35 49.33 46.25 48.50
C VAL I 35 48.12 47.17 48.52
N GLU I 36 47.72 47.62 47.33
CA GLU I 36 46.56 48.50 47.14
C GLU I 36 45.26 47.81 47.50
N ASP I 37 44.28 48.59 47.96
CA ASP I 37 42.95 48.09 48.31
C ASP I 37 42.24 47.53 47.08
N ASP I 38 42.46 48.18 45.95
CA ASP I 38 41.86 47.80 44.67
C ASP I 38 42.34 46.43 44.20
N GLU I 39 43.64 46.18 44.36
CA GLU I 39 44.28 44.93 43.94
C GLU I 39 43.80 43.70 44.71
N TYR I 40 43.41 43.90 45.97
CA TYR I 40 42.85 42.81 46.78
C TYR I 40 41.47 42.45 46.23
N LYS I 41 40.66 43.49 45.97
CA LYS I 41 39.32 43.32 45.41
C LYS I 41 39.34 42.73 44.01
N ALA I 42 40.43 42.99 43.28
CA ALA I 42 40.64 42.44 41.95
C ALA I 42 41.02 40.97 42.04
N PHE I 43 41.83 40.64 43.05
CA PHE I 43 42.32 39.28 43.28
C PHE I 43 41.22 38.29 43.64
N TYR I 44 40.21 38.76 44.36
CA TYR I 44 39.09 37.92 44.78
C TYR I 44 38.27 37.40 43.60
N LYS I 45 37.98 38.28 42.64
CA LYS I 45 37.17 37.95 41.47
C LYS I 45 37.87 37.03 40.47
N SER I 46 39.20 36.96 40.54
CA SER I 46 39.99 36.16 39.61
C SER I 46 39.79 34.64 39.75
N PHE I 47 39.42 34.18 40.95
CA PHE I 47 39.21 32.75 41.16
C PHE I 47 37.76 32.36 41.50
N SER I 48 36.82 33.28 41.28
CA SER I 48 35.41 33.00 41.58
C SER I 48 34.39 33.74 40.70
N LYS I 49 34.87 34.55 39.75
CA LYS I 49 34.03 35.36 38.84
C LYS I 49 33.00 36.20 39.61
N GLU I 50 31.73 36.20 39.16
CA GLU I 50 30.61 36.93 39.79
C GLU I 50 30.65 38.45 39.61
N SER I 51 31.85 38.98 39.35
CA SER I 51 32.12 40.41 39.12
C SER I 51 31.68 41.38 40.22
N ASP I 52 31.81 40.97 41.49
CA ASP I 52 31.45 41.83 42.63
C ASP I 52 32.41 41.68 43.82
N ASP I 53 32.53 42.76 44.59
CA ASP I 53 33.44 42.85 45.74
C ASP I 53 33.14 41.91 46.91
N PRO I 54 34.19 41.49 47.65
CA PRO I 54 34.00 40.66 48.83
C PRO I 54 33.62 41.56 50.01
N MET I 55 33.15 40.95 51.10
CA MET I 55 32.72 41.73 52.26
C MET I 55 33.89 42.20 53.11
N ALA I 56 34.92 41.36 53.23
CA ALA I 56 36.13 41.68 53.98
C ALA I 56 37.27 40.73 53.66
N TYR I 57 38.48 41.16 53.99
CA TYR I 57 39.67 40.37 53.74
C TYR I 57 40.78 40.78 54.70
N ILE I 58 41.68 39.85 54.99
CA ILE I 58 42.89 40.16 55.76
C ILE I 58 44.09 39.45 55.16
N HIS I 59 45.19 40.19 55.06
CA HIS I 59 46.42 39.65 54.54
C HIS I 59 47.37 39.55 55.71
N PHE I 60 47.81 38.33 56.01
CA PHE I 60 48.71 38.13 57.14
C PHE I 60 49.75 37.07 56.86
N THR I 61 50.86 37.18 57.58
CA THR I 61 51.94 36.21 57.53
C THR I 61 52.02 35.60 58.93
N ALA I 62 52.32 34.32 59.01
CA ALA I 62 52.37 33.64 60.31
C ALA I 62 53.79 33.42 60.81
N GLU I 63 53.97 33.63 62.11
CA GLU I 63 55.26 33.45 62.76
C GLU I 63 55.17 32.39 63.86
N GLY I 64 56.30 31.80 64.20
CA GLY I 64 56.37 30.79 65.25
C GLY I 64 56.71 29.37 64.83
N GLU I 65 55.83 28.44 65.23
CA GLU I 65 55.99 27.02 64.95
C GLU I 65 55.90 26.71 63.45
N VAL I 66 54.87 27.27 62.80
CA VAL I 66 54.68 27.10 61.37
C VAL I 66 54.59 28.47 60.69
N THR I 67 55.38 28.65 59.63
CA THR I 67 55.39 29.90 58.88
C THR I 67 54.68 29.72 57.55
N PHE I 68 53.82 30.68 57.21
CA PHE I 68 53.10 30.70 55.94
C PHE I 68 52.48 32.06 55.71
N LYS I 69 52.20 32.39 54.46
CA LYS I 69 51.52 33.63 54.12
C LYS I 69 50.12 33.29 53.63
N SER I 70 49.15 34.19 53.84
CA SER I 70 47.79 33.92 53.43
C SER I 70 46.89 35.14 53.33
N ILE I 71 45.91 35.05 52.43
CA ILE I 71 44.89 36.07 52.27
C ILE I 71 43.56 35.31 52.36
N LEU I 72 42.71 35.71 53.30
CA LEU I 72 41.41 35.07 53.46
C LEU I 72 40.30 36.07 53.17
N PHE I 73 39.27 35.60 52.47
CA PHE I 73 38.15 36.44 52.10
C PHE I 73 36.82 35.98 52.68
N VAL I 74 35.92 36.94 52.86
CA VAL I 74 34.55 36.68 53.27
C VAL I 74 33.71 37.17 52.10
N PRO I 75 33.01 36.25 51.41
CA PRO I 75 32.16 36.60 50.27
C PRO I 75 30.92 37.35 50.73
N THR I 76 30.22 37.97 49.80
CA THR I 76 29.01 38.71 50.15
C THR I 76 27.75 37.85 50.14
N SER I 77 27.90 36.58 49.72
CA SER I 77 26.81 35.61 49.66
C SER I 77 27.32 34.18 49.86
N ALA I 78 26.42 33.25 50.19
CA ALA I 78 26.81 31.85 50.41
C ALA I 78 26.58 30.95 49.20
N PRO I 79 25.36 30.99 48.66
CA PRO I 79 24.93 30.17 47.50
C PRO I 79 24.91 28.67 47.78
N TYR I 93 37.10 25.41 48.69
CA TYR I 93 37.71 26.42 47.82
C TYR I 93 38.81 27.24 48.48
N ILE I 94 39.86 26.55 48.92
CA ILE I 94 41.04 27.22 49.47
C ILE I 94 42.29 26.72 48.76
N LYS I 95 42.94 27.66 48.07
CA LYS I 95 44.12 27.40 47.27
C LYS I 95 45.30 27.06 48.16
N LEU I 96 45.85 25.86 47.97
CA LEU I 96 47.02 25.42 48.73
C LEU I 96 48.29 25.44 47.89
N TYR I 97 49.31 26.15 48.41
CA TYR I 97 50.61 26.27 47.77
C TYR I 97 51.68 25.83 48.76
N VAL I 98 52.61 25.00 48.29
CA VAL I 98 53.73 24.58 49.13
C VAL I 98 55.01 25.08 48.46
N ARG I 99 55.67 26.04 49.10
CA ARG I 99 56.87 26.71 48.60
C ARG I 99 56.59 27.38 47.26
N ARG I 100 55.47 28.11 47.20
CA ARG I 100 55.01 28.86 46.02
C ARG I 100 54.53 28.01 44.83
N VAL I 101 54.53 26.69 44.99
CA VAL I 101 54.10 25.77 43.94
C VAL I 101 52.65 25.36 44.18
N PHE I 102 51.79 25.59 43.19
CA PHE I 102 50.37 25.23 43.30
C PHE I 102 50.20 23.73 43.53
N ILE I 103 49.43 23.39 44.56
CA ILE I 103 49.21 21.99 44.92
C ILE I 103 47.77 21.54 44.67
N THR I 104 46.80 22.18 45.31
CA THR I 104 45.41 21.79 45.15
C THR I 104 44.43 22.74 45.85
N ASP I 105 43.14 22.52 45.63
CA ASP I 105 42.06 23.31 46.23
C ASP I 105 40.90 22.38 46.64
N ASP I 106 41.17 21.08 46.50
CA ASP I 106 40.23 19.99 46.83
C ASP I 106 40.21 19.65 48.33
N PHE I 107 41.13 20.24 49.08
CA PHE I 107 41.25 20.02 50.52
C PHE I 107 40.10 20.72 51.25
N HIS I 108 39.07 19.95 51.54
CA HIS I 108 37.89 20.50 52.23
C HIS I 108 37.99 20.51 53.76
N ASP I 109 39.02 19.86 54.30
CA ASP I 109 39.26 19.83 55.75
C ASP I 109 40.24 20.92 56.21
N MET I 110 40.43 21.94 55.37
CA MET I 110 41.27 23.09 55.69
C MET I 110 40.63 23.98 56.73
N MET I 111 39.32 24.19 56.56
CA MET I 111 38.53 25.01 57.46
C MET I 111 37.57 24.11 58.20
N PRO I 112 37.15 24.52 59.41
CA PRO I 112 36.16 23.74 60.14
C PRO I 112 34.82 23.88 59.45
N LYS I 113 33.92 22.94 59.72
CA LYS I 113 32.60 22.89 59.09
C LYS I 113 31.92 24.25 58.90
N TYR I 114 31.85 25.05 59.96
CA TYR I 114 31.16 26.33 59.91
C TYR I 114 31.83 27.47 59.14
N LEU I 115 33.05 27.24 58.66
CA LEU I 115 33.76 28.28 57.92
C LEU I 115 34.04 27.86 56.48
N ASN I 116 33.20 26.96 55.97
CA ASN I 116 33.30 26.47 54.60
C ASN I 116 33.05 27.54 53.52
N PHE I 117 32.63 28.72 53.95
CA PHE I 117 32.37 29.84 53.04
C PHE I 117 33.60 30.71 52.81
N VAL I 118 34.63 30.52 53.63
CA VAL I 118 35.86 31.30 53.54
C VAL I 118 36.71 30.86 52.34
N LYS I 119 36.92 31.80 51.42
CA LYS I 119 37.72 31.55 50.23
C LYS I 119 39.07 32.22 50.40
N GLY I 120 40.12 31.64 49.82
CA GLY I 120 41.45 32.23 49.91
C GLY I 120 42.63 31.39 49.50
N VAL I 121 43.83 31.90 49.79
CA VAL I 121 45.08 31.21 49.44
C VAL I 121 45.90 30.92 50.69
N VAL I 122 46.70 29.86 50.61
CA VAL I 122 47.60 29.46 51.70
C VAL I 122 48.94 29.04 51.09
N ASP I 123 50.00 29.75 51.44
CA ASP I 123 51.32 29.46 50.91
C ASP I 123 52.31 29.11 52.02
N SER I 124 52.40 27.81 52.31
CA SER I 124 53.32 27.30 53.32
C SER I 124 54.68 27.00 52.70
N ASP I 125 55.67 26.75 53.55
CA ASP I 125 57.02 26.38 53.12
C ASP I 125 57.63 25.41 54.11
N ASP I 126 56.77 24.84 54.95
CA ASP I 126 57.14 23.88 55.98
C ASP I 126 56.65 22.48 55.64
N LEU I 127 55.44 22.42 55.08
CA LEU I 127 54.80 21.17 54.67
C LEU I 127 55.64 20.28 53.74
N PRO I 128 55.42 18.96 53.81
CA PRO I 128 56.11 18.05 52.90
C PRO I 128 55.68 18.35 51.47
N LEU I 129 56.55 18.99 50.69
CA LEU I 129 56.24 19.34 49.31
C LEU I 129 55.95 18.10 48.49
N ASN I 130 56.91 17.20 48.47
CA ASN I 130 56.82 16.00 47.69
C ASN I 130 56.35 14.83 48.52
N VAL I 131 55.03 14.72 48.67
CA VAL I 131 54.41 13.66 49.43
C VAL I 131 53.06 13.48 48.80
N SER I 132 52.42 12.35 49.07
CA SER I 132 51.10 12.10 48.52
C SER I 132 50.04 13.01 49.17
N ARG I 133 48.88 13.12 48.52
CA ARG I 133 47.76 13.92 49.04
C ARG I 133 47.10 13.26 50.25
N GLU I 134 47.27 11.94 50.36
CA GLU I 134 46.74 11.19 51.50
C GLU I 134 47.61 11.47 52.73
N THR I 135 48.94 11.49 52.49
CA THR I 135 49.96 11.78 53.49
C THR I 135 49.89 13.22 54.02
N LEU I 136 49.98 14.18 53.10
CA LEU I 136 49.94 15.62 53.38
C LEU I 136 48.68 16.11 54.12
N GLN I 137 47.55 15.43 53.90
CA GLN I 137 46.28 15.78 54.53
C GLN I 137 46.21 15.29 55.99
N GLN I 138 47.02 14.28 56.30
CA GLN I 138 47.06 13.69 57.64
C GLN I 138 48.31 14.04 58.47
N HIS I 139 49.06 15.05 58.02
CA HIS I 139 50.32 15.45 58.69
C HIS I 139 50.11 16.19 60.03
N LYS I 140 51.17 16.22 60.83
CA LYS I 140 51.18 16.86 62.16
C LYS I 140 50.91 18.36 62.12
N LEU I 141 51.68 19.07 61.28
CA LEU I 141 51.58 20.52 61.13
C LEU I 141 50.26 20.99 60.51
N LEU I 142 49.54 20.07 59.88
CA LEU I 142 48.28 20.39 59.21
C LEU I 142 47.21 20.84 60.19
N LYS I 143 47.13 20.17 61.34
CA LYS I 143 46.17 20.51 62.37
C LYS I 143 46.49 21.88 62.97
N VAL I 144 47.77 22.21 63.04
CA VAL I 144 48.26 23.48 63.59
C VAL I 144 47.89 24.68 62.71
N ILE I 145 48.14 24.57 61.40
CA ILE I 145 47.81 25.64 60.45
C ILE I 145 46.31 25.93 60.46
N ARG I 146 45.51 24.87 60.51
CA ARG I 146 44.07 24.98 60.55
C ARG I 146 43.61 25.90 61.68
N LYS I 147 44.18 25.75 62.88
CA LYS I 147 43.80 26.60 64.01
C LYS I 147 44.20 28.07 63.86
N LYS I 148 45.34 28.31 63.23
CA LYS I 148 45.81 29.67 62.97
C LYS I 148 44.94 30.38 61.95
N LEU I 149 44.48 29.64 60.94
CA LEU I 149 43.61 30.20 59.91
C LEU I 149 42.26 30.63 60.50
N VAL I 150 41.75 29.82 61.41
CA VAL I 150 40.48 30.10 62.07
C VAL I 150 40.62 31.33 62.95
N ARG I 151 41.62 31.32 63.84
CA ARG I 151 41.85 32.43 64.75
C ARG I 151 42.00 33.77 64.04
N LYS I 152 42.50 33.74 62.80
CA LYS I 152 42.64 34.95 62.00
C LYS I 152 41.34 35.33 61.31
N THR I 153 40.56 34.32 60.91
CA THR I 153 39.27 34.54 60.25
C THR I 153 38.36 35.33 61.18
N LEU I 154 38.38 34.95 62.45
CA LEU I 154 37.57 35.59 63.48
C LEU I 154 38.04 37.00 63.83
N ASP I 155 39.33 37.28 63.58
CA ASP I 155 39.89 38.61 63.80
C ASP I 155 39.40 39.53 62.70
N MET I 156 39.25 38.96 61.50
CA MET I 156 38.74 39.67 60.34
C MET I 156 37.30 40.06 60.59
N ILE I 157 36.50 39.08 61.01
CA ILE I 157 35.08 39.28 61.30
C ILE I 157 34.86 40.24 62.47
N LYS I 158 35.76 40.21 63.45
CA LYS I 158 35.66 41.12 64.60
C LYS I 158 35.75 42.56 64.13
N LYS I 159 36.46 42.78 63.03
CA LYS I 159 36.68 44.12 62.50
C LYS I 159 35.75 44.54 61.33
N ILE I 160 34.53 44.02 61.29
CA ILE I 160 33.61 44.41 60.20
C ILE I 160 32.76 45.61 60.64
N ALA I 161 33.39 46.78 60.70
CA ALA I 161 32.69 48.02 61.10
C ALA I 161 31.73 47.81 62.27
N ASP I 162 30.48 48.25 62.10
CA ASP I 162 29.42 48.09 63.11
C ASP I 162 28.06 48.00 62.44
N GLU I 163 27.70 49.06 61.73
CA GLU I 163 26.45 49.13 60.99
C GLU I 163 26.44 48.04 59.92
N LYS I 164 27.59 47.89 59.25
CA LYS I 164 27.77 46.91 58.18
C LYS I 164 27.71 45.45 58.69
N TYR I 165 28.07 45.23 59.95
CA TYR I 165 28.07 43.89 60.51
C TYR I 165 26.68 43.28 60.57
N ASN I 166 25.75 43.98 61.23
CA ASN I 166 24.37 43.50 61.40
C ASN I 166 23.56 43.48 60.11
N ASP I 167 23.72 44.53 59.30
CA ASP I 167 22.98 44.68 58.05
C ASP I 167 23.41 43.72 56.95
N THR I 168 24.70 43.39 56.91
CA THR I 168 25.21 42.52 55.85
C THR I 168 25.64 41.15 56.37
N PHE I 169 26.80 41.10 57.04
CA PHE I 169 27.37 39.83 57.53
C PHE I 169 26.44 38.89 58.28
N TRP I 170 25.68 39.45 59.22
CA TRP I 170 24.82 38.63 60.04
C TRP I 170 23.71 37.92 59.29
N LYS I 171 22.97 38.65 58.47
CA LYS I 171 21.88 38.02 57.70
C LYS I 171 22.39 37.04 56.63
N GLU I 172 23.71 36.95 56.49
CA GLU I 172 24.32 36.05 55.51
C GLU I 172 24.95 34.82 56.16
N PHE I 173 25.80 35.04 57.15
CA PHE I 173 26.52 33.94 57.78
C PHE I 173 26.26 33.82 59.27
N GLY I 174 25.23 34.52 59.74
CA GLY I 174 24.88 34.47 61.15
C GLY I 174 24.79 33.06 61.69
N THR I 175 24.26 32.17 60.87
CA THR I 175 24.09 30.77 61.24
C THR I 175 25.42 30.09 61.52
N ASN I 176 26.41 30.36 60.67
CA ASN I 176 27.74 29.78 60.83
C ASN I 176 28.35 30.15 62.17
N ILE I 177 28.13 31.40 62.57
CA ILE I 177 28.62 31.88 63.85
C ILE I 177 27.99 31.05 64.96
N LYS I 178 26.69 30.78 64.84
CA LYS I 178 25.96 29.98 65.81
C LYS I 178 26.43 28.52 65.84
N LEU I 179 26.76 27.98 64.67
CA LEU I 179 27.27 26.62 64.56
C LEU I 179 28.65 26.56 65.18
N GLY I 180 29.40 27.66 65.03
CA GLY I 180 30.74 27.78 65.57
C GLY I 180 30.77 27.71 67.08
N VAL I 181 29.80 28.37 67.72
CA VAL I 181 29.68 28.38 69.17
C VAL I 181 29.52 26.94 69.69
N ILE I 182 28.83 26.12 68.91
CA ILE I 182 28.62 24.72 69.25
C ILE I 182 29.85 23.87 68.94
N GLU I 183 30.34 23.96 67.71
CA GLU I 183 31.48 23.16 67.26
C GLU I 183 32.83 23.59 67.83
N ASP I 184 33.16 24.88 67.67
CA ASP I 184 34.48 25.40 68.03
C ASP I 184 34.65 25.92 69.47
N HIS I 185 34.82 24.94 70.36
CA HIS I 185 35.08 25.12 71.79
C HIS I 185 36.12 26.18 72.17
N SER I 186 37.30 26.15 71.54
CA SER I 186 38.39 27.06 71.89
C SER I 186 38.18 28.52 71.51
N ASN I 187 37.36 28.75 70.49
CA ASN I 187 37.06 30.10 70.06
C ASN I 187 35.67 30.54 70.48
N ARG I 188 35.07 29.77 71.40
CA ARG I 188 33.70 30.01 71.83
C ARG I 188 33.41 31.39 72.40
N THR I 189 34.24 31.86 73.32
CA THR I 189 34.05 33.18 73.93
C THR I 189 34.33 34.33 72.96
N ARG I 190 35.10 34.03 71.91
CA ARG I 190 35.43 35.01 70.88
C ARG I 190 34.21 35.12 69.98
N LEU I 191 33.62 33.95 69.69
CA LEU I 191 32.44 33.83 68.85
C LEU I 191 31.17 34.33 69.52
N ALA I 192 31.10 34.18 70.84
CA ALA I 192 29.94 34.58 71.63
C ALA I 192 29.61 36.05 71.42
N LYS I 193 30.65 36.87 71.36
CA LYS I 193 30.50 38.30 71.15
C LYS I 193 29.90 38.62 69.79
N LEU I 194 30.19 37.76 68.81
CA LEU I 194 29.72 37.94 67.44
C LEU I 194 28.25 37.59 67.23
N LEU I 195 27.66 36.89 68.20
CA LEU I 195 26.26 36.48 68.14
C LEU I 195 25.32 37.66 68.17
N ARG I 196 24.22 37.54 67.43
CA ARG I 196 23.16 38.55 67.36
C ARG I 196 21.79 37.87 67.44
N PHE I 197 20.92 38.37 68.29
CA PHE I 197 19.57 37.81 68.41
C PHE I 197 18.54 38.91 68.56
N GLN I 198 17.28 38.52 68.50
CA GLN I 198 16.20 39.45 68.70
C GLN I 198 15.90 39.48 70.19
N SER I 199 15.34 40.58 70.66
CA SER I 199 14.99 40.68 72.07
C SER I 199 13.83 41.62 72.27
N SER I 200 13.24 41.55 73.45
CA SER I 200 12.08 42.34 73.85
C SER I 200 12.32 43.86 73.90
N HIS I 201 13.57 44.26 73.71
CA HIS I 201 13.93 45.66 73.72
C HIS I 201 13.36 46.41 72.51
N HIS I 202 13.23 45.68 71.38
CA HIS I 202 12.75 46.28 70.15
C HIS I 202 12.08 45.25 69.24
N PRO I 203 10.91 45.61 68.66
CA PRO I 203 10.09 44.82 67.72
C PRO I 203 10.84 43.96 66.69
N SER I 204 11.93 44.48 66.12
CA SER I 204 12.67 43.71 65.11
C SER I 204 14.19 43.70 65.28
N ASP I 205 14.78 44.86 65.56
CA ASP I 205 16.23 45.02 65.70
C ASP I 205 16.94 43.89 66.44
N ILE I 206 18.04 43.41 65.86
CA ILE I 206 18.84 42.39 66.52
C ILE I 206 19.78 43.06 67.52
N THR I 207 20.20 42.31 68.53
CA THR I 207 21.08 42.85 69.55
C THR I 207 22.26 41.93 69.82
N SER I 208 23.38 42.51 70.24
CA SER I 208 24.54 41.71 70.56
C SER I 208 24.39 41.29 72.01
N LEU I 209 25.16 40.30 72.44
CA LEU I 209 25.09 39.88 73.83
C LEU I 209 25.63 40.95 74.78
N ASP I 210 26.66 41.67 74.36
CA ASP I 210 27.21 42.78 75.16
C ASP I 210 26.18 43.88 75.39
N GLN I 211 25.40 44.18 74.35
CA GLN I 211 24.35 45.19 74.46
C GLN I 211 23.31 44.78 75.49
N TYR I 212 22.96 43.48 75.51
CA TYR I 212 22.00 42.95 76.47
C TYR I 212 22.54 43.14 77.89
N VAL I 213 23.79 42.74 78.10
CA VAL I 213 24.45 42.86 79.39
C VAL I 213 24.41 44.30 79.88
N GLU I 214 24.62 45.24 78.96
CA GLU I 214 24.59 46.66 79.25
C GLU I 214 23.23 47.14 79.79
N ARG I 215 22.15 46.62 79.22
CA ARG I 215 20.80 47.03 79.62
C ARG I 215 20.31 46.39 80.91
N MET I 216 20.95 45.30 81.34
CA MET I 216 20.57 44.56 82.55
C MET I 216 20.36 45.39 83.81
N LYS I 217 19.46 44.92 84.67
CA LYS I 217 19.17 45.58 85.93
C LYS I 217 20.32 45.36 86.92
N GLU I 218 20.24 46.02 88.06
CA GLU I 218 21.31 45.95 89.06
C GLU I 218 21.55 44.57 89.67
N LYS I 219 20.49 43.99 90.25
CA LYS I 219 20.61 42.70 90.89
C LYS I 219 20.49 41.54 89.92
N GLN I 220 20.07 41.83 88.69
CA GLN I 220 19.92 40.82 87.64
C GLN I 220 21.29 40.22 87.32
N ASP I 221 21.32 38.91 87.12
CA ASP I 221 22.55 38.18 86.84
C ASP I 221 22.34 37.04 85.85
N LYS I 222 21.19 37.06 85.18
CA LYS I 222 20.82 36.03 84.23
C LYS I 222 20.46 36.67 82.90
N ILE I 223 20.73 35.96 81.81
CA ILE I 223 20.36 36.44 80.49
C ILE I 223 19.14 35.61 80.08
N TYR I 224 17.97 36.22 80.23
CA TYR I 224 16.70 35.56 79.96
C TYR I 224 16.40 35.40 78.48
N PHE I 225 16.06 34.18 78.07
CA PHE I 225 15.71 33.92 76.68
C PHE I 225 14.53 32.98 76.54
N MET I 226 13.85 33.10 75.40
CA MET I 226 12.71 32.27 75.07
C MET I 226 12.92 31.66 73.67
N ALA I 227 12.77 30.34 73.58
CA ALA I 227 12.94 29.64 72.31
C ALA I 227 11.60 29.29 71.67
N GLY I 228 11.44 29.62 70.39
CA GLY I 228 10.20 29.33 69.67
C GLY I 228 10.36 29.03 68.19
N SER I 229 9.26 29.08 67.45
CA SER I 229 9.24 28.81 66.02
C SER I 229 9.28 30.11 65.24
N SER I 230 8.79 31.17 65.85
CA SER I 230 8.76 32.48 65.23
C SER I 230 8.81 33.49 66.35
N ARG I 231 9.01 34.75 66.02
CA ARG I 231 9.09 35.75 67.07
C ARG I 231 7.73 35.91 67.70
N LYS I 232 6.71 36.00 66.85
CA LYS I 232 5.34 36.17 67.32
C LYS I 232 4.97 35.11 68.33
N GLU I 233 5.47 33.89 68.14
CA GLU I 233 5.22 32.80 69.08
C GLU I 233 5.92 33.01 70.42
N ALA I 234 7.22 33.32 70.35
CA ALA I 234 8.04 33.50 71.54
C ALA I 234 7.60 34.66 72.42
N GLU I 235 7.13 35.73 71.79
CA GLU I 235 6.66 36.91 72.54
C GLU I 235 5.27 36.72 73.13
N SER I 236 4.46 35.87 72.50
CA SER I 236 3.10 35.59 72.97
C SER I 236 3.11 34.65 74.17
N SER I 237 4.15 33.83 74.24
CA SER I 237 4.37 32.85 75.30
C SER I 237 4.07 33.35 76.71
N PRO I 238 3.51 32.47 77.57
CA PRO I 238 3.18 32.84 78.93
C PRO I 238 4.40 33.06 79.81
N PHE I 239 5.50 32.39 79.48
CA PHE I 239 6.72 32.45 80.30
C PHE I 239 7.37 33.83 80.45
N VAL I 240 7.18 34.69 79.45
CA VAL I 240 7.78 36.02 79.47
C VAL I 240 6.95 37.05 80.21
N GLU I 241 5.68 36.75 80.43
CA GLU I 241 4.74 37.68 81.04
C GLU I 241 5.23 38.57 82.16
N ARG I 242 5.59 37.99 83.31
CA ARG I 242 5.98 38.82 84.43
C ARG I 242 7.35 39.46 84.28
N LEU I 243 8.32 38.71 83.76
CA LEU I 243 9.66 39.25 83.53
C LEU I 243 9.56 40.55 82.74
N LEU I 244 8.72 40.57 81.71
CA LEU I 244 8.53 41.76 80.90
C LEU I 244 7.90 42.89 81.69
N LYS I 245 6.82 42.56 82.40
CA LYS I 245 6.10 43.53 83.23
C LYS I 245 7.03 44.12 84.31
N LYS I 246 7.92 43.27 84.82
CA LYS I 246 8.82 43.65 85.88
C LYS I 246 9.93 44.57 85.35
N GLY I 247 10.07 44.61 84.02
CA GLY I 247 11.08 45.45 83.38
C GLY I 247 12.32 44.75 82.86
N TYR I 248 12.35 43.43 82.94
CA TYR I 248 13.49 42.66 82.45
C TYR I 248 13.44 42.51 80.93
N GLU I 249 14.58 42.19 80.33
CA GLU I 249 14.69 42.01 78.90
C GLU I 249 14.79 40.51 78.58
N VAL I 250 14.08 40.06 77.54
CA VAL I 250 14.10 38.65 77.16
C VAL I 250 14.55 38.47 75.69
N ILE I 251 15.53 37.61 75.47
CA ILE I 251 16.02 37.32 74.13
C ILE I 251 15.11 36.29 73.48
N TYR I 252 14.74 36.53 72.22
CA TYR I 252 13.91 35.56 71.51
C TYR I 252 14.71 34.77 70.49
N LEU I 253 14.66 33.46 70.61
CA LEU I 253 15.35 32.58 69.70
C LEU I 253 14.34 31.99 68.75
N THR I 254 14.44 32.33 67.47
CA THR I 254 13.47 31.86 66.49
C THR I 254 14.07 30.92 65.45
N GLU I 255 15.33 30.55 65.63
CA GLU I 255 15.95 29.63 64.69
C GLU I 255 16.06 28.24 65.29
N PRO I 256 16.11 27.21 64.43
CA PRO I 256 16.21 25.85 64.93
C PRO I 256 17.50 25.64 65.73
N VAL I 257 18.61 26.15 65.20
CA VAL I 257 19.91 26.01 65.82
C VAL I 257 20.10 26.88 67.08
N ASP I 258 19.30 27.94 67.18
CA ASP I 258 19.41 28.89 68.30
C ASP I 258 19.51 28.35 69.72
N GLU I 259 18.61 27.46 70.12
CA GLU I 259 18.65 26.96 71.49
C GLU I 259 19.87 26.04 71.73
N TYR I 260 20.28 25.31 70.70
CA TYR I 260 21.45 24.44 70.81
C TYR I 260 22.72 25.27 70.99
N CYS I 261 22.69 26.45 70.39
CA CYS I 261 23.77 27.42 70.44
C CYS I 261 23.92 27.92 71.88
N ILE I 262 22.91 28.65 72.35
CA ILE I 262 22.86 29.20 73.71
C ILE I 262 23.08 28.13 74.78
N GLN I 263 22.70 26.91 74.47
CA GLN I 263 22.87 25.81 75.39
C GLN I 263 24.35 25.44 75.53
N ALA I 264 25.09 25.49 74.44
CA ALA I 264 26.52 25.17 74.46
C ALA I 264 27.42 26.32 74.95
N LEU I 265 26.80 27.35 75.51
CA LEU I 265 27.49 28.54 76.00
C LEU I 265 27.19 28.71 77.50
N PRO I 266 28.06 28.17 78.38
CA PRO I 266 27.90 28.18 79.85
C PRO I 266 27.74 29.55 80.50
N GLU I 267 28.68 30.44 80.26
CA GLU I 267 28.63 31.80 80.80
C GLU I 267 28.86 32.83 79.70
N PHE I 268 28.60 34.09 80.02
CA PHE I 268 28.90 35.22 79.13
C PHE I 268 29.09 36.44 79.99
N ASP I 269 30.33 36.95 80.03
CA ASP I 269 30.69 38.12 80.82
C ASP I 269 30.19 37.94 82.26
N GLY I 270 30.48 36.77 82.83
CA GLY I 270 30.08 36.43 84.18
C GLY I 270 28.59 36.31 84.47
N LYS I 271 27.80 36.13 83.42
CA LYS I 271 26.34 35.98 83.55
C LYS I 271 25.93 34.64 82.95
N ARG I 272 25.20 33.83 83.72
CA ARG I 272 24.71 32.55 83.21
C ARG I 272 23.39 32.79 82.46
N PHE I 273 23.07 31.92 81.51
CA PHE I 273 21.83 32.04 80.74
C PHE I 273 20.66 31.37 81.47
N GLN I 274 19.44 31.79 81.14
CA GLN I 274 18.24 31.23 81.76
C GLN I 274 17.08 31.20 80.80
N ASN I 275 16.58 29.99 80.55
CA ASN I 275 15.44 29.76 79.67
C ASN I 275 14.17 30.05 80.45
N VAL I 276 13.43 31.08 80.05
CA VAL I 276 12.20 31.47 80.75
C VAL I 276 11.16 30.34 80.84
N ALA I 277 11.33 29.31 80.02
CA ALA I 277 10.42 28.18 80.01
C ALA I 277 10.86 27.01 80.89
N LYS I 278 11.93 27.22 81.66
CA LYS I 278 12.43 26.17 82.56
C LYS I 278 12.53 26.70 83.98
N GLU I 279 12.74 25.80 84.93
CA GLU I 279 12.87 26.18 86.34
C GLU I 279 14.17 26.95 86.52
N GLY I 280 14.09 28.07 87.22
CA GLY I 280 15.28 28.86 87.48
C GLY I 280 15.08 30.36 87.68
N VAL I 281 13.90 30.88 87.34
CA VAL I 281 13.65 32.31 87.49
C VAL I 281 13.46 32.72 88.96
N LYS I 282 14.16 33.79 89.34
CA LYS I 282 14.12 34.33 90.68
C LYS I 282 13.68 35.78 90.62
N PHE I 283 13.21 36.30 91.76
CA PHE I 283 12.82 37.68 91.90
C PHE I 283 13.29 38.04 93.30
N ASP I 284 14.48 38.64 93.40
CA ASP I 284 15.09 38.97 94.71
C ASP I 284 14.16 39.58 95.76
N GLU I 285 13.44 40.64 95.39
CA GLU I 285 12.45 41.30 96.26
C GLU I 285 12.97 41.73 97.65
N SER I 286 12.11 41.56 98.66
CA SER I 286 12.45 41.90 100.04
C SER I 286 11.91 40.84 101.02
N GLU I 287 11.85 41.21 102.30
CA GLU I 287 11.36 40.29 103.34
C GLU I 287 9.85 40.26 103.42
N LYS I 288 9.21 41.43 103.42
CA LYS I 288 7.75 41.54 103.46
C LYS I 288 7.11 40.97 102.20
N THR I 289 7.88 40.94 101.10
CA THR I 289 7.44 40.37 99.83
C THR I 289 7.53 38.85 99.92
N LYS I 290 8.64 38.38 100.47
CA LYS I 290 8.86 36.94 100.68
C LYS I 290 7.77 36.40 101.61
N GLU I 291 7.47 37.13 102.68
CA GLU I 291 6.42 36.77 103.65
C GLU I 291 5.09 36.49 102.95
N SER I 292 4.69 37.39 102.04
CA SER I 292 3.43 37.28 101.30
C SER I 292 3.36 36.04 100.41
N ARG I 293 4.37 35.88 99.55
CA ARG I 293 4.43 34.75 98.61
C ARG I 293 4.42 33.39 99.32
N GLU I 294 5.24 33.29 100.38
CA GLU I 294 5.32 32.08 101.19
C GLU I 294 3.98 31.80 101.89
N ALA I 295 3.27 32.87 102.27
CA ALA I 295 1.95 32.76 102.90
C ALA I 295 0.88 32.36 101.88
N ILE I 296 1.15 32.65 100.61
CA ILE I 296 0.24 32.28 99.52
C ILE I 296 0.43 30.80 99.19
N GLU I 297 1.68 30.34 99.24
CA GLU I 297 2.02 28.93 98.99
C GLU I 297 1.42 27.98 100.04
N LYS I 298 1.21 28.49 101.26
CA LYS I 298 0.54 27.73 102.32
C LYS I 298 -0.94 27.63 102.00
N GLU I 299 -1.49 28.70 101.41
CA GLU I 299 -2.91 28.77 101.08
C GLU I 299 -3.34 27.81 99.96
N PHE I 300 -2.56 27.76 98.88
CA PHE I 300 -2.86 26.92 97.73
C PHE I 300 -2.45 25.46 97.84
N GLU I 301 -1.73 25.10 98.91
CA GLU I 301 -1.23 23.73 99.11
C GLU I 301 -2.23 22.57 98.91
N PRO I 302 -3.48 22.69 99.41
CA PRO I 302 -4.42 21.58 99.17
C PRO I 302 -4.87 21.45 97.71
N LEU I 303 -4.74 22.52 96.94
CA LEU I 303 -5.10 22.53 95.51
C LEU I 303 -3.94 21.98 94.69
N LEU I 304 -2.71 22.22 95.16
CA LEU I 304 -1.48 21.73 94.53
C LEU I 304 -1.34 20.23 94.72
N ASN I 305 -1.72 19.75 95.90
CA ASN I 305 -1.68 18.32 96.19
C ASN I 305 -2.83 17.63 95.48
N TRP I 306 -3.91 18.37 95.25
CA TRP I 306 -5.09 17.85 94.56
C TRP I 306 -4.78 17.55 93.10
N MET I 307 -3.99 18.44 92.49
CA MET I 307 -3.58 18.27 91.09
C MET I 307 -2.57 17.13 90.97
N LYS I 308 -1.61 17.12 91.87
CA LYS I 308 -0.56 16.12 91.90
C LYS I 308 -1.07 14.70 92.22
N ASP I 309 -1.95 14.59 93.20
CA ASP I 309 -2.45 13.28 93.63
C ASP I 309 -3.73 12.75 92.96
N LYS I 310 -4.53 13.63 92.37
CA LYS I 310 -5.78 13.16 91.75
C LYS I 310 -6.04 13.65 90.32
N ALA I 311 -6.54 14.88 90.18
CA ALA I 311 -6.90 15.47 88.88
C ALA I 311 -5.90 15.27 87.74
N LEU I 312 -4.61 15.38 88.05
CA LEU I 312 -3.57 15.18 87.06
C LEU I 312 -2.55 14.14 87.55
N LYS I 313 -3.02 13.07 88.19
CA LYS I 313 -2.09 12.06 88.68
C LYS I 313 -1.46 11.35 87.49
N ASP I 314 -0.15 11.20 87.54
CA ASP I 314 0.66 10.57 86.48
C ASP I 314 0.74 11.41 85.20
N LYS I 315 0.37 12.68 85.29
CA LYS I 315 0.37 13.60 84.15
C LYS I 315 1.46 14.67 84.34
N ILE I 316 1.52 15.21 85.55
CA ILE I 316 2.49 16.23 85.92
C ILE I 316 3.44 15.69 86.96
N GLU I 317 4.56 16.38 87.18
CA GLU I 317 5.49 15.95 88.20
C GLU I 317 5.13 16.56 89.55
N LYS I 318 4.78 17.84 89.54
CA LYS I 318 4.35 18.56 90.72
C LYS I 318 3.61 19.82 90.31
N ALA I 319 2.78 20.33 91.22
CA ALA I 319 2.06 21.56 90.97
C ALA I 319 2.60 22.61 91.93
N VAL I 320 2.98 23.77 91.40
CA VAL I 320 3.51 24.86 92.25
C VAL I 320 2.87 26.21 91.91
N VAL I 321 3.12 27.19 92.77
CA VAL I 321 2.62 28.54 92.60
C VAL I 321 3.60 29.30 91.70
N SER I 322 3.12 29.70 90.53
CA SER I 322 3.95 30.39 89.56
C SER I 322 4.28 31.82 89.92
N GLN I 323 5.52 32.21 89.61
CA GLN I 323 5.98 33.56 89.83
C GLN I 323 6.27 34.28 88.53
N ARG I 324 6.17 33.56 87.41
CA ARG I 324 6.49 34.15 86.11
C ARG I 324 5.28 34.59 85.32
N LEU I 325 4.08 34.34 85.83
CA LEU I 325 2.85 34.64 85.11
C LEU I 325 2.17 35.95 85.45
N THR I 326 1.62 36.60 84.43
CA THR I 326 0.86 37.84 84.60
C THR I 326 -0.62 37.55 84.39
N GLU I 327 -1.03 37.38 83.13
CA GLU I 327 -2.45 37.16 82.83
C GLU I 327 -2.83 35.74 82.46
N SER I 328 -1.84 34.86 82.33
CA SER I 328 -2.14 33.47 82.01
C SER I 328 -2.48 32.72 83.30
N PRO I 329 -3.44 31.78 83.21
CA PRO I 329 -3.83 30.97 84.35
C PRO I 329 -2.75 29.97 84.77
N CYS I 330 -2.17 29.27 83.81
CA CYS I 330 -1.15 28.27 84.09
C CYS I 330 -0.24 28.00 82.90
N ALA I 331 0.86 27.30 83.18
CA ALA I 331 1.85 26.92 82.17
C ALA I 331 2.73 25.73 82.61
N LEU I 332 3.22 24.97 81.63
CA LEU I 332 4.09 23.83 81.90
C LEU I 332 5.56 24.26 81.88
N VAL I 333 6.28 23.95 82.96
CA VAL I 333 7.68 24.34 83.08
C VAL I 333 8.57 23.12 83.17
N ALA I 334 9.54 23.03 82.24
CA ALA I 334 10.48 21.91 82.21
C ALA I 334 11.54 22.07 83.27
N SER I 335 12.23 20.97 83.60
CA SER I 335 13.30 21.02 84.58
C SER I 335 14.49 21.80 84.00
N GLN I 336 15.45 22.15 84.86
CA GLN I 336 16.59 22.95 84.44
C GLN I 336 17.37 22.44 83.23
N TYR I 337 17.68 21.15 83.20
CA TYR I 337 18.44 20.61 82.08
C TYR I 337 17.56 19.66 81.29
N GLY I 338 16.25 19.82 81.42
CA GLY I 338 15.29 19.00 80.69
C GLY I 338 15.00 19.62 79.33
N TRP I 339 14.02 19.07 78.62
CA TRP I 339 13.64 19.58 77.31
C TRP I 339 12.53 20.60 77.37
N SER I 340 12.80 21.78 76.81
CA SER I 340 11.81 22.84 76.74
C SER I 340 10.81 22.45 75.66
N GLY I 341 9.74 23.22 75.54
CA GLY I 341 8.74 22.95 74.50
C GLY I 341 9.36 22.93 73.12
N ASN I 342 10.19 23.94 72.85
CA ASN I 342 10.89 24.08 71.56
C ASN I 342 11.83 22.91 71.31
N MET I 343 12.63 22.58 72.33
CA MET I 343 13.52 21.43 72.27
C MET I 343 12.79 20.15 71.91
N GLU I 344 11.66 19.93 72.57
CA GLU I 344 10.87 18.74 72.33
C GLU I 344 10.46 18.66 70.86
N ARG I 345 9.96 19.77 70.32
CA ARG I 345 9.52 19.79 68.92
C ARG I 345 10.64 19.50 67.93
N ILE I 346 11.79 20.15 68.14
CA ILE I 346 12.96 19.96 67.28
C ILE I 346 13.49 18.53 67.35
N MET I 347 13.63 18.01 68.56
CA MET I 347 14.12 16.65 68.78
C MET I 347 13.21 15.61 68.13
N LYS I 348 11.91 15.71 68.37
CA LYS I 348 10.93 14.78 67.79
C LYS I 348 10.89 14.80 66.27
N ALA I 349 11.04 15.99 65.69
CA ALA I 349 11.02 16.16 64.24
C ALA I 349 12.20 15.47 63.57
N GLN I 350 13.40 15.78 64.06
CA GLN I 350 14.65 15.20 63.55
C GLN I 350 14.72 13.69 63.80
N ALA I 351 14.13 13.25 64.91
CA ALA I 351 14.09 11.83 65.27
C ALA I 351 13.10 11.08 64.39
N TYR I 352 12.20 11.82 63.75
CA TYR I 352 11.19 11.25 62.85
C TYR I 352 11.70 11.28 61.41
N GLN I 353 12.27 12.42 61.02
CA GLN I 353 12.82 12.57 59.69
C GLN I 353 14.06 11.70 59.50
N THR I 354 14.79 11.46 60.58
CA THR I 354 16.02 10.65 60.50
C THR I 354 16.11 9.46 61.47
N GLY I 355 16.10 9.74 62.77
CA GLY I 355 16.23 8.74 63.83
C GLY I 355 15.25 7.58 63.88
N LYS I 356 15.39 6.73 64.89
CA LYS I 356 14.51 5.57 65.03
C LYS I 356 13.65 5.61 66.30
N ASP I 357 12.73 6.58 66.32
CA ASP I 357 11.76 6.75 67.41
C ASP I 357 12.30 6.80 68.84
N ILE I 358 12.82 7.96 69.23
CA ILE I 358 13.29 8.17 70.58
C ILE I 358 12.06 8.45 71.45
N SER I 359 11.21 7.44 71.57
CA SER I 359 9.97 7.51 72.36
C SER I 359 10.30 7.24 73.82
N THR I 360 10.97 6.11 74.06
CA THR I 360 11.42 5.74 75.38
C THR I 360 12.87 6.23 75.55
N ASN I 361 13.04 7.56 75.52
CA ASN I 361 14.35 8.17 75.72
C ASN I 361 14.50 8.42 77.22
N TYR I 362 14.46 9.68 77.64
CA TYR I 362 14.61 10.00 79.05
C TYR I 362 13.82 11.23 79.36
N TYR I 363 14.45 12.38 79.12
CA TYR I 363 13.77 13.64 79.30
C TYR I 363 13.01 14.06 78.04
N ALA I 364 12.52 13.03 77.35
CA ALA I 364 11.68 13.15 76.17
C ALA I 364 10.26 12.87 76.65
N SER I 365 10.14 11.86 77.51
CA SER I 365 8.86 11.48 78.07
C SER I 365 8.80 11.75 79.57
N GLN I 366 9.34 12.88 80.00
CA GLN I 366 9.28 13.24 81.41
C GLN I 366 8.15 14.23 81.64
N LYS I 367 7.50 14.10 82.80
CA LYS I 367 6.39 14.97 83.18
C LYS I 367 6.94 16.36 83.49
N LYS I 368 6.15 17.39 83.23
CA LYS I 368 6.60 18.75 83.49
C LYS I 368 6.06 19.26 84.82
N THR I 369 6.55 20.42 85.26
CA THR I 369 6.08 21.04 86.48
C THR I 369 4.93 21.95 86.10
N PHE I 370 3.78 21.74 86.72
CA PHE I 370 2.60 22.52 86.40
C PHE I 370 2.51 23.75 87.31
N GLU I 371 2.66 24.92 86.71
CA GLU I 371 2.64 26.17 87.46
C GLU I 371 1.34 26.94 87.32
N ILE I 372 0.74 27.29 88.45
CA ILE I 372 -0.50 28.05 88.43
C ILE I 372 -0.35 29.49 88.94
N ASN I 373 -1.09 30.40 88.33
CA ASN I 373 -1.09 31.80 88.71
C ASN I 373 -2.01 31.93 89.92
N PRO I 374 -1.45 32.32 91.09
CA PRO I 374 -2.20 32.42 92.34
C PRO I 374 -3.25 33.52 92.32
N ARG I 375 -3.14 34.43 91.35
CA ARG I 375 -4.08 35.53 91.25
C ARG I 375 -4.90 35.50 89.96
N HIS I 376 -5.40 34.32 89.61
CA HIS I 376 -6.26 34.21 88.44
C HIS I 376 -7.63 33.75 88.91
N PRO I 377 -8.69 34.44 88.46
CA PRO I 377 -10.07 34.17 88.83
C PRO I 377 -10.44 32.69 88.73
N LEU I 378 -9.91 32.03 87.71
CA LEU I 378 -10.17 30.62 87.49
C LEU I 378 -9.43 29.76 88.52
N ILE I 379 -8.17 30.08 88.77
CA ILE I 379 -7.38 29.34 89.76
C ILE I 379 -7.97 29.53 91.17
N LYS I 380 -8.39 30.75 91.46
CA LYS I 380 -8.98 31.06 92.76
C LYS I 380 -10.29 30.31 93.04
N ASP I 381 -11.11 30.14 92.00
CA ASP I 381 -12.36 29.38 92.13
C ASP I 381 -12.05 27.91 92.31
N MET I 382 -10.95 27.49 91.71
CA MET I 382 -10.53 26.12 91.74
C MET I 382 -10.11 25.78 93.17
N LEU I 383 -9.35 26.66 93.79
CA LEU I 383 -8.92 26.47 95.17
C LEU I 383 -10.12 26.35 96.12
N ARG I 384 -11.07 27.28 95.96
CA ARG I 384 -12.26 27.30 96.80
C ARG I 384 -13.12 26.06 96.60
N ARG I 385 -13.32 25.68 95.34
CA ARG I 385 -14.19 24.56 95.02
C ARG I 385 -13.59 23.22 95.44
N VAL I 386 -12.26 23.17 95.57
CA VAL I 386 -11.55 21.96 96.01
C VAL I 386 -11.61 21.79 97.54
N LYS I 387 -11.49 22.89 98.28
CA LYS I 387 -11.54 22.85 99.74
C LYS I 387 -12.92 22.43 100.25
N GLU I 388 -13.94 22.64 99.43
CA GLU I 388 -15.31 22.25 99.74
C GLU I 388 -15.52 20.81 99.27
N ASP I 389 -15.79 20.65 97.98
CA ASP I 389 -15.98 19.34 97.37
C ASP I 389 -14.71 18.99 96.59
N GLU I 390 -13.91 18.09 97.15
CA GLU I 390 -12.65 17.67 96.56
C GLU I 390 -12.86 16.67 95.42
N ASP I 391 -14.02 16.01 95.41
CA ASP I 391 -14.33 15.03 94.40
C ASP I 391 -15.42 15.51 93.43
N ASP I 392 -15.43 16.82 93.20
CA ASP I 392 -16.36 17.43 92.26
C ASP I 392 -15.77 17.16 90.89
N LYS I 393 -16.43 16.27 90.14
CA LYS I 393 -15.96 15.89 88.81
C LYS I 393 -15.88 17.07 87.84
N THR I 394 -16.76 18.05 88.01
CA THR I 394 -16.78 19.25 87.17
C THR I 394 -15.42 19.95 87.23
N VAL I 395 -14.89 20.11 88.44
CA VAL I 395 -13.60 20.74 88.66
C VAL I 395 -12.49 19.83 88.16
N SER I 396 -12.63 18.55 88.46
CA SER I 396 -11.66 17.54 88.06
C SER I 396 -11.51 17.50 86.54
N ASP I 397 -12.65 17.55 85.82
CA ASP I 397 -12.66 17.54 84.35
C ASP I 397 -12.19 18.86 83.76
N LEU I 398 -12.46 19.95 84.47
CA LEU I 398 -12.03 21.27 84.01
C LEU I 398 -10.51 21.39 84.11
N ALA I 399 -9.96 20.91 85.22
CA ALA I 399 -8.51 20.96 85.48
C ALA I 399 -7.71 20.24 84.41
N VAL I 400 -8.33 19.27 83.74
CA VAL I 400 -7.67 18.54 82.67
C VAL I 400 -7.68 19.36 81.39
N VAL I 401 -8.84 19.91 81.05
CA VAL I 401 -8.99 20.76 79.86
C VAL I 401 -8.04 21.95 79.97
N LEU I 402 -7.93 22.49 81.17
CA LEU I 402 -7.06 23.60 81.45
C LEU I 402 -5.59 23.19 81.31
N PHE I 403 -5.28 22.00 81.80
CA PHE I 403 -3.94 21.46 81.74
C PHE I 403 -3.51 21.19 80.32
N GLU I 404 -4.42 20.65 79.53
CA GLU I 404 -4.11 20.33 78.15
C GLU I 404 -4.00 21.58 77.28
N THR I 405 -4.79 22.60 77.58
CA THR I 405 -4.71 23.85 76.85
C THR I 405 -3.37 24.51 77.19
N ALA I 406 -2.96 24.38 78.44
CA ALA I 406 -1.68 24.90 78.90
C ALA I 406 -0.55 24.08 78.29
N THR I 407 -0.81 22.82 77.96
CA THR I 407 0.18 21.97 77.32
C THR I 407 0.52 22.55 75.94
N LEU I 408 -0.52 22.98 75.22
CA LEU I 408 -0.32 23.60 73.90
C LEU I 408 0.32 24.96 74.03
N ARG I 409 -0.15 25.75 74.97
CA ARG I 409 0.39 27.07 75.17
C ARG I 409 1.85 27.08 75.59
N SER I 410 2.29 26.03 76.27
CA SER I 410 3.68 25.94 76.71
C SER I 410 4.61 25.45 75.58
N GLY I 411 4.02 25.13 74.43
CA GLY I 411 4.78 24.69 73.27
C GLY I 411 5.04 23.20 73.23
N TYR I 412 4.36 22.44 74.07
CA TYR I 412 4.53 20.99 74.10
C TYR I 412 3.54 20.29 73.19
N LEU I 413 3.87 19.08 72.78
CA LEU I 413 3.00 18.32 71.92
C LEU I 413 1.88 17.68 72.72
N LEU I 414 0.70 17.69 72.13
CA LEU I 414 -0.44 17.10 72.76
C LEU I 414 -0.47 15.60 72.43
N PRO I 415 -0.43 14.75 73.48
CA PRO I 415 -0.39 13.28 73.40
C PRO I 415 -1.49 12.63 72.57
N ASP I 416 -2.74 12.99 72.84
CA ASP I 416 -3.89 12.39 72.18
C ASP I 416 -4.93 13.47 71.83
N THR I 417 -4.82 14.02 70.63
CA THR I 417 -5.73 15.09 70.18
C THR I 417 -7.17 14.63 70.00
N LYS I 418 -7.35 13.31 69.84
CA LYS I 418 -8.68 12.72 69.73
C LYS I 418 -9.41 12.90 71.07
N ALA I 419 -8.71 12.62 72.16
CA ALA I 419 -9.27 12.73 73.50
C ALA I 419 -9.55 14.18 73.86
N TYR I 420 -8.58 15.04 73.56
CA TYR I 420 -8.67 16.46 73.84
C TYR I 420 -9.87 17.09 73.15
N GLY I 421 -10.06 16.80 71.87
CA GLY I 421 -11.18 17.32 71.09
C GLY I 421 -12.50 16.91 71.71
N ASP I 422 -12.54 15.67 72.20
CA ASP I 422 -13.72 15.12 72.86
C ASP I 422 -14.03 15.82 74.18
N ARG I 423 -13.00 16.19 74.93
CA ARG I 423 -13.22 16.91 76.18
C ARG I 423 -13.72 18.32 75.96
N ILE I 424 -13.24 18.96 74.89
CA ILE I 424 -13.72 20.29 74.53
C ILE I 424 -15.18 20.14 74.12
N GLU I 425 -15.45 19.13 73.28
CA GLU I 425 -16.80 18.84 72.79
C GLU I 425 -17.77 18.65 73.96
N ARG I 426 -17.35 17.86 74.95
CA ARG I 426 -18.18 17.58 76.14
C ARG I 426 -18.55 18.86 76.87
N MET I 427 -17.58 19.77 76.96
CA MET I 427 -17.77 21.04 77.64
C MET I 427 -18.54 22.03 76.76
N LEU I 428 -18.30 21.98 75.45
CA LEU I 428 -19.01 22.84 74.50
C LEU I 428 -20.50 22.59 74.57
N ARG I 429 -20.87 21.32 74.70
CA ARG I 429 -22.27 20.93 74.76
C ARG I 429 -22.96 21.28 76.08
N LEU I 430 -22.17 21.65 77.08
CA LEU I 430 -22.74 22.14 78.35
C LEU I 430 -23.17 23.60 78.13
N SER I 431 -22.36 24.33 77.36
CA SER I 431 -22.64 25.73 77.00
C SER I 431 -23.72 25.85 75.93
N LEU I 432 -24.55 24.82 75.82
CA LEU I 432 -25.66 24.79 74.88
C LEU I 432 -26.83 24.10 75.59
N ASN I 433 -26.54 22.91 76.12
CA ASN I 433 -27.46 22.04 76.89
C ASN I 433 -27.25 20.56 76.54
N ILE I 434 -27.21 20.25 75.24
CA ILE I 434 -27.03 18.90 74.70
C ILE I 434 -26.36 17.88 75.64
N ASP I 435 -27.17 16.95 76.14
CA ASP I 435 -26.76 15.86 77.06
C ASP I 435 -25.42 15.23 76.68
N PRO I 436 -24.35 15.55 77.44
CA PRO I 436 -22.97 15.09 77.18
C PRO I 436 -22.81 13.61 76.79
N ASP I 437 -22.85 12.71 77.78
CA ASP I 437 -22.71 11.28 77.53
C ASP I 437 -23.85 10.70 76.70
N ALA I 438 -25.08 10.95 77.16
CA ALA I 438 -26.27 10.39 76.51
C ALA I 438 -26.87 11.13 75.29
N LYS I 439 -26.00 11.71 74.45
CA LYS I 439 -26.40 12.36 73.17
C LYS I 439 -25.38 12.14 72.06
N VAL I 440 -24.10 12.21 72.41
CA VAL I 440 -23.00 11.99 71.45
C VAL I 440 -23.10 10.54 70.94
N GLU I 441 -24.01 9.78 71.53
CA GLU I 441 -24.30 8.44 71.09
C GLU I 441 -25.46 8.53 70.12
N GLU I 442 -26.59 9.08 70.59
CA GLU I 442 -27.88 9.15 69.86
C GLU I 442 -27.94 9.51 68.36
N GLU I 443 -27.87 10.80 68.04
CA GLU I 443 -27.92 11.22 66.63
C GLU I 443 -26.72 10.74 65.81
N PRO I 444 -25.50 10.72 66.40
CA PRO I 444 -24.36 10.17 65.69
C PRO I 444 -24.48 8.66 65.42
N GLU I 445 -25.60 8.07 65.86
CA GLU I 445 -25.88 6.66 65.62
C GLU I 445 -27.33 6.54 65.11
N GLU I 446 -27.78 7.56 64.39
CA GLU I 446 -29.09 7.51 63.72
C GLU I 446 -28.83 7.23 62.24
N GLU I 447 -27.54 7.02 61.96
CA GLU I 447 -27.03 6.72 60.63
C GLU I 447 -27.46 5.37 60.02
N PRO I 448 -27.75 4.33 60.84
CA PRO I 448 -28.24 3.07 60.27
C PRO I 448 -29.43 3.21 59.31
N GLU I 449 -30.05 4.39 59.32
CA GLU I 449 -31.16 4.69 58.41
C GLU I 449 -30.65 4.96 57.00
N GLU I 450 -29.52 5.65 56.92
CA GLU I 450 -28.87 6.03 55.67
C GLU I 450 -28.51 4.81 54.82
N LYS J 25 -11.72 -31.26 59.22
CA LYS J 25 -11.57 -29.90 58.62
C LYS J 25 -11.02 -30.01 57.20
N PRO J 26 -11.82 -29.61 56.19
CA PRO J 26 -11.41 -29.69 54.79
C PRO J 26 -10.10 -28.96 54.55
N ILE J 27 -9.30 -29.47 53.61
CA ILE J 27 -8.00 -28.91 53.26
C ILE J 27 -8.09 -27.41 52.93
N TRP J 28 -9.15 -27.01 52.25
CA TRP J 28 -9.34 -25.62 51.83
C TRP J 28 -9.81 -24.64 52.91
N GLN J 29 -10.25 -25.16 54.04
CA GLN J 29 -10.78 -24.29 55.11
C GLN J 29 -9.74 -23.86 56.15
N ARG J 30 -8.59 -24.53 56.13
CA ARG J 30 -7.47 -24.24 57.03
C ARG J 30 -6.69 -23.05 56.47
N PRO J 31 -5.97 -22.31 57.35
CA PRO J 31 -5.14 -21.17 56.91
C PRO J 31 -4.06 -21.57 55.92
N SER J 32 -3.73 -20.66 55.02
CA SER J 32 -2.76 -20.91 53.96
C SER J 32 -1.38 -21.33 54.47
N LYS J 33 -0.96 -20.68 55.55
CA LYS J 33 0.36 -20.91 56.13
C LYS J 33 0.46 -22.18 56.98
N GLU J 34 -0.67 -22.80 57.29
CA GLU J 34 -0.66 -24.01 58.14
C GLU J 34 -0.67 -25.35 57.39
N VAL J 35 -0.90 -25.31 56.08
CA VAL J 35 -0.97 -26.55 55.30
C VAL J 35 0.40 -26.92 54.71
N GLU J 36 0.75 -28.19 54.87
CA GLU J 36 2.01 -28.74 54.35
C GLU J 36 2.00 -28.80 52.83
N ASP J 37 3.19 -28.67 52.24
CA ASP J 37 3.38 -28.75 50.80
C ASP J 37 2.99 -30.13 50.28
N ASP J 38 3.24 -31.15 51.10
CA ASP J 38 2.94 -32.53 50.77
C ASP J 38 1.44 -32.80 50.71
N GLU J 39 0.70 -32.24 51.67
CA GLU J 39 -0.75 -32.42 51.76
C GLU J 39 -1.53 -31.85 50.56
N TYR J 40 -1.03 -30.76 49.98
CA TYR J 40 -1.64 -30.19 48.79
C TYR J 40 -1.43 -31.17 47.65
N LYS J 41 -0.20 -31.65 47.52
CA LYS J 41 0.18 -32.60 46.47
C LYS J 41 -0.58 -33.91 46.56
N ALA J 42 -0.94 -34.29 47.78
CA ALA J 42 -1.72 -35.51 48.01
C ALA J 42 -3.19 -35.27 47.66
N PHE J 43 -3.65 -34.04 47.94
CA PHE J 43 -5.04 -33.63 47.68
C PHE J 43 -5.39 -33.60 46.19
N TYR J 44 -4.41 -33.20 45.38
CA TYR J 44 -4.59 -33.12 43.94
C TYR J 44 -4.87 -34.49 43.30
N LYS J 45 -4.14 -35.49 43.76
CA LYS J 45 -4.27 -36.85 43.24
C LYS J 45 -5.56 -37.55 43.65
N SER J 46 -6.17 -37.08 44.74
CA SER J 46 -7.39 -37.68 45.29
C SER J 46 -8.61 -37.64 44.37
N PHE J 47 -8.71 -36.59 43.54
CA PHE J 47 -9.86 -36.48 42.65
C PHE J 47 -9.51 -36.58 41.16
N SER J 48 -8.32 -37.12 40.84
CA SER J 48 -7.91 -37.25 39.44
C SER J 48 -7.02 -38.47 39.14
N LYS J 49 -6.66 -39.23 40.18
CA LYS J 49 -5.76 -40.40 40.07
C LYS J 49 -4.43 -40.01 39.36
N GLU J 50 -3.99 -40.82 38.39
CA GLU J 50 -2.75 -40.56 37.60
C GLU J 50 -1.43 -40.76 38.37
N SER J 51 -1.53 -40.65 39.70
CA SER J 51 -0.41 -40.80 40.66
C SER J 51 0.82 -39.89 40.47
N ASP J 52 0.61 -38.67 39.97
CA ASP J 52 1.72 -37.72 39.76
C ASP J 52 1.38 -36.28 40.18
N ASP J 53 2.41 -35.53 40.57
CA ASP J 53 2.30 -34.14 41.04
C ASP J 53 1.76 -33.09 40.05
N PRO J 54 1.09 -32.04 40.60
CA PRO J 54 0.62 -30.92 39.76
C PRO J 54 1.78 -29.97 39.48
N MET J 55 1.62 -29.08 38.51
CA MET J 55 2.68 -28.15 38.18
C MET J 55 2.78 -27.00 39.17
N ALA J 56 1.62 -26.60 39.71
CA ALA J 56 1.53 -25.54 40.72
C ALA J 56 0.15 -25.48 41.35
N TYR J 57 0.02 -24.64 42.36
CA TYR J 57 -1.24 -24.45 43.07
C TYR J 57 -1.20 -23.21 43.93
N ILE J 58 -2.37 -22.66 44.20
CA ILE J 58 -2.50 -21.54 45.14
C ILE J 58 -3.72 -21.75 46.01
N HIS J 59 -3.55 -21.46 47.29
CA HIS J 59 -4.64 -21.56 48.26
C HIS J 59 -4.94 -20.14 48.72
N PHE J 60 -6.15 -19.68 48.43
CA PHE J 60 -6.53 -18.33 48.80
C PHE J 60 -7.93 -18.25 49.33
N THR J 61 -8.17 -17.16 50.06
CA THR J 61 -9.47 -16.85 50.61
C THR J 61 -9.85 -15.49 50.06
N ALA J 62 -11.10 -15.36 49.62
CA ALA J 62 -11.57 -14.11 49.02
C ALA J 62 -12.37 -13.25 49.97
N GLU J 63 -12.11 -11.95 49.89
CA GLU J 63 -12.79 -10.97 50.70
C GLU J 63 -13.49 -9.94 49.82
N GLY J 64 -14.44 -9.22 50.43
CA GLY J 64 -15.18 -8.16 49.75
C GLY J 64 -16.67 -8.39 49.51
N GLU J 65 -17.04 -8.35 48.23
CA GLU J 65 -18.42 -8.52 47.79
C GLU J 65 -18.90 -9.96 48.02
N VAL J 66 -18.07 -10.91 47.56
CA VAL J 66 -18.33 -12.34 47.72
C VAL J 66 -17.18 -12.99 48.50
N THR J 67 -17.54 -13.73 49.54
CA THR J 67 -16.53 -14.43 50.34
C THR J 67 -16.55 -15.91 50.01
N PHE J 68 -15.37 -16.50 49.90
CA PHE J 68 -15.21 -17.93 49.63
C PHE J 68 -13.75 -18.35 49.74
N LYS J 69 -13.51 -19.62 50.03
CA LYS J 69 -12.15 -20.16 50.09
C LYS J 69 -11.95 -21.07 48.89
N SER J 70 -10.71 -21.17 48.40
CA SER J 70 -10.44 -21.99 47.22
C SER J 70 -9.01 -22.48 47.09
N ILE J 71 -8.84 -23.57 46.35
CA ILE J 71 -7.53 -24.11 46.01
C ILE J 71 -7.62 -24.44 44.53
N LEU J 72 -6.75 -23.82 43.74
CA LEU J 72 -6.74 -24.06 42.31
C LEU J 72 -5.43 -24.72 41.89
N PHE J 73 -5.51 -25.68 40.97
CA PHE J 73 -4.34 -26.42 40.51
C PHE J 73 -4.02 -26.29 39.03
N VAL J 74 -2.76 -26.53 38.70
CA VAL J 74 -2.32 -26.55 37.33
C VAL J 74 -1.70 -27.92 37.15
N PRO J 75 -2.33 -28.79 36.35
CA PRO J 75 -1.81 -30.13 36.09
C PRO J 75 -0.55 -30.07 35.23
N THR J 76 0.03 -31.22 34.93
CA THR J 76 1.22 -31.23 34.08
C THR J 76 0.90 -31.66 32.64
N SER J 77 -0.36 -31.98 32.37
CA SER J 77 -0.82 -32.39 31.03
C SER J 77 -2.29 -32.10 30.74
N ALA J 78 -2.58 -31.70 29.51
CA ALA J 78 -3.96 -31.42 29.10
C ALA J 78 -4.82 -32.69 28.92
N PRO J 79 -4.31 -33.63 28.12
CA PRO J 79 -4.98 -34.92 27.80
C PRO J 79 -6.28 -34.76 26.98
N TYR J 93 -13.89 -29.69 35.34
CA TYR J 93 -13.55 -30.40 36.57
C TYR J 93 -13.25 -29.53 37.81
N ILE J 94 -14.24 -28.77 38.23
CA ILE J 94 -14.12 -27.94 39.42
C ILE J 94 -15.24 -28.23 40.43
N LYS J 95 -14.82 -28.65 41.63
CA LYS J 95 -15.72 -29.02 42.71
C LYS J 95 -16.36 -27.77 43.33
N LEU J 96 -17.69 -27.73 43.36
CA LEU J 96 -18.42 -26.61 43.94
C LEU J 96 -19.03 -26.99 45.28
N TYR J 97 -18.81 -26.15 46.29
CA TYR J 97 -19.33 -26.38 47.63
C TYR J 97 -20.05 -25.12 48.15
N VAL J 98 -21.32 -25.25 48.53
CA VAL J 98 -22.06 -24.10 49.06
C VAL J 98 -22.28 -24.29 50.56
N ARG J 99 -21.70 -23.39 51.34
CA ARG J 99 -21.72 -23.45 52.80
C ARG J 99 -21.23 -24.81 53.27
N ARG J 100 -20.15 -25.26 52.64
CA ARG J 100 -19.49 -26.53 52.94
C ARG J 100 -20.26 -27.80 52.56
N VAL J 101 -21.23 -27.69 51.65
CA VAL J 101 -22.00 -28.88 51.23
C VAL J 101 -21.73 -29.17 49.75
N PHE J 102 -21.31 -30.40 49.43
CA PHE J 102 -21.01 -30.79 48.05
C PHE J 102 -22.24 -30.65 47.14
N ILE J 103 -22.09 -29.83 46.11
CA ILE J 103 -23.19 -29.57 45.17
C ILE J 103 -23.03 -30.34 43.86
N THR J 104 -21.89 -30.19 43.21
CA THR J 104 -21.64 -30.86 41.94
C THR J 104 -20.21 -30.55 41.46
N ASP J 105 -19.96 -30.75 40.15
CA ASP J 105 -18.67 -30.47 39.50
C ASP J 105 -18.85 -30.46 37.98
N ASP J 106 -20.13 -30.54 37.58
CA ASP J 106 -20.56 -30.54 36.18
C ASP J 106 -20.61 -29.12 35.56
N PHE J 107 -20.57 -28.12 36.43
CA PHE J 107 -20.59 -26.71 36.04
C PHE J 107 -19.38 -26.46 35.17
N HIS J 108 -19.62 -26.46 33.85
CA HIS J 108 -18.52 -26.23 32.91
C HIS J 108 -18.28 -24.75 32.62
N ASP J 109 -19.20 -23.89 33.05
CA ASP J 109 -19.05 -22.44 32.90
C ASP J 109 -18.40 -21.79 34.13
N MET J 110 -17.64 -22.58 34.89
CA MET J 110 -16.93 -22.08 36.07
C MET J 110 -15.72 -21.30 35.67
N MET J 111 -14.97 -21.89 34.74
CA MET J 111 -13.79 -21.27 34.20
C MET J 111 -14.12 -20.90 32.77
N PRO J 112 -13.46 -19.85 32.24
CA PRO J 112 -13.67 -19.49 30.85
C PRO J 112 -13.07 -20.55 29.94
N LYS J 113 -13.56 -20.60 28.71
CA LYS J 113 -13.09 -21.55 27.71
C LYS J 113 -11.60 -21.94 27.85
N TYR J 114 -10.70 -20.96 27.80
CA TYR J 114 -9.27 -21.24 27.83
C TYR J 114 -8.70 -21.75 29.15
N LEU J 115 -9.48 -21.72 30.20
CA LEU J 115 -8.97 -22.20 31.49
C LEU J 115 -9.68 -23.46 31.93
N ASN J 116 -10.14 -24.22 30.95
CA ASN J 116 -10.85 -25.48 31.19
C ASN J 116 -9.96 -26.59 31.74
N PHE J 117 -8.65 -26.34 31.80
CA PHE J 117 -7.68 -27.32 32.31
C PHE J 117 -7.47 -27.19 33.82
N VAL J 118 -7.86 -26.05 34.37
CA VAL J 118 -7.70 -25.78 35.78
C VAL J 118 -8.65 -26.64 36.62
N LYS J 119 -8.07 -27.38 37.56
CA LYS J 119 -8.82 -28.26 38.46
C LYS J 119 -8.76 -27.70 39.86
N GLY J 120 -9.79 -27.96 40.65
CA GLY J 120 -9.80 -27.48 42.04
C GLY J 120 -11.13 -27.43 42.75
N VAL J 121 -11.12 -26.80 43.92
CA VAL J 121 -12.30 -26.67 44.78
C VAL J 121 -12.67 -25.21 45.06
N VAL J 122 -13.97 -24.96 45.19
CA VAL J 122 -14.49 -23.64 45.49
C VAL J 122 -15.57 -23.81 46.56
N ASP J 123 -15.37 -23.14 47.70
CA ASP J 123 -16.31 -23.24 48.83
C ASP J 123 -16.95 -21.89 49.19
N SER J 124 -18.04 -21.56 48.51
CA SER J 124 -18.79 -20.33 48.75
C SER J 124 -19.65 -20.47 50.00
N ASP J 125 -20.14 -19.32 50.47
CA ASP J 125 -21.04 -19.29 51.61
C ASP J 125 -22.03 -18.14 51.45
N ASP J 126 -22.22 -17.74 50.19
CA ASP J 126 -23.11 -16.64 49.81
C ASP J 126 -24.23 -17.10 48.87
N LEU J 127 -23.90 -18.06 48.00
CA LEU J 127 -24.84 -18.62 47.02
C LEU J 127 -26.10 -19.25 47.64
N PRO J 128 -27.23 -19.22 46.89
CA PRO J 128 -28.48 -19.83 47.41
C PRO J 128 -28.39 -21.35 47.46
N LEU J 129 -28.36 -21.89 48.68
CA LEU J 129 -28.25 -23.33 48.91
C LEU J 129 -29.52 -24.08 48.50
N ASN J 130 -30.66 -23.57 48.93
CA ASN J 130 -31.94 -24.20 48.67
C ASN J 130 -32.62 -23.76 47.37
N VAL J 131 -31.92 -23.97 46.25
CA VAL J 131 -32.44 -23.61 44.93
C VAL J 131 -32.11 -24.69 43.90
N SER J 132 -32.44 -24.43 42.64
CA SER J 132 -32.20 -25.38 41.54
C SER J 132 -30.80 -25.17 40.96
N ARG J 133 -30.38 -26.09 40.09
CA ARG J 133 -29.09 -26.01 39.37
C ARG J 133 -29.11 -25.07 38.16
N GLU J 134 -30.33 -24.80 37.67
CA GLU J 134 -30.53 -23.87 36.55
C GLU J 134 -30.47 -22.44 37.10
N THR J 135 -31.13 -22.26 38.24
CA THR J 135 -31.18 -20.98 38.97
C THR J 135 -29.79 -20.56 39.42
N LEU J 136 -29.10 -21.48 40.10
CA LEU J 136 -27.75 -21.27 40.66
C LEU J 136 -26.68 -20.97 39.62
N GLN J 137 -26.79 -21.55 38.43
CA GLN J 137 -25.80 -21.32 37.37
C GLN J 137 -26.02 -19.94 36.74
N GLN J 138 -27.26 -19.44 36.84
CA GLN J 138 -27.65 -18.14 36.28
C GLN J 138 -27.79 -17.03 37.32
N HIS J 139 -27.11 -17.18 38.46
CA HIS J 139 -27.22 -16.18 39.54
C HIS J 139 -26.31 -14.97 39.34
N LYS J 140 -26.64 -13.87 40.02
CA LYS J 140 -25.88 -12.61 39.95
C LYS J 140 -24.43 -12.75 40.42
N LEU J 141 -24.25 -13.42 41.56
CA LEU J 141 -22.92 -13.62 42.15
C LEU J 141 -22.04 -14.64 41.41
N LEU J 142 -22.62 -15.40 40.49
CA LEU J 142 -21.89 -16.43 39.76
C LEU J 142 -20.85 -15.80 38.84
N LYS J 143 -21.26 -14.79 38.08
CA LYS J 143 -20.37 -14.12 37.13
C LYS J 143 -19.21 -13.42 37.88
N VAL J 144 -19.50 -13.01 39.11
CA VAL J 144 -18.53 -12.33 39.98
C VAL J 144 -17.42 -13.29 40.44
N ILE J 145 -17.80 -14.44 40.97
CA ILE J 145 -16.85 -15.45 41.44
C ILE J 145 -15.97 -15.93 40.30
N ARG J 146 -16.58 -16.07 39.11
CA ARG J 146 -15.87 -16.50 37.91
C ARG J 146 -14.66 -15.61 37.64
N LYS J 147 -14.86 -14.29 37.70
CA LYS J 147 -13.75 -13.34 37.45
C LYS J 147 -12.64 -13.38 38.49
N LYS J 148 -13.01 -13.57 39.76
CA LYS J 148 -12.01 -13.64 40.83
C LYS J 148 -11.14 -14.88 40.69
N LEU J 149 -11.73 -15.98 40.24
CA LEU J 149 -10.98 -17.22 40.05
C LEU J 149 -9.94 -17.07 38.97
N VAL J 150 -10.31 -16.40 37.88
CA VAL J 150 -9.42 -16.16 36.76
C VAL J 150 -8.23 -15.30 37.19
N ARG J 151 -8.52 -14.18 37.84
CA ARG J 151 -7.50 -13.24 38.28
C ARG J 151 -6.51 -13.89 39.23
N LYS J 152 -6.93 -14.94 39.94
CA LYS J 152 -6.02 -15.65 40.84
C LYS J 152 -5.24 -16.71 40.09
N THR J 153 -5.92 -17.39 39.18
CA THR J 153 -5.30 -18.43 38.38
C THR J 153 -4.09 -17.83 37.71
N LEU J 154 -4.27 -16.63 37.16
CA LEU J 154 -3.20 -15.90 36.46
C LEU J 154 -2.09 -15.42 37.38
N ASP J 155 -2.42 -15.23 38.65
CA ASP J 155 -1.39 -14.83 39.60
C ASP J 155 -0.52 -16.02 39.87
N MET J 156 -1.16 -17.20 39.94
CA MET J 156 -0.46 -18.44 40.20
C MET J 156 0.53 -18.70 39.08
N ILE J 157 0.05 -18.60 37.85
CA ILE J 157 0.86 -18.81 36.66
C ILE J 157 2.00 -17.80 36.58
N LYS J 158 1.75 -16.55 36.99
CA LYS J 158 2.78 -15.51 36.97
C LYS J 158 3.98 -15.90 37.82
N LYS J 159 3.74 -16.73 38.84
CA LYS J 159 4.78 -17.16 39.78
C LYS J 159 5.41 -18.54 39.53
N ILE J 160 5.29 -19.08 38.32
CA ILE J 160 5.89 -20.38 38.03
C ILE J 160 7.36 -20.24 37.68
N ALA J 161 8.23 -20.19 38.69
CA ALA J 161 9.68 -20.07 38.49
C ALA J 161 10.07 -19.20 37.30
N ASP J 162 10.93 -19.73 36.43
CA ASP J 162 11.38 -19.06 35.21
C ASP J 162 11.85 -20.10 34.22
N GLU J 163 12.84 -20.89 34.64
CA GLU J 163 13.38 -21.96 33.82
C GLU J 163 12.29 -23.01 33.63
N LYS J 164 11.45 -23.17 34.65
CA LYS J 164 10.36 -24.14 34.63
C LYS J 164 9.18 -23.68 33.75
N TYR J 165 8.99 -22.36 33.65
CA TYR J 165 7.87 -21.84 32.86
C TYR J 165 7.96 -22.20 31.37
N ASN J 166 9.08 -21.84 30.75
CA ASN J 166 9.26 -22.10 29.34
C ASN J 166 9.41 -23.57 29.01
N ASP J 167 10.05 -24.31 29.90
CA ASP J 167 10.28 -25.71 29.68
C ASP J 167 9.09 -26.59 29.94
N THR J 168 8.19 -26.14 30.82
CA THR J 168 7.03 -26.97 31.14
C THR J 168 5.70 -26.32 30.75
N PHE J 169 5.28 -25.34 31.54
CA PHE J 169 3.99 -24.69 31.32
C PHE J 169 3.71 -24.23 29.90
N TRP J 170 4.70 -23.62 29.25
CA TRP J 170 4.45 -23.11 27.92
C TRP J 170 4.19 -24.17 26.86
N LYS J 171 5.01 -25.23 26.82
CA LYS J 171 4.80 -26.27 25.81
C LYS J 171 3.51 -27.06 26.05
N GLU J 172 2.92 -26.89 27.23
CA GLU J 172 1.69 -27.57 27.59
C GLU J 172 0.45 -26.72 27.37
N PHE J 173 0.41 -25.53 27.96
CA PHE J 173 -0.78 -24.69 27.90
C PHE J 173 -0.58 -23.37 27.22
N GLY J 174 0.51 -23.23 26.48
CA GLY J 174 0.82 -22.00 25.75
C GLY J 174 -0.29 -21.56 24.83
N THR J 175 -1.01 -22.53 24.29
CA THR J 175 -2.12 -22.27 23.39
C THR J 175 -3.24 -21.56 24.13
N ASN J 176 -3.50 -22.00 25.36
CA ASN J 176 -4.55 -21.42 26.17
C ASN J 176 -4.30 -19.96 26.49
N ILE J 177 -3.04 -19.66 26.83
CA ILE J 177 -2.63 -18.29 27.10
C ILE J 177 -2.97 -17.46 25.88
N LYS J 178 -2.68 -17.98 24.69
CA LYS J 178 -2.96 -17.28 23.46
C LYS J 178 -4.45 -17.12 23.24
N LEU J 179 -5.20 -18.18 23.49
CA LEU J 179 -6.65 -18.12 23.36
C LEU J 179 -7.22 -17.06 24.30
N GLY J 180 -6.63 -16.97 25.49
CA GLY J 180 -7.06 -16.01 26.49
C GLY J 180 -6.90 -14.57 26.05
N VAL J 181 -5.80 -14.28 25.36
CA VAL J 181 -5.52 -12.94 24.87
C VAL J 181 -6.68 -12.50 23.99
N ILE J 182 -7.20 -13.45 23.23
CA ILE J 182 -8.29 -13.18 22.32
C ILE J 182 -9.61 -13.00 23.04
N GLU J 183 -9.92 -13.93 23.92
CA GLU J 183 -11.19 -13.95 24.65
C GLU J 183 -11.29 -13.05 25.87
N ASP J 184 -10.28 -13.13 26.73
CA ASP J 184 -10.27 -12.41 28.00
C ASP J 184 -9.69 -11.00 27.91
N HIS J 185 -10.50 -10.09 27.38
CA HIS J 185 -10.21 -8.67 27.20
C HIS J 185 -9.71 -7.95 28.46
N SER J 186 -10.24 -8.30 29.62
CA SER J 186 -9.88 -7.61 30.85
C SER J 186 -8.53 -8.02 31.43
N ASN J 187 -8.10 -9.25 31.16
CA ASN J 187 -6.82 -9.71 31.66
C ASN J 187 -5.79 -9.77 30.55
N ARG J 188 -6.09 -9.07 29.46
CA ARG J 188 -5.25 -9.07 28.28
C ARG J 188 -3.79 -8.67 28.53
N THR J 189 -3.58 -7.53 29.16
CA THR J 189 -2.23 -7.05 29.42
C THR J 189 -1.50 -7.95 30.40
N ARG J 190 -2.26 -8.62 31.27
CA ARG J 190 -1.68 -9.54 32.25
C ARG J 190 -1.21 -10.79 31.52
N LEU J 191 -2.00 -11.23 30.55
CA LEU J 191 -1.69 -12.41 29.76
C LEU J 191 -0.59 -12.14 28.73
N ALA J 192 -0.52 -10.91 28.24
CA ALA J 192 0.48 -10.51 27.25
C ALA J 192 1.88 -10.84 27.71
N LYS J 193 2.12 -10.67 29.01
CA LYS J 193 3.41 -10.98 29.60
C LYS J 193 3.69 -12.47 29.59
N LEU J 194 2.65 -13.28 29.68
CA LEU J 194 2.82 -14.72 29.71
C LEU J 194 3.11 -15.32 28.34
N LEU J 195 2.93 -14.53 27.28
CA LEU J 195 3.17 -15.01 25.92
C LEU J 195 4.64 -15.31 25.67
N ARG J 196 4.89 -16.37 24.90
CA ARG J 196 6.24 -16.78 24.48
C ARG J 196 6.22 -17.13 22.99
N PHE J 197 7.19 -16.63 22.23
CA PHE J 197 7.25 -16.95 20.81
C PHE J 197 8.66 -17.20 20.33
N GLN J 198 8.78 -17.64 19.09
CA GLN J 198 10.10 -17.81 18.50
C GLN J 198 10.52 -16.50 17.87
N SER J 199 11.81 -16.26 17.76
CA SER J 199 12.26 -15.01 17.18
C SER J 199 13.61 -15.17 16.51
N SER J 200 13.95 -14.19 15.68
CA SER J 200 15.20 -14.18 14.94
C SER J 200 16.42 -14.05 15.82
N HIS J 201 16.20 -13.95 17.12
CA HIS J 201 17.28 -13.80 18.07
C HIS J 201 18.02 -15.12 18.26
N HIS J 202 17.29 -16.21 18.11
CA HIS J 202 17.87 -17.53 18.30
C HIS J 202 17.11 -18.56 17.47
N PRO J 203 17.85 -19.45 16.76
CA PRO J 203 17.30 -20.52 15.92
C PRO J 203 16.13 -21.34 16.51
N SER J 204 16.06 -21.51 17.83
CA SER J 204 14.96 -22.31 18.39
C SER J 204 14.30 -21.73 19.63
N ASP J 205 15.10 -21.32 20.61
CA ASP J 205 14.62 -20.76 21.89
C ASP J 205 13.41 -19.83 21.80
N ILE J 206 12.49 -19.97 22.75
CA ILE J 206 11.35 -19.08 22.81
C ILE J 206 11.70 -17.83 23.61
N THR J 207 11.03 -16.72 23.33
CA THR J 207 11.29 -15.45 24.01
C THR J 207 10.01 -14.80 24.52
N SER J 208 10.10 -14.02 25.58
CA SER J 208 8.91 -13.33 26.08
C SER J 208 8.84 -12.01 25.38
N LEU J 209 7.70 -11.33 25.49
CA LEU J 209 7.60 -10.02 24.87
C LEU J 209 8.50 -8.99 25.57
N ASP J 210 8.60 -9.10 26.90
CA ASP J 210 9.47 -8.22 27.69
C ASP J 210 10.92 -8.31 27.25
N GLN J 211 11.34 -9.51 26.89
CA GLN J 211 12.70 -9.76 26.45
C GLN J 211 12.97 -9.11 25.09
N TYR J 212 11.96 -9.12 24.23
CA TYR J 212 12.08 -8.51 22.92
C TYR J 212 12.29 -7.02 23.11
N VAL J 213 11.39 -6.39 23.87
CA VAL J 213 11.46 -4.97 24.13
C VAL J 213 12.85 -4.57 24.65
N GLU J 214 13.45 -5.46 25.43
CA GLU J 214 14.76 -5.23 26.01
C GLU J 214 15.86 -5.15 24.95
N ARG J 215 15.73 -5.97 23.90
CA ARG J 215 16.73 -6.02 22.84
C ARG J 215 16.57 -4.93 21.79
N MET J 216 15.38 -4.33 21.74
CA MET J 216 15.06 -3.31 20.73
C MET J 216 16.06 -2.17 20.54
N LYS J 217 16.13 -1.66 19.31
CA LYS J 217 17.01 -0.55 18.98
C LYS J 217 16.46 0.73 19.58
N GLU J 218 17.28 1.78 19.61
CA GLU J 218 16.88 3.05 20.22
C GLU J 218 15.67 3.73 19.62
N LYS J 219 15.71 3.99 18.32
CA LYS J 219 14.60 4.66 17.66
C LYS J 219 13.46 3.70 17.31
N GLN J 220 13.73 2.40 17.38
CA GLN J 220 12.72 1.36 17.10
C GLN J 220 11.58 1.50 18.09
N ASP J 221 10.36 1.32 17.61
CA ASP J 221 9.16 1.44 18.45
C ASP J 221 8.08 0.49 18.00
N LYS J 222 8.48 -0.47 17.17
CA LYS J 222 7.55 -1.46 16.64
C LYS J 222 8.04 -2.87 16.98
N ILE J 223 7.11 -3.77 17.26
CA ILE J 223 7.47 -5.15 17.53
C ILE J 223 7.20 -5.88 16.23
N TYR J 224 8.27 -6.10 15.47
CA TYR J 224 8.17 -6.73 14.16
C TYR J 224 7.92 -8.23 14.19
N PHE J 225 6.91 -8.70 13.47
CA PHE J 225 6.65 -10.14 13.46
C PHE J 225 6.25 -10.65 12.08
N MET J 226 6.47 -11.96 11.88
CA MET J 226 6.17 -12.64 10.63
C MET J 226 5.37 -13.91 10.91
N ALA J 227 4.27 -14.07 10.20
CA ALA J 227 3.37 -15.20 10.41
C ALA J 227 3.50 -16.20 9.29
N GLY J 228 3.41 -17.47 9.60
CA GLY J 228 3.51 -18.53 8.60
C GLY J 228 3.08 -19.89 9.07
N SER J 229 3.49 -20.91 8.34
CA SER J 229 3.12 -22.29 8.60
C SER J 229 4.18 -23.06 9.36
N SER J 230 5.41 -22.58 9.33
CA SER J 230 6.52 -23.19 10.06
C SER J 230 7.59 -22.14 10.19
N ARG J 231 8.56 -22.37 11.08
CA ARG J 231 9.57 -21.37 11.29
C ARG J 231 10.35 -21.21 10.02
N LYS J 232 10.67 -22.32 9.38
CA LYS J 232 11.48 -22.35 8.15
C LYS J 232 10.86 -21.50 7.05
N GLU J 233 9.54 -21.50 6.98
CA GLU J 233 8.85 -20.69 6.00
C GLU J 233 8.99 -19.21 6.32
N ALA J 234 8.64 -18.85 7.55
CA ALA J 234 8.68 -17.48 8.00
C ALA J 234 10.05 -16.84 7.88
N GLU J 235 11.10 -17.55 8.28
CA GLU J 235 12.47 -17.00 8.24
C GLU J 235 12.97 -16.87 6.80
N SER J 236 12.53 -17.77 5.94
CA SER J 236 12.91 -17.73 4.54
C SER J 236 12.24 -16.59 3.78
N SER J 237 11.07 -16.20 4.26
CA SER J 237 10.26 -15.15 3.65
C SER J 237 11.04 -13.91 3.25
N PRO J 238 10.63 -13.26 2.16
CA PRO J 238 11.30 -12.05 1.69
C PRO J 238 11.15 -10.85 2.63
N PHE J 239 10.01 -10.75 3.30
CA PHE J 239 9.70 -9.60 4.14
C PHE J 239 10.65 -9.27 5.28
N VAL J 240 11.37 -10.25 5.79
CA VAL J 240 12.29 -10.02 6.90
C VAL J 240 13.72 -9.63 6.50
N GLU J 241 14.04 -9.82 5.22
CA GLU J 241 15.38 -9.59 4.72
C GLU J 241 16.16 -8.38 5.22
N ARG J 242 15.63 -7.17 4.98
CA ARG J 242 16.37 -5.98 5.37
C ARG J 242 16.37 -5.79 6.87
N LEU J 243 15.19 -5.91 7.49
CA LEU J 243 15.07 -5.78 8.95
C LEU J 243 16.15 -6.58 9.64
N LEU J 244 16.36 -7.81 9.19
CA LEU J 244 17.40 -8.64 9.76
C LEU J 244 18.80 -8.07 9.51
N LYS J 245 19.10 -7.78 8.25
CA LYS J 245 20.41 -7.24 7.87
C LYS J 245 20.70 -5.95 8.62
N LYS J 246 19.66 -5.16 8.87
CA LYS J 246 19.79 -3.86 9.51
C LYS J 246 20.03 -4.07 11.00
N GLY J 247 19.69 -5.26 11.49
CA GLY J 247 19.92 -5.60 12.88
C GLY J 247 18.71 -5.66 13.79
N TYR J 248 17.52 -5.60 13.19
CA TYR J 248 16.27 -5.67 13.96
C TYR J 248 15.89 -7.10 14.29
N GLU J 249 15.01 -7.27 15.26
CA GLU J 249 14.57 -8.60 15.67
C GLU J 249 13.16 -8.87 15.20
N VAL J 250 12.90 -10.05 14.67
CA VAL J 250 11.56 -10.39 14.19
C VAL J 250 11.01 -11.62 14.92
N ILE J 251 9.76 -11.55 15.34
CA ILE J 251 9.13 -12.65 16.02
C ILE J 251 8.51 -13.52 14.95
N TYR J 252 8.68 -14.85 15.06
CA TYR J 252 8.08 -15.76 14.08
C TYR J 252 6.87 -16.43 14.67
N LEU J 253 5.72 -16.27 13.98
CA LEU J 253 4.49 -16.91 14.40
C LEU J 253 4.27 -18.13 13.56
N THR J 254 4.33 -19.30 14.16
CA THR J 254 4.20 -20.54 13.41
C THR J 254 2.90 -21.27 13.69
N GLU J 255 2.14 -20.79 14.66
CA GLU J 255 0.90 -21.46 14.98
C GLU J 255 -0.27 -20.79 14.25
N PRO J 256 -1.35 -21.56 14.02
CA PRO J 256 -2.55 -21.03 13.36
C PRO J 256 -3.22 -19.90 14.15
N VAL J 257 -3.26 -20.04 15.48
CA VAL J 257 -3.91 -19.06 16.31
C VAL J 257 -3.06 -17.82 16.52
N ASP J 258 -1.75 -17.99 16.38
CA ASP J 258 -0.78 -16.91 16.62
C ASP J 258 -1.08 -15.52 16.06
N GLU J 259 -1.51 -15.43 14.82
CA GLU J 259 -1.74 -14.12 14.24
C GLU J 259 -2.96 -13.45 14.78
N TYR J 260 -3.96 -14.25 15.16
CA TYR J 260 -5.19 -13.72 15.74
C TYR J 260 -4.90 -13.17 17.10
N CYS J 261 -4.02 -13.87 17.80
CA CYS J 261 -3.58 -13.52 19.12
C CYS J 261 -2.93 -12.14 19.11
N ILE J 262 -1.81 -12.03 18.41
CA ILE J 262 -1.06 -10.77 18.24
C ILE J 262 -1.95 -9.69 17.70
N GLN J 263 -2.92 -10.07 16.88
CA GLN J 263 -3.85 -9.12 16.32
C GLN J 263 -4.77 -8.49 17.39
N ALA J 264 -5.18 -9.29 18.36
CA ALA J 264 -6.07 -8.80 19.42
C ALA J 264 -5.34 -8.04 20.54
N LEU J 265 -4.03 -7.88 20.35
CA LEU J 265 -3.20 -7.18 21.31
C LEU J 265 -2.78 -5.86 20.65
N PRO J 266 -3.39 -4.74 21.07
CA PRO J 266 -3.13 -3.44 20.45
C PRO J 266 -1.71 -2.95 20.68
N GLU J 267 -1.32 -2.80 21.95
CA GLU J 267 0.01 -2.34 22.28
C GLU J 267 0.64 -3.27 23.28
N PHE J 268 1.93 -3.10 23.52
CA PHE J 268 2.62 -3.82 24.56
C PHE J 268 3.73 -2.93 25.07
N ASP J 269 3.66 -2.54 26.33
CA ASP J 269 4.67 -1.69 26.95
C ASP J 269 4.93 -0.48 26.05
N GLY J 270 3.83 0.11 25.58
CA GLY J 270 3.86 1.30 24.74
C GLY J 270 4.46 1.12 23.35
N LYS J 271 4.55 -0.11 22.89
CA LYS J 271 5.07 -0.37 21.56
C LYS J 271 3.96 -1.05 20.77
N ARG J 272 3.75 -0.60 19.55
CA ARG J 272 2.72 -1.19 18.69
C ARG J 272 3.33 -2.33 17.86
N PHE J 273 2.50 -3.29 17.45
CA PHE J 273 2.96 -4.42 16.64
C PHE J 273 2.97 -4.09 15.16
N GLN J 274 3.81 -4.79 14.40
CA GLN J 274 3.90 -4.56 12.96
C GLN J 274 4.21 -5.83 12.20
N ASN J 275 3.29 -6.22 11.32
CA ASN J 275 3.42 -7.41 10.51
C ASN J 275 4.29 -7.06 9.32
N VAL J 276 5.51 -7.62 9.29
CA VAL J 276 6.46 -7.34 8.21
C VAL J 276 5.91 -7.56 6.79
N ALA J 277 4.84 -8.33 6.67
CA ALA J 277 4.21 -8.61 5.37
C ALA J 277 3.12 -7.61 5.00
N LYS J 278 2.94 -6.59 5.83
CA LYS J 278 1.95 -5.54 5.58
C LYS J 278 2.64 -4.18 5.54
N GLU J 279 1.95 -3.18 5.00
CA GLU J 279 2.50 -1.82 4.95
C GLU J 279 2.64 -1.24 6.35
N GLY J 280 3.81 -0.69 6.62
CA GLY J 280 4.08 -0.10 7.93
C GLY J 280 5.54 -0.01 8.34
N VAL J 281 6.42 -0.69 7.58
CA VAL J 281 7.83 -0.67 7.92
C VAL J 281 8.51 0.69 7.61
N LYS J 282 9.22 1.22 8.60
CA LYS J 282 9.95 2.48 8.46
C LYS J 282 11.43 2.28 8.77
N PHE J 283 12.25 3.22 8.29
CA PHE J 283 13.66 3.21 8.56
C PHE J 283 14.01 4.70 8.69
N ASP J 284 14.14 5.19 9.93
CA ASP J 284 14.35 6.62 10.18
C ASP J 284 15.50 7.33 9.43
N GLU J 285 16.69 6.72 9.42
CA GLU J 285 17.85 7.25 8.67
C GLU J 285 18.26 8.71 8.94
N SER J 286 18.62 9.42 7.86
CA SER J 286 19.02 10.81 7.95
C SER J 286 18.44 11.60 6.79
N GLU J 287 19.00 12.79 6.54
CA GLU J 287 18.53 13.63 5.46
C GLU J 287 19.11 13.19 4.12
N LYS J 288 20.43 12.97 4.09
CA LYS J 288 21.12 12.53 2.87
C LYS J 288 20.67 11.13 2.42
N THR J 289 20.20 10.33 3.39
CA THR J 289 19.69 9.00 3.07
C THR J 289 18.32 9.15 2.41
N LYS J 290 17.49 10.01 2.98
CA LYS J 290 16.16 10.28 2.45
C LYS J 290 16.26 10.87 1.05
N GLU J 291 17.22 11.76 0.83
CA GLU J 291 17.46 12.39 -0.48
C GLU J 291 17.69 11.34 -1.56
N SER J 292 18.45 10.31 -1.23
CA SER J 292 18.79 9.24 -2.16
C SER J 292 17.60 8.41 -2.55
N ARG J 293 16.89 7.90 -1.53
CA ARG J 293 15.71 7.06 -1.70
C ARG J 293 14.61 7.77 -2.50
N GLU J 294 14.32 9.00 -2.13
CA GLU J 294 13.32 9.80 -2.81
C GLU J 294 13.70 9.99 -4.27
N ALA J 295 15.01 10.12 -4.53
CA ALA J 295 15.52 10.30 -5.90
C ALA J 295 15.45 9.00 -6.71
N ILE J 296 15.50 7.87 -6.01
CA ILE J 296 15.40 6.55 -6.65
C ILE J 296 13.97 6.32 -7.10
N GLU J 297 13.00 6.75 -6.29
CA GLU J 297 11.58 6.63 -6.58
C GLU J 297 11.14 7.45 -7.80
N LYS J 298 11.81 8.59 -8.02
CA LYS J 298 11.58 9.42 -9.21
C LYS J 298 12.07 8.66 -10.44
N GLU J 299 13.21 8.00 -10.29
CA GLU J 299 13.83 7.27 -11.39
C GLU J 299 13.01 6.09 -11.86
N PHE J 300 12.53 5.28 -10.93
CA PHE J 300 11.73 4.10 -11.25
C PHE J 300 10.27 4.38 -11.58
N GLU J 301 9.84 5.62 -11.38
CA GLU J 301 8.44 5.99 -11.60
C GLU J 301 7.78 5.52 -12.93
N PRO J 302 8.47 5.63 -14.08
CA PRO J 302 7.82 5.11 -15.31
C PRO J 302 7.63 3.59 -15.32
N LEU J 303 8.49 2.87 -14.61
CA LEU J 303 8.41 1.41 -14.52
C LEU J 303 7.27 1.01 -13.59
N LEU J 304 7.10 1.75 -12.52
CA LEU J 304 6.05 1.52 -11.56
C LEU J 304 4.69 1.79 -12.17
N ASN J 305 4.62 2.79 -13.05
CA ASN J 305 3.39 3.14 -13.73
C ASN J 305 3.11 2.14 -14.84
N TRP J 306 4.18 1.52 -15.34
CA TRP J 306 4.07 0.52 -16.39
C TRP J 306 3.41 -0.75 -15.86
N MET J 307 3.78 -1.13 -14.65
CA MET J 307 3.22 -2.29 -14.00
C MET J 307 1.78 -2.03 -13.59
N LYS J 308 1.54 -0.84 -13.05
CA LYS J 308 0.22 -0.44 -12.57
C LYS J 308 -0.80 -0.29 -13.71
N ASP J 309 -0.38 0.33 -14.81
CA ASP J 309 -1.29 0.60 -15.93
C ASP J 309 -1.34 -0.44 -17.04
N LYS J 310 -0.27 -1.20 -17.25
CA LYS J 310 -0.28 -2.16 -18.35
C LYS J 310 0.08 -3.63 -18.05
N ALA J 311 1.35 -3.88 -17.73
CA ALA J 311 1.87 -5.23 -17.45
C ALA J 311 1.08 -6.03 -16.43
N LEU J 312 0.64 -5.38 -15.36
CA LEU J 312 -0.16 -6.03 -14.35
C LEU J 312 -1.41 -5.21 -14.07
N LYS J 313 -2.10 -4.75 -15.09
CA LYS J 313 -3.31 -3.96 -14.87
C LYS J 313 -4.37 -4.89 -14.32
N ASP J 314 -5.05 -4.42 -13.28
CA ASP J 314 -6.11 -5.17 -12.59
C ASP J 314 -5.57 -6.41 -11.87
N LYS J 315 -4.28 -6.38 -11.53
CA LYS J 315 -3.61 -7.49 -10.85
C LYS J 315 -3.03 -7.02 -9.52
N ILE J 316 -2.57 -5.78 -9.47
CA ILE J 316 -2.02 -5.16 -8.26
C ILE J 316 -2.70 -3.82 -8.00
N GLU J 317 -2.60 -3.31 -6.78
CA GLU J 317 -3.19 -2.01 -6.50
C GLU J 317 -2.24 -0.92 -6.92
N LYS J 318 -0.98 -1.08 -6.57
CA LYS J 318 0.05 -0.11 -6.93
C LYS J 318 1.43 -0.76 -6.87
N ALA J 319 2.39 -0.13 -7.53
CA ALA J 319 3.76 -0.60 -7.51
C ALA J 319 4.63 0.48 -6.88
N VAL J 320 5.47 0.09 -5.92
CA VAL J 320 6.37 1.01 -5.25
C VAL J 320 7.76 0.43 -5.07
N VAL J 321 8.69 1.29 -4.67
CA VAL J 321 10.07 0.92 -4.41
C VAL J 321 10.15 0.35 -3.01
N SER J 322 10.57 -0.90 -2.89
CA SER J 322 10.59 -1.58 -1.59
C SER J 322 11.74 -1.15 -0.71
N GLN J 323 11.48 -1.11 0.59
CA GLN J 323 12.50 -0.79 1.56
C GLN J 323 12.84 -1.96 2.45
N ARG J 324 12.11 -3.06 2.32
CA ARG J 324 12.32 -4.24 3.18
C ARG J 324 13.08 -5.40 2.56
N LEU J 325 13.51 -5.24 1.31
CA LEU J 325 14.13 -6.33 0.56
C LEU J 325 15.63 -6.28 0.39
N THR J 326 16.29 -7.41 0.62
CA THR J 326 17.73 -7.51 0.45
C THR J 326 18.07 -8.15 -0.87
N GLU J 327 17.83 -9.45 -1.00
CA GLU J 327 18.19 -10.17 -2.22
C GLU J 327 17.04 -10.61 -3.13
N SER J 328 15.84 -10.55 -2.60
CA SER J 328 14.67 -10.88 -3.38
C SER J 328 14.41 -9.74 -4.32
N PRO J 329 13.98 -10.03 -5.56
CA PRO J 329 13.62 -9.01 -6.54
C PRO J 329 12.34 -8.26 -6.18
N CYS J 330 11.35 -8.97 -5.64
CA CYS J 330 10.08 -8.35 -5.33
C CYS J 330 9.20 -9.18 -4.44
N ALA J 331 8.20 -8.54 -3.84
CA ALA J 331 7.27 -9.18 -2.95
C ALA J 331 5.90 -8.52 -2.93
N LEU J 332 4.89 -9.26 -2.53
CA LEU J 332 3.53 -8.73 -2.42
C LEU J 332 3.18 -8.37 -0.98
N VAL J 333 2.84 -7.10 -0.78
CA VAL J 333 2.58 -6.60 0.55
C VAL J 333 1.13 -6.18 0.70
N ALA J 334 0.47 -6.63 1.76
CA ALA J 334 -0.92 -6.28 2.01
C ALA J 334 -1.06 -4.93 2.67
N SER J 335 -2.28 -4.38 2.66
CA SER J 335 -2.54 -3.09 3.32
C SER J 335 -2.51 -3.28 4.83
N GLN J 336 -2.41 -2.19 5.57
CA GLN J 336 -2.26 -2.27 7.03
C GLN J 336 -3.33 -3.08 7.77
N TYR J 337 -4.57 -3.02 7.29
CA TYR J 337 -5.62 -3.73 7.99
C TYR J 337 -6.23 -4.84 7.15
N GLY J 338 -5.57 -5.13 6.04
CA GLY J 338 -6.03 -6.21 5.15
C GLY J 338 -5.48 -7.56 5.57
N TRP J 339 -5.63 -8.54 4.68
CA TRP J 339 -5.16 -9.90 4.94
C TRP J 339 -3.72 -10.24 4.46
N SER J 340 -2.93 -10.80 5.36
CA SER J 340 -1.61 -11.20 4.99
C SER J 340 -1.71 -12.54 4.29
N GLY J 341 -0.56 -13.03 3.80
CA GLY J 341 -0.51 -14.32 3.11
C GLY J 341 -1.04 -15.41 4.01
N ASN J 342 -0.51 -15.43 5.24
CA ASN J 342 -0.91 -16.38 6.25
C ASN J 342 -2.40 -16.26 6.54
N MET J 343 -2.86 -15.05 6.82
CA MET J 343 -4.28 -14.80 7.06
C MET J 343 -5.20 -15.38 5.96
N GLU J 344 -4.91 -15.05 4.71
CA GLU J 344 -5.69 -15.53 3.60
C GLU J 344 -5.78 -17.06 3.64
N ARG J 345 -4.69 -17.75 3.91
CA ARG J 345 -4.71 -19.21 3.96
C ARG J 345 -5.62 -19.73 5.08
N ILE J 346 -5.45 -19.16 6.27
CA ILE J 346 -6.16 -19.59 7.46
C ILE J 346 -7.62 -19.38 7.29
N MET J 347 -7.97 -18.26 6.67
CA MET J 347 -9.37 -17.91 6.42
C MET J 347 -10.01 -18.85 5.39
N LYS J 348 -9.41 -18.93 4.20
CA LYS J 348 -9.86 -19.83 3.13
C LYS J 348 -10.04 -21.25 3.63
N ALA J 349 -9.03 -21.76 4.34
CA ALA J 349 -9.06 -23.11 4.90
C ALA J 349 -10.27 -23.34 5.80
N GLN J 350 -10.49 -22.42 6.74
CA GLN J 350 -11.61 -22.53 7.67
C GLN J 350 -12.96 -22.30 6.99
N ALA J 351 -12.97 -21.43 5.99
CA ALA J 351 -14.19 -21.11 5.22
C ALA J 351 -14.57 -22.21 4.24
N TYR J 352 -13.60 -23.05 3.91
CA TYR J 352 -13.79 -24.17 2.99
C TYR J 352 -14.20 -25.41 3.79
N GLN J 353 -13.57 -25.60 4.94
CA GLN J 353 -13.86 -26.72 5.79
C GLN J 353 -15.18 -26.49 6.49
N THR J 354 -15.44 -25.25 6.92
CA THR J 354 -16.68 -24.93 7.66
C THR J 354 -17.67 -23.98 6.99
N GLY J 355 -17.17 -22.80 6.58
CA GLY J 355 -18.02 -21.76 5.96
C GLY J 355 -18.68 -22.05 4.62
N LYS J 356 -19.37 -21.05 4.07
CA LYS J 356 -20.06 -21.18 2.79
C LYS J 356 -19.48 -20.27 1.71
N ASP J 357 -18.22 -20.48 1.38
CA ASP J 357 -17.51 -19.75 0.33
C ASP J 357 -17.50 -18.21 0.43
N ILE J 358 -16.59 -17.70 1.26
CA ILE J 358 -16.37 -16.26 1.42
C ILE J 358 -15.43 -15.83 0.31
N SER J 359 -15.88 -16.00 -0.94
CA SER J 359 -15.11 -15.68 -2.15
C SER J 359 -15.12 -14.17 -2.40
N THR J 360 -16.32 -13.61 -2.52
CA THR J 360 -16.50 -12.18 -2.64
C THR J 360 -16.77 -11.70 -1.21
N ASN J 361 -15.73 -11.80 -0.36
CA ASN J 361 -15.79 -11.42 1.06
C ASN J 361 -15.52 -9.96 1.21
N TYR J 362 -14.27 -9.61 1.53
CA TYR J 362 -13.93 -8.23 1.74
C TYR J 362 -12.55 -7.91 1.27
N TYR J 363 -11.65 -7.99 2.24
CA TYR J 363 -10.27 -7.84 1.98
C TYR J 363 -9.73 -9.27 1.87
N ALA J 364 -10.39 -10.04 1.00
CA ALA J 364 -10.03 -11.41 0.68
C ALA J 364 -9.58 -11.45 -0.77
N SER J 365 -10.32 -10.75 -1.61
CA SER J 365 -10.02 -10.69 -3.03
C SER J 365 -9.50 -9.31 -3.40
N GLN J 366 -8.80 -8.64 -2.48
CA GLN J 366 -8.24 -7.31 -2.78
C GLN J 366 -6.81 -7.42 -3.33
N LYS J 367 -6.47 -6.49 -4.21
CA LYS J 367 -5.17 -6.47 -4.84
C LYS J 367 -4.09 -6.09 -3.84
N LYS J 368 -2.87 -6.60 -4.04
CA LYS J 368 -1.78 -6.29 -3.12
C LYS J 368 -0.88 -5.20 -3.69
N THR J 369 -0.03 -4.65 -2.83
CA THR J 369 0.95 -3.65 -3.23
C THR J 369 2.20 -4.40 -3.64
N PHE J 370 2.57 -4.28 -4.91
CA PHE J 370 3.73 -4.95 -5.46
C PHE J 370 4.98 -4.12 -5.23
N GLU J 371 5.85 -4.59 -4.35
CA GLU J 371 7.07 -3.86 -4.02
C GLU J 371 8.24 -4.45 -4.73
N ILE J 372 9.06 -3.61 -5.36
CA ILE J 372 10.26 -4.08 -6.08
C ILE J 372 11.56 -3.59 -5.46
N ASN J 373 12.61 -4.39 -5.63
CA ASN J 373 13.93 -4.08 -5.12
C ASN J 373 14.68 -3.28 -6.18
N PRO J 374 14.98 -1.99 -5.90
CA PRO J 374 15.62 -1.08 -6.85
C PRO J 374 17.05 -1.46 -7.18
N ARG J 375 17.66 -2.23 -6.28
CA ARG J 375 19.02 -2.68 -6.49
C ARG J 375 19.09 -4.17 -6.85
N HIS J 376 18.26 -4.58 -7.80
CA HIS J 376 18.29 -5.95 -8.27
C HIS J 376 18.45 -5.95 -9.78
N PRO J 377 19.48 -6.66 -10.27
CA PRO J 377 19.83 -6.79 -11.67
C PRO J 377 18.62 -6.95 -12.57
N LEU J 378 17.68 -7.77 -12.14
CA LEU J 378 16.50 -8.02 -12.93
C LEU J 378 15.59 -6.80 -12.98
N ILE J 379 15.43 -6.12 -11.84
CA ILE J 379 14.58 -4.94 -11.77
C ILE J 379 15.18 -3.77 -12.56
N LYS J 380 16.50 -3.64 -12.50
CA LYS J 380 17.18 -2.58 -13.23
C LYS J 380 17.07 -2.71 -14.76
N ASP J 381 17.10 -3.95 -15.26
CA ASP J 381 16.98 -4.20 -16.70
C ASP J 381 15.58 -3.92 -17.14
N MET J 382 14.66 -4.16 -16.21
CA MET J 382 13.25 -4.01 -16.46
C MET J 382 12.96 -2.52 -16.59
N LEU J 383 13.62 -1.71 -15.75
CA LEU J 383 13.49 -0.27 -15.81
C LEU J 383 13.98 0.29 -17.13
N ARG J 384 15.20 -0.11 -17.50
CA ARG J 384 15.82 0.37 -18.72
C ARG J 384 15.08 -0.07 -19.97
N ARG J 385 14.70 -1.36 -20.04
CA ARG J 385 14.05 -1.88 -21.23
C ARG J 385 12.64 -1.33 -21.42
N VAL J 386 12.03 -0.89 -20.33
CA VAL J 386 10.71 -0.28 -20.40
C VAL J 386 10.79 1.15 -20.95
N LYS J 387 11.76 1.93 -20.48
CA LYS J 387 11.95 3.30 -20.95
C LYS J 387 12.32 3.33 -22.43
N GLU J 388 12.74 2.19 -22.94
CA GLU J 388 13.08 2.04 -24.34
C GLU J 388 11.86 1.57 -25.13
N ASP J 389 11.53 0.29 -25.01
CA ASP J 389 10.36 -0.32 -25.66
C ASP J 389 9.35 -0.66 -24.59
N GLU J 390 8.36 0.20 -24.44
CA GLU J 390 7.32 0.02 -23.44
C GLU J 390 6.35 -1.09 -23.83
N ASP J 391 6.27 -1.37 -25.13
CA ASP J 391 5.39 -2.41 -25.64
C ASP J 391 6.13 -3.72 -25.95
N ASP J 392 7.24 -3.93 -25.25
CA ASP J 392 8.04 -5.14 -25.43
C ASP J 392 7.34 -6.28 -24.68
N LYS J 393 6.69 -7.17 -25.45
CA LYS J 393 5.96 -8.29 -24.89
C LYS J 393 6.85 -9.22 -24.05
N THR J 394 8.15 -9.25 -24.37
CA THR J 394 9.12 -10.06 -23.64
C THR J 394 9.22 -9.63 -22.20
N VAL J 395 9.23 -8.32 -21.98
CA VAL J 395 9.28 -7.77 -20.64
C VAL J 395 7.93 -7.98 -19.96
N SER J 396 6.87 -7.66 -20.71
CA SER J 396 5.51 -7.77 -20.24
C SER J 396 5.18 -9.16 -19.74
N ASP J 397 5.57 -10.17 -20.52
CA ASP J 397 5.31 -11.56 -20.14
C ASP J 397 6.25 -12.00 -19.04
N LEU J 398 7.39 -11.33 -18.90
CA LEU J 398 8.33 -11.67 -17.84
C LEU J 398 7.81 -11.11 -16.53
N ALA J 399 7.33 -9.87 -16.58
CA ALA J 399 6.79 -9.20 -15.42
C ALA J 399 5.70 -10.01 -14.78
N VAL J 400 4.92 -10.72 -15.60
CA VAL J 400 3.86 -11.54 -15.08
C VAL J 400 4.45 -12.73 -14.35
N VAL J 401 5.35 -13.46 -15.00
CA VAL J 401 5.97 -14.63 -14.40
C VAL J 401 6.67 -14.28 -13.09
N LEU J 402 7.26 -13.10 -13.05
CA LEU J 402 7.96 -12.64 -11.88
C LEU J 402 6.95 -12.35 -10.78
N PHE J 403 5.84 -11.73 -11.16
CA PHE J 403 4.78 -11.37 -10.23
C PHE J 403 4.13 -12.61 -9.65
N GLU J 404 3.88 -13.59 -10.50
CA GLU J 404 3.26 -14.81 -10.04
C GLU J 404 4.20 -15.62 -9.18
N THR J 405 5.49 -15.57 -9.45
CA THR J 405 6.44 -16.28 -8.61
C THR J 405 6.46 -15.57 -7.29
N ALA J 406 6.42 -14.25 -7.32
CA ALA J 406 6.38 -13.44 -6.11
C ALA J 406 5.05 -13.68 -5.33
N THR J 407 4.00 -14.04 -6.05
CA THR J 407 2.74 -14.36 -5.42
C THR J 407 2.96 -15.55 -4.51
N LEU J 408 3.57 -16.61 -5.03
CA LEU J 408 3.87 -17.79 -4.23
C LEU J 408 4.82 -17.48 -3.09
N ARG J 409 5.88 -16.72 -3.37
CA ARG J 409 6.85 -16.41 -2.33
C ARG J 409 6.30 -15.51 -1.24
N SER J 410 5.25 -14.76 -1.54
CA SER J 410 4.67 -13.87 -0.54
C SER J 410 3.70 -14.58 0.38
N GLY J 411 3.42 -15.83 0.07
CA GLY J 411 2.54 -16.65 0.89
C GLY J 411 1.10 -16.70 0.46
N TYR J 412 0.79 -16.03 -0.64
CA TYR J 412 -0.58 -15.96 -1.19
C TYR J 412 -0.84 -17.12 -2.13
N LEU J 413 -2.11 -17.45 -2.32
CA LEU J 413 -2.49 -18.56 -3.18
C LEU J 413 -2.42 -18.10 -4.61
N LEU J 414 -2.05 -19.02 -5.50
CA LEU J 414 -1.99 -18.70 -6.91
C LEU J 414 -3.34 -18.99 -7.54
N PRO J 415 -3.94 -17.96 -8.16
CA PRO J 415 -5.26 -18.02 -8.78
C PRO J 415 -5.44 -19.15 -9.76
N ASP J 416 -4.60 -19.18 -10.78
CA ASP J 416 -4.73 -20.15 -11.85
C ASP J 416 -3.41 -20.85 -12.12
N THR J 417 -3.19 -22.00 -11.50
CA THR J 417 -1.93 -22.73 -11.63
C THR J 417 -1.73 -23.32 -13.02
N LYS J 418 -2.81 -23.39 -13.77
CA LYS J 418 -2.77 -23.90 -15.15
C LYS J 418 -2.07 -22.91 -16.07
N ALA J 419 -2.46 -21.65 -15.95
CA ALA J 419 -1.94 -20.58 -16.79
C ALA J 419 -0.51 -20.27 -16.47
N TYR J 420 -0.18 -20.26 -15.18
CA TYR J 420 1.17 -19.98 -14.71
C TYR J 420 2.13 -21.03 -15.20
N GLY J 421 1.70 -22.28 -15.12
CA GLY J 421 2.54 -23.39 -15.58
C GLY J 421 2.78 -23.33 -17.07
N ASP J 422 1.83 -22.74 -17.79
CA ASP J 422 1.95 -22.58 -19.23
C ASP J 422 2.88 -21.44 -19.55
N ARG J 423 2.89 -20.40 -18.70
CA ARG J 423 3.82 -19.30 -18.93
C ARG J 423 5.25 -19.70 -18.61
N ILE J 424 5.43 -20.65 -17.70
CA ILE J 424 6.76 -21.15 -17.37
C ILE J 424 7.15 -22.03 -18.53
N GLU J 425 6.21 -22.79 -19.05
CA GLU J 425 6.46 -23.70 -20.19
C GLU J 425 6.91 -22.94 -21.42
N ARG J 426 6.22 -21.84 -21.74
CA ARG J 426 6.54 -21.02 -22.92
C ARG J 426 7.94 -20.47 -22.82
N MET J 427 8.30 -20.00 -21.63
CA MET J 427 9.62 -19.46 -21.37
C MET J 427 10.68 -20.56 -21.29
N LEU J 428 10.32 -21.72 -20.75
CA LEU J 428 11.24 -22.88 -20.68
C LEU J 428 11.68 -23.28 -22.08
N ARG J 429 10.73 -23.27 -23.01
CA ARG J 429 10.99 -23.66 -24.37
C ARG J 429 11.85 -22.67 -25.16
N LEU J 430 11.96 -21.43 -24.68
CA LEU J 430 12.86 -20.47 -25.30
C LEU J 430 14.27 -20.87 -24.92
N SER J 431 14.45 -21.23 -23.65
CA SER J 431 15.74 -21.71 -23.13
C SER J 431 16.23 -22.99 -23.82
N LEU J 432 15.45 -23.49 -24.78
CA LEU J 432 15.82 -24.67 -25.52
C LEU J 432 15.90 -24.31 -27.01
N ASN J 433 14.80 -23.75 -27.53
CA ASN J 433 14.63 -23.33 -28.93
C ASN J 433 13.18 -23.53 -29.37
N ILE J 434 12.66 -24.72 -29.07
CA ILE J 434 11.29 -25.13 -29.41
C ILE J 434 10.29 -23.97 -29.55
N ASP J 435 9.79 -23.80 -30.78
CA ASP J 435 8.80 -22.78 -31.14
C ASP J 435 7.66 -22.72 -30.15
N PRO J 436 7.59 -21.64 -29.36
CA PRO J 436 6.58 -21.46 -28.32
C PRO J 436 5.15 -21.77 -28.73
N ASP J 437 4.55 -20.91 -29.53
CA ASP J 437 3.16 -21.08 -29.93
C ASP J 437 2.92 -22.26 -30.86
N ALA J 438 3.57 -22.25 -32.02
CA ALA J 438 3.35 -23.28 -33.06
C ALA J 438 3.99 -24.68 -32.88
N LYS J 439 4.21 -25.09 -31.62
CA LYS J 439 4.73 -26.44 -31.33
C LYS J 439 3.93 -27.12 -30.23
N VAL J 440 3.53 -26.34 -29.20
CA VAL J 440 2.71 -26.86 -28.05
C VAL J 440 1.34 -27.32 -28.57
N GLU J 441 1.18 -27.19 -29.88
CA GLU J 441 0.02 -27.61 -30.60
C GLU J 441 0.48 -28.83 -31.35
N GLU J 442 1.54 -28.64 -32.15
CA GLU J 442 2.12 -29.65 -33.04
C GLU J 442 2.19 -31.11 -32.57
N GLU J 443 3.21 -31.45 -31.80
CA GLU J 443 3.37 -32.82 -31.32
C GLU J 443 2.27 -33.26 -30.35
N PRO J 444 1.83 -32.34 -29.44
CA PRO J 444 0.72 -32.66 -28.54
C PRO J 444 -0.60 -33.00 -29.26
N GLU J 445 -0.61 -32.87 -30.59
CA GLU J 445 -1.78 -33.22 -31.39
C GLU J 445 -1.33 -34.18 -32.51
N GLU J 446 -0.32 -35.00 -32.21
CA GLU J 446 0.12 -36.06 -33.12
C GLU J 446 -0.51 -37.37 -32.62
N GLU J 447 -1.23 -37.22 -31.50
CA GLU J 447 -1.95 -38.30 -30.81
C GLU J 447 -3.05 -39.02 -31.61
N PRO J 448 -3.74 -38.34 -32.57
CA PRO J 448 -4.75 -39.03 -33.40
C PRO J 448 -4.27 -40.30 -34.10
N GLU J 449 -2.96 -40.52 -34.09
CA GLU J 449 -2.37 -41.72 -34.65
C GLU J 449 -2.58 -42.91 -33.72
N GLU J 450 -2.42 -42.66 -32.42
CA GLU J 450 -2.59 -43.66 -31.37
C GLU J 450 -4.00 -44.28 -31.43
#